data_2C4M
#
_entry.id   2C4M
#
_cell.length_a   99.266
_cell.length_b   187.620
_cell.length_c   129.315
_cell.angle_alpha   90.00
_cell.angle_beta   112.48
_cell.angle_gamma   90.00
#
_symmetry.space_group_name_H-M   'P 1 21 1'
#
loop_
_entity.id
_entity.type
_entity.pdbx_description
1 polymer 'GLYCOGEN PHOSPHORYLASE'
2 non-polymer "PYRIDOXAL-5'-PHOSPHATE"
3 non-polymer 'PHOSPHATE ION'
4 non-polymer 'FORMIC ACID'
5 non-polymer 1,2-ETHANEDIOL
6 water water
#
_entity_poly.entity_id   1
_entity_poly.type   'polypeptide(L)'
_entity_poly.pdbx_seq_one_letter_code
;MSPEKQPLPAALVGSHVRAAAGTPADLATDRKFWTGLSRAVQERIADDWERTREAYGAARQQHYFSAEFLMGRALLNNLT
NLGLVDEAAAATRELGHELTDILEIENDAALGNGGLGRLAACFLDSAVTQDYPVTGYGLLYRFGLFRQSFNEGFQVEKPD
PWREEEYPFTIRRASDQLVVCFDDMKTRAIPYDMPITGYGTHNVGTLRLWKAEPWEEFDYDAFNAQRFTDAIIERERVSD
ICRVLYPNDTTYEGKKLRVRQQYFFTSASLQAMIQDHLAHHKDLSNFAEFHSVQLNDTHPVLAIPELMRLLMDEHDMGWE
ESWAIVSKTFAYTNHTVLTEALEQWDEQIFQQLFWRVWEIIAEIDRRFRLERAADGLDEETINRMAPIQHGTVHMAWIAC
YAAYSINGVAALHTEIIKAETLADWYALWPEKFNNKTNGVTPRRWLRMINPGLSDLLTRLSGSDDWVTDLDELKKLRSYA
DDKSVLEELRAIKAANKQDFAEWILERQGIEIDPESIFDVQIKRLHEYKRQLMNALYVLDLYFRIKEDGLTDIPARTVIF
GAKAAPGYVRAKAIIKLINSIADLVNNDPEVSPLLKVVFVENYNVSPAEHILPASDVSEQISTAGKEASGTSNMKFMMNG
ALTLGTMDGANVEIVDSVGEENAYIFGARVEELPALRESYKPYELYETVPGLKRALDALDNGTLNDNNSGLFYDLKHSLI
HGYGKDASDTYYVLGDFADYRETRDRMAADYASDPLGWARMAWINICESGRFSSDRTIRDYATEIWKLEPTPAVKK
;
_entity_poly.pdbx_strand_id   A,B,C,D
#
loop_
_chem_comp.id
_chem_comp.type
_chem_comp.name
_chem_comp.formula
EDO non-polymer 1,2-ETHANEDIOL 'C2 H6 O2'
FMT non-polymer 'FORMIC ACID' 'C H2 O2'
PLP non-polymer PYRIDOXAL-5'-PHOSPHATE 'C8 H10 N O6 P'
PO4 non-polymer 'PHOSPHATE ION' 'O4 P -3'
#
# COMPACT_ATOMS: atom_id res chain seq x y z
N GLN A 6 54.02 7.23 24.41
CA GLN A 6 54.08 8.03 23.19
C GLN A 6 52.71 8.17 22.53
N PRO A 7 52.42 9.40 22.06
CA PRO A 7 51.15 9.69 21.39
C PRO A 7 50.96 8.82 20.14
N LEU A 8 49.97 7.89 20.32
CA LEU A 8 49.51 6.97 19.27
C LEU A 8 50.62 6.22 18.56
N PRO A 9 51.32 5.40 19.36
CA PRO A 9 52.40 4.57 18.85
C PRO A 9 51.84 3.40 18.05
N ALA A 10 52.56 2.87 17.08
CA ALA A 10 52.11 1.74 16.31
C ALA A 10 51.74 0.55 17.20
N ALA A 11 52.36 0.44 18.36
CA ALA A 11 52.14 -0.67 19.26
C ALA A 11 50.72 -0.62 19.82
N LEU A 12 50.34 0.59 20.27
CA LEU A 12 49.00 0.74 20.77
C LEU A 12 47.95 0.50 19.68
N VAL A 13 48.12 1.20 18.54
CA VAL A 13 47.17 1.04 17.42
C VAL A 13 47.08 -0.41 16.96
N GLY A 14 48.26 -1.06 16.89
CA GLY A 14 48.29 -2.46 16.47
C GLY A 14 47.48 -3.36 17.43
N SER A 15 47.57 -3.09 18.72
CA SER A 15 46.86 -3.86 19.73
C SER A 15 45.36 -3.83 19.48
N HIS A 16 44.83 -2.60 19.25
CA HIS A 16 43.39 -2.44 19.10
C HIS A 16 42.89 -3.03 17.78
N VAL A 17 43.78 -2.98 16.78
CA VAL A 17 43.44 -3.51 15.47
C VAL A 17 43.45 -5.04 15.47
N ARG A 18 44.42 -5.60 16.20
CA ARG A 18 44.47 -7.05 16.34
C ARG A 18 43.23 -7.58 17.04
N ALA A 19 42.74 -6.84 18.03
CA ALA A 19 41.58 -7.29 18.79
C ALA A 19 40.33 -7.25 17.92
N ALA A 20 40.29 -6.31 16.98
CA ALA A 20 39.15 -6.17 16.09
C ALA A 20 39.18 -7.13 14.90
N ALA A 21 40.37 -7.43 14.39
CA ALA A 21 40.50 -8.26 13.21
C ALA A 21 40.80 -9.74 13.45
N GLY A 22 41.29 -10.09 14.63
CA GLY A 22 41.62 -11.50 14.87
C GLY A 22 42.74 -11.95 13.93
N THR A 23 43.64 -11.02 13.61
CA THR A 23 44.75 -11.31 12.72
C THR A 23 45.80 -10.21 12.95
N PRO A 24 47.08 -10.42 12.55
CA PRO A 24 48.00 -9.34 12.86
C PRO A 24 47.64 -8.05 12.12
N ALA A 25 47.92 -6.95 12.79
CA ALA A 25 47.54 -5.63 12.32
C ALA A 25 47.86 -5.36 10.85
N ASP A 26 48.96 -5.94 10.37
CA ASP A 26 49.33 -5.70 8.97
C ASP A 26 48.48 -6.48 7.96
N LEU A 27 47.81 -7.56 8.43
CA LEU A 27 46.99 -8.34 7.52
C LEU A 27 45.51 -7.95 7.62
N ALA A 28 45.19 -7.05 8.56
CA ALA A 28 43.81 -6.61 8.75
C ALA A 28 43.27 -5.89 7.51
N THR A 29 41.95 -5.89 7.35
CA THR A 29 41.29 -5.21 6.23
C THR A 29 41.30 -3.71 6.54
N ASP A 30 41.03 -2.87 5.55
CA ASP A 30 41.00 -1.42 5.81
C ASP A 30 39.90 -1.15 6.83
N ARG A 31 38.82 -1.90 6.73
CA ARG A 31 37.70 -1.74 7.67
C ARG A 31 38.12 -2.02 9.11
N LYS A 32 38.73 -3.18 9.34
CA LYS A 32 39.15 -3.54 10.68
C LYS A 32 40.23 -2.60 11.22
N PHE A 33 41.06 -2.08 10.31
CA PHE A 33 42.07 -1.14 10.78
C PHE A 33 41.43 0.16 11.22
N TRP A 34 40.42 0.62 10.45
CA TRP A 34 39.70 1.82 10.84
C TRP A 34 39.10 1.64 12.23
N THR A 35 38.56 0.45 12.47
CA THR A 35 37.94 0.14 13.74
C THR A 35 38.98 0.18 14.88
N GLY A 36 40.15 -0.42 14.66
CA GLY A 36 41.24 -0.44 15.63
C GLY A 36 41.75 0.98 15.91
N LEU A 37 42.02 1.72 14.83
CA LEU A 37 42.51 3.08 14.98
C LEU A 37 41.55 3.94 15.79
N SER A 38 40.24 3.78 15.48
CA SER A 38 39.24 4.58 16.20
C SER A 38 39.14 4.16 17.67
N ARG A 39 39.39 2.86 17.91
CA ARG A 39 39.42 2.38 19.29
C ARG A 39 40.62 2.93 20.03
N ALA A 40 41.73 3.09 19.30
CA ALA A 40 42.90 3.69 19.91
C ALA A 40 42.61 5.12 20.38
N VAL A 41 41.94 5.88 19.49
CA VAL A 41 41.58 7.24 19.85
C VAL A 41 40.68 7.28 21.09
N GLN A 42 39.68 6.39 21.15
CA GLN A 42 38.75 6.35 22.28
C GLN A 42 39.50 6.06 23.58
N GLU A 43 40.49 5.20 23.50
CA GLU A 43 41.33 4.84 24.62
C GLU A 43 42.03 6.06 25.17
N ARG A 44 42.59 6.85 24.25
CA ARG A 44 43.39 8.03 24.63
C ARG A 44 42.58 9.16 25.25
N ILE A 45 41.31 9.31 24.86
CA ILE A 45 40.51 10.40 25.41
C ILE A 45 39.62 9.99 26.58
N ALA A 46 39.51 8.69 26.82
CA ALA A 46 38.67 8.18 27.91
C ALA A 46 38.85 8.94 29.22
N ASP A 47 40.10 9.13 29.63
CA ASP A 47 40.38 9.84 30.87
C ASP A 47 39.86 11.27 30.87
N ASP A 48 40.20 12.03 29.84
CA ASP A 48 39.76 13.40 29.64
C ASP A 48 38.23 13.50 29.59
N TRP A 49 37.66 12.51 28.92
CA TRP A 49 36.20 12.50 28.74
C TRP A 49 35.55 12.40 30.11
N GLU A 50 36.07 11.50 30.95
CA GLU A 50 35.53 11.36 32.30
C GLU A 50 35.73 12.62 33.14
N ARG A 51 36.86 13.31 32.94
CA ARG A 51 37.15 14.46 33.78
C ARG A 51 36.16 15.58 33.46
N THR A 52 35.91 15.65 32.13
CA THR A 52 34.91 16.56 31.62
C THR A 52 33.53 16.28 32.18
N ARG A 53 33.18 14.97 32.25
CA ARG A 53 31.87 14.63 32.80
C ARG A 53 31.74 15.12 34.23
N GLU A 54 32.79 14.97 35.03
CA GLU A 54 32.74 15.38 36.41
C GLU A 54 32.70 16.90 36.53
N ALA A 55 33.47 17.57 35.68
CA ALA A 55 33.51 19.02 35.69
C ALA A 55 32.15 19.61 35.34
N TYR A 56 31.58 19.15 34.22
CA TYR A 56 30.27 19.65 33.79
C TYR A 56 29.19 19.28 34.79
N GLY A 57 29.29 18.08 35.35
CA GLY A 57 28.29 17.63 36.32
C GLY A 57 28.13 18.51 37.53
N ALA A 58 29.16 19.30 37.85
CA ALA A 58 29.11 20.17 39.02
C ALA A 58 28.80 21.62 38.66
N ALA A 59 28.60 21.88 37.37
CA ALA A 59 28.36 23.22 36.83
C ALA A 59 26.91 23.38 36.37
N ARG A 60 26.50 24.62 36.11
CA ARG A 60 25.20 24.90 35.50
C ARG A 60 25.42 24.40 34.07
N GLN A 61 24.44 23.69 33.51
CA GLN A 61 24.60 23.05 32.20
C GLN A 61 23.57 23.53 31.16
N GLN A 62 23.89 23.27 29.89
CA GLN A 62 22.91 23.44 28.85
C GLN A 62 22.69 22.10 28.16
N HIS A 63 21.40 21.85 27.85
CA HIS A 63 21.07 20.65 27.10
C HIS A 63 20.41 20.99 25.78
N TYR A 64 21.21 20.80 24.71
CA TYR A 64 20.75 21.15 23.36
C TYR A 64 19.93 20.01 22.75
N PHE A 65 18.59 20.20 22.73
CA PHE A 65 17.68 19.25 22.09
C PHE A 65 17.50 19.54 20.60
N SER A 66 17.78 18.55 19.74
CA SER A 66 17.59 18.73 18.31
C SER A 66 17.24 17.43 17.60
N ALA A 67 16.24 17.48 16.73
CA ALA A 67 15.83 16.29 15.98
C ALA A 67 16.87 15.87 14.94
N GLU A 68 17.97 16.61 14.86
CA GLU A 68 19.03 16.25 13.93
C GLU A 68 20.41 16.83 14.24
N PHE A 69 21.45 16.03 13.97
CA PHE A 69 22.84 16.43 14.16
C PHE A 69 23.56 15.87 12.95
N LEU A 70 23.98 16.77 12.05
CA LEU A 70 24.67 16.37 10.84
C LEU A 70 26.16 16.30 11.17
N MET A 71 26.53 15.24 11.88
CA MET A 71 27.89 15.02 12.36
C MET A 71 29.01 14.71 11.36
N GLY A 72 28.68 14.13 10.22
CA GLY A 72 29.71 13.77 9.25
C GLY A 72 30.60 12.68 9.82
N ARG A 73 31.85 12.61 9.36
CA ARG A 73 32.80 11.60 9.85
C ARG A 73 33.44 12.09 11.14
N ALA A 74 33.86 11.16 11.98
CA ALA A 74 34.46 11.50 13.25
C ALA A 74 35.98 11.36 13.35
N LEU A 75 36.56 10.35 12.70
CA LEU A 75 37.99 10.10 12.83
C LEU A 75 38.95 11.25 12.52
N LEU A 76 38.93 11.77 11.29
CA LEU A 76 39.85 12.85 10.96
C LEU A 76 39.65 14.05 11.87
N ASN A 77 38.39 14.38 12.13
CA ASN A 77 38.05 15.50 13.00
C ASN A 77 38.64 15.32 14.39
N ASN A 78 38.54 14.11 14.94
CA ASN A 78 39.08 13.84 16.27
C ASN A 78 40.61 13.87 16.26
N LEU A 79 41.22 13.27 15.25
CA LEU A 79 42.67 13.25 15.16
C LEU A 79 43.18 14.68 15.05
N THR A 80 42.46 15.51 14.31
CA THR A 80 42.82 16.90 14.11
C THR A 80 42.73 17.69 15.41
N ASN A 81 41.60 17.58 16.11
CA ASN A 81 41.43 18.31 17.36
C ASN A 81 42.36 17.86 18.49
N LEU A 82 42.83 16.62 18.41
CA LEU A 82 43.72 16.08 19.43
C LEU A 82 45.18 16.26 19.00
N GLY A 83 45.37 16.78 17.79
CA GLY A 83 46.65 17.02 17.14
C GLY A 83 47.50 15.74 16.98
N LEU A 84 46.82 14.68 16.43
CA LEU A 84 47.46 13.37 16.27
C LEU A 84 47.49 12.89 14.81
N VAL A 85 47.15 13.73 13.84
CA VAL A 85 47.13 13.30 12.45
C VAL A 85 48.46 12.70 11.96
N ASP A 86 49.57 13.35 12.30
CA ASP A 86 50.88 12.87 11.86
C ASP A 86 51.27 11.52 12.49
N GLU A 87 50.97 11.39 13.80
CA GLU A 87 51.28 10.13 14.49
C GLU A 87 50.48 8.96 13.89
N ALA A 88 49.16 9.21 13.75
CA ALA A 88 48.27 8.26 13.11
C ALA A 88 48.76 7.87 11.70
N ALA A 89 49.17 8.86 10.92
CA ALA A 89 49.77 8.63 9.61
C ALA A 89 50.95 7.70 9.76
N ALA A 90 51.83 8.05 10.70
CA ALA A 90 53.04 7.26 10.95
C ALA A 90 52.73 5.84 11.39
N ALA A 91 51.95 5.71 12.46
CA ALA A 91 51.47 4.43 12.98
C ALA A 91 50.85 3.56 11.88
N THR A 92 49.93 4.18 11.12
CA THR A 92 49.23 3.43 10.08
C THR A 92 50.21 2.93 8.99
N ARG A 93 51.10 3.77 8.49
CA ARG A 93 51.99 3.30 7.45
C ARG A 93 52.92 2.24 8.00
N GLU A 94 53.41 2.45 9.21
CA GLU A 94 54.28 1.49 9.89
C GLU A 94 53.57 0.15 9.99
N LEU A 95 52.24 0.18 10.03
CA LEU A 95 51.53 -1.10 10.08
C LEU A 95 50.97 -1.54 8.70
N GLY A 96 51.57 -1.01 7.64
CA GLY A 96 51.27 -1.53 6.30
C GLY A 96 49.97 -0.97 5.73
N HIS A 97 49.44 0.15 6.22
CA HIS A 97 48.24 0.74 5.63
C HIS A 97 48.44 2.23 5.36
N GLU A 98 47.56 2.82 4.56
CA GLU A 98 47.67 4.25 4.27
C GLU A 98 46.48 4.94 4.93
N LEU A 99 46.76 5.94 5.75
CA LEU A 99 45.70 6.64 6.46
C LEU A 99 44.60 7.20 5.55
N THR A 100 44.99 7.69 4.37
CA THR A 100 43.99 8.24 3.47
C THR A 100 42.94 7.19 3.09
N ASP A 101 43.35 5.93 2.98
CA ASP A 101 42.41 4.87 2.65
C ASP A 101 41.55 4.55 3.86
N ILE A 102 42.17 4.52 5.03
CA ILE A 102 41.48 4.22 6.28
C ILE A 102 40.33 5.19 6.57
N LEU A 103 40.59 6.48 6.35
CA LEU A 103 39.58 7.50 6.58
C LEU A 103 38.37 7.31 5.69
N GLU A 104 38.58 6.81 4.47
CA GLU A 104 37.48 6.61 3.51
C GLU A 104 36.50 5.51 3.91
N ILE A 105 36.90 4.67 4.86
CA ILE A 105 36.06 3.57 5.35
C ILE A 105 34.76 4.07 5.99
N GLU A 106 34.91 5.14 6.76
CA GLU A 106 33.79 5.71 7.51
C GLU A 106 32.74 6.42 6.69
N ASN A 107 31.48 6.09 6.95
CA ASN A 107 30.37 6.75 6.27
C ASN A 107 30.02 7.91 7.20
N ASP A 108 29.53 9.02 6.64
CA ASP A 108 29.06 10.13 7.41
C ASP A 108 28.02 9.61 8.38
N ALA A 109 28.03 10.01 9.64
CA ALA A 109 26.99 9.54 10.55
C ALA A 109 25.67 10.13 10.04
N ALA A 110 24.74 9.26 9.66
CA ALA A 110 23.47 9.73 9.13
C ALA A 110 22.54 10.12 10.27
N LEU A 111 22.92 11.15 11.00
CA LEU A 111 22.13 11.62 12.13
C LEU A 111 21.42 12.94 11.89
N GLY A 112 21.57 13.48 10.68
CA GLY A 112 20.95 14.76 10.41
C GLY A 112 20.55 14.86 8.96
N ASN A 113 19.98 16.02 8.62
CA ASN A 113 19.50 16.18 7.27
C ASN A 113 20.17 17.38 6.57
N GLY A 114 19.93 18.60 7.09
CA GLY A 114 20.53 19.79 6.44
C GLY A 114 21.09 20.80 7.45
N GLY A 115 20.90 22.06 7.10
CA GLY A 115 21.37 23.18 7.91
C GLY A 115 21.04 23.12 9.39
N LEU A 116 19.80 22.81 9.72
CA LEU A 116 19.41 22.74 11.11
C LEU A 116 20.31 21.77 11.84
N GLY A 117 20.56 20.62 11.21
CA GLY A 117 21.40 19.60 11.82
C GLY A 117 22.87 19.97 11.82
N ARG A 118 23.35 20.56 10.74
CA ARG A 118 24.76 20.93 10.69
C ARG A 118 25.05 22.06 11.67
N LEU A 119 24.04 22.87 11.97
CA LEU A 119 24.23 23.96 12.92
C LEU A 119 24.43 23.35 14.31
N ALA A 120 23.57 22.41 14.67
CA ALA A 120 23.68 21.76 15.97
C ALA A 120 25.05 21.12 16.12
N ALA A 121 25.59 20.57 15.04
CA ALA A 121 26.91 19.93 15.08
C ALA A 121 28.01 20.97 15.30
N CYS A 122 27.96 22.07 14.55
CA CYS A 122 28.95 23.12 14.73
C CYS A 122 28.88 23.65 16.17
N PHE A 123 27.67 23.80 16.70
CA PHE A 123 27.49 24.28 18.07
C PHE A 123 28.19 23.39 19.09
N LEU A 124 28.08 22.07 18.92
CA LEU A 124 28.72 21.17 19.87
C LEU A 124 30.24 21.33 19.82
N ASP A 125 30.79 21.46 18.61
CA ASP A 125 32.23 21.63 18.49
C ASP A 125 32.69 22.96 19.09
N SER A 126 31.93 24.03 18.84
CA SER A 126 32.30 25.33 19.37
C SER A 126 32.16 25.38 20.90
N ALA A 127 31.15 24.69 21.41
CA ALA A 127 30.97 24.63 22.86
C ALA A 127 32.15 23.99 23.61
N VAL A 128 32.59 22.80 23.13
CA VAL A 128 33.71 22.17 23.84
C VAL A 128 35.02 22.93 23.65
N THR A 129 35.16 23.54 22.46
CA THR A 129 36.37 24.31 22.20
C THR A 129 36.50 25.48 23.19
N GLN A 130 35.40 25.89 23.79
CA GLN A 130 35.41 26.97 24.78
C GLN A 130 35.12 26.46 26.20
N ASP A 131 35.10 25.14 26.35
CA ASP A 131 34.86 24.50 27.64
C ASP A 131 33.49 24.80 28.25
N TYR A 132 32.49 25.05 27.41
CA TYR A 132 31.14 25.33 27.91
C TYR A 132 30.44 23.99 28.15
N PRO A 133 29.83 23.82 29.34
CA PRO A 133 29.13 22.57 29.67
C PRO A 133 27.83 22.41 28.87
N VAL A 134 27.98 22.01 27.62
CA VAL A 134 26.85 21.85 26.75
C VAL A 134 26.79 20.40 26.30
N THR A 135 25.62 19.77 26.56
CA THR A 135 25.43 18.39 26.10
C THR A 135 24.31 18.32 25.06
N GLY A 136 24.58 17.55 23.98
CA GLY A 136 23.60 17.46 22.90
C GLY A 136 22.73 16.22 23.07
N TYR A 137 21.45 16.28 22.68
CA TYR A 137 20.53 15.16 22.80
C TYR A 137 19.73 14.99 21.52
N GLY A 138 19.77 13.78 20.98
CA GLY A 138 19.03 13.49 19.75
C GLY A 138 18.71 12.01 19.61
N LEU A 139 18.21 11.64 18.44
CA LEU A 139 17.83 10.27 18.14
C LEU A 139 18.97 9.59 17.40
N LEU A 140 19.17 8.31 17.67
CA LEU A 140 20.21 7.56 16.97
C LEU A 140 19.55 6.96 15.73
N TYR A 141 19.40 7.76 14.68
CA TYR A 141 18.78 7.28 13.44
C TYR A 141 19.66 6.20 12.83
N ARG A 142 19.08 5.05 12.52
CA ARG A 142 19.88 3.96 11.98
C ARG A 142 20.18 4.12 10.49
N PHE A 143 19.22 4.62 9.71
CA PHE A 143 19.40 4.76 8.26
C PHE A 143 19.30 6.19 7.68
N GLY A 144 19.54 7.21 8.52
CA GLY A 144 19.53 8.60 8.07
C GLY A 144 18.26 9.01 7.34
N LEU A 145 18.42 10.02 6.45
CA LEU A 145 17.32 10.48 5.62
C LEU A 145 17.10 9.50 4.46
N PHE A 146 18.04 9.55 3.52
CA PHE A 146 18.14 8.52 2.51
C PHE A 146 19.44 8.65 1.73
N ARG A 147 19.90 7.54 1.15
CA ARG A 147 21.09 7.65 0.30
C ARG A 147 20.67 8.03 -1.12
N GLN A 148 21.36 9.01 -1.74
CA GLN A 148 20.94 9.31 -3.12
C GLN A 148 21.84 8.62 -4.15
N SER A 149 21.28 7.89 -5.14
CA SER A 149 21.98 7.37 -6.27
C SER A 149 21.20 7.82 -7.48
N PHE A 150 21.72 7.41 -8.63
CA PHE A 150 21.12 7.84 -9.87
C PHE A 150 20.89 6.66 -10.81
N ASN A 151 19.72 6.62 -11.42
CA ASN A 151 19.42 5.61 -12.41
C ASN A 151 18.92 6.31 -13.66
N GLU A 152 19.76 6.32 -14.70
CA GLU A 152 19.40 6.97 -15.94
C GLU A 152 19.12 8.46 -15.72
N GLY A 153 19.89 9.09 -14.84
CA GLY A 153 19.71 10.50 -14.59
C GLY A 153 18.67 10.88 -13.55
N PHE A 154 17.81 9.93 -13.17
CA PHE A 154 16.78 10.21 -12.18
C PHE A 154 17.26 9.86 -10.78
N GLN A 155 16.84 10.63 -9.79
CA GLN A 155 17.24 10.35 -8.41
C GLN A 155 16.51 9.11 -7.89
N VAL A 156 17.25 8.25 -7.23
CA VAL A 156 16.71 7.04 -6.62
C VAL A 156 17.03 7.13 -5.15
N GLU A 157 16.06 6.87 -4.28
CA GLU A 157 16.31 6.95 -2.85
C GLU A 157 16.42 5.56 -2.23
N LYS A 158 17.43 5.37 -1.37
CA LYS A 158 17.62 4.11 -0.67
C LYS A 158 18.05 4.34 0.77
N PRO A 159 18.01 3.29 1.60
CA PRO A 159 18.41 3.43 3.02
C PRO A 159 19.83 3.97 3.09
N ASP A 160 20.18 4.64 4.19
CA ASP A 160 21.53 5.20 4.33
C ASP A 160 22.19 4.67 5.61
N PRO A 161 22.57 3.38 5.62
CA PRO A 161 23.20 2.80 6.81
C PRO A 161 24.57 3.42 7.08
N TRP A 162 24.97 3.44 8.35
CA TRP A 162 26.26 4.01 8.71
C TRP A 162 26.88 3.32 9.92
N ARG A 163 26.05 2.66 10.72
CA ARG A 163 26.57 1.98 11.91
C ARG A 163 26.21 0.49 11.94
N GLU A 164 26.11 -0.10 10.77
CA GLU A 164 25.81 -1.52 10.70
C GLU A 164 27.06 -2.30 11.11
N GLU A 165 28.21 -1.65 10.94
CA GLU A 165 29.47 -2.24 11.33
C GLU A 165 29.87 -1.57 12.63
N GLU A 166 30.82 -2.23 13.37
CA GLU A 166 31.27 -1.68 14.65
C GLU A 166 31.53 -0.18 14.46
N TYR A 167 30.99 0.62 15.39
CA TYR A 167 31.26 2.04 15.34
C TYR A 167 31.67 2.52 16.72
N PRO A 168 33.00 2.64 16.84
CA PRO A 168 33.53 2.90 18.21
C PRO A 168 33.20 4.31 18.75
N PHE A 169 32.76 5.23 17.85
CA PHE A 169 32.53 6.61 18.32
C PHE A 169 31.13 6.83 18.89
N THR A 170 30.41 5.74 19.11
CA THR A 170 29.10 5.75 19.82
C THR A 170 29.23 4.65 20.81
N ILE A 171 29.13 4.99 22.09
CA ILE A 171 29.19 3.91 23.05
C ILE A 171 27.83 3.65 23.66
N ARG A 172 27.40 2.39 23.56
CA ARG A 172 26.13 1.92 24.08
C ARG A 172 26.19 1.79 25.61
N ARG A 173 25.13 2.23 26.28
CA ARG A 173 25.04 2.19 27.73
C ARG A 173 23.75 1.51 28.17
N ALA A 174 23.55 0.29 27.73
CA ALA A 174 22.32 -0.43 28.00
C ALA A 174 21.99 -0.51 29.48
N SER A 175 22.98 -0.61 30.35
CA SER A 175 22.64 -0.69 31.76
C SER A 175 21.96 0.60 32.25
N ASP A 176 22.12 1.67 31.45
CA ASP A 176 21.54 2.95 31.82
C ASP A 176 20.20 3.18 31.11
N GLN A 177 19.62 2.14 30.53
CA GLN A 177 18.39 2.32 29.77
C GLN A 177 17.20 2.77 30.61
N LEU A 178 16.27 3.44 29.93
CA LEU A 178 15.07 3.94 30.58
C LEU A 178 13.86 3.41 29.82
N VAL A 179 12.69 3.75 30.31
CA VAL A 179 11.47 3.32 29.66
C VAL A 179 10.71 4.56 29.16
N VAL A 180 10.20 4.49 27.94
CA VAL A 180 9.34 5.50 27.44
C VAL A 180 8.09 4.78 27.06
N CYS A 181 7.07 5.00 27.86
CA CYS A 181 5.86 4.21 27.60
C CYS A 181 4.82 5.06 26.88
N PHE A 182 4.46 4.61 25.67
CA PHE A 182 3.28 5.14 25.02
C PHE A 182 2.04 4.38 25.46
N ASP A 183 0.87 5.01 25.30
CA ASP A 183 -0.35 4.31 25.71
C ASP A 183 -0.52 2.99 24.95
N ASP A 184 0.15 2.83 23.81
CA ASP A 184 -0.01 1.63 22.98
C ASP A 184 1.33 0.90 22.74
N MET A 185 2.39 1.32 23.40
CA MET A 185 3.70 0.75 23.12
C MET A 185 4.71 1.05 24.23
N LYS A 186 5.19 0.02 24.91
CA LYS A 186 6.17 0.21 25.96
C LYS A 186 7.55 0.04 25.34
N THR A 187 8.37 1.09 25.35
CA THR A 187 9.67 1.02 24.73
C THR A 187 10.86 1.19 25.67
N ARG A 188 11.98 0.62 25.26
CA ARG A 188 13.22 0.75 26.01
C ARG A 188 13.97 1.91 25.36
N ALA A 189 14.57 2.78 26.15
CA ALA A 189 15.37 3.75 25.49
C ALA A 189 16.77 3.56 25.96
N ILE A 190 17.56 3.18 24.96
CA ILE A 190 18.96 2.82 25.20
C ILE A 190 19.83 4.02 24.84
N PRO A 191 20.59 4.54 25.83
CA PRO A 191 21.42 5.70 25.60
C PRO A 191 22.73 5.32 24.92
N TYR A 192 23.16 6.23 23.99
CA TYR A 192 24.49 6.14 23.36
C TYR A 192 25.33 7.40 23.60
N ASP A 193 26.64 7.20 23.78
CA ASP A 193 27.47 8.36 24.01
C ASP A 193 28.41 8.60 22.82
N MET A 194 28.40 9.78 22.23
CA MET A 194 29.34 10.10 21.15
C MET A 194 30.25 11.21 21.70
N PRO A 195 31.57 11.01 21.64
CA PRO A 195 32.51 12.02 22.15
C PRO A 195 32.68 13.20 21.19
N ILE A 196 32.71 14.43 21.82
CA ILE A 196 32.92 15.61 21.01
C ILE A 196 34.26 16.21 21.36
N THR A 197 35.28 16.01 20.54
CA THR A 197 36.61 16.51 20.86
C THR A 197 36.71 17.99 20.54
N GLY A 198 37.72 18.66 21.09
CA GLY A 198 37.98 20.08 20.82
C GLY A 198 39.47 20.45 20.62
N TYR A 199 39.75 20.98 19.41
CA TYR A 199 41.04 21.67 19.10
C TYR A 199 41.49 22.58 20.26
N GLY A 200 42.72 22.33 20.81
CA GLY A 200 43.29 23.26 21.79
C GLY A 200 42.71 23.09 23.23
N THR A 201 41.87 22.08 23.49
CA THR A 201 41.43 21.83 24.85
C THR A 201 41.42 20.33 25.14
N HIS A 202 41.41 19.98 26.43
CA HIS A 202 41.35 18.58 26.82
C HIS A 202 39.90 18.15 27.07
N ASN A 203 39.01 19.14 27.12
CA ASN A 203 37.59 18.86 27.32
C ASN A 203 37.05 18.00 26.20
N VAL A 204 36.23 17.01 26.60
CA VAL A 204 35.52 16.25 25.59
C VAL A 204 34.02 16.27 25.90
N GLY A 205 33.27 16.89 24.98
CA GLY A 205 31.83 17.00 25.19
C GLY A 205 31.12 15.70 24.83
N THR A 206 29.80 15.69 25.01
CA THR A 206 29.00 14.50 24.70
C THR A 206 27.77 14.80 23.86
N LEU A 207 27.50 13.91 22.93
CA LEU A 207 26.30 13.94 22.17
C LEU A 207 25.61 12.68 22.52
N ARG A 208 24.52 12.82 23.27
CA ARG A 208 23.72 11.68 23.73
C ARG A 208 22.68 11.34 22.67
N LEU A 209 22.70 10.11 22.16
CA LEU A 209 21.76 9.67 21.12
C LEU A 209 20.95 8.50 21.69
N TRP A 210 19.64 8.55 21.47
CA TRP A 210 18.74 7.50 21.99
C TRP A 210 18.28 6.55 20.88
N LYS A 211 18.33 5.24 21.21
CA LYS A 211 17.84 4.17 20.33
C LYS A 211 16.67 3.43 20.96
N ALA A 212 15.52 3.39 20.23
CA ALA A 212 14.39 2.65 20.77
C ALA A 212 14.51 1.16 20.51
N GLU A 213 14.27 0.39 21.58
CA GLU A 213 14.21 -1.05 21.42
C GLU A 213 12.94 -1.64 22.05
N PRO A 214 12.41 -2.73 21.48
CA PRO A 214 11.18 -3.32 22.02
C PRO A 214 11.30 -3.90 23.44
N TRP A 215 10.18 -3.99 24.15
CA TRP A 215 10.23 -4.55 25.50
C TRP A 215 10.64 -6.03 25.37
N GLU A 216 10.04 -6.74 24.42
CA GLU A 216 10.38 -8.15 24.10
C GLU A 216 10.97 -8.13 22.69
N GLU A 217 12.03 -8.91 22.44
CA GLU A 217 12.67 -8.96 21.11
C GLU A 217 11.66 -9.19 20.01
N PHE A 218 10.74 -10.10 20.26
CA PHE A 218 9.70 -10.41 19.30
C PHE A 218 8.67 -11.24 20.04
N ASP A 219 7.52 -11.45 19.41
CA ASP A 219 6.43 -12.26 19.96
C ASP A 219 6.71 -13.75 19.75
N TYR A 220 7.27 -14.38 20.80
CA TYR A 220 7.70 -15.77 20.62
C TYR A 220 6.52 -16.71 20.34
N ASP A 221 5.38 -16.46 21.01
CA ASP A 221 4.23 -17.33 20.77
C ASP A 221 3.77 -17.28 19.32
N ALA A 222 3.71 -16.05 18.74
CA ALA A 222 3.34 -15.94 17.32
C ALA A 222 4.36 -16.63 16.44
N PHE A 223 5.65 -16.34 16.72
CA PHE A 223 6.69 -17.00 15.95
C PHE A 223 6.55 -18.52 15.99
N ASN A 224 6.34 -19.04 17.20
CA ASN A 224 6.24 -20.49 17.39
C ASN A 224 5.01 -21.07 16.70
N ALA A 225 3.99 -20.21 16.53
CA ALA A 225 2.84 -20.62 15.75
C ALA A 225 3.12 -20.46 14.25
N GLN A 226 4.34 -19.95 13.98
CA GLN A 226 4.78 -19.79 12.60
C GLN A 226 3.96 -18.74 11.85
N ARG A 227 3.39 -17.81 12.62
CA ARG A 227 2.98 -16.56 12.02
C ARG A 227 4.13 -15.57 12.03
N PHE A 228 5.05 -15.77 11.11
CA PHE A 228 6.32 -15.04 11.10
C PHE A 228 6.26 -13.53 11.02
N THR A 229 5.36 -12.99 10.22
CA THR A 229 5.27 -11.54 10.15
C THR A 229 4.64 -11.02 11.45
N ASP A 230 3.56 -11.64 11.92
CA ASP A 230 2.90 -11.23 13.14
C ASP A 230 3.91 -11.16 14.31
N ALA A 231 4.89 -12.10 14.27
CA ALA A 231 5.85 -12.17 15.36
C ALA A 231 6.71 -10.90 15.53
N ILE A 232 6.98 -10.21 14.40
CA ILE A 232 7.85 -9.04 14.51
C ILE A 232 7.14 -7.69 14.26
N ILE A 233 5.79 -7.67 14.23
CA ILE A 233 5.21 -6.37 13.90
C ILE A 233 5.48 -5.31 14.96
N GLU A 234 5.19 -5.66 16.23
CA GLU A 234 5.52 -4.72 17.29
C GLU A 234 7.04 -4.41 17.34
N ARG A 235 7.90 -5.44 17.13
CA ARG A 235 9.32 -5.13 17.14
C ARG A 235 9.68 -4.05 16.11
N GLU A 236 9.14 -4.19 14.89
CA GLU A 236 9.51 -3.24 13.86
C GLU A 236 8.77 -1.89 14.04
N ARG A 237 7.62 -1.87 14.69
CA ARG A 237 6.94 -0.60 14.96
C ARG A 237 7.76 0.23 15.95
N VAL A 238 8.44 -0.45 16.88
CA VAL A 238 9.31 0.26 17.81
C VAL A 238 10.59 0.71 17.12
N SER A 239 11.09 -0.18 16.23
CA SER A 239 12.29 0.09 15.45
C SER A 239 12.09 1.27 14.49
N ASP A 240 10.81 1.47 14.10
CA ASP A 240 10.50 2.60 13.22
C ASP A 240 10.82 3.93 13.89
N ILE A 241 10.84 3.97 15.21
CA ILE A 241 11.14 5.24 15.87
C ILE A 241 12.53 5.78 15.49
N CYS A 242 13.51 4.85 15.34
CA CYS A 242 14.88 5.28 15.00
C CYS A 242 15.32 4.87 13.59
N ARG A 243 14.37 4.38 12.75
CA ARG A 243 14.78 3.87 11.44
C ARG A 243 15.32 4.96 10.50
N VAL A 244 14.45 5.91 10.13
CA VAL A 244 14.94 7.00 9.30
C VAL A 244 14.53 8.37 9.81
N LEU A 245 15.28 9.37 9.34
CA LEU A 245 15.03 10.74 9.75
C LEU A 245 13.95 11.37 8.87
N TYR A 246 13.04 12.10 9.55
CA TYR A 246 11.99 12.82 8.82
C TYR A 246 11.10 11.91 7.98
N PRO A 247 10.53 10.86 8.58
CA PRO A 247 9.68 9.99 7.77
C PRO A 247 8.51 10.76 7.19
N ASN A 248 8.16 10.44 5.93
CA ASN A 248 7.02 11.06 5.28
C ASN A 248 5.74 10.95 6.13
N ASP A 249 4.97 12.05 6.17
CA ASP A 249 3.82 12.04 7.08
C ASP A 249 2.55 12.56 6.40
N THR A 250 2.28 12.12 5.18
CA THR A 250 1.06 12.55 4.49
C THR A 250 -0.15 11.81 5.06
N THR A 251 0.08 10.63 5.64
CA THR A 251 -1.01 9.85 6.23
C THR A 251 -0.99 10.04 7.74
N TYR A 252 -2.11 9.73 8.37
CA TYR A 252 -2.27 9.83 9.81
C TYR A 252 -1.21 9.03 10.55
N GLU A 253 -1.03 7.79 10.12
CA GLU A 253 -0.06 6.89 10.72
C GLU A 253 1.37 7.46 10.59
N GLY A 254 1.65 8.14 9.49
CA GLY A 254 2.97 8.75 9.32
C GLY A 254 3.17 9.92 10.29
N LYS A 255 2.08 10.69 10.45
CA LYS A 255 2.11 11.78 11.41
C LYS A 255 2.32 11.28 12.83
N LYS A 256 1.63 10.17 13.17
CA LYS A 256 1.78 9.61 14.51
C LYS A 256 3.20 9.12 14.76
N LEU A 257 3.90 8.65 13.72
CA LEU A 257 5.26 8.19 13.88
C LEU A 257 6.17 9.40 14.17
N ARG A 258 5.97 10.49 13.45
CA ARG A 258 6.76 11.71 13.67
C ARG A 258 6.65 12.16 15.12
N VAL A 259 5.43 12.16 15.64
CA VAL A 259 5.24 12.54 17.04
C VAL A 259 5.86 11.53 18.01
N ARG A 260 5.78 10.21 17.65
CA ARG A 260 6.44 9.21 18.49
C ARG A 260 7.93 9.50 18.61
N GLN A 261 8.53 9.81 17.45
CA GLN A 261 9.96 10.07 17.43
C GLN A 261 10.31 11.22 18.38
N GLN A 262 9.49 12.27 18.34
CA GLN A 262 9.80 13.46 19.13
C GLN A 262 9.58 13.26 20.62
N TYR A 263 8.48 12.55 20.96
CA TYR A 263 8.27 12.27 22.37
C TYR A 263 9.35 11.33 22.89
N PHE A 264 9.73 10.33 22.05
CA PHE A 264 10.72 9.35 22.51
C PHE A 264 12.00 10.00 23.04
N PHE A 265 12.65 10.81 22.18
CA PHE A 265 13.97 11.30 22.59
C PHE A 265 13.90 12.46 23.60
N THR A 266 12.80 13.25 23.58
CA THR A 266 12.68 14.25 24.63
C THR A 266 12.35 13.62 26.01
N SER A 267 11.45 12.59 26.01
CA SER A 267 11.16 11.94 27.31
C SER A 267 12.39 11.28 27.89
N ALA A 268 13.08 10.52 27.05
CA ALA A 268 14.27 9.81 27.48
C ALA A 268 15.32 10.81 27.98
N SER A 269 15.50 11.90 27.24
CA SER A 269 16.50 12.89 27.64
C SER A 269 16.19 13.55 28.97
N LEU A 270 14.95 13.97 29.16
CA LEU A 270 14.55 14.61 30.43
C LEU A 270 14.67 13.64 31.60
N GLN A 271 14.26 12.39 31.41
CA GLN A 271 14.39 11.40 32.46
C GLN A 271 15.84 11.24 32.92
N ALA A 272 16.76 11.12 31.94
CA ALA A 272 18.16 10.97 32.28
C ALA A 272 18.73 12.25 32.93
N MET A 273 18.24 13.40 32.44
CA MET A 273 18.68 14.66 33.04
C MET A 273 18.25 14.75 34.51
N ILE A 274 17.03 14.32 34.78
CA ILE A 274 16.54 14.33 36.14
C ILE A 274 17.31 13.33 37.00
N GLN A 275 17.60 12.16 36.45
CA GLN A 275 18.39 11.15 37.12
C GLN A 275 19.68 11.73 37.64
N ASP A 276 20.36 12.33 36.65
CA ASP A 276 21.65 12.95 36.92
C ASP A 276 21.56 14.07 37.95
N HIS A 277 20.51 14.91 37.82
CA HIS A 277 20.35 16.00 38.78
C HIS A 277 20.22 15.48 40.22
N LEU A 278 19.41 14.42 40.40
CA LEU A 278 19.20 13.96 41.76
C LEU A 278 20.38 13.15 42.30
N ALA A 279 21.39 12.97 41.46
CA ALA A 279 22.63 12.32 41.88
C ALA A 279 23.63 13.40 42.32
N HIS A 280 23.32 14.66 42.01
CA HIS A 280 24.21 15.77 42.37
C HIS A 280 23.51 16.75 43.31
N HIS A 281 22.19 16.64 43.41
CA HIS A 281 21.44 17.58 44.24
C HIS A 281 20.37 16.86 45.04
N LYS A 282 19.88 17.50 46.10
CA LYS A 282 18.88 16.90 46.97
C LYS A 282 17.56 16.63 46.24
N ASP A 283 17.03 17.64 45.56
CA ASP A 283 15.78 17.50 44.81
C ASP A 283 15.74 18.41 43.57
N LEU A 284 14.55 18.47 42.94
CA LEU A 284 14.42 19.08 41.62
C LEU A 284 14.04 20.53 41.74
N SER A 285 13.70 20.91 42.99
CA SER A 285 13.23 22.28 43.23
C SER A 285 14.24 23.29 42.68
N ASN A 286 15.53 22.95 42.58
CA ASN A 286 16.49 23.88 41.97
C ASN A 286 17.02 23.40 40.59
N PHE A 287 16.16 22.65 39.88
CA PHE A 287 16.50 22.11 38.55
C PHE A 287 16.92 23.20 37.55
N ALA A 288 16.16 24.31 37.55
CA ALA A 288 16.43 25.37 36.58
C ALA A 288 17.68 26.20 36.91
N GLU A 289 18.13 26.25 38.21
CA GLU A 289 19.44 26.91 38.45
C GLU A 289 20.58 26.21 37.74
N PHE A 290 20.44 24.88 37.63
CA PHE A 290 21.58 24.11 37.16
C PHE A 290 21.40 23.61 35.72
N HIS A 291 20.18 23.77 35.18
CA HIS A 291 19.93 23.27 33.82
C HIS A 291 19.13 24.25 32.95
N SER A 292 19.64 24.43 31.71
CA SER A 292 18.81 25.00 30.66
C SER A 292 18.68 24.04 29.49
N VAL A 293 17.56 24.17 28.75
CA VAL A 293 17.38 23.35 27.56
C VAL A 293 17.08 24.22 26.36
N GLN A 294 17.86 24.08 25.30
CA GLN A 294 17.58 24.83 24.08
C GLN A 294 16.75 23.97 23.14
N LEU A 295 15.65 24.54 22.66
CA LEU A 295 14.81 23.85 21.72
C LEU A 295 15.16 24.37 20.33
N ASN A 296 15.89 23.55 19.58
CA ASN A 296 16.25 23.87 18.21
C ASN A 296 15.05 23.58 17.34
N ASP A 297 14.35 24.67 16.96
CA ASP A 297 13.10 24.53 16.26
C ASP A 297 12.00 23.87 17.13
N THR A 298 10.87 23.48 16.49
CA THR A 298 9.74 22.98 17.28
C THR A 298 9.75 21.46 17.49
N HIS A 299 10.63 20.72 16.83
CA HIS A 299 10.63 19.25 16.96
C HIS A 299 10.64 18.75 18.42
N PRO A 300 11.40 19.44 19.29
CA PRO A 300 11.52 18.95 20.67
C PRO A 300 10.51 19.60 21.64
N VAL A 301 9.46 20.27 21.12
CA VAL A 301 8.61 21.00 22.05
C VAL A 301 7.83 20.12 23.07
N LEU A 302 7.65 18.83 22.77
CA LEU A 302 6.94 17.98 23.70
C LEU A 302 7.72 17.86 25.01
N ALA A 303 8.97 18.30 25.01
CA ALA A 303 9.75 18.22 26.23
C ALA A 303 9.06 19.02 27.31
N ILE A 304 8.25 19.99 26.88
CA ILE A 304 7.71 20.93 27.84
C ILE A 304 6.60 20.32 28.71
N PRO A 305 5.57 19.75 28.05
CA PRO A 305 4.53 19.06 28.78
C PRO A 305 5.15 17.86 29.48
N GLU A 306 6.16 17.25 28.87
CA GLU A 306 6.75 16.05 29.47
C GLU A 306 7.52 16.35 30.75
N LEU A 307 8.26 17.49 30.76
CA LEU A 307 8.90 17.86 32.02
C LEU A 307 7.85 18.16 33.12
N MET A 308 6.73 18.78 32.69
CA MET A 308 5.63 18.93 33.67
C MET A 308 5.16 17.57 34.24
N ARG A 309 4.95 16.60 33.32
CA ARG A 309 4.50 15.29 33.79
C ARG A 309 5.48 14.68 34.78
N LEU A 310 6.76 14.61 34.43
CA LEU A 310 7.73 14.02 35.33
C LEU A 310 7.73 14.70 36.68
N LEU A 311 7.80 16.03 36.68
CA LEU A 311 7.83 16.78 37.94
C LEU A 311 6.64 16.56 38.83
N MET A 312 5.44 16.63 38.26
CA MET A 312 4.22 16.46 39.02
C MET A 312 3.86 15.01 39.31
N ASP A 313 4.01 14.14 38.31
CA ASP A 313 3.60 12.74 38.46
C ASP A 313 4.66 11.86 39.14
N GLU A 314 5.95 12.24 39.04
CA GLU A 314 6.97 11.34 39.57
C GLU A 314 7.77 11.93 40.73
N HIS A 315 7.61 13.26 40.94
CA HIS A 315 8.31 13.90 42.04
C HIS A 315 7.38 14.77 42.90
N ASP A 316 6.06 14.43 42.82
CA ASP A 316 5.01 15.02 43.67
C ASP A 316 4.95 16.55 43.69
N MET A 317 5.33 17.19 42.56
CA MET A 317 5.40 18.64 42.52
C MET A 317 4.06 19.25 42.06
N GLY A 318 3.77 20.44 42.60
CA GLY A 318 2.53 21.11 42.24
C GLY A 318 2.59 21.68 40.82
N TRP A 319 1.47 22.03 40.19
CA TRP A 319 1.54 22.69 38.88
C TRP A 319 2.33 24.02 38.92
N GLU A 320 2.00 24.90 39.89
CA GLU A 320 2.68 26.20 39.90
C GLU A 320 4.22 26.04 39.98
N GLU A 321 4.68 25.23 40.97
CA GLU A 321 6.12 25.03 41.08
C GLU A 321 6.72 24.40 39.82
N SER A 322 6.01 23.45 39.23
CA SER A 322 6.49 22.79 38.02
C SER A 322 6.59 23.74 36.84
N TRP A 323 5.53 24.49 36.59
CA TRP A 323 5.53 25.43 35.47
C TRP A 323 6.60 26.50 35.70
N ALA A 324 6.83 26.86 36.95
CA ALA A 324 7.85 27.87 37.27
C ALA A 324 9.20 27.34 36.82
N ILE A 325 9.45 26.06 37.09
CA ILE A 325 10.71 25.46 36.66
C ILE A 325 10.75 25.42 35.13
N VAL A 326 9.66 24.94 34.52
CA VAL A 326 9.60 24.85 33.07
C VAL A 326 9.86 26.21 32.41
N SER A 327 9.24 27.27 32.92
CA SER A 327 9.41 28.60 32.30
C SER A 327 10.80 29.22 32.47
N LYS A 328 11.64 28.61 33.38
CA LYS A 328 13.01 29.08 33.56
C LYS A 328 14.04 28.14 32.93
N THR A 329 13.53 27.01 32.41
CA THR A 329 14.41 25.97 31.85
C THR A 329 14.57 26.09 30.33
N PHE A 330 13.41 26.27 29.64
CA PHE A 330 13.42 26.16 28.19
C PHE A 330 13.69 27.50 27.51
N ALA A 331 14.58 27.44 26.49
CA ALA A 331 14.67 28.51 25.49
C ALA A 331 14.38 27.99 24.08
N TYR A 332 13.93 28.88 23.18
CA TYR A 332 13.42 28.36 21.92
C TYR A 332 13.96 29.13 20.70
N THR A 333 14.51 28.37 19.73
CA THR A 333 15.07 29.03 18.55
C THR A 333 14.17 28.88 17.32
N ASN A 334 13.73 30.05 16.79
CA ASN A 334 12.99 30.08 15.51
C ASN A 334 13.94 30.20 14.31
N HIS A 335 13.62 29.48 13.21
CA HIS A 335 14.57 29.38 12.11
C HIS A 335 14.08 30.02 10.79
N THR A 336 12.75 30.03 10.55
CA THR A 336 12.27 30.64 9.31
C THR A 336 11.42 31.89 9.56
N VAL A 337 11.23 32.67 8.48
CA VAL A 337 10.47 33.90 8.58
C VAL A 337 8.96 33.63 8.53
N LEU A 338 8.60 32.49 7.89
CA LEU A 338 7.20 32.23 7.56
C LEU A 338 6.56 31.33 8.62
N THR A 339 5.25 31.52 8.83
CA THR A 339 4.52 30.46 9.55
C THR A 339 4.83 29.10 8.95
N GLU A 340 4.07 28.79 7.86
CA GLU A 340 4.11 27.50 7.17
C GLU A 340 4.56 26.33 8.04
N ALA A 341 5.87 26.08 7.98
CA ALA A 341 6.41 24.89 8.63
C ALA A 341 6.11 24.95 10.13
N LEU A 342 5.44 25.97 10.68
CA LEU A 342 5.21 25.94 12.11
C LEU A 342 4.38 24.71 12.59
N GLU A 343 5.08 23.70 13.22
CA GLU A 343 4.43 22.41 13.47
C GLU A 343 3.11 22.58 14.14
N GLN A 344 2.21 21.85 13.56
CA GLN A 344 0.85 21.72 14.00
C GLN A 344 0.41 20.27 14.03
N TRP A 345 -0.12 19.76 15.18
CA TRP A 345 -0.56 18.36 15.20
C TRP A 345 -2.01 18.20 15.65
N ASP A 346 -2.73 17.28 15.00
CA ASP A 346 -4.10 16.91 15.35
C ASP A 346 -4.03 16.52 16.85
N GLU A 347 -4.90 17.07 17.68
CA GLU A 347 -4.85 16.73 19.11
C GLU A 347 -5.08 15.24 19.35
N GLN A 348 -5.76 14.60 18.39
CA GLN A 348 -6.08 13.19 18.57
C GLN A 348 -4.81 12.30 18.65
N ILE A 349 -3.75 12.72 17.94
CA ILE A 349 -2.50 11.97 18.00
C ILE A 349 -1.98 11.91 19.43
N PHE A 350 -2.03 13.04 20.13
CA PHE A 350 -1.51 13.11 21.49
C PHE A 350 -2.41 12.29 22.42
N GLN A 351 -3.71 12.41 22.20
CA GLN A 351 -4.68 11.68 23.00
C GLN A 351 -4.47 10.18 22.89
N GLN A 352 -4.10 9.71 21.70
CA GLN A 352 -3.86 8.28 21.47
C GLN A 352 -2.47 7.80 21.91
N LEU A 353 -1.43 8.60 21.66
CA LEU A 353 -0.05 8.18 22.01
C LEU A 353 0.23 8.26 23.53
N PHE A 354 -0.26 9.35 24.16
CA PHE A 354 0.04 9.54 25.58
C PHE A 354 -0.99 10.44 26.26
N TRP A 355 -2.09 9.78 26.73
CA TRP A 355 -3.24 10.51 27.26
C TRP A 355 -2.84 11.50 28.40
N ARG A 356 -1.92 11.05 29.27
CA ARG A 356 -1.54 11.91 30.40
C ARG A 356 -0.83 13.18 29.90
N VAL A 357 0.02 13.01 28.90
CA VAL A 357 0.72 14.16 28.34
C VAL A 357 -0.28 15.10 27.67
N TRP A 358 -1.25 14.50 26.96
CA TRP A 358 -2.38 15.32 26.47
C TRP A 358 -3.09 16.14 27.55
N GLU A 359 -3.42 15.50 28.70
CA GLU A 359 -4.12 16.25 29.76
C GLU A 359 -3.32 17.49 30.16
N ILE A 360 -1.99 17.34 30.18
CA ILE A 360 -1.11 18.43 30.54
C ILE A 360 -1.11 19.53 29.48
N ILE A 361 -1.11 19.13 28.22
CA ILE A 361 -1.14 20.09 27.13
C ILE A 361 -2.46 20.88 27.19
N ALA A 362 -3.56 20.18 27.48
CA ALA A 362 -4.87 20.81 27.58
C ALA A 362 -4.93 21.74 28.79
N GLU A 363 -4.21 21.41 29.85
CA GLU A 363 -4.19 22.25 31.04
C GLU A 363 -3.35 23.49 30.73
N ILE A 364 -2.30 23.32 29.94
CA ILE A 364 -1.49 24.46 29.53
C ILE A 364 -2.34 25.46 28.75
N ASP A 365 -3.14 24.91 27.84
CA ASP A 365 -4.02 25.75 27.04
C ASP A 365 -5.12 26.41 27.89
N ARG A 366 -5.69 25.62 28.84
CA ARG A 366 -6.73 26.19 29.70
C ARG A 366 -6.19 27.36 30.53
N ARG A 367 -5.03 27.17 31.14
CA ARG A 367 -4.43 28.21 31.95
C ARG A 367 -4.02 29.40 31.10
N PHE A 368 -3.44 29.11 29.94
CA PHE A 368 -3.01 30.17 29.03
C PHE A 368 -4.15 31.14 28.70
N ARG A 369 -5.31 30.61 28.35
CA ARG A 369 -6.47 31.44 27.98
C ARG A 369 -6.95 32.31 29.15
N LEU A 370 -7.00 31.74 30.33
CA LEU A 370 -7.43 32.50 31.51
C LEU A 370 -6.41 33.60 31.83
N GLU A 371 -5.12 33.26 31.76
CA GLU A 371 -4.05 34.22 32.04
C GLU A 371 -4.06 35.39 31.05
N ARG A 372 -4.20 35.06 29.75
CA ARG A 372 -4.41 36.10 28.76
C ARG A 372 -5.66 36.96 28.99
N ALA A 373 -6.78 36.33 29.41
CA ALA A 373 -7.98 37.13 29.61
C ALA A 373 -7.78 38.12 30.70
N ALA A 374 -6.95 37.72 31.66
CA ALA A 374 -6.63 38.60 32.76
C ALA A 374 -5.63 39.67 32.32
N ASP A 375 -4.74 39.26 31.40
CA ASP A 375 -3.85 40.23 30.77
C ASP A 375 -4.64 41.31 30.05
N GLY A 376 -5.93 41.07 29.86
CA GLY A 376 -6.80 42.00 29.17
C GLY A 376 -6.93 41.83 27.66
N LEU A 377 -6.36 40.76 27.11
CA LEU A 377 -6.43 40.53 25.66
C LEU A 377 -7.84 40.15 25.18
N ASP A 378 -8.15 40.49 23.93
CA ASP A 378 -9.46 40.15 23.39
C ASP A 378 -9.51 38.68 22.97
N GLU A 379 -10.71 38.13 22.85
CA GLU A 379 -10.86 36.71 22.52
C GLU A 379 -10.24 36.35 21.16
N GLU A 380 -10.33 37.22 20.16
CA GLU A 380 -9.75 36.94 18.86
C GLU A 380 -8.22 36.79 18.94
N THR A 381 -7.60 37.61 19.77
CA THR A 381 -6.15 37.50 19.92
C THR A 381 -5.75 36.24 20.68
N ILE A 382 -6.53 35.95 21.75
CA ILE A 382 -6.26 34.74 22.51
C ILE A 382 -6.42 33.50 21.64
N ASN A 383 -7.49 33.50 20.84
CA ASN A 383 -7.76 32.33 20.02
C ASN A 383 -6.61 32.07 19.07
N ARG A 384 -6.02 33.16 18.56
CA ARG A 384 -4.99 32.95 17.56
C ARG A 384 -3.59 32.75 18.18
N MET A 385 -3.53 32.92 19.51
CA MET A 385 -2.29 32.61 20.23
C MET A 385 -2.32 31.26 20.93
N ALA A 386 -3.55 30.76 21.18
CA ALA A 386 -3.69 29.58 22.02
C ALA A 386 -2.97 28.35 21.44
N PRO A 387 -2.44 27.50 22.35
CA PRO A 387 -1.74 26.30 21.89
C PRO A 387 -2.69 25.31 21.22
N ILE A 388 -3.95 25.30 21.63
CA ILE A 388 -4.94 24.39 21.05
C ILE A 388 -6.06 25.18 20.37
N GLN A 389 -6.19 25.03 19.06
CA GLN A 389 -7.23 25.72 18.31
C GLN A 389 -7.73 24.84 17.19
N HIS A 390 -9.04 24.81 17.00
CA HIS A 390 -9.64 24.06 15.90
C HIS A 390 -9.15 22.59 15.84
N GLY A 391 -9.10 21.95 17.02
CA GLY A 391 -8.72 20.53 17.06
C GLY A 391 -7.24 20.26 16.75
N THR A 392 -6.45 21.36 16.71
CA THR A 392 -5.04 21.26 16.33
C THR A 392 -4.12 21.81 17.44
N VAL A 393 -2.98 21.14 17.70
CA VAL A 393 -2.09 21.70 18.71
C VAL A 393 -0.92 22.46 18.07
N HIS A 394 -0.78 23.75 18.43
CA HIS A 394 0.27 24.56 17.82
C HIS A 394 1.57 24.59 18.62
N MET A 395 2.52 23.74 18.23
CA MET A 395 3.76 23.53 18.98
C MET A 395 4.56 24.83 19.20
N ALA A 396 4.59 25.70 18.17
CA ALA A 396 5.37 26.94 18.34
C ALA A 396 4.77 27.86 19.41
N TRP A 397 3.43 27.75 19.61
CA TRP A 397 2.80 28.59 20.64
C TRP A 397 3.11 28.05 22.05
N ILE A 398 3.30 26.74 22.18
CA ILE A 398 3.65 26.17 23.47
C ILE A 398 5.07 26.62 23.78
N ALA A 399 5.91 26.62 22.75
CA ALA A 399 7.31 27.05 22.89
C ALA A 399 7.38 28.51 23.31
N CYS A 400 6.71 29.39 22.56
CA CYS A 400 6.72 30.81 22.87
C CYS A 400 6.17 31.14 24.23
N TYR A 401 5.17 30.39 24.66
CA TYR A 401 4.56 30.58 25.95
C TYR A 401 5.50 30.15 27.09
N ALA A 402 6.11 28.98 26.95
CA ALA A 402 7.00 28.47 28.00
C ALA A 402 8.42 29.04 28.04
N ALA A 403 9.03 29.23 26.87
CA ALA A 403 10.42 29.70 26.81
C ALA A 403 10.70 31.07 27.43
N TYR A 404 11.85 31.19 28.09
CA TYR A 404 12.24 32.46 28.71
C TYR A 404 13.02 33.27 27.67
N SER A 405 13.41 32.60 26.59
CA SER A 405 14.15 33.23 25.49
C SER A 405 13.68 32.69 24.15
N ILE A 406 13.47 33.59 23.20
CA ILE A 406 13.09 33.23 21.84
C ILE A 406 13.97 33.99 20.88
N ASN A 407 14.78 33.24 20.14
CA ASN A 407 15.74 33.94 19.29
C ASN A 407 15.63 33.56 17.80
N GLY A 408 16.00 34.56 17.00
CA GLY A 408 16.18 34.38 15.57
C GLY A 408 17.64 34.08 15.30
N VAL A 409 17.94 33.83 14.03
CA VAL A 409 19.26 33.34 13.73
C VAL A 409 20.01 34.30 12.81
N ALA A 410 19.48 35.55 12.74
CA ALA A 410 20.15 36.62 12.02
C ALA A 410 19.37 37.91 12.14
N ALA A 411 20.09 39.04 12.05
CA ALA A 411 19.51 40.34 12.41
C ALA A 411 18.15 40.58 11.73
N LEU A 412 18.16 40.46 10.39
CA LEU A 412 16.92 40.65 9.64
C LEU A 412 15.86 39.62 10.03
N HIS A 413 16.27 38.34 10.12
CA HIS A 413 15.30 37.30 10.42
C HIS A 413 14.70 37.49 11.82
N THR A 414 15.54 37.94 12.77
CA THR A 414 14.98 38.18 14.09
C THR A 414 13.94 39.30 14.09
N GLU A 415 14.17 40.33 13.24
CA GLU A 415 13.24 41.46 13.20
C GLU A 415 11.89 41.07 12.59
N ILE A 416 11.92 40.18 11.59
CA ILE A 416 10.68 39.77 10.96
C ILE A 416 9.82 39.00 11.95
N ILE A 417 10.49 38.15 12.76
CA ILE A 417 9.67 37.33 13.66
C ILE A 417 9.01 38.18 14.74
N LYS A 418 9.76 39.25 15.14
CA LYS A 418 9.20 40.24 16.04
C LYS A 418 7.98 40.94 15.43
N ALA A 419 8.15 41.32 14.14
CA ALA A 419 7.17 42.20 13.53
C ALA A 419 6.01 41.44 12.85
N GLU A 420 6.27 40.16 12.50
CA GLU A 420 5.24 39.39 11.77
C GLU A 420 4.96 38.04 12.45
N THR A 421 5.78 37.05 12.09
CA THR A 421 5.65 35.67 12.54
C THR A 421 5.17 35.49 13.97
N LEU A 422 5.89 36.07 14.92
CA LEU A 422 5.56 35.95 16.33
C LEU A 422 5.14 37.29 16.93
N ALA A 423 4.54 38.14 16.11
CA ALA A 423 4.12 39.47 16.54
C ALA A 423 3.30 39.54 17.83
N ASP A 424 2.36 38.63 18.02
CA ASP A 424 1.53 38.67 19.23
C ASP A 424 2.36 38.34 20.47
N TRP A 425 3.39 37.52 20.29
CA TRP A 425 4.25 37.13 21.39
C TRP A 425 5.19 38.25 21.77
N TYR A 426 5.75 38.90 20.75
CA TYR A 426 6.66 40.01 20.97
C TYR A 426 5.88 41.17 21.60
N ALA A 427 4.58 41.25 21.32
CA ALA A 427 3.75 42.27 21.91
C ALA A 427 3.50 42.06 23.42
N LEU A 428 3.34 40.77 23.82
CA LEU A 428 3.16 40.46 25.25
C LEU A 428 4.50 40.44 26.00
N TRP A 429 5.52 39.77 25.39
CA TRP A 429 6.79 39.54 26.08
C TRP A 429 8.00 39.94 25.22
N PRO A 430 8.12 41.24 24.96
CA PRO A 430 9.24 41.77 24.19
C PRO A 430 10.59 41.26 24.72
N GLU A 431 10.67 41.16 26.06
CA GLU A 431 11.96 40.86 26.69
C GLU A 431 12.51 39.47 26.32
N LYS A 432 11.66 38.53 25.90
CA LYS A 432 12.12 37.19 25.54
C LYS A 432 12.89 37.18 24.23
N PHE A 433 12.58 38.12 23.33
CA PHE A 433 13.14 38.10 21.97
C PHE A 433 14.59 38.58 21.91
N ASN A 434 15.43 37.79 21.22
CA ASN A 434 16.77 38.26 20.90
C ASN A 434 17.34 37.59 19.63
N ASN A 435 18.50 38.10 19.19
CA ASN A 435 19.10 37.53 17.97
C ASN A 435 20.40 36.78 18.27
N LYS A 436 20.63 35.68 17.56
CA LYS A 436 21.85 34.91 17.70
C LYS A 436 22.22 34.45 16.31
N THR A 437 23.07 35.22 15.64
CA THR A 437 23.46 34.89 14.27
C THR A 437 24.19 33.56 14.14
N ASN A 438 23.71 32.74 13.20
CA ASN A 438 24.29 31.45 12.86
C ASN A 438 25.75 31.59 12.50
N GLY A 439 26.43 30.45 12.54
CA GLY A 439 27.83 30.42 12.17
C GLY A 439 28.28 28.97 12.02
N VAL A 440 29.54 28.79 11.55
CA VAL A 440 30.03 27.45 11.33
C VAL A 440 31.34 27.29 12.05
N THR A 441 31.84 26.07 12.18
CA THR A 441 33.08 25.87 12.95
C THR A 441 34.30 25.88 12.05
N PRO A 442 35.25 26.75 12.45
CA PRO A 442 36.48 26.96 11.70
C PRO A 442 37.38 25.73 11.66
N ARG A 443 37.09 24.78 12.57
CA ARG A 443 37.88 23.55 12.62
C ARG A 443 37.56 22.67 11.43
N ARG A 444 36.38 22.05 11.43
CA ARG A 444 36.01 21.16 10.33
C ARG A 444 35.99 21.84 8.97
N TRP A 445 35.51 23.08 8.91
CA TRP A 445 35.32 23.76 7.61
C TRP A 445 36.51 24.61 7.10
N LEU A 446 37.61 24.68 7.88
CA LEU A 446 38.79 25.41 7.41
C LEU A 446 40.09 24.65 7.72
N ARG A 447 40.34 24.51 9.01
CA ARG A 447 41.61 23.94 9.37
C ARG A 447 41.70 22.46 8.93
N MET A 448 40.61 21.71 9.19
CA MET A 448 40.67 20.29 8.88
C MET A 448 40.67 20.05 7.37
N ILE A 449 39.90 20.81 6.61
CA ILE A 449 39.79 20.58 5.17
C ILE A 449 40.70 21.41 4.26
N ASN A 450 41.31 22.47 4.77
CA ASN A 450 42.17 23.31 3.93
C ASN A 450 43.50 23.64 4.61
N PRO A 451 44.36 22.62 4.72
CA PRO A 451 45.65 22.80 5.38
C PRO A 451 46.52 23.78 4.61
N GLY A 452 46.35 23.75 3.28
CA GLY A 452 47.07 24.69 2.45
C GLY A 452 46.84 26.11 2.94
N LEU A 453 45.58 26.48 3.05
CA LEU A 453 45.22 27.83 3.50
C LEU A 453 45.57 27.99 4.98
N SER A 454 45.31 26.95 5.77
CA SER A 454 45.63 26.99 7.20
C SER A 454 47.10 27.36 7.41
N ASP A 455 47.99 26.70 6.67
CA ASP A 455 49.42 26.96 6.76
C ASP A 455 49.72 28.45 6.59
N LEU A 456 49.24 29.01 5.46
CA LEU A 456 49.49 30.42 5.18
C LEU A 456 48.98 31.32 6.30
N LEU A 457 47.76 31.00 6.79
CA LEU A 457 47.20 31.79 7.88
C LEU A 457 48.08 31.70 9.12
N THR A 458 48.71 30.53 9.28
CA THR A 458 49.45 30.29 10.51
C THR A 458 50.81 30.98 10.44
N ARG A 459 51.40 30.91 9.24
CA ARG A 459 52.66 31.62 9.05
C ARG A 459 52.50 33.12 9.22
N LEU A 460 51.45 33.67 8.60
CA LEU A 460 51.27 35.13 8.58
C LEU A 460 51.02 35.66 9.99
N SER A 461 50.13 34.94 10.71
CA SER A 461 49.63 35.45 11.97
C SER A 461 50.56 35.08 13.15
N GLY A 462 51.42 34.07 12.91
CA GLY A 462 52.47 33.77 13.89
C GLY A 462 52.09 32.60 14.82
N SER A 463 50.91 32.02 14.64
CA SER A 463 50.48 30.90 15.49
C SER A 463 49.20 30.34 14.88
N ASP A 464 48.70 29.25 15.46
CA ASP A 464 47.42 28.75 15.00
C ASP A 464 46.29 29.13 15.96
N ASP A 465 46.53 30.23 16.73
CA ASP A 465 45.47 30.75 17.60
C ASP A 465 44.19 31.06 16.82
N TRP A 466 44.36 31.30 15.49
CA TRP A 466 43.19 31.65 14.69
C TRP A 466 42.20 30.49 14.59
N VAL A 467 42.69 29.25 14.68
CA VAL A 467 41.83 28.08 14.58
C VAL A 467 40.68 28.12 15.58
N THR A 468 40.94 28.67 16.77
CA THR A 468 39.91 28.78 17.78
C THR A 468 39.53 30.22 18.11
N ASP A 469 39.84 31.14 17.21
CA ASP A 469 39.52 32.56 17.38
C ASP A 469 39.72 33.21 16.01
N LEU A 470 38.80 32.88 15.10
CA LEU A 470 38.87 33.35 13.73
C LEU A 470 38.93 34.86 13.50
N ASP A 471 38.53 35.66 14.49
CA ASP A 471 38.61 37.12 14.31
C ASP A 471 40.07 37.54 14.12
N GLU A 472 40.97 36.70 14.61
CA GLU A 472 42.41 36.97 14.48
C GLU A 472 42.80 37.18 13.04
N LEU A 473 42.00 36.65 12.11
CA LEU A 473 42.34 36.79 10.68
C LEU A 473 42.15 38.21 10.17
N LYS A 474 41.26 38.99 10.82
CA LYS A 474 41.08 40.36 10.37
C LYS A 474 42.43 41.10 10.30
N LYS A 475 43.33 40.72 11.23
CA LYS A 475 44.66 41.35 11.30
C LYS A 475 45.45 41.17 10.02
N LEU A 476 44.98 40.22 9.21
CA LEU A 476 45.73 39.89 8.01
C LEU A 476 45.17 40.57 6.75
N ARG A 477 44.15 41.43 6.92
CA ARG A 477 43.62 42.06 5.71
C ARG A 477 44.64 43.02 5.09
N SER A 478 45.66 43.41 5.91
CA SER A 478 46.69 44.30 5.39
C SER A 478 47.42 43.67 4.20
N TYR A 479 47.64 42.35 4.29
CA TYR A 479 48.31 41.65 3.20
C TYR A 479 47.49 41.68 1.91
N ALA A 480 46.26 42.23 1.95
CA ALA A 480 45.45 42.21 0.73
C ALA A 480 46.23 42.81 -0.45
N ASP A 481 47.20 43.67 -0.11
CA ASP A 481 47.97 44.31 -1.18
C ASP A 481 49.34 43.64 -1.38
N ASP A 482 49.70 42.74 -0.46
CA ASP A 482 50.96 42.01 -0.62
C ASP A 482 50.86 40.98 -1.74
N LYS A 483 51.64 41.24 -2.81
CA LYS A 483 51.42 40.51 -4.04
C LYS A 483 51.91 39.07 -3.90
N SER A 484 52.99 38.90 -3.12
CA SER A 484 53.50 37.57 -2.93
C SER A 484 52.48 36.69 -2.21
N VAL A 485 51.77 37.30 -1.23
CA VAL A 485 50.75 36.52 -0.54
C VAL A 485 49.57 36.16 -1.45
N LEU A 486 49.13 37.14 -2.25
CA LEU A 486 48.06 36.86 -3.20
C LEU A 486 48.39 35.69 -4.11
N GLU A 487 49.65 35.71 -4.57
CA GLU A 487 50.08 34.61 -5.41
C GLU A 487 50.03 33.29 -4.66
N GLU A 488 50.42 33.26 -3.39
CA GLU A 488 50.38 32.03 -2.61
C GLU A 488 48.95 31.50 -2.53
N LEU A 489 48.04 32.44 -2.30
CA LEU A 489 46.64 32.07 -2.16
C LEU A 489 46.07 31.50 -3.49
N ARG A 490 46.50 32.08 -4.64
CA ARG A 490 46.09 31.51 -5.93
C ARG A 490 46.64 30.08 -6.12
N ALA A 491 47.83 29.85 -5.60
CA ALA A 491 48.47 28.55 -5.72
C ALA A 491 47.83 27.54 -4.78
N ILE A 492 47.34 28.02 -3.65
CA ILE A 492 46.67 27.14 -2.69
C ILE A 492 45.36 26.67 -3.32
N LYS A 493 44.60 27.61 -3.87
CA LYS A 493 43.32 27.30 -4.52
C LYS A 493 43.50 26.31 -5.66
N ALA A 494 44.57 26.53 -6.45
CA ALA A 494 44.83 25.66 -7.58
C ALA A 494 45.17 24.24 -7.09
N ALA A 495 45.99 24.17 -6.01
CA ALA A 495 46.34 22.86 -5.50
C ALA A 495 45.11 22.10 -5.03
N ASN A 496 44.19 22.84 -4.43
CA ASN A 496 42.94 22.27 -3.93
C ASN A 496 42.07 21.80 -5.08
N LYS A 497 42.14 22.55 -6.19
CA LYS A 497 41.31 22.19 -7.34
C LYS A 497 41.88 20.98 -8.06
N GLN A 498 43.22 20.94 -8.07
CA GLN A 498 43.89 19.75 -8.56
C GLN A 498 43.46 18.52 -7.77
N ASP A 499 43.35 18.67 -6.44
CA ASP A 499 42.94 17.58 -5.57
C ASP A 499 41.50 17.18 -5.86
N PHE A 500 40.65 18.22 -5.99
CA PHE A 500 39.25 17.94 -6.25
C PHE A 500 39.06 17.17 -7.56
N ALA A 501 39.80 17.56 -8.61
CA ALA A 501 39.68 16.84 -9.87
C ALA A 501 40.07 15.36 -9.72
N GLU A 502 41.03 15.09 -8.82
CA GLU A 502 41.42 13.71 -8.60
C GLU A 502 40.31 12.93 -7.90
N TRP A 503 39.78 13.59 -6.87
CA TRP A 503 38.68 13.02 -6.11
C TRP A 503 37.48 12.71 -7.02
N ILE A 504 37.01 13.72 -7.79
CA ILE A 504 35.82 13.48 -8.61
C ILE A 504 36.07 12.47 -9.72
N LEU A 505 37.30 12.40 -10.21
CA LEU A 505 37.64 11.43 -11.24
C LEU A 505 37.48 10.04 -10.64
N GLU A 506 38.08 9.85 -9.48
CA GLU A 506 38.04 8.56 -8.79
C GLU A 506 36.64 8.16 -8.34
N ARG A 507 35.77 9.17 -8.09
CA ARG A 507 34.48 8.89 -7.44
C ARG A 507 33.35 8.60 -8.46
N GLN A 508 33.40 9.37 -9.58
CA GLN A 508 32.36 9.31 -10.63
C GLN A 508 32.93 9.21 -12.05
N GLY A 509 34.27 9.04 -12.16
CA GLY A 509 34.89 8.79 -13.49
C GLY A 509 34.79 10.00 -14.46
N ILE A 510 34.63 11.21 -13.94
CA ILE A 510 34.55 12.38 -14.81
C ILE A 510 35.85 13.19 -14.78
N GLU A 511 36.30 13.61 -15.95
CA GLU A 511 37.52 14.42 -16.05
C GLU A 511 37.15 15.89 -16.19
N ILE A 512 37.75 16.74 -15.35
CA ILE A 512 37.48 18.17 -15.40
C ILE A 512 38.77 18.96 -15.52
N ASP A 513 38.65 20.22 -15.92
CA ASP A 513 39.84 21.09 -16.04
C ASP A 513 40.16 21.75 -14.71
N PRO A 514 41.28 21.31 -14.12
CA PRO A 514 41.72 21.80 -12.82
C PRO A 514 41.97 23.33 -12.79
N GLU A 515 42.07 23.94 -13.97
CA GLU A 515 42.30 25.38 -14.07
C GLU A 515 41.06 26.24 -14.31
N SER A 516 39.96 25.60 -14.69
CA SER A 516 38.72 26.32 -14.97
C SER A 516 38.13 26.86 -13.68
N ILE A 517 37.13 27.74 -13.80
CA ILE A 517 36.47 28.26 -12.61
C ILE A 517 35.56 27.21 -12.04
N PHE A 518 35.69 27.00 -10.72
CA PHE A 518 34.83 26.09 -10.02
C PHE A 518 33.66 26.92 -9.48
N ASP A 519 32.57 26.87 -10.27
CA ASP A 519 31.30 27.51 -9.93
C ASP A 519 30.36 26.53 -9.19
N VAL A 520 30.17 26.72 -7.86
CA VAL A 520 29.56 25.65 -7.05
C VAL A 520 28.19 26.04 -6.46
N GLN A 521 27.22 25.12 -6.62
CA GLN A 521 25.97 25.26 -5.89
C GLN A 521 25.62 23.97 -5.16
N ILE A 522 25.91 24.01 -3.85
CA ILE A 522 25.56 22.90 -3.00
C ILE A 522 24.50 23.30 -2.01
N LYS A 523 23.28 22.85 -2.32
CA LYS A 523 22.12 23.20 -1.53
C LYS A 523 21.06 22.12 -1.72
N ARG A 524 20.20 21.97 -0.70
CA ARG A 524 19.02 21.15 -0.90
C ARG A 524 18.25 21.59 -2.16
N LEU A 525 17.72 20.62 -2.93
CA LEU A 525 16.97 21.02 -4.11
C LEU A 525 15.58 21.58 -3.76
N HIS A 526 15.43 22.90 -3.95
CA HIS A 526 14.10 23.49 -3.81
C HIS A 526 13.89 24.58 -4.86
N GLU A 527 12.67 24.63 -5.40
CA GLU A 527 12.43 25.62 -6.45
C GLU A 527 12.84 27.02 -6.00
N TYR A 528 12.65 27.38 -4.73
CA TYR A 528 13.04 28.72 -4.29
C TYR A 528 14.55 28.89 -4.16
N LYS A 529 15.28 27.77 -4.18
CA LYS A 529 16.73 27.79 -4.26
C LYS A 529 17.23 28.11 -5.69
N ARG A 530 16.31 27.93 -6.67
CA ARG A 530 16.60 28.23 -8.07
C ARG A 530 17.85 27.53 -8.62
N GLN A 531 18.05 26.25 -8.26
CA GLN A 531 19.05 25.49 -9.01
C GLN A 531 18.67 25.54 -10.50
N LEU A 532 17.35 25.62 -10.70
CA LEU A 532 16.79 25.67 -12.05
C LEU A 532 17.30 26.88 -12.83
N MET A 533 17.40 28.03 -12.16
CA MET A 533 17.89 29.25 -12.79
C MET A 533 19.34 29.03 -13.19
N ASN A 534 20.10 28.40 -12.30
CA ASN A 534 21.51 28.09 -12.53
C ASN A 534 21.58 27.20 -13.79
N ALA A 535 20.67 26.22 -13.87
CA ALA A 535 20.60 25.31 -15.00
C ALA A 535 20.35 26.03 -16.33
N LEU A 536 19.32 26.91 -16.32
CA LEU A 536 19.04 27.74 -17.50
C LEU A 536 20.32 28.43 -18.00
N TYR A 537 20.98 29.15 -17.06
CA TYR A 537 22.18 29.90 -17.44
C TYR A 537 23.19 29.00 -18.16
N VAL A 538 23.35 27.79 -17.65
CA VAL A 538 24.26 26.84 -18.26
C VAL A 538 23.77 26.42 -19.63
N LEU A 539 22.47 26.18 -19.76
CA LEU A 539 21.91 25.76 -21.03
C LEU A 539 22.10 26.89 -22.06
N ASP A 540 21.75 28.12 -21.66
CA ASP A 540 21.91 29.27 -22.54
C ASP A 540 23.39 29.42 -22.92
N LEU A 541 24.28 29.31 -21.93
CA LEU A 541 25.71 29.45 -22.19
C LEU A 541 26.17 28.36 -23.17
N TYR A 542 25.48 27.22 -23.14
CA TYR A 542 25.81 26.12 -24.04
C TYR A 542 25.56 26.60 -25.47
N PHE A 543 24.42 27.25 -25.65
CA PHE A 543 24.04 27.78 -26.95
C PHE A 543 24.85 28.99 -27.39
N ARG A 544 25.30 29.80 -26.44
CA ARG A 544 26.09 30.97 -26.80
C ARG A 544 27.47 30.55 -27.30
N ILE A 545 27.89 29.36 -26.89
CA ILE A 545 29.19 28.83 -27.29
C ILE A 545 29.09 28.05 -28.59
N LYS A 546 28.11 27.16 -28.68
CA LYS A 546 27.93 26.31 -29.85
C LYS A 546 27.36 27.03 -31.09
N GLU A 547 26.36 27.94 -30.86
CA GLU A 547 25.71 28.60 -32.02
C GLU A 547 26.10 30.09 -32.18
N ASP A 548 26.40 30.77 -31.05
CA ASP A 548 26.64 32.22 -31.12
C ASP A 548 28.13 32.58 -31.26
N GLY A 549 28.99 31.56 -31.27
CA GLY A 549 30.42 31.79 -31.43
C GLY A 549 31.18 32.38 -30.25
N LEU A 550 30.56 32.40 -29.07
CA LEU A 550 31.23 32.96 -27.88
C LEU A 550 32.48 32.13 -27.58
N THR A 551 33.61 32.84 -27.41
CA THR A 551 34.89 32.15 -27.10
C THR A 551 35.82 32.94 -26.17
N ASP A 552 35.63 34.24 -26.03
CA ASP A 552 36.48 35.07 -25.16
C ASP A 552 36.09 34.94 -23.69
N ILE A 553 36.04 33.70 -23.20
CA ILE A 553 35.68 33.42 -21.82
C ILE A 553 36.54 32.32 -21.23
N PRO A 554 36.75 32.33 -19.91
CA PRO A 554 37.56 31.31 -19.24
C PRO A 554 36.72 30.03 -19.16
N ALA A 555 37.38 28.89 -19.14
CA ALA A 555 36.65 27.65 -19.04
C ALA A 555 36.14 27.52 -17.62
N ARG A 556 35.00 26.83 -17.47
CA ARG A 556 34.46 26.67 -16.13
C ARG A 556 33.80 25.32 -15.95
N THR A 557 33.75 24.88 -14.70
CA THR A 557 33.15 23.62 -14.34
C THR A 557 32.04 23.95 -13.35
N VAL A 558 30.79 23.72 -13.76
CA VAL A 558 29.66 24.01 -12.91
C VAL A 558 29.32 22.79 -12.07
N ILE A 559 29.58 22.89 -10.78
CA ILE A 559 29.38 21.79 -9.81
C ILE A 559 28.06 21.90 -9.05
N PHE A 560 27.33 20.74 -9.02
CA PHE A 560 26.07 20.65 -8.28
C PHE A 560 26.13 19.61 -7.17
N GLY A 561 25.41 19.92 -6.07
CA GLY A 561 25.19 18.96 -4.99
C GLY A 561 23.84 19.18 -4.32
N ALA A 562 22.93 18.22 -4.52
CA ALA A 562 21.62 18.34 -3.91
C ALA A 562 20.92 16.99 -3.78
N LYS A 563 20.16 16.86 -2.67
CA LYS A 563 19.10 15.89 -2.61
C LYS A 563 17.75 16.58 -2.81
N ALA A 564 16.82 15.84 -3.41
CA ALA A 564 15.45 16.34 -3.46
C ALA A 564 14.55 15.49 -2.60
N ALA A 565 13.56 16.09 -1.95
CA ALA A 565 12.65 15.31 -1.11
C ALA A 565 11.99 14.28 -2.01
N PRO A 566 11.84 13.04 -1.51
CA PRO A 566 11.25 11.92 -2.25
C PRO A 566 9.98 12.20 -3.06
N GLY A 567 9.03 12.93 -2.50
CA GLY A 567 7.82 13.18 -3.25
C GLY A 567 7.75 14.54 -3.90
N TYR A 568 8.86 15.27 -3.90
CA TYR A 568 8.89 16.60 -4.50
C TYR A 568 9.14 16.42 -6.00
N VAL A 569 8.07 16.24 -6.76
CA VAL A 569 8.18 16.01 -8.21
C VAL A 569 9.05 16.98 -9.02
N ARG A 570 8.80 18.28 -8.89
CA ARG A 570 9.59 19.19 -9.72
C ARG A 570 11.05 19.28 -9.27
N ALA A 571 11.27 19.04 -7.97
CA ALA A 571 12.64 18.98 -7.49
C ALA A 571 13.43 17.83 -8.15
N LYS A 572 12.78 16.66 -8.19
CA LYS A 572 13.47 15.56 -8.84
C LYS A 572 13.61 15.81 -10.34
N ALA A 573 12.60 16.51 -10.91
CA ALA A 573 12.70 16.80 -12.33
C ALA A 573 13.87 17.73 -12.63
N ILE A 574 14.11 18.68 -11.72
CA ILE A 574 15.20 19.62 -11.87
C ILE A 574 16.53 18.89 -11.79
N ILE A 575 16.63 17.90 -10.91
CA ILE A 575 17.86 17.13 -10.79
C ILE A 575 18.07 16.35 -12.09
N LYS A 576 16.98 15.82 -12.64
CA LYS A 576 17.05 15.08 -13.89
C LYS A 576 17.51 16.04 -14.98
N LEU A 577 16.93 17.25 -14.99
CA LEU A 577 17.29 18.26 -15.99
C LEU A 577 18.78 18.57 -15.94
N ILE A 578 19.31 18.76 -14.73
CA ILE A 578 20.73 19.06 -14.60
C ILE A 578 21.56 17.92 -15.18
N ASN A 579 21.19 16.67 -14.87
CA ASN A 579 21.93 15.52 -15.39
C ASN A 579 21.87 15.44 -16.92
N SER A 580 20.73 15.82 -17.50
CA SER A 580 20.61 15.79 -18.95
C SER A 580 21.42 16.90 -19.60
N ILE A 581 21.43 18.08 -18.97
CA ILE A 581 22.21 19.20 -19.48
C ILE A 581 23.69 18.83 -19.40
N ALA A 582 24.08 18.14 -18.33
CA ALA A 582 25.46 17.72 -18.17
C ALA A 582 25.82 16.79 -19.32
N ASP A 583 24.95 15.83 -19.61
CA ASP A 583 25.20 14.89 -20.69
C ASP A 583 25.35 15.60 -22.02
N LEU A 584 24.56 16.66 -22.23
CA LEU A 584 24.63 17.43 -23.46
C LEU A 584 25.96 18.19 -23.62
N VAL A 585 26.34 18.93 -22.55
CA VAL A 585 27.55 19.74 -22.68
C VAL A 585 28.85 18.94 -22.48
N ASN A 586 28.78 17.88 -21.63
CA ASN A 586 30.00 17.10 -21.34
C ASN A 586 30.44 16.24 -22.54
N ASN A 587 29.52 15.89 -23.42
CA ASN A 587 29.88 15.03 -24.57
C ASN A 587 29.87 15.79 -25.90
N ASP A 588 29.83 17.16 -25.82
CA ASP A 588 29.90 17.98 -27.05
C ASP A 588 31.28 18.58 -27.14
N PRO A 589 32.20 17.96 -27.91
CA PRO A 589 33.57 18.43 -28.08
C PRO A 589 33.71 19.92 -28.42
N GLU A 590 32.69 20.48 -29.05
CA GLU A 590 32.71 21.89 -29.41
C GLU A 590 32.37 22.79 -28.23
N VAL A 591 32.03 22.19 -27.09
CA VAL A 591 31.68 22.95 -25.91
C VAL A 591 32.37 22.50 -24.59
N SER A 592 32.67 21.21 -24.46
CA SER A 592 33.34 20.73 -23.24
C SER A 592 34.65 21.47 -22.86
N PRO A 593 35.40 21.99 -23.86
CA PRO A 593 36.68 22.66 -23.51
C PRO A 593 36.47 23.90 -22.65
N LEU A 594 35.23 24.46 -22.72
CA LEU A 594 34.96 25.73 -22.03
C LEU A 594 33.84 25.56 -21.00
N LEU A 595 33.18 24.41 -20.96
CA LEU A 595 32.09 24.22 -20.02
C LEU A 595 31.79 22.76 -19.74
N LYS A 596 31.84 22.41 -18.46
CA LYS A 596 31.53 21.04 -18.03
C LYS A 596 30.62 21.14 -16.82
N VAL A 597 29.74 20.15 -16.67
CA VAL A 597 28.82 20.12 -15.54
C VAL A 597 29.08 18.86 -14.73
N VAL A 598 29.18 19.03 -13.41
CA VAL A 598 29.43 17.92 -12.49
C VAL A 598 28.36 17.88 -11.40
N PHE A 599 27.63 16.78 -11.32
CA PHE A 599 26.61 16.65 -10.29
C PHE A 599 27.17 15.69 -9.26
N VAL A 600 27.55 16.22 -8.10
CA VAL A 600 28.07 15.37 -7.05
C VAL A 600 26.93 14.58 -6.39
N GLU A 601 26.97 13.27 -6.58
CA GLU A 601 25.97 12.35 -6.04
C GLU A 601 26.04 12.17 -4.52
N ASN A 602 24.87 12.07 -3.89
CA ASN A 602 24.75 11.88 -2.44
C ASN A 602 25.47 12.94 -1.61
N TYR A 603 25.25 14.20 -1.98
CA TYR A 603 25.85 15.31 -1.29
C TYR A 603 25.64 15.18 0.23
N ASN A 604 26.71 15.44 0.98
CA ASN A 604 26.64 15.32 2.43
C ASN A 604 27.87 16.04 2.99
N VAL A 605 28.11 15.85 4.28
CA VAL A 605 29.26 16.49 4.93
C VAL A 605 30.60 16.16 4.26
N SER A 606 30.87 14.86 4.04
CA SER A 606 32.13 14.47 3.43
C SER A 606 32.30 15.12 2.05
N PRO A 607 31.27 15.05 1.18
CA PRO A 607 31.46 15.69 -0.11
C PRO A 607 31.72 17.20 0.04
N ALA A 608 30.99 17.83 0.95
CA ALA A 608 31.18 19.27 1.20
C ALA A 608 32.64 19.55 1.57
N GLU A 609 33.22 18.68 2.38
CA GLU A 609 34.60 18.86 2.82
C GLU A 609 35.58 18.82 1.64
N HIS A 610 35.25 18.08 0.59
CA HIS A 610 36.13 17.98 -0.59
C HIS A 610 35.88 19.09 -1.60
N ILE A 611 34.65 19.59 -1.64
CA ILE A 611 34.27 20.63 -2.58
C ILE A 611 34.68 22.04 -2.21
N LEU A 612 34.33 22.46 -1.00
CA LEU A 612 34.62 23.80 -0.51
C LEU A 612 36.02 24.36 -0.72
N PRO A 613 37.08 23.61 -0.35
CA PRO A 613 38.42 24.15 -0.54
C PRO A 613 38.78 24.49 -1.98
N ALA A 614 38.13 23.81 -2.93
CA ALA A 614 38.44 24.03 -4.34
C ALA A 614 37.48 25.00 -5.06
N SER A 615 36.54 25.60 -4.29
CA SER A 615 35.46 26.41 -4.85
C SER A 615 35.91 27.83 -5.17
N ASP A 616 35.42 28.34 -6.31
CA ASP A 616 35.79 29.70 -6.71
C ASP A 616 34.62 30.67 -6.54
N VAL A 617 33.49 30.17 -7.04
CA VAL A 617 32.25 30.92 -6.95
C VAL A 617 31.24 30.17 -6.11
N SER A 618 30.65 30.87 -5.16
CA SER A 618 29.65 30.29 -4.29
C SER A 618 28.29 30.79 -4.75
N GLU A 619 27.50 29.89 -5.34
CA GLU A 619 26.19 30.26 -5.81
C GLU A 619 25.20 30.24 -4.66
N GLN A 620 24.69 31.41 -4.30
CA GLN A 620 23.66 31.56 -3.29
C GLN A 620 22.50 32.39 -3.85
N ILE A 621 21.73 31.74 -4.73
CA ILE A 621 20.81 32.50 -5.54
C ILE A 621 19.33 32.23 -5.20
N SER A 622 19.00 31.96 -3.92
CA SER A 622 17.56 31.84 -3.61
C SER A 622 16.82 33.17 -3.86
N THR A 623 15.53 33.09 -4.16
CA THR A 623 14.73 34.28 -4.38
C THR A 623 14.86 35.20 -3.15
N ALA A 624 15.15 36.47 -3.38
CA ALA A 624 15.30 37.40 -2.27
C ALA A 624 14.12 37.32 -1.31
N GLY A 625 14.40 37.12 -0.03
CA GLY A 625 13.32 37.05 0.95
C GLY A 625 12.97 35.65 1.42
N LYS A 626 13.61 34.64 0.82
CA LYS A 626 13.34 33.25 1.18
C LYS A 626 14.38 32.61 2.10
N GLU A 627 15.54 33.25 2.26
CA GLU A 627 16.60 32.69 3.11
C GLU A 627 16.81 33.54 4.36
N ALA A 628 16.62 32.89 5.52
CA ALA A 628 16.87 33.64 6.74
C ALA A 628 18.36 33.62 7.06
N SER A 629 19.01 32.49 6.73
CA SER A 629 20.42 32.37 7.03
C SER A 629 21.23 31.93 5.81
N GLY A 630 22.06 30.89 6.02
CA GLY A 630 22.87 30.39 4.92
C GLY A 630 24.28 30.05 5.40
N THR A 631 24.39 28.94 6.16
CA THR A 631 25.70 28.58 6.70
C THR A 631 26.68 28.07 5.63
N SER A 632 26.20 27.41 4.57
CA SER A 632 27.15 26.96 3.55
C SER A 632 27.82 28.20 2.93
N ASN A 633 27.04 29.29 2.87
CA ASN A 633 27.54 30.57 2.33
C ASN A 633 28.81 30.93 3.10
N MET A 634 28.73 30.79 4.42
CA MET A 634 29.82 31.11 5.33
C MET A 634 31.06 30.22 5.15
N LYS A 635 30.83 28.95 4.85
CA LYS A 635 31.93 28.00 4.67
C LYS A 635 32.70 28.33 3.40
N PHE A 636 31.97 28.76 2.37
CA PHE A 636 32.60 29.13 1.11
C PHE A 636 33.49 30.35 1.35
N MET A 637 32.99 31.29 2.13
CA MET A 637 33.71 32.52 2.41
C MET A 637 35.05 32.23 3.06
N MET A 638 35.05 31.36 4.06
CA MET A 638 36.27 30.97 4.79
C MET A 638 37.28 30.29 3.89
N ASN A 639 36.81 29.69 2.80
CA ASN A 639 37.73 29.00 1.91
C ASN A 639 38.17 29.73 0.64
N GLY A 640 37.92 31.02 0.56
CA GLY A 640 38.37 31.77 -0.61
C GLY A 640 37.50 31.75 -1.84
N ALA A 641 36.20 31.51 -1.66
CA ALA A 641 35.27 31.49 -2.77
C ALA A 641 34.45 32.78 -2.69
N LEU A 642 34.18 33.38 -3.85
CA LEU A 642 33.43 34.62 -3.90
C LEU A 642 31.93 34.36 -4.07
N THR A 643 31.12 35.14 -3.38
CA THR A 643 29.68 35.01 -3.39
C THR A 643 28.95 35.67 -4.55
N LEU A 644 28.21 34.85 -5.29
CA LEU A 644 27.39 35.30 -6.39
C LEU A 644 25.99 35.02 -5.86
N GLY A 645 25.26 36.07 -5.46
CA GLY A 645 23.95 35.82 -4.93
C GLY A 645 23.04 37.01 -4.78
N THR A 646 21.85 36.74 -4.27
CA THR A 646 20.84 37.75 -4.05
C THR A 646 21.06 38.41 -2.70
N MET A 647 20.44 39.58 -2.52
CA MET A 647 20.58 40.31 -1.27
C MET A 647 19.61 39.78 -0.21
N ASP A 648 19.90 38.52 0.20
CA ASP A 648 19.07 37.79 1.14
C ASP A 648 19.90 36.90 2.06
N GLY A 649 19.39 36.65 3.30
CA GLY A 649 20.07 35.68 4.16
C GLY A 649 21.50 36.13 4.53
N ALA A 650 22.40 35.15 4.60
CA ALA A 650 23.80 35.38 4.95
C ALA A 650 24.52 36.33 4.00
N ASN A 651 24.06 36.39 2.71
CA ASN A 651 24.77 37.27 1.78
C ASN A 651 24.74 38.73 2.28
N VAL A 652 23.64 39.09 2.97
CA VAL A 652 23.55 40.45 3.48
C VAL A 652 24.74 40.80 4.37
N GLU A 653 24.97 39.93 5.35
CA GLU A 653 26.05 40.11 6.29
C GLU A 653 27.43 39.94 5.63
N ILE A 654 27.52 39.06 4.64
CA ILE A 654 28.80 38.88 3.97
C ILE A 654 29.15 40.20 3.27
N VAL A 655 28.22 40.70 2.48
CA VAL A 655 28.42 41.96 1.77
C VAL A 655 28.71 43.08 2.76
N ASP A 656 27.99 43.07 3.88
CA ASP A 656 28.19 44.08 4.91
C ASP A 656 29.61 44.08 5.44
N SER A 657 30.23 42.90 5.48
CA SER A 657 31.60 42.76 5.99
C SER A 657 32.70 43.03 4.97
N VAL A 658 32.51 42.57 3.74
CA VAL A 658 33.54 42.76 2.72
C VAL A 658 33.25 43.90 1.74
N GLY A 659 32.02 44.41 1.74
CA GLY A 659 31.69 45.49 0.84
C GLY A 659 31.17 45.02 -0.50
N GLU A 660 30.34 45.85 -1.13
CA GLU A 660 29.75 45.54 -2.42
C GLU A 660 30.79 45.21 -3.50
N GLU A 661 32.00 45.76 -3.35
CA GLU A 661 33.06 45.54 -4.34
C GLU A 661 33.74 44.18 -4.25
N ASN A 662 33.56 43.50 -3.13
CA ASN A 662 34.19 42.20 -2.93
C ASN A 662 33.22 41.03 -3.02
N ALA A 663 32.10 41.24 -3.70
CA ALA A 663 31.10 40.19 -3.88
C ALA A 663 30.27 40.51 -5.11
N TYR A 664 29.57 39.51 -5.63
CA TYR A 664 28.74 39.70 -6.80
C TYR A 664 27.26 39.51 -6.48
N ILE A 665 26.63 40.61 -6.09
CA ILE A 665 25.22 40.61 -5.74
C ILE A 665 24.37 40.99 -6.95
N PHE A 666 23.14 40.48 -7.01
CA PHE A 666 22.24 40.77 -8.13
C PHE A 666 20.77 40.48 -7.79
N GLY A 667 19.91 40.64 -8.80
CA GLY A 667 18.49 40.36 -8.64
C GLY A 667 17.62 41.36 -7.91
N ALA A 668 16.32 41.09 -7.92
CA ALA A 668 15.39 41.99 -7.22
C ALA A 668 15.57 41.93 -5.69
N ARG A 669 15.42 43.10 -5.02
CA ARG A 669 15.42 43.08 -3.56
C ARG A 669 14.07 42.62 -3.01
N VAL A 670 14.10 42.14 -1.77
CA VAL A 670 12.89 41.60 -1.18
C VAL A 670 11.78 42.65 -1.12
N GLU A 671 12.10 43.94 -1.01
CA GLU A 671 11.06 44.96 -0.96
C GLU A 671 10.48 45.33 -2.33
N GLU A 672 11.21 45.01 -3.39
CA GLU A 672 10.80 45.29 -4.77
C GLU A 672 9.86 44.22 -5.35
N LEU A 673 9.96 42.97 -4.83
CA LEU A 673 9.27 41.86 -5.49
C LEU A 673 7.73 41.97 -5.55
N PRO A 674 7.06 42.57 -4.52
CA PRO A 674 5.59 42.59 -4.51
C PRO A 674 5.07 43.38 -5.69
N ALA A 675 5.82 44.41 -6.01
CA ALA A 675 5.42 45.23 -7.15
C ALA A 675 5.78 44.52 -8.45
N LEU A 676 6.92 43.80 -8.46
CA LEU A 676 7.32 43.10 -9.67
C LEU A 676 6.35 41.95 -10.01
N ARG A 677 6.01 41.17 -8.98
CA ARG A 677 5.10 40.03 -9.15
C ARG A 677 3.70 40.52 -9.51
N GLU A 678 3.35 41.69 -8.99
CA GLU A 678 2.03 42.27 -9.27
C GLU A 678 1.76 42.29 -10.78
N SER A 679 2.73 42.77 -11.55
CA SER A 679 2.61 42.87 -13.01
C SER A 679 3.63 42.01 -13.74
N TYR A 680 3.90 40.84 -13.19
CA TYR A 680 4.86 39.90 -13.76
C TYR A 680 4.36 39.28 -15.06
N LYS A 681 5.22 39.31 -16.09
CA LYS A 681 4.86 38.80 -17.41
C LYS A 681 5.91 37.86 -17.92
N PRO A 682 6.00 36.70 -17.27
CA PRO A 682 7.05 35.77 -17.56
C PRO A 682 7.00 35.29 -19.02
N TYR A 683 5.77 35.07 -19.52
CA TYR A 683 5.67 34.60 -20.90
C TYR A 683 6.28 35.62 -21.86
N GLU A 684 6.25 36.89 -21.52
CA GLU A 684 6.82 37.92 -22.37
C GLU A 684 8.34 37.86 -22.29
N LEU A 685 8.86 37.58 -21.09
CA LEU A 685 10.31 37.45 -20.92
C LEU A 685 10.75 36.27 -21.78
N TYR A 686 9.97 35.19 -21.74
CA TYR A 686 10.23 33.99 -22.51
C TYR A 686 10.41 34.35 -23.99
N GLU A 687 9.52 35.21 -24.50
CA GLU A 687 9.58 35.59 -25.90
C GLU A 687 10.58 36.74 -26.19
N THR A 688 10.98 37.48 -25.14
CA THR A 688 11.77 38.70 -25.41
C THR A 688 13.26 38.62 -25.04
N VAL A 689 13.51 38.26 -23.76
CA VAL A 689 14.90 38.21 -23.28
C VAL A 689 15.78 37.36 -24.18
N PRO A 690 16.81 37.99 -24.77
CA PRO A 690 17.63 37.30 -25.77
C PRO A 690 18.16 35.95 -25.26
N GLY A 691 17.90 34.90 -26.07
CA GLY A 691 18.44 33.58 -25.75
C GLY A 691 17.45 32.75 -24.94
N LEU A 692 16.65 33.44 -24.09
CA LEU A 692 15.76 32.73 -23.17
C LEU A 692 14.75 31.82 -23.87
N LYS A 693 14.27 32.22 -25.06
CA LYS A 693 13.31 31.40 -25.78
C LYS A 693 13.96 30.14 -26.30
N ARG A 694 15.18 30.28 -26.81
CA ARG A 694 15.92 29.14 -27.34
C ARG A 694 16.31 28.20 -26.20
N ALA A 695 16.56 28.82 -25.04
CA ALA A 695 16.96 28.06 -23.89
C ALA A 695 15.85 27.09 -23.42
N LEU A 696 14.67 27.70 -23.13
CA LEU A 696 13.50 27.01 -22.60
C LEU A 696 12.87 26.01 -23.59
N ASP A 697 12.95 26.38 -24.89
CA ASP A 697 12.46 25.44 -25.89
C ASP A 697 13.34 24.19 -25.96
N ALA A 698 14.57 24.35 -25.48
CA ALA A 698 15.53 23.25 -25.56
C ALA A 698 15.09 22.10 -24.65
N LEU A 699 14.12 22.44 -23.74
CA LEU A 699 13.59 21.50 -22.73
C LEU A 699 12.60 20.49 -23.34
N ASP A 700 11.89 20.89 -24.39
CA ASP A 700 10.96 19.97 -25.04
C ASP A 700 11.06 19.83 -26.59
N ASN A 701 12.09 20.45 -27.23
CA ASN A 701 12.26 20.20 -28.70
C ASN A 701 13.15 18.98 -29.00
N GLY A 702 13.54 18.25 -27.95
CA GLY A 702 14.34 17.06 -28.17
C GLY A 702 15.84 17.34 -28.01
N THR A 703 16.24 18.57 -27.70
CA THR A 703 17.65 18.85 -27.48
C THR A 703 18.10 18.04 -26.29
N LEU A 704 17.32 18.09 -25.23
CA LEU A 704 17.61 17.36 -24.00
C LEU A 704 16.77 16.08 -23.95
N ASN A 705 17.20 15.11 -23.16
CA ASN A 705 16.47 13.85 -23.09
C ASN A 705 15.95 13.52 -21.69
N ASP A 706 14.62 13.53 -21.49
CA ASP A 706 14.07 13.16 -20.18
C ASP A 706 13.55 11.73 -20.16
N ASN A 707 14.05 10.95 -21.14
CA ASN A 707 13.70 9.53 -21.23
C ASN A 707 12.19 9.27 -21.18
N ASN A 708 11.44 10.08 -21.95
CA ASN A 708 10.01 9.82 -22.12
C ASN A 708 9.20 10.10 -20.84
N SER A 709 9.84 10.79 -19.88
CA SER A 709 9.18 11.05 -18.60
C SER A 709 8.18 12.22 -18.65
N GLY A 710 8.41 13.15 -19.60
CA GLY A 710 7.51 14.30 -19.71
C GLY A 710 7.80 15.36 -18.64
N LEU A 711 8.86 15.15 -17.86
CA LEU A 711 9.24 16.08 -16.80
C LEU A 711 9.75 17.44 -17.28
N PHE A 712 10.49 17.47 -18.37
CA PHE A 712 11.05 18.74 -18.83
C PHE A 712 9.96 19.68 -19.32
N TYR A 713 8.94 19.10 -19.96
CA TYR A 713 7.86 19.92 -20.47
C TYR A 713 7.06 20.55 -19.31
N ASP A 714 6.86 19.77 -18.22
CA ASP A 714 6.24 20.33 -17.02
C ASP A 714 7.04 21.51 -16.45
N LEU A 715 8.37 21.32 -16.37
CA LEU A 715 9.22 22.39 -15.84
C LEU A 715 9.04 23.66 -16.67
N LYS A 716 9.18 23.48 -17.99
CA LYS A 716 9.07 24.62 -18.90
C LYS A 716 7.83 25.46 -18.65
N HIS A 717 6.67 24.79 -18.49
CA HIS A 717 5.44 25.55 -18.35
C HIS A 717 5.19 26.00 -16.90
N SER A 718 5.99 25.44 -15.97
CA SER A 718 5.98 26.00 -14.62
C SER A 718 6.65 27.36 -14.51
N LEU A 719 7.40 27.69 -15.57
CA LEU A 719 8.10 28.93 -15.66
C LEU A 719 7.41 29.97 -16.55
N ILE A 720 6.89 29.55 -17.70
CA ILE A 720 6.26 30.53 -18.60
C ILE A 720 4.75 30.72 -18.53
N HIS A 721 4.05 29.78 -17.90
CA HIS A 721 2.60 29.87 -17.81
C HIS A 721 2.07 30.97 -16.88
N GLY A 722 0.92 31.51 -17.21
CA GLY A 722 0.30 32.54 -16.38
C GLY A 722 0.99 33.90 -16.36
N TYR A 723 0.49 34.78 -15.50
CA TYR A 723 1.04 36.13 -15.37
C TYR A 723 0.54 36.72 -14.06
N GLY A 724 1.13 37.84 -13.66
CA GLY A 724 0.72 38.52 -12.44
C GLY A 724 1.08 37.70 -11.20
N LYS A 725 0.48 38.12 -10.07
CA LYS A 725 0.86 37.46 -8.84
C LYS A 725 0.54 35.97 -8.84
N ASP A 726 -0.30 35.51 -9.82
CA ASP A 726 -0.61 34.07 -9.89
C ASP A 726 0.17 33.33 -10.99
N ALA A 727 1.22 34.01 -11.49
CA ALA A 727 2.06 33.34 -12.49
C ALA A 727 2.65 32.03 -11.91
N SER A 728 2.88 31.03 -12.80
CA SER A 728 3.39 29.76 -12.28
C SER A 728 4.82 29.91 -11.71
N ASP A 729 5.63 30.77 -12.36
CA ASP A 729 6.98 31.01 -11.87
C ASP A 729 6.96 31.73 -10.52
N THR A 730 6.59 30.99 -9.49
CA THR A 730 6.48 31.52 -8.14
C THR A 730 7.77 32.23 -7.67
N TYR A 731 8.93 31.77 -8.17
CA TYR A 731 10.20 32.21 -7.53
C TYR A 731 11.03 33.10 -8.43
N TYR A 732 10.27 33.78 -9.31
CA TYR A 732 10.81 34.86 -10.11
C TYR A 732 12.09 34.42 -10.82
N VAL A 733 12.09 33.21 -11.40
CA VAL A 733 13.30 32.71 -12.04
C VAL A 733 13.58 33.45 -13.35
N LEU A 734 12.53 33.51 -14.18
CA LEU A 734 12.68 34.26 -15.41
C LEU A 734 12.90 35.73 -15.08
N GLY A 735 12.24 36.21 -14.04
CA GLY A 735 12.37 37.61 -13.67
C GLY A 735 13.78 38.03 -13.32
N ASP A 736 14.55 37.17 -12.67
CA ASP A 736 15.91 37.50 -12.29
C ASP A 736 16.97 36.99 -13.26
N PHE A 737 16.57 36.12 -14.18
CA PHE A 737 17.54 35.54 -15.11
C PHE A 737 18.45 36.51 -15.87
N ALA A 738 17.87 37.59 -16.40
CA ALA A 738 18.65 38.57 -17.14
C ALA A 738 19.75 39.22 -16.29
N ASP A 739 19.39 39.63 -15.08
CA ASP A 739 20.36 40.26 -14.18
C ASP A 739 21.35 39.21 -13.68
N TYR A 740 20.86 37.98 -13.49
CA TYR A 740 21.71 36.88 -13.05
C TYR A 740 22.79 36.55 -14.06
N ARG A 741 22.40 36.45 -15.33
CA ARG A 741 23.35 36.15 -16.39
C ARG A 741 24.36 37.28 -16.57
N GLU A 742 23.89 38.52 -16.44
CA GLU A 742 24.74 39.69 -16.58
C GLU A 742 25.85 39.62 -15.54
N THR A 743 25.45 39.40 -14.30
CA THR A 743 26.39 39.34 -13.19
C THR A 743 27.32 38.14 -13.23
N ARG A 744 26.76 36.97 -13.53
CA ARG A 744 27.58 35.76 -13.61
C ARG A 744 28.62 35.91 -14.72
N ASP A 745 28.22 36.50 -15.84
CA ASP A 745 29.14 36.71 -16.97
C ASP A 745 30.26 37.66 -16.55
N ARG A 746 29.84 38.78 -15.90
CA ARG A 746 30.80 39.77 -15.42
C ARG A 746 31.82 39.12 -14.50
N MET A 747 31.29 38.31 -13.56
CA MET A 747 32.14 37.60 -12.60
C MET A 747 33.17 36.72 -13.29
N ALA A 748 32.77 35.98 -14.32
CA ALA A 748 33.72 35.13 -15.01
C ALA A 748 34.75 35.97 -15.75
N ALA A 749 34.34 37.20 -16.10
CA ALA A 749 35.24 38.05 -16.86
C ALA A 749 36.36 38.57 -15.96
N ASP A 750 35.93 39.16 -14.83
CA ASP A 750 36.89 39.59 -13.82
C ASP A 750 37.86 38.47 -13.47
N TYR A 751 37.39 37.22 -13.68
CA TYR A 751 38.21 36.08 -13.33
C TYR A 751 39.36 35.82 -14.32
N ALA A 752 39.05 35.85 -15.63
CA ALA A 752 40.12 35.62 -16.60
C ALA A 752 41.03 36.86 -16.77
N SER A 753 40.43 38.06 -16.58
CA SER A 753 41.20 39.28 -16.88
C SER A 753 41.98 39.86 -15.69
N ASP A 754 41.53 39.61 -14.46
CA ASP A 754 42.22 40.16 -13.31
C ASP A 754 42.47 39.11 -12.21
N PRO A 755 43.38 38.15 -12.47
CA PRO A 755 43.70 37.09 -11.51
C PRO A 755 44.06 37.61 -10.12
N LEU A 756 44.94 38.60 -10.05
CA LEU A 756 45.35 39.16 -8.77
C LEU A 756 44.20 39.93 -8.11
N GLY A 757 43.38 40.57 -8.92
CA GLY A 757 42.24 41.30 -8.38
C GLY A 757 41.25 40.34 -7.75
N TRP A 758 41.09 39.18 -8.38
CA TRP A 758 40.17 38.17 -7.88
C TRP A 758 40.70 37.62 -6.56
N ALA A 759 41.98 37.24 -6.56
CA ALA A 759 42.63 36.71 -5.38
C ALA A 759 42.53 37.71 -4.23
N ARG A 760 42.50 39.00 -4.57
CA ARG A 760 42.40 40.03 -3.55
C ARG A 760 41.05 40.02 -2.87
N MET A 761 39.98 39.91 -3.66
CA MET A 761 38.63 39.87 -3.12
C MET A 761 38.50 38.63 -2.23
N ALA A 762 39.08 37.53 -2.68
CA ALA A 762 39.05 36.28 -1.94
C ALA A 762 39.74 36.43 -0.59
N TRP A 763 40.86 37.13 -0.57
CA TRP A 763 41.59 37.35 0.68
C TRP A 763 40.77 38.19 1.65
N ILE A 764 40.11 39.22 1.14
CA ILE A 764 39.27 40.08 1.96
C ILE A 764 38.20 39.22 2.64
N ASN A 765 37.59 38.34 1.85
CA ASN A 765 36.54 37.45 2.37
C ASN A 765 37.05 36.55 3.48
N ILE A 766 38.15 35.87 3.21
CA ILE A 766 38.76 34.99 4.19
C ILE A 766 39.01 35.75 5.48
N CYS A 767 39.76 36.87 5.39
CA CYS A 767 40.12 37.61 6.60
C CYS A 767 38.90 38.15 7.38
N GLU A 768 37.79 38.41 6.71
CA GLU A 768 36.61 38.93 7.40
C GLU A 768 35.64 37.84 7.81
N SER A 769 35.95 36.59 7.46
CA SER A 769 35.04 35.49 7.77
C SER A 769 34.92 35.15 9.25
N GLY A 770 35.83 35.68 10.08
CA GLY A 770 35.77 35.40 11.51
C GLY A 770 34.41 35.72 12.08
N ARG A 771 33.70 36.62 11.40
CA ARG A 771 32.38 37.03 11.81
C ARG A 771 31.36 35.88 11.81
N PHE A 772 31.62 34.86 10.99
CA PHE A 772 30.69 33.75 10.88
C PHE A 772 31.09 32.48 11.62
N SER A 773 32.00 32.62 12.57
CA SER A 773 32.44 31.49 13.36
C SER A 773 31.38 31.17 14.40
N SER A 774 31.08 29.88 14.57
CA SER A 774 30.08 29.50 15.55
C SER A 774 30.64 29.68 16.97
N ASP A 775 31.94 29.97 17.11
CA ASP A 775 32.47 30.19 18.44
C ASP A 775 31.85 31.45 19.03
N ARG A 776 31.66 32.46 18.16
CA ARG A 776 31.00 33.68 18.59
C ARG A 776 29.53 33.44 18.90
N THR A 777 28.90 32.60 18.08
CA THR A 777 27.50 32.29 18.30
C THR A 777 27.29 31.63 19.64
N ILE A 778 28.11 30.58 19.89
CA ILE A 778 28.01 29.88 21.15
C ILE A 778 28.33 30.79 22.36
N ARG A 779 29.38 31.63 22.20
CA ARG A 779 29.66 32.54 23.29
C ARG A 779 28.42 33.33 23.68
N ASP A 780 27.77 33.89 22.64
CA ASP A 780 26.54 34.64 22.81
C ASP A 780 25.38 33.83 23.41
N TYR A 781 25.05 32.65 22.84
CA TYR A 781 24.09 31.74 23.54
C TYR A 781 24.45 31.61 25.01
N ALA A 782 25.76 31.24 25.24
CA ALA A 782 26.28 30.90 26.57
C ALA A 782 26.20 32.05 27.56
N THR A 783 26.65 33.23 27.17
CA THR A 783 26.58 34.40 28.07
C THR A 783 25.21 35.04 28.22
N GLU A 784 24.45 35.13 27.12
CA GLU A 784 23.13 35.77 27.16
C GLU A 784 21.90 34.91 27.45
N ILE A 785 21.89 33.67 26.97
CA ILE A 785 20.72 32.82 27.20
C ILE A 785 20.92 31.74 28.25
N TRP A 786 21.92 30.89 28.06
CA TRP A 786 22.17 29.79 28.97
C TRP A 786 22.82 30.20 30.29
N LYS A 787 23.62 31.28 30.25
CA LYS A 787 24.29 31.76 31.46
C LYS A 787 25.31 30.72 31.93
N LEU A 788 26.22 30.35 31.05
CA LEU A 788 27.25 29.36 31.38
C LEU A 788 28.63 29.96 31.65
N GLU A 789 29.50 29.16 32.24
CA GLU A 789 30.87 29.58 32.54
C GLU A 789 31.82 28.61 31.88
N PRO A 790 32.99 29.10 31.41
CA PRO A 790 33.95 28.15 30.87
C PRO A 790 34.27 27.15 31.97
N THR A 791 34.22 25.85 31.61
CA THR A 791 34.43 24.82 32.63
C THR A 791 35.46 23.78 32.17
N PRO A 792 36.76 24.08 32.40
CA PRO A 792 37.81 23.16 31.98
C PRO A 792 37.78 21.86 32.80
N ALA A 793 38.12 20.75 32.13
CA ALA A 793 38.17 19.48 32.83
C ALA A 793 39.43 19.38 33.69
N VAL A 794 39.48 18.67 34.67
N PRO B 7 51.67 -12.98 29.98
CA PRO B 7 51.64 -11.69 30.65
C PRO B 7 50.21 -11.25 30.99
N LEU B 8 49.44 -10.99 29.92
CA LEU B 8 48.14 -10.31 30.06
C LEU B 8 48.11 -9.23 31.13
N PRO B 9 49.01 -8.24 30.97
CA PRO B 9 49.23 -7.22 31.99
C PRO B 9 48.03 -6.30 32.16
N ALA B 10 47.89 -5.69 33.34
CA ALA B 10 46.80 -4.76 33.64
C ALA B 10 46.79 -3.60 32.64
N ALA B 11 47.97 -3.20 32.18
CA ALA B 11 48.08 -2.09 31.25
C ALA B 11 47.35 -2.40 29.94
N LEU B 12 47.52 -3.62 29.45
CA LEU B 12 46.88 -4.03 28.21
C LEU B 12 45.37 -4.07 28.36
N VAL B 13 44.90 -4.75 29.40
CA VAL B 13 43.47 -4.87 29.65
C VAL B 13 42.83 -3.48 29.84
N GLY B 14 43.48 -2.63 30.61
CA GLY B 14 42.95 -1.29 30.81
C GLY B 14 42.82 -0.54 29.49
N SER B 15 43.77 -0.73 28.58
CA SER B 15 43.70 -0.07 27.27
C SER B 15 42.42 -0.43 26.53
N HIS B 16 42.16 -1.76 26.46
CA HIS B 16 40.99 -2.26 25.74
C HIS B 16 39.67 -1.89 26.44
N VAL B 17 39.71 -1.86 27.79
CA VAL B 17 38.50 -1.50 28.52
C VAL B 17 38.17 -0.02 28.30
N ARG B 18 39.17 0.84 28.36
CA ARG B 18 38.97 2.27 28.15
C ARG B 18 38.37 2.53 26.77
N ALA B 19 38.85 1.81 25.77
CA ALA B 19 38.37 2.00 24.41
C ALA B 19 36.89 1.59 24.30
N ALA B 20 36.53 0.55 25.04
CA ALA B 20 35.15 0.05 25.02
C ALA B 20 34.21 0.89 25.88
N ALA B 21 34.73 1.43 26.99
CA ALA B 21 33.91 2.19 27.93
C ALA B 21 33.91 3.71 27.85
N GLY B 22 34.88 4.30 27.15
CA GLY B 22 34.92 5.74 27.08
C GLY B 22 35.04 6.32 28.48
N THR B 23 35.77 5.61 29.33
CA THR B 23 35.96 6.02 30.73
C THR B 23 37.13 5.20 31.30
N PRO B 24 37.82 5.71 32.33
CA PRO B 24 38.93 4.91 32.87
C PRO B 24 38.47 3.52 33.25
N ALA B 25 39.32 2.53 33.02
CA ALA B 25 38.99 1.14 33.29
C ALA B 25 38.37 0.84 34.65
N ASP B 26 38.85 1.50 35.69
CA ASP B 26 38.35 1.28 37.05
C ASP B 26 36.93 1.80 37.25
N LEU B 27 36.48 2.63 36.34
CA LEU B 27 35.13 3.17 36.44
C LEU B 27 34.17 2.48 35.47
N ALA B 28 34.71 1.65 34.59
CA ALA B 28 33.90 0.92 33.61
C ALA B 28 32.90 -0.02 34.28
N THR B 29 31.74 -0.22 33.65
CA THR B 29 30.75 -1.14 34.19
C THR B 29 31.30 -2.56 33.95
N ASP B 30 30.72 -3.55 34.61
CA ASP B 30 31.20 -4.92 34.44
C ASP B 30 31.08 -5.35 32.96
N ARG B 31 29.98 -4.96 32.32
CA ARG B 31 29.76 -5.30 30.92
C ARG B 31 30.90 -4.75 30.06
N LYS B 32 31.22 -3.48 30.21
CA LYS B 32 32.30 -2.91 29.41
C LYS B 32 33.63 -3.55 29.76
N PHE B 33 33.83 -3.88 31.02
CA PHE B 33 35.09 -4.50 31.41
C PHE B 33 35.20 -5.87 30.74
N TRP B 34 34.12 -6.64 30.78
CA TRP B 34 34.09 -7.96 30.14
C TRP B 34 34.45 -7.79 28.67
N THR B 35 33.90 -6.75 28.06
CA THR B 35 34.16 -6.50 26.65
C THR B 35 35.64 -6.22 26.39
N GLY B 36 36.23 -5.35 27.20
CA GLY B 36 37.62 -5.01 27.04
C GLY B 36 38.57 -6.16 27.32
N LEU B 37 38.27 -6.94 28.34
CA LEU B 37 39.10 -8.09 28.70
C LEU B 37 39.07 -9.12 27.58
N SER B 38 37.90 -9.29 26.96
CA SER B 38 37.73 -10.23 25.86
C SER B 38 38.51 -9.72 24.65
N ARG B 39 38.51 -8.41 24.43
CA ARG B 39 39.27 -7.84 23.32
C ARG B 39 40.76 -8.09 23.55
N ALA B 40 41.17 -7.95 24.80
CA ALA B 40 42.56 -8.16 25.22
C ALA B 40 42.99 -9.59 24.87
N VAL B 41 42.09 -10.55 25.10
CA VAL B 41 42.38 -11.94 24.79
C VAL B 41 42.51 -12.13 23.28
N GLN B 42 41.60 -11.52 22.52
CA GLN B 42 41.64 -11.60 21.07
C GLN B 42 42.94 -11.02 20.53
N GLU B 43 43.38 -9.93 21.13
CA GLU B 43 44.60 -9.27 20.68
C GLU B 43 45.78 -10.23 20.86
N ARG B 44 45.75 -11.00 21.94
CA ARG B 44 46.82 -11.93 22.26
C ARG B 44 46.92 -13.18 21.38
N ILE B 45 45.79 -13.69 20.90
CA ILE B 45 45.82 -14.90 20.08
C ILE B 45 45.76 -14.64 18.57
N ALA B 46 45.61 -13.37 18.21
CA ALA B 46 45.52 -12.99 16.81
C ALA B 46 46.62 -13.59 15.93
N ASP B 47 47.86 -13.54 16.39
CA ASP B 47 48.95 -14.09 15.58
C ASP B 47 48.91 -15.61 15.46
N ASP B 48 48.67 -16.30 16.56
CA ASP B 48 48.59 -17.77 16.53
C ASP B 48 47.40 -18.18 15.66
N TRP B 49 46.34 -17.38 15.69
CA TRP B 49 45.15 -17.69 14.89
C TRP B 49 45.50 -17.63 13.40
N GLU B 50 46.16 -16.56 12.98
CA GLU B 50 46.53 -16.44 11.58
C GLU B 50 47.46 -17.59 11.18
N ARG B 51 48.39 -17.95 12.07
CA ARG B 51 49.33 -19.02 11.77
C ARG B 51 48.61 -20.34 11.57
N THR B 52 47.59 -20.58 12.37
CA THR B 52 46.83 -21.81 12.27
C THR B 52 46.05 -21.80 10.94
N ARG B 53 45.55 -20.62 10.57
CA ARG B 53 44.81 -20.50 9.31
C ARG B 53 45.71 -20.95 8.17
N GLU B 54 46.92 -20.41 8.14
CA GLU B 54 47.86 -20.76 7.08
C GLU B 54 48.26 -22.23 7.10
N ALA B 55 48.47 -22.78 8.30
CA ALA B 55 48.84 -24.18 8.44
C ALA B 55 47.72 -25.12 7.98
N TYR B 56 46.50 -24.88 8.46
CA TYR B 56 45.37 -25.72 8.07
C TYR B 56 45.06 -25.63 6.58
N GLY B 57 45.21 -24.43 6.01
CA GLY B 57 44.89 -24.20 4.60
C GLY B 57 45.79 -25.01 3.64
N ALA B 58 47.02 -25.32 4.08
CA ALA B 58 47.91 -26.06 3.20
C ALA B 58 47.78 -27.57 3.39
N ALA B 59 46.83 -27.95 4.28
CA ALA B 59 46.68 -29.36 4.63
C ALA B 59 45.36 -29.93 4.10
N ARG B 60 45.27 -31.27 4.11
CA ARG B 60 43.95 -31.87 4.04
C ARG B 60 43.10 -31.45 5.23
N GLN B 61 41.83 -31.05 4.98
CA GLN B 61 41.02 -30.51 6.07
C GLN B 61 39.70 -31.24 6.24
N GLN B 62 39.10 -31.05 7.41
CA GLN B 62 37.77 -31.57 7.72
C GLN B 62 36.90 -30.33 7.97
N HIS B 63 35.71 -30.33 7.39
CA HIS B 63 34.78 -29.22 7.55
C HIS B 63 33.55 -29.83 8.21
N TYR B 64 33.36 -29.52 9.48
CA TYR B 64 32.26 -30.10 10.27
C TYR B 64 30.99 -29.26 10.14
N PHE B 65 29.99 -29.85 9.43
CA PHE B 65 28.71 -29.16 9.23
C PHE B 65 27.70 -29.53 10.31
N SER B 66 27.17 -28.50 11.01
CA SER B 66 26.17 -28.80 12.05
C SER B 66 25.15 -27.67 12.22
N ALA B 67 23.89 -28.06 12.36
CA ALA B 67 22.80 -27.11 12.55
C ALA B 67 22.83 -26.52 13.96
N GLU B 68 23.77 -26.99 14.78
CA GLU B 68 23.90 -26.48 16.13
C GLU B 68 25.27 -26.69 16.81
N PHE B 69 25.69 -25.69 17.59
CA PHE B 69 26.94 -25.76 18.34
C PHE B 69 26.61 -25.16 19.70
N LEU B 70 26.56 -26.01 20.73
CA LEU B 70 26.24 -25.50 22.07
C LEU B 70 27.53 -25.03 22.71
N MET B 71 27.96 -23.83 22.31
CA MET B 71 29.22 -23.24 22.75
C MET B 71 29.36 -22.73 24.17
N GLY B 72 28.25 -22.33 24.81
CA GLY B 72 28.33 -21.82 26.16
C GLY B 72 29.10 -20.49 26.17
N ARG B 73 29.72 -20.16 27.30
CA ARG B 73 30.50 -18.92 27.42
C ARG B 73 31.92 -19.15 26.90
N ALA B 74 32.52 -18.11 26.34
CA ALA B 74 33.86 -18.24 25.81
C ALA B 74 35.03 -17.71 26.66
N LEU B 75 34.81 -16.69 27.48
CA LEU B 75 35.92 -16.11 28.22
C LEU B 75 36.72 -17.01 29.16
N LEU B 76 36.07 -17.62 30.14
CA LEU B 76 36.80 -18.48 31.08
C LEU B 76 37.44 -19.65 30.36
N ASN B 77 36.77 -20.16 29.33
CA ASN B 77 37.31 -21.28 28.57
C ASN B 77 38.59 -20.88 27.86
N ASN B 78 38.57 -19.71 27.23
CA ASN B 78 39.74 -19.23 26.52
C ASN B 78 40.88 -18.91 27.49
N LEU B 79 40.57 -18.25 28.61
CA LEU B 79 41.60 -17.92 29.59
C LEU B 79 42.26 -19.17 30.14
N THR B 80 41.46 -20.20 30.36
CA THR B 80 41.94 -21.48 30.88
C THR B 80 42.85 -22.17 29.88
N ASN B 81 42.43 -22.23 28.62
CA ASN B 81 43.23 -22.86 27.58
C ASN B 81 44.50 -22.07 27.25
N LEU B 82 44.48 -20.77 27.51
CA LEU B 82 45.67 -19.96 27.25
C LEU B 82 46.53 -19.84 28.50
N GLY B 83 46.05 -20.40 29.60
CA GLY B 83 46.75 -20.34 30.87
C GLY B 83 46.89 -18.93 31.42
N LEU B 84 45.82 -18.14 31.31
CA LEU B 84 45.86 -16.75 31.77
C LEU B 84 44.87 -16.40 32.87
N VAL B 85 44.20 -17.39 33.44
CA VAL B 85 43.21 -17.10 34.46
C VAL B 85 43.79 -16.33 35.66
N ASP B 86 44.96 -16.75 36.13
CA ASP B 86 45.60 -16.06 37.26
C ASP B 86 45.96 -14.62 36.89
N GLU B 87 46.57 -14.44 35.72
CA GLU B 87 46.96 -13.13 35.24
C GLU B 87 45.72 -12.25 35.03
N ALA B 88 44.68 -12.84 34.44
CA ALA B 88 43.45 -12.09 34.19
C ALA B 88 42.80 -11.69 35.51
N ALA B 89 42.83 -12.61 36.46
CA ALA B 89 42.25 -12.35 37.78
C ALA B 89 42.96 -11.17 38.46
N ALA B 90 44.29 -11.18 38.43
CA ALA B 90 45.06 -10.11 39.05
C ALA B 90 44.86 -8.77 38.34
N ALA B 91 44.93 -8.79 37.01
CA ALA B 91 44.75 -7.56 36.23
C ALA B 91 43.41 -6.93 36.53
N THR B 92 42.37 -7.76 36.53
CA THR B 92 41.02 -7.30 36.79
C THR B 92 40.91 -6.64 38.16
N ARG B 93 41.52 -7.27 39.16
CA ARG B 93 41.48 -6.75 40.52
C ARG B 93 42.32 -5.47 40.63
N GLU B 94 43.44 -5.45 39.91
CA GLU B 94 44.32 -4.31 39.90
C GLU B 94 43.55 -3.11 39.32
N LEU B 95 42.60 -3.40 38.45
CA LEU B 95 41.78 -2.38 37.80
C LEU B 95 40.40 -2.20 38.43
N GLY B 96 40.28 -2.53 39.71
CA GLY B 96 39.02 -2.34 40.42
C GLY B 96 37.85 -3.28 40.25
N HIS B 97 38.01 -4.38 39.52
CA HIS B 97 36.89 -5.30 39.34
C HIS B 97 37.21 -6.70 39.84
N GLU B 98 36.21 -7.58 39.86
CA GLU B 98 36.41 -8.97 40.26
C GLU B 98 36.08 -9.90 39.10
N LEU B 99 37.07 -10.72 38.73
CA LEU B 99 36.89 -11.61 37.59
C LEU B 99 35.57 -12.40 37.60
N THR B 100 35.15 -12.97 38.76
CA THR B 100 33.92 -13.77 38.67
C THR B 100 32.73 -12.92 38.24
N ASP B 101 32.67 -11.69 38.79
CA ASP B 101 31.59 -10.82 38.39
C ASP B 101 31.61 -10.58 36.88
N ILE B 102 32.83 -10.40 36.35
CA ILE B 102 33.03 -10.15 34.93
C ILE B 102 32.61 -11.37 34.09
N LEU B 103 33.00 -12.56 34.54
CA LEU B 103 32.63 -13.78 33.81
C LEU B 103 31.13 -13.98 33.72
N GLU B 104 30.42 -13.60 34.78
CA GLU B 104 28.98 -13.77 34.86
C GLU B 104 28.18 -12.89 33.90
N ILE B 105 28.83 -11.87 33.35
CA ILE B 105 28.19 -10.95 32.41
C ILE B 105 27.82 -11.64 31.09
N GLU B 106 28.68 -12.55 30.67
CA GLU B 106 28.47 -13.22 29.38
C GLU B 106 27.29 -14.21 29.40
N ASN B 107 26.32 -13.99 28.48
CA ASN B 107 25.28 -15.00 28.22
C ASN B 107 25.85 -16.19 27.43
N ASP B 108 25.43 -17.42 27.77
CA ASP B 108 25.81 -18.55 26.91
C ASP B 108 25.52 -18.24 25.44
N ALA B 109 26.42 -18.48 24.50
CA ALA B 109 26.11 -18.19 23.11
C ALA B 109 25.00 -19.17 22.70
N ALA B 110 23.80 -18.64 22.46
CA ALA B 110 22.66 -19.48 22.10
C ALA B 110 22.77 -19.96 20.66
N LEU B 111 23.76 -20.81 20.41
CA LEU B 111 24.02 -21.32 19.07
C LEU B 111 23.67 -22.80 18.93
N GLY B 112 23.13 -23.37 19.99
CA GLY B 112 22.78 -24.78 19.97
C GLY B 112 21.56 -25.14 20.79
N ASN B 113 21.13 -26.39 20.64
CA ASN B 113 19.95 -26.90 21.33
C ASN B 113 20.34 -27.81 22.49
N GLY B 114 20.81 -29.02 22.16
CA GLY B 114 21.17 -29.96 23.19
C GLY B 114 22.41 -30.80 22.90
N GLY B 115 22.32 -32.10 23.18
CA GLY B 115 23.44 -33.01 22.99
C GLY B 115 24.14 -33.01 21.65
N LEU B 116 23.37 -32.88 20.57
CA LEU B 116 23.92 -32.85 19.23
C LEU B 116 24.83 -31.64 19.08
N GLY B 117 24.38 -30.50 19.59
CA GLY B 117 25.16 -29.28 19.51
C GLY B 117 26.34 -29.28 20.47
N ARG B 118 26.17 -29.88 21.64
CA ARG B 118 27.28 -29.90 22.59
C ARG B 118 28.38 -30.84 22.09
N LEU B 119 27.97 -31.92 21.44
CA LEU B 119 28.95 -32.86 20.89
C LEU B 119 29.80 -32.12 19.85
N ALA B 120 29.16 -31.36 18.97
CA ALA B 120 29.89 -30.60 17.94
C ALA B 120 30.88 -29.63 18.60
N ALA B 121 30.49 -29.03 19.73
CA ALA B 121 31.35 -28.09 20.44
C ALA B 121 32.54 -28.81 21.07
N CYS B 122 32.28 -29.95 21.71
CA CYS B 122 33.36 -30.72 22.32
C CYS B 122 34.32 -31.15 21.22
N PHE B 123 33.78 -31.59 20.08
CA PHE B 123 34.61 -32.00 18.94
C PHE B 123 35.55 -30.87 18.51
N LEU B 124 35.03 -29.66 18.38
CA LEU B 124 35.88 -28.54 17.97
C LEU B 124 37.05 -28.35 18.95
N ASP B 125 36.76 -28.46 20.24
CA ASP B 125 37.80 -28.30 21.25
C ASP B 125 38.83 -29.43 21.16
N SER B 126 38.36 -30.67 21.03
CA SER B 126 39.29 -31.80 20.94
C SER B 126 40.15 -31.73 19.69
N ALA B 127 39.56 -31.24 18.61
CA ALA B 127 40.28 -31.13 17.36
C ALA B 127 41.47 -30.18 17.49
N VAL B 128 41.23 -28.97 18.01
CA VAL B 128 42.33 -28.02 18.16
C VAL B 128 43.36 -28.48 19.17
N THR B 129 42.92 -29.10 20.25
CA THR B 129 43.84 -29.58 21.27
C THR B 129 44.84 -30.57 20.69
N GLN B 130 44.46 -31.25 19.61
CA GLN B 130 45.32 -32.23 18.96
C GLN B 130 45.88 -31.71 17.63
N ASP B 131 45.72 -30.42 17.40
CA ASP B 131 46.21 -29.77 16.18
C ASP B 131 45.61 -30.31 14.87
N TYR B 132 44.43 -30.95 14.93
CA TYR B 132 43.80 -31.47 13.71
C TYR B 132 43.09 -30.34 12.96
N PRO B 133 43.34 -30.22 11.64
CA PRO B 133 42.73 -29.18 10.79
C PRO B 133 41.23 -29.38 10.57
N VAL B 134 40.45 -29.05 11.60
CA VAL B 134 39.01 -29.17 11.57
C VAL B 134 38.39 -27.78 11.76
N THR B 135 37.48 -27.41 10.87
CA THR B 135 36.78 -26.13 10.92
C THR B 135 35.29 -26.41 11.03
N GLY B 136 34.61 -25.70 11.94
CA GLY B 136 33.18 -25.89 12.11
C GLY B 136 32.41 -24.88 11.30
N TYR B 137 31.20 -25.27 10.87
CA TYR B 137 30.31 -24.39 10.07
C TYR B 137 28.87 -24.49 10.56
N GLY B 138 28.30 -23.34 10.90
CA GLY B 138 26.93 -23.32 11.38
C GLY B 138 26.26 -21.99 11.10
N LEU B 139 25.13 -21.77 11.75
CA LEU B 139 24.37 -20.54 11.59
C LEU B 139 24.60 -19.66 12.81
N LEU B 140 24.61 -18.35 12.60
CA LEU B 140 24.79 -17.43 13.72
C LEU B 140 23.39 -17.13 14.24
N TYR B 141 22.83 -18.06 15.01
CA TYR B 141 21.49 -17.86 15.57
C TYR B 141 21.52 -16.66 16.48
N ARG B 142 20.58 -15.74 16.28
CA ARG B 142 20.55 -14.53 17.08
C ARG B 142 19.84 -14.68 18.42
N PHE B 143 18.75 -15.44 18.44
CA PHE B 143 17.98 -15.60 19.67
C PHE B 143 17.85 -17.04 20.22
N GLY B 144 18.78 -17.90 19.83
CA GLY B 144 18.78 -19.27 20.31
C GLY B 144 17.53 -20.09 20.10
N LEU B 145 17.25 -21.00 21.04
CA LEU B 145 16.07 -21.83 21.01
C LEU B 145 14.93 -21.07 21.67
N PHE B 146 15.09 -20.89 22.98
CA PHE B 146 14.20 -20.03 23.77
C PHE B 146 14.71 -19.97 25.19
N ARG B 147 14.40 -18.84 25.85
CA ARG B 147 14.76 -18.75 27.25
C ARG B 147 13.60 -19.19 28.09
N GLN B 148 13.88 -20.04 29.07
CA GLN B 148 12.82 -20.55 29.91
C GLN B 148 12.68 -19.77 31.21
N SER B 149 11.45 -19.44 31.56
CA SER B 149 11.16 -18.74 32.80
C SER B 149 9.91 -19.44 33.32
N PHE B 150 9.48 -19.12 34.53
CA PHE B 150 8.30 -19.76 35.09
C PHE B 150 7.30 -18.73 35.56
N ASN B 151 6.03 -19.06 35.42
CA ASN B 151 4.96 -18.19 35.86
C ASN B 151 3.95 -19.09 36.55
N GLU B 152 3.86 -18.96 37.87
CA GLU B 152 2.97 -19.77 38.67
C GLU B 152 3.20 -21.25 38.37
N GLY B 153 4.48 -21.62 38.35
CA GLY B 153 4.87 -23.01 38.12
C GLY B 153 4.90 -23.53 36.70
N PHE B 154 4.34 -22.77 35.75
CA PHE B 154 4.32 -23.22 34.36
C PHE B 154 5.48 -22.65 33.57
N GLN B 155 6.00 -23.44 32.64
CA GLN B 155 7.10 -22.99 31.79
C GLN B 155 6.59 -21.92 30.84
N VAL B 156 7.38 -20.86 30.70
CA VAL B 156 7.04 -19.78 29.78
C VAL B 156 8.25 -19.71 28.86
N GLU B 157 8.02 -19.47 27.58
CA GLU B 157 9.11 -19.39 26.62
C GLU B 157 9.25 -17.98 26.03
N LYS B 158 10.48 -17.47 26.00
CA LYS B 158 10.77 -16.16 25.43
C LYS B 158 12.06 -16.23 24.62
N PRO B 159 12.35 -15.19 23.81
CA PRO B 159 13.57 -15.16 22.99
C PRO B 159 14.79 -15.26 23.90
N ASP B 160 15.92 -15.73 23.36
CA ASP B 160 17.13 -15.87 24.16
C ASP B 160 18.31 -15.11 23.52
N PRO B 161 18.32 -13.77 23.65
CA PRO B 161 19.40 -12.97 23.07
C PRO B 161 20.74 -13.22 23.76
N TRP B 162 21.84 -13.05 23.03
CA TRP B 162 23.16 -13.25 23.58
C TRP B 162 24.21 -12.37 22.96
N ARG B 163 23.89 -11.77 21.82
CA ARG B 163 24.86 -10.93 21.13
C ARG B 163 24.28 -9.58 20.73
N GLU B 164 23.40 -9.05 21.57
CA GLU B 164 22.82 -7.75 21.30
C GLU B 164 23.84 -6.70 21.71
N GLU B 165 24.72 -7.10 22.61
CA GLU B 165 25.80 -6.25 23.07
C GLU B 165 27.04 -6.70 22.31
N GLU B 166 28.05 -5.83 22.29
CA GLU B 166 29.24 -6.20 21.57
C GLU B 166 29.75 -7.58 22.01
N TYR B 167 30.12 -8.40 21.01
CA TYR B 167 30.63 -9.72 21.34
C TYR B 167 31.94 -9.97 20.62
N PRO B 168 33.04 -9.59 21.27
CA PRO B 168 34.36 -9.66 20.66
C PRO B 168 34.83 -11.08 20.22
N PHE B 169 34.18 -12.13 20.71
CA PHE B 169 34.54 -13.49 20.32
C PHE B 169 33.93 -14.00 19.02
N THR B 170 33.27 -13.13 18.28
CA THR B 170 32.76 -13.48 16.96
C THR B 170 33.15 -12.29 16.11
N ILE B 171 33.98 -12.54 15.11
CA ILE B 171 34.43 -11.45 14.25
C ILE B 171 33.74 -11.47 12.89
N ARG B 172 33.08 -10.35 12.62
CA ARG B 172 32.35 -10.15 11.36
C ARG B 172 33.33 -9.90 10.20
N ARG B 173 33.08 -10.56 9.08
CA ARG B 173 33.92 -10.45 7.89
C ARG B 173 33.03 -10.04 6.71
N ALA B 174 32.35 -8.90 6.84
CA ALA B 174 31.46 -8.45 5.78
C ALA B 174 32.10 -8.37 4.39
N SER B 175 33.37 -8.03 4.32
CA SER B 175 34.03 -7.95 3.01
C SER B 175 34.14 -9.31 2.33
N ASP B 176 33.98 -10.38 3.09
CA ASP B 176 34.05 -11.72 2.51
C ASP B 176 32.65 -12.32 2.29
N GLN B 177 31.62 -11.48 2.38
CA GLN B 177 30.26 -11.96 2.20
C GLN B 177 30.02 -12.60 0.85
N LEU B 178 29.07 -13.54 0.84
CA LEU B 178 28.67 -14.25 -0.35
C LEU B 178 27.19 -14.06 -0.59
N VAL B 179 26.69 -14.68 -1.66
CA VAL B 179 25.25 -14.63 -1.95
C VAL B 179 24.64 -16.02 -1.92
N VAL B 180 23.50 -16.12 -1.22
CA VAL B 180 22.68 -17.31 -1.36
C VAL B 180 21.31 -16.95 -1.94
N CYS B 181 21.10 -17.36 -3.21
CA CYS B 181 19.87 -16.98 -3.86
C CYS B 181 18.81 -18.08 -3.72
N PHE B 182 17.72 -17.74 -3.00
CA PHE B 182 16.52 -18.53 -3.12
C PHE B 182 15.66 -18.02 -4.27
N ASP B 183 14.79 -18.90 -4.82
CA ASP B 183 13.96 -18.44 -5.92
C ASP B 183 13.09 -17.25 -5.51
N ASP B 184 12.89 -17.08 -4.21
CA ASP B 184 12.00 -16.04 -3.71
C ASP B 184 12.72 -15.10 -2.72
N MET B 185 14.04 -14.94 -2.90
CA MET B 185 14.77 -14.25 -1.85
C MET B 185 16.28 -14.25 -2.13
N LYS B 186 16.81 -13.07 -2.53
CA LYS B 186 18.26 -12.94 -2.65
C LYS B 186 18.88 -12.53 -1.32
N THR B 187 19.72 -13.38 -0.72
CA THR B 187 20.28 -13.06 0.58
C THR B 187 21.80 -12.90 0.62
N ARG B 188 22.28 -12.09 1.55
CA ARG B 188 23.71 -11.90 1.73
C ARG B 188 24.10 -12.87 2.84
N ALA B 189 25.22 -13.56 2.66
CA ALA B 189 25.71 -14.48 3.68
C ALA B 189 26.95 -13.82 4.27
N ILE B 190 26.80 -13.28 5.47
CA ILE B 190 27.92 -12.62 6.16
C ILE B 190 28.65 -13.62 7.04
N PRO B 191 29.95 -13.83 6.78
CA PRO B 191 30.67 -14.79 7.62
C PRO B 191 31.17 -14.19 8.93
N TYR B 192 31.11 -14.98 9.99
CA TYR B 192 31.61 -14.58 11.31
C TYR B 192 32.58 -15.66 11.77
N ASP B 193 33.71 -15.25 12.32
CA ASP B 193 34.73 -16.20 12.82
C ASP B 193 34.80 -16.25 14.34
N MET B 194 34.64 -17.43 14.91
CA MET B 194 34.75 -17.59 16.35
C MET B 194 36.02 -18.43 16.63
N PRO B 195 36.91 -17.90 17.48
CA PRO B 195 38.16 -18.63 17.81
C PRO B 195 37.94 -19.78 18.77
N ILE B 196 38.58 -20.90 18.46
CA ILE B 196 38.51 -22.11 19.29
C ILE B 196 39.94 -22.31 19.84
N THR B 197 40.16 -21.89 21.08
CA THR B 197 41.47 -22.04 21.69
C THR B 197 41.67 -23.49 22.14
N GLY B 198 42.92 -23.86 22.36
CA GLY B 198 43.22 -25.22 22.77
C GLY B 198 44.25 -25.25 23.88
N TYR B 199 43.90 -26.00 24.93
CA TYR B 199 44.80 -26.19 26.05
C TYR B 199 46.10 -26.88 25.61
N GLY B 200 47.23 -26.34 26.06
CA GLY B 200 48.48 -27.03 25.77
C GLY B 200 48.99 -26.80 24.33
N THR B 201 48.30 -26.01 23.53
CA THR B 201 48.76 -25.75 22.18
C THR B 201 48.54 -24.29 21.77
N HIS B 202 49.28 -23.85 20.77
CA HIS B 202 49.16 -22.50 20.25
C HIS B 202 48.14 -22.45 19.09
N ASN B 203 47.74 -23.60 18.59
CA ASN B 203 46.77 -23.64 17.50
C ASN B 203 45.48 -22.97 17.95
N VAL B 204 44.80 -22.33 17.01
CA VAL B 204 43.50 -21.72 17.29
C VAL B 204 42.61 -22.11 16.13
N GLY B 205 41.61 -22.94 16.41
CA GLY B 205 40.70 -23.38 15.37
C GLY B 205 39.63 -22.33 15.12
N THR B 206 38.76 -22.60 14.15
CA THR B 206 37.69 -21.66 13.81
C THR B 206 36.33 -22.34 13.75
N LEU B 207 35.33 -21.65 14.34
CA LEU B 207 33.96 -21.95 14.06
C LEU B 207 33.46 -20.86 13.14
N ARG B 208 33.09 -21.25 11.91
CA ARG B 208 32.51 -20.26 11.02
C ARG B 208 30.98 -20.25 11.10
N LEU B 209 30.42 -19.09 11.42
CA LEU B 209 28.98 -18.95 11.60
C LEU B 209 28.46 -17.96 10.57
N TRP B 210 27.36 -18.31 9.91
CA TRP B 210 26.81 -17.43 8.87
C TRP B 210 25.59 -16.62 9.29
N LYS B 211 25.58 -15.36 8.90
CA LYS B 211 24.45 -14.50 9.21
C LYS B 211 23.77 -14.09 7.92
N ALA B 212 22.46 -14.26 7.84
CA ALA B 212 21.73 -13.87 6.64
C ALA B 212 21.29 -12.42 6.76
N GLU B 213 21.60 -11.60 5.76
CA GLU B 213 21.17 -10.22 5.77
C GLU B 213 20.47 -9.95 4.45
N PRO B 214 19.51 -9.03 4.44
CA PRO B 214 18.80 -8.72 3.20
C PRO B 214 19.63 -8.02 2.14
N TRP B 215 19.20 -8.13 0.89
CA TRP B 215 19.91 -7.49 -0.19
C TRP B 215 19.75 -5.98 0.00
N GLU B 216 18.53 -5.54 0.29
CA GLU B 216 18.23 -4.13 0.56
C GLU B 216 17.85 -4.10 2.04
N GLU B 217 18.23 -3.04 2.75
CA GLU B 217 17.92 -2.94 4.18
C GLU B 217 16.43 -3.05 4.46
N PHE B 218 15.63 -2.36 3.66
CA PHE B 218 14.18 -2.39 3.76
C PHE B 218 13.64 -1.75 2.49
N ASP B 219 12.35 -1.92 2.23
CA ASP B 219 11.71 -1.37 1.04
C ASP B 219 11.50 0.13 1.29
N TYR B 220 12.43 0.97 0.84
CA TYR B 220 12.31 2.42 1.08
C TYR B 220 11.05 3.01 0.45
N ASP B 221 10.76 2.56 -0.79
CA ASP B 221 9.55 3.05 -1.43
C ASP B 221 8.27 2.79 -0.61
N ALA B 222 8.16 1.57 -0.01
CA ALA B 222 7.00 1.30 0.85
C ALA B 222 7.05 2.11 2.14
N PHE B 223 8.28 2.30 2.65
CA PHE B 223 8.41 3.08 3.86
C PHE B 223 7.95 4.52 3.64
N ASN B 224 8.38 5.12 2.48
CA ASN B 224 8.00 6.49 2.20
C ASN B 224 6.49 6.61 1.98
N ALA B 225 5.89 5.53 1.49
CA ALA B 225 4.45 5.50 1.27
C ALA B 225 3.72 5.31 2.59
N GLN B 226 4.52 5.03 3.64
CA GLN B 226 4.00 4.91 5.01
C GLN B 226 3.26 3.59 5.21
N ARG B 227 3.59 2.63 4.31
CA ARG B 227 3.24 1.25 4.56
C ARG B 227 4.34 0.55 5.36
N PHE B 228 4.40 0.93 6.66
CA PHE B 228 5.52 0.60 7.55
C PHE B 228 5.74 -0.92 7.70
N THR B 229 4.69 -1.71 7.79
CA THR B 229 4.87 -3.16 7.93
C THR B 229 5.34 -3.76 6.61
N ASP B 230 4.71 -3.35 5.50
CA ASP B 230 5.11 -3.85 4.19
C ASP B 230 6.58 -3.56 3.93
N ALA B 231 7.05 -2.41 4.39
CA ALA B 231 8.44 -1.98 4.15
C ALA B 231 9.49 -2.94 4.74
N ILE B 232 9.12 -3.67 5.82
CA ILE B 232 10.10 -4.56 6.44
C ILE B 232 9.77 -6.06 6.32
N ILE B 233 8.67 -6.43 5.61
CA ILE B 233 8.33 -7.86 5.56
C ILE B 233 9.49 -8.69 5.01
N GLU B 234 10.03 -8.24 3.86
CA GLU B 234 11.11 -9.02 3.26
C GLU B 234 12.36 -8.98 4.12
N ARG B 235 12.67 -7.85 4.75
CA ARG B 235 13.83 -7.79 5.63
C ARG B 235 13.72 -8.82 6.74
N GLU B 236 12.53 -8.93 7.33
CA GLU B 236 12.36 -9.87 8.42
C GLU B 236 12.23 -11.32 7.97
N ARG B 237 11.81 -11.55 6.73
CA ARG B 237 11.73 -12.92 6.23
C ARG B 237 13.18 -13.43 6.13
N VAL B 238 14.08 -12.56 5.68
CA VAL B 238 15.48 -12.94 5.58
C VAL B 238 16.06 -13.15 6.98
N SER B 239 15.72 -12.25 7.90
CA SER B 239 16.17 -12.33 9.28
C SER B 239 15.71 -13.61 9.97
N ASP B 240 14.55 -14.12 9.56
CA ASP B 240 14.02 -15.35 10.15
C ASP B 240 14.98 -16.51 9.97
N ILE B 241 15.85 -16.42 8.97
CA ILE B 241 16.82 -17.49 8.72
C ILE B 241 17.71 -17.75 9.94
N CYS B 242 18.13 -16.69 10.64
CA CYS B 242 18.98 -16.88 11.81
C CYS B 242 18.35 -16.47 13.11
N ARG B 243 17.06 -16.16 13.09
CA ARG B 243 16.39 -15.71 14.31
C ARG B 243 16.39 -16.72 15.43
N VAL B 244 15.85 -17.90 15.13
CA VAL B 244 15.69 -18.97 16.11
C VAL B 244 16.19 -20.31 15.55
N LEU B 245 16.76 -21.16 16.42
CA LEU B 245 17.19 -22.46 15.96
C LEU B 245 16.04 -23.44 16.21
N TYR B 246 15.93 -24.46 15.36
CA TYR B 246 14.84 -25.43 15.48
C TYR B 246 13.49 -24.73 15.63
N PRO B 247 13.17 -23.80 14.70
CA PRO B 247 11.89 -23.11 14.78
C PRO B 247 10.77 -24.15 14.58
N ASN B 248 9.70 -24.01 15.35
CA ASN B 248 8.58 -24.94 15.25
C ASN B 248 8.17 -25.14 13.78
N ASP B 249 8.00 -26.39 13.37
CA ASP B 249 7.63 -26.67 11.99
C ASP B 249 6.39 -27.55 11.84
N THR B 250 5.34 -27.24 12.60
CA THR B 250 4.11 -27.99 12.52
C THR B 250 3.32 -27.65 11.27
N THR B 251 3.67 -26.55 10.60
CA THR B 251 2.98 -26.14 9.37
C THR B 251 3.98 -26.11 8.23
N TYR B 252 3.44 -26.06 7.02
CA TYR B 252 4.27 -26.01 5.81
C TYR B 252 5.29 -24.87 5.86
N GLU B 253 4.85 -23.68 6.28
CA GLU B 253 5.74 -22.53 6.34
C GLU B 253 6.85 -22.71 7.34
N GLY B 254 6.57 -23.36 8.47
CA GLY B 254 7.61 -23.59 9.45
C GLY B 254 8.63 -24.58 8.88
N LYS B 255 8.13 -25.55 8.13
CA LYS B 255 9.00 -26.54 7.51
C LYS B 255 9.85 -25.88 6.43
N LYS B 256 9.24 -24.98 5.65
CA LYS B 256 9.97 -24.29 4.60
C LYS B 256 11.09 -23.44 5.21
N LEU B 257 10.84 -22.89 6.39
CA LEU B 257 11.86 -22.09 7.05
C LEU B 257 13.02 -22.95 7.49
N ARG B 258 12.70 -24.13 8.04
CA ARG B 258 13.81 -24.99 8.45
C ARG B 258 14.71 -25.33 7.27
N VAL B 259 14.06 -25.70 6.15
CA VAL B 259 14.82 -26.06 4.96
C VAL B 259 15.60 -24.85 4.41
N ARG B 260 15.00 -23.65 4.52
CA ARG B 260 15.70 -22.43 4.12
C ARG B 260 16.98 -22.22 4.94
N GLN B 261 16.86 -22.46 6.27
CA GLN B 261 18.03 -22.33 7.16
C GLN B 261 19.12 -23.34 6.78
N GLN B 262 18.72 -24.57 6.50
CA GLN B 262 19.72 -25.57 6.17
C GLN B 262 20.43 -25.28 4.85
N TYR B 263 19.69 -24.85 3.85
CA TYR B 263 20.30 -24.56 2.58
C TYR B 263 21.22 -23.36 2.71
N PHE B 264 20.77 -22.33 3.43
CA PHE B 264 21.55 -21.10 3.60
C PHE B 264 22.97 -21.36 4.09
N PHE B 265 23.11 -22.09 5.20
CA PHE B 265 24.45 -22.23 5.77
C PHE B 265 25.30 -23.29 5.04
N THR B 266 24.63 -24.28 4.44
CA THR B 266 25.42 -25.22 3.63
C THR B 266 25.97 -24.56 2.35
N SER B 267 25.05 -23.88 1.62
CA SER B 267 25.48 -23.22 0.39
C SER B 267 26.61 -22.22 0.65
N ALA B 268 26.42 -21.38 1.70
CA ALA B 268 27.45 -20.41 2.00
C ALA B 268 28.79 -21.08 2.35
N SER B 269 28.72 -22.10 3.19
CA SER B 269 29.93 -22.83 3.59
C SER B 269 30.67 -23.44 2.40
N LEU B 270 29.93 -24.14 1.54
CA LEU B 270 30.54 -24.78 0.37
C LEU B 270 31.16 -23.75 -0.56
N GLN B 271 30.48 -22.62 -0.76
CA GLN B 271 31.02 -21.59 -1.63
C GLN B 271 32.34 -21.07 -1.06
N ALA B 272 32.39 -20.90 0.26
CA ALA B 272 33.61 -20.40 0.90
C ALA B 272 34.72 -21.46 0.82
N MET B 273 34.34 -22.72 0.93
CA MET B 273 35.31 -23.82 0.86
C MET B 273 35.89 -23.90 -0.55
N ILE B 274 35.04 -23.77 -1.55
CA ILE B 274 35.52 -23.76 -2.93
C ILE B 274 36.45 -22.57 -3.20
N GLN B 275 36.01 -21.37 -2.76
CA GLN B 275 36.88 -20.20 -2.88
C GLN B 275 38.28 -20.50 -2.33
N ASP B 276 38.31 -21.10 -1.11
CA ASP B 276 39.58 -21.34 -0.43
C ASP B 276 40.42 -22.42 -1.13
N HIS B 277 39.73 -23.43 -1.66
CA HIS B 277 40.41 -24.48 -2.41
C HIS B 277 41.07 -23.90 -3.65
N LEU B 278 40.38 -23.01 -4.34
CA LEU B 278 40.94 -22.44 -5.57
C LEU B 278 42.08 -21.44 -5.35
N ALA B 279 42.41 -21.23 -4.06
CA ALA B 279 43.55 -20.36 -3.75
C ALA B 279 44.78 -21.18 -3.34
N HIS B 280 44.58 -22.51 -3.30
CA HIS B 280 45.69 -23.43 -2.98
C HIS B 280 45.91 -24.45 -4.07
N HIS B 281 44.91 -24.56 -4.96
CA HIS B 281 45.00 -25.51 -6.06
C HIS B 281 44.47 -24.91 -7.36
N LYS B 282 44.97 -25.46 -8.48
CA LYS B 282 44.61 -24.90 -9.79
C LYS B 282 43.11 -25.00 -10.07
N ASP B 283 42.48 -26.17 -9.78
CA ASP B 283 41.02 -26.28 -9.93
C ASP B 283 40.37 -27.23 -8.90
N LEU B 284 39.11 -27.58 -9.10
CA LEU B 284 38.40 -28.44 -8.16
C LEU B 284 38.46 -29.94 -8.44
N SER B 285 39.25 -30.34 -9.42
CA SER B 285 39.32 -31.77 -9.72
C SER B 285 39.78 -32.62 -8.52
N ASN B 286 40.63 -32.05 -7.66
CA ASN B 286 41.13 -32.80 -6.50
C ASN B 286 40.55 -32.30 -5.16
N PHE B 287 39.35 -31.75 -5.21
CA PHE B 287 38.68 -31.22 -4.02
C PHE B 287 38.56 -32.24 -2.88
N ALA B 288 38.19 -33.47 -3.22
CA ALA B 288 38.02 -34.53 -2.24
C ALA B 288 39.33 -34.99 -1.60
N GLU B 289 40.44 -34.75 -2.29
CA GLU B 289 41.74 -35.14 -1.77
C GLU B 289 42.15 -34.21 -0.63
N PHE B 290 41.65 -32.98 -0.68
CA PHE B 290 42.02 -32.01 0.34
C PHE B 290 40.89 -31.57 1.25
N HIS B 291 39.71 -32.16 1.07
CA HIS B 291 38.57 -31.78 1.88
C HIS B 291 37.65 -32.93 2.24
N SER B 292 37.15 -32.88 3.47
CA SER B 292 36.23 -33.86 3.97
C SER B 292 35.15 -33.03 4.67
N VAL B 293 33.90 -33.47 4.57
CA VAL B 293 32.79 -32.79 5.22
C VAL B 293 32.01 -33.79 6.04
N GLN B 294 31.91 -33.53 7.34
CA GLN B 294 31.14 -34.41 8.21
C GLN B 294 29.74 -33.82 8.32
N LEU B 295 28.75 -34.64 8.01
CA LEU B 295 27.36 -34.22 8.13
C LEU B 295 26.84 -34.73 9.47
N ASN B 296 26.70 -33.80 10.41
CA ASN B 296 26.18 -34.09 11.75
C ASN B 296 24.64 -34.22 11.75
N ASP B 297 24.16 -35.49 11.75
CA ASP B 297 22.75 -35.78 11.47
C ASP B 297 22.36 -35.31 10.04
N THR B 298 21.01 -35.28 9.77
CA THR B 298 20.55 -35.01 8.40
C THR B 298 20.34 -33.51 8.13
N HIS B 299 20.43 -32.63 9.13
CA HIS B 299 20.21 -31.21 8.89
C HIS B 299 21.03 -30.60 7.73
N PRO B 300 22.32 -30.96 7.60
CA PRO B 300 23.14 -30.40 6.52
C PRO B 300 23.16 -31.17 5.19
N VAL B 301 22.26 -32.13 5.03
CA VAL B 301 22.27 -32.92 3.80
C VAL B 301 22.11 -32.14 2.49
N LEU B 302 21.45 -30.99 2.52
CA LEU B 302 21.32 -30.22 1.28
C LEU B 302 22.68 -29.88 0.71
N ALA B 303 23.72 -30.03 1.54
CA ALA B 303 25.07 -29.75 1.07
C ALA B 303 25.41 -30.62 -0.14
N ILE B 304 24.85 -31.85 -0.13
CA ILE B 304 25.20 -32.81 -1.17
C ILE B 304 24.79 -32.32 -2.58
N PRO B 305 23.47 -32.01 -2.78
CA PRO B 305 23.01 -31.49 -4.08
C PRO B 305 23.59 -30.10 -4.37
N GLU B 306 23.77 -29.28 -3.31
CA GLU B 306 24.34 -27.96 -3.55
C GLU B 306 25.77 -28.04 -4.06
N LEU B 307 26.57 -28.97 -3.54
CA LEU B 307 27.93 -29.06 -4.05
C LEU B 307 27.86 -29.48 -5.51
N MET B 308 26.92 -30.37 -5.82
CA MET B 308 26.73 -30.82 -7.21
C MET B 308 26.40 -29.61 -8.08
N ARG B 309 25.51 -28.75 -7.60
CA ARG B 309 25.15 -27.55 -8.35
C ARG B 309 26.37 -26.65 -8.58
N LEU B 310 27.11 -26.38 -7.52
CA LEU B 310 28.28 -25.52 -7.64
C LEU B 310 29.28 -26.08 -8.66
N LEU B 311 29.63 -27.36 -8.53
CA LEU B 311 30.59 -28.00 -9.42
C LEU B 311 30.15 -28.01 -10.89
N MET B 312 28.88 -28.29 -11.13
CA MET B 312 28.41 -28.31 -12.51
C MET B 312 28.06 -26.94 -13.08
N ASP B 313 27.30 -26.14 -12.35
CA ASP B 313 26.81 -24.84 -12.84
C ASP B 313 27.84 -23.70 -12.83
N GLU B 314 28.82 -23.74 -11.87
CA GLU B 314 29.75 -22.61 -11.74
C GLU B 314 31.21 -23.00 -12.13
N HIS B 315 31.47 -24.31 -12.31
CA HIS B 315 32.86 -24.70 -12.56
C HIS B 315 32.97 -25.72 -13.71
N ASP B 316 31.87 -25.75 -14.50
CA ASP B 316 31.74 -26.55 -15.75
C ASP B 316 32.02 -28.06 -15.64
N MET B 317 31.83 -28.68 -14.49
CA MET B 317 32.03 -30.12 -14.38
C MET B 317 30.79 -30.89 -14.79
N GLY B 318 30.98 -32.10 -15.32
CA GLY B 318 29.86 -32.92 -15.73
C GLY B 318 29.35 -33.66 -14.49
N TRP B 319 28.17 -34.23 -14.59
CA TRP B 319 27.58 -34.96 -13.45
C TRP B 319 28.48 -36.07 -12.92
N GLU B 320 29.05 -36.86 -13.81
CA GLU B 320 29.92 -37.97 -13.41
C GLU B 320 31.05 -37.53 -12.50
N GLU B 321 31.85 -36.59 -12.97
CA GLU B 321 32.98 -36.12 -12.19
C GLU B 321 32.49 -35.52 -10.86
N SER B 322 31.46 -34.67 -10.94
CA SER B 322 30.90 -34.01 -9.76
C SER B 322 30.44 -34.99 -8.69
N TRP B 323 29.72 -36.04 -9.10
CA TRP B 323 29.24 -37.02 -8.15
C TRP B 323 30.38 -37.84 -7.55
N ALA B 324 31.46 -38.01 -8.31
CA ALA B 324 32.62 -38.75 -7.84
C ALA B 324 33.24 -38.01 -6.66
N ILE B 325 33.39 -36.70 -6.83
CA ILE B 325 33.95 -35.85 -5.80
C ILE B 325 33.02 -35.91 -4.58
N VAL B 326 31.74 -35.65 -4.80
CA VAL B 326 30.75 -35.69 -3.72
C VAL B 326 30.81 -36.98 -2.90
N SER B 327 30.89 -38.11 -3.59
CA SER B 327 30.90 -39.40 -2.90
C SER B 327 32.16 -39.68 -2.06
N LYS B 328 33.22 -38.91 -2.31
CA LYS B 328 34.47 -39.07 -1.55
C LYS B 328 34.66 -37.89 -0.59
N THR B 329 33.75 -36.93 -0.65
CA THR B 329 33.84 -35.75 0.20
C THR B 329 33.03 -35.88 1.49
N PHE B 330 31.78 -36.33 1.37
CA PHE B 330 30.88 -36.42 2.52
C PHE B 330 30.86 -37.70 3.37
N ALA B 331 30.75 -37.48 4.67
CA ALA B 331 30.65 -38.53 5.67
C ALA B 331 29.36 -38.17 6.42
N TYR B 332 28.61 -39.18 6.84
CA TYR B 332 27.35 -38.93 7.55
C TYR B 332 27.34 -39.58 8.92
N THR B 333 26.88 -38.83 9.93
CA THR B 333 26.79 -39.37 11.28
C THR B 333 25.32 -39.54 11.70
N ASN B 334 24.96 -40.76 12.06
CA ASN B 334 23.62 -41.10 12.52
C ASN B 334 23.64 -41.22 14.04
N HIS B 335 22.59 -40.68 14.71
CA HIS B 335 22.63 -40.62 16.17
C HIS B 335 21.60 -41.44 16.93
N THR B 336 20.49 -41.76 16.29
CA THR B 336 19.43 -42.52 16.97
C THR B 336 19.18 -43.90 16.37
N VAL B 337 18.41 -44.71 17.08
CA VAL B 337 18.07 -46.06 16.62
C VAL B 337 16.76 -46.00 15.82
N LEU B 338 16.00 -44.93 15.96
CA LEU B 338 14.74 -44.82 15.24
C LEU B 338 14.78 -44.06 13.93
N THR B 339 13.91 -44.49 13.02
CA THR B 339 13.82 -43.92 11.68
C THR B 339 12.70 -42.89 11.52
N GLU B 340 12.05 -42.52 12.62
CA GLU B 340 10.96 -41.55 12.55
C GLU B 340 11.45 -40.12 12.72
N ALA B 341 12.68 -39.97 13.19
CA ALA B 341 13.26 -38.65 13.39
C ALA B 341 14.02 -38.20 12.15
N LEU B 342 14.37 -39.15 11.29
CA LEU B 342 15.10 -38.83 10.06
C LEU B 342 14.27 -37.88 9.18
N GLU B 343 14.86 -36.76 8.78
CA GLU B 343 14.16 -35.77 7.98
C GLU B 343 13.59 -36.17 6.64
N GLN B 344 12.34 -35.77 6.42
CA GLN B 344 11.59 -36.04 5.19
C GLN B 344 10.89 -34.72 4.86
N TRP B 345 11.03 -34.26 3.62
CA TRP B 345 10.42 -33.00 3.23
C TRP B 345 9.60 -33.12 1.97
N ASP B 346 8.47 -32.39 1.94
CA ASP B 346 7.59 -32.34 0.78
C ASP B 346 8.46 -31.76 -0.36
N GLU B 347 8.53 -32.43 -1.50
CA GLU B 347 9.34 -31.91 -2.59
C GLU B 347 8.93 -30.51 -3.05
N GLN B 348 7.68 -30.14 -2.81
CA GLN B 348 7.25 -28.81 -3.23
C GLN B 348 8.08 -27.73 -2.53
N ILE B 349 8.49 -27.99 -1.29
CA ILE B 349 9.31 -27.02 -0.57
C ILE B 349 10.55 -26.69 -1.39
N PHE B 350 11.21 -27.72 -1.91
CA PHE B 350 12.40 -27.55 -2.70
C PHE B 350 12.13 -26.86 -4.03
N GLN B 351 11.04 -27.25 -4.68
CA GLN B 351 10.67 -26.68 -5.97
C GLN B 351 10.42 -25.17 -5.84
N GLN B 352 9.93 -24.74 -4.68
CA GLN B 352 9.65 -23.34 -4.42
C GLN B 352 10.89 -22.56 -3.97
N LEU B 353 11.70 -23.12 -3.09
CA LEU B 353 12.91 -22.42 -2.58
C LEU B 353 14.07 -22.35 -3.58
N PHE B 354 14.30 -23.45 -4.31
CA PHE B 354 15.43 -23.48 -5.23
C PHE B 354 15.24 -24.55 -6.30
N TRP B 355 14.55 -24.14 -7.39
CA TRP B 355 14.22 -25.07 -8.48
C TRP B 355 15.44 -25.85 -9.01
N ARG B 356 16.54 -25.16 -9.25
CA ARG B 356 17.74 -25.79 -9.77
C ARG B 356 18.26 -26.89 -8.84
N VAL B 357 18.23 -26.62 -7.54
CA VAL B 357 18.66 -27.59 -6.53
C VAL B 357 17.70 -28.79 -6.54
N TRP B 358 16.42 -28.51 -6.74
CA TRP B 358 15.42 -29.57 -6.81
C TRP B 358 15.68 -30.46 -8.04
N GLU B 359 16.01 -29.86 -9.19
CA GLU B 359 16.28 -30.63 -10.40
C GLU B 359 17.40 -31.63 -10.12
N ILE B 360 18.41 -31.17 -9.39
CA ILE B 360 19.55 -32.02 -9.06
C ILE B 360 19.14 -33.14 -8.11
N ILE B 361 18.29 -32.81 -7.15
CA ILE B 361 17.83 -33.84 -6.21
C ILE B 361 17.02 -34.89 -6.98
N ALA B 362 16.25 -34.44 -7.97
CA ALA B 362 15.44 -35.35 -8.79
C ALA B 362 16.33 -36.26 -9.64
N GLU B 363 17.39 -35.66 -10.18
CA GLU B 363 18.35 -36.38 -11.02
C GLU B 363 19.10 -37.40 -10.15
N ILE B 364 19.29 -37.07 -8.88
CA ILE B 364 19.96 -37.98 -7.95
C ILE B 364 19.05 -39.19 -7.75
N ASP B 365 17.74 -38.94 -7.62
CA ASP B 365 16.77 -40.03 -7.44
C ASP B 365 16.69 -40.87 -8.71
N ARG B 366 16.61 -40.21 -9.87
CA ARG B 366 16.52 -40.89 -11.15
C ARG B 366 17.69 -41.84 -11.36
N ARG B 367 18.89 -41.33 -11.15
CA ARG B 367 20.09 -42.13 -11.31
C ARG B 367 20.18 -43.25 -10.28
N PHE B 368 19.83 -42.94 -9.03
CA PHE B 368 19.87 -43.95 -7.98
C PHE B 368 19.05 -45.18 -8.34
N ARG B 369 17.83 -44.96 -8.80
CA ARG B 369 16.93 -46.05 -9.15
C ARG B 369 17.48 -46.94 -10.26
N LEU B 370 18.11 -46.32 -11.26
CA LEU B 370 18.68 -47.05 -12.39
C LEU B 370 19.92 -47.83 -11.95
N GLU B 371 20.73 -47.21 -11.10
CA GLU B 371 21.95 -47.86 -10.61
C GLU B 371 21.61 -49.07 -9.76
N ARG B 372 20.59 -48.96 -8.92
CA ARG B 372 20.18 -50.06 -8.08
C ARG B 372 19.52 -51.16 -8.90
N ALA B 373 18.85 -50.77 -9.99
CA ALA B 373 18.21 -51.75 -10.86
C ALA B 373 19.32 -52.55 -11.53
N ALA B 374 20.40 -51.85 -11.88
CA ALA B 374 21.55 -52.47 -12.49
C ALA B 374 22.16 -53.42 -11.48
N ASP B 375 22.22 -52.97 -10.22
CA ASP B 375 22.77 -53.78 -9.14
C ASP B 375 21.92 -55.03 -8.91
N GLY B 376 20.71 -55.07 -9.45
CA GLY B 376 19.87 -56.23 -9.28
C GLY B 376 18.85 -56.22 -8.15
N LEU B 377 18.70 -55.10 -7.45
CA LEU B 377 17.72 -55.06 -6.36
C LEU B 377 16.32 -55.04 -6.93
N ASP B 378 15.37 -55.61 -6.19
CA ASP B 378 13.99 -55.65 -6.67
C ASP B 378 13.32 -54.28 -6.52
N GLU B 379 12.26 -54.05 -7.28
CA GLU B 379 11.54 -52.80 -7.24
C GLU B 379 11.13 -52.38 -5.84
N GLU B 380 10.71 -53.33 -5.02
CA GLU B 380 10.27 -53.02 -3.66
C GLU B 380 11.38 -52.38 -2.83
N THR B 381 12.55 -53.00 -2.83
CA THR B 381 13.68 -52.50 -2.07
C THR B 381 14.12 -51.14 -2.58
N ILE B 382 14.11 -50.97 -3.90
CA ILE B 382 14.53 -49.72 -4.50
C ILE B 382 13.58 -48.57 -4.11
N ASN B 383 12.27 -48.80 -4.24
CA ASN B 383 11.30 -47.77 -3.88
C ASN B 383 11.47 -47.33 -2.42
N ARG B 384 11.81 -48.34 -1.59
CA ARG B 384 11.91 -48.12 -0.14
C ARG B 384 13.26 -47.45 0.26
N MET B 385 14.22 -47.43 -0.71
CA MET B 385 15.52 -46.77 -0.46
C MET B 385 15.65 -45.43 -1.21
N ALA B 386 14.81 -45.22 -2.21
CA ALA B 386 14.89 -44.02 -3.03
C ALA B 386 14.83 -42.73 -2.23
N PRO B 387 15.57 -41.71 -2.66
CA PRO B 387 15.55 -40.44 -1.94
C PRO B 387 14.18 -39.75 -2.02
N ILE B 388 13.50 -39.93 -3.15
CA ILE B 388 12.18 -39.34 -3.35
C ILE B 388 11.09 -40.40 -3.47
N GLN B 389 10.19 -40.42 -2.48
CA GLN B 389 9.09 -41.39 -2.47
C GLN B 389 7.78 -40.69 -2.21
N HIS B 390 6.81 -40.92 -3.10
CA HIS B 390 5.49 -40.33 -2.94
C HIS B 390 5.56 -38.83 -2.68
N GLY B 391 6.32 -38.13 -3.51
CA GLY B 391 6.47 -36.69 -3.37
C GLY B 391 7.19 -36.20 -2.13
N THR B 392 7.87 -37.11 -1.43
CA THR B 392 8.60 -36.76 -0.21
C THR B 392 10.08 -37.10 -0.37
N VAL B 393 10.96 -36.17 -0.03
CA VAL B 393 12.38 -36.40 -0.12
C VAL B 393 12.91 -36.89 1.22
N HIS B 394 13.55 -38.05 1.21
CA HIS B 394 14.12 -38.65 2.40
C HIS B 394 15.58 -38.23 2.47
N MET B 395 15.88 -37.26 3.33
CA MET B 395 17.25 -36.75 3.45
C MET B 395 18.27 -37.78 3.91
N ALA B 396 17.88 -38.68 4.82
CA ALA B 396 18.82 -39.69 5.30
C ALA B 396 19.24 -40.64 4.17
N TRP B 397 18.35 -40.85 3.20
CA TRP B 397 18.67 -41.74 2.08
C TRP B 397 19.63 -41.07 1.12
N ILE B 398 19.53 -39.75 0.99
CA ILE B 398 20.45 -39.03 0.10
C ILE B 398 21.84 -39.12 0.74
N ALA B 399 21.86 -39.00 2.06
CA ALA B 399 23.11 -39.07 2.83
C ALA B 399 23.77 -40.45 2.77
N CYS B 400 23.00 -41.50 3.00
CA CYS B 400 23.54 -42.87 2.99
C CYS B 400 24.01 -43.27 1.60
N TYR B 401 23.43 -42.64 0.59
CA TYR B 401 23.78 -42.92 -0.80
C TYR B 401 25.09 -42.22 -1.18
N ALA B 402 25.23 -40.95 -0.80
CA ALA B 402 26.42 -40.18 -1.13
C ALA B 402 27.65 -40.37 -0.24
N ALA B 403 27.42 -40.56 1.06
CA ALA B 403 28.51 -40.68 2.03
C ALA B 403 29.43 -41.89 1.90
N TYR B 404 30.72 -41.67 2.10
CA TYR B 404 31.71 -42.74 2.03
C TYR B 404 31.83 -43.42 3.38
N SER B 405 31.30 -42.75 4.40
CA SER B 405 31.29 -43.22 5.78
C SER B 405 29.97 -42.89 6.46
N ILE B 406 29.45 -43.87 7.18
CA ILE B 406 28.21 -43.75 7.94
C ILE B 406 28.58 -44.32 9.29
N ASN B 407 28.51 -43.49 10.33
CA ASN B 407 28.87 -43.97 11.67
C ASN B 407 27.79 -43.77 12.71
N GLY B 408 27.85 -44.63 13.73
CA GLY B 408 26.94 -44.58 14.85
C GLY B 408 27.72 -43.91 15.96
N VAL B 409 27.11 -43.72 17.13
CA VAL B 409 27.77 -43.03 18.22
C VAL B 409 28.03 -43.82 19.49
N ALA B 410 27.90 -45.14 19.39
CA ALA B 410 28.13 -46.07 20.50
C ALA B 410 28.12 -47.47 19.88
N ALA B 411 28.94 -48.37 20.42
CA ALA B 411 29.02 -49.73 19.90
C ALA B 411 27.66 -50.35 19.61
N LEU B 412 26.81 -50.41 20.62
CA LEU B 412 25.48 -51.00 20.45
C LEU B 412 24.66 -50.24 19.41
N HIS B 413 24.62 -48.88 19.55
CA HIS B 413 23.87 -48.10 18.57
C HIS B 413 24.29 -48.41 17.13
N THR B 414 25.63 -48.52 16.91
CA THR B 414 26.10 -48.78 15.54
C THR B 414 25.67 -50.16 15.02
N GLU B 415 25.60 -51.15 15.90
CA GLU B 415 25.18 -52.49 15.50
C GLU B 415 23.69 -52.51 15.15
N ILE B 416 22.92 -51.71 15.87
CA ILE B 416 21.49 -51.62 15.65
C ILE B 416 21.14 -51.00 14.31
N ILE B 417 21.85 -49.93 13.92
CA ILE B 417 21.55 -49.32 12.64
C ILE B 417 22.03 -50.20 11.49
N LYS B 418 23.04 -51.04 11.72
CA LYS B 418 23.53 -51.94 10.65
C LYS B 418 22.47 -53.00 10.45
N ALA B 419 21.98 -53.52 11.56
CA ALA B 419 20.98 -54.59 11.57
C ALA B 419 19.54 -54.12 11.35
N GLU B 420 19.19 -52.92 11.79
CA GLU B 420 17.82 -52.46 11.62
C GLU B 420 17.60 -51.12 10.93
N THR B 421 17.86 -50.05 11.67
CA THR B 421 17.65 -48.66 11.22
C THR B 421 18.05 -48.44 9.75
N LEU B 422 19.29 -48.84 9.39
CA LEU B 422 19.74 -48.64 8.01
C LEU B 422 20.09 -49.97 7.31
N ALA B 423 19.34 -51.04 7.65
CA ALA B 423 19.74 -52.36 7.18
C ALA B 423 19.92 -52.47 5.64
N ASP B 424 19.07 -51.74 4.89
CA ASP B 424 19.19 -51.79 3.41
C ASP B 424 20.55 -51.28 2.92
N TRP B 425 21.04 -50.22 3.57
CA TRP B 425 22.29 -49.63 3.17
C TRP B 425 23.47 -50.49 3.60
N TYR B 426 23.34 -51.10 4.77
CA TYR B 426 24.40 -51.96 5.28
C TYR B 426 24.54 -53.20 4.38
N ALA B 427 23.42 -53.68 3.86
CA ALA B 427 23.42 -54.85 2.99
C ALA B 427 24.06 -54.51 1.65
N LEU B 428 23.87 -53.27 1.21
CA LEU B 428 24.39 -52.81 -0.06
C LEU B 428 25.84 -52.36 0.02
N TRP B 429 26.16 -51.54 1.01
CA TRP B 429 27.52 -51.04 1.19
C TRP B 429 28.00 -51.21 2.65
N PRO B 430 28.46 -52.44 2.97
CA PRO B 430 28.88 -52.79 4.35
C PRO B 430 30.16 -52.01 4.77
N GLU B 431 30.98 -51.62 3.77
CA GLU B 431 32.24 -50.93 4.11
C GLU B 431 32.02 -49.49 4.62
N LYS B 432 30.82 -48.91 4.39
CA LYS B 432 30.66 -47.53 4.85
C LYS B 432 30.46 -47.42 6.36
N PHE B 433 29.89 -48.45 6.96
CA PHE B 433 29.57 -48.45 8.40
C PHE B 433 30.70 -48.65 9.40
N ASN B 434 30.68 -47.83 10.45
CA ASN B 434 31.67 -47.91 11.49
C ASN B 434 31.16 -47.20 12.76
N ASN B 435 31.88 -47.34 13.86
CA ASN B 435 31.47 -46.73 15.12
C ASN B 435 32.46 -45.70 15.65
N LYS B 436 31.92 -44.61 16.18
CA LYS B 436 32.72 -43.54 16.77
C LYS B 436 31.96 -43.13 18.02
N THR B 437 32.36 -43.67 19.16
CA THR B 437 31.70 -43.38 20.43
C THR B 437 31.84 -41.93 20.89
N ASN B 438 30.71 -41.31 21.21
CA ASN B 438 30.69 -39.93 21.67
C ASN B 438 31.56 -39.75 22.91
N GLY B 439 31.93 -38.50 23.21
CA GLY B 439 32.74 -38.20 24.35
C GLY B 439 32.54 -36.74 24.68
N VAL B 440 33.20 -36.26 25.73
CA VAL B 440 33.08 -34.86 26.13
C VAL B 440 34.47 -34.33 26.40
N THR B 441 34.65 -33.01 26.33
CA THR B 441 35.98 -32.49 26.57
C THR B 441 36.32 -32.29 28.04
N PRO B 442 37.47 -32.84 28.49
CA PRO B 442 37.88 -32.71 29.89
C PRO B 442 38.34 -31.28 30.25
N ARG B 443 38.42 -30.40 29.26
CA ARG B 443 38.79 -29.01 29.54
C ARG B 443 37.59 -28.31 30.16
N ARG B 444 36.60 -27.98 29.34
CA ARG B 444 35.42 -27.30 29.86
C ARG B 444 34.73 -28.05 30.98
N TRP B 445 34.65 -29.38 30.86
CA TRP B 445 33.90 -30.17 31.84
C TRP B 445 34.63 -30.72 33.05
N LEU B 446 35.91 -30.41 33.18
CA LEU B 446 36.66 -30.88 34.35
C LEU B 446 37.71 -29.86 34.78
N ARG B 447 38.68 -29.63 33.92
CA ARG B 447 39.74 -28.69 34.23
C ARG B 447 39.25 -27.26 34.48
N MET B 448 38.36 -26.77 33.62
CA MET B 448 37.87 -25.40 33.76
C MET B 448 36.86 -25.16 34.87
N ILE B 449 35.96 -26.11 35.09
CA ILE B 449 34.92 -25.93 36.11
C ILE B 449 35.19 -26.50 37.48
N ASN B 450 36.20 -27.35 37.60
CA ASN B 450 36.51 -27.97 38.89
C ASN B 450 37.99 -27.80 39.22
N PRO B 451 38.40 -26.55 39.49
CA PRO B 451 39.81 -26.28 39.83
C PRO B 451 40.26 -27.03 41.07
N GLY B 452 39.35 -27.21 42.03
CA GLY B 452 39.70 -27.95 43.23
C GLY B 452 40.13 -29.36 42.88
N LEU B 453 39.29 -30.08 42.14
CA LEU B 453 39.64 -31.45 41.76
C LEU B 453 40.86 -31.46 40.82
N SER B 454 40.91 -30.50 39.89
CA SER B 454 42.03 -30.42 38.95
C SER B 454 43.36 -30.31 39.70
N ASP B 455 43.38 -29.51 40.76
CA ASP B 455 44.58 -29.34 41.57
C ASP B 455 45.05 -30.65 42.17
N LEU B 456 44.13 -31.41 42.75
CA LEU B 456 44.46 -32.70 43.36
C LEU B 456 45.03 -33.65 42.29
N LEU B 457 44.36 -33.72 41.14
CA LEU B 457 44.80 -34.58 40.04
C LEU B 457 46.18 -34.18 39.56
N THR B 458 46.45 -32.88 39.49
CA THR B 458 47.76 -32.43 39.03
C THR B 458 48.84 -32.69 40.08
N ARG B 459 48.49 -32.55 41.35
CA ARG B 459 49.45 -32.78 42.43
C ARG B 459 49.84 -34.27 42.47
N LEU B 460 48.84 -35.14 42.47
CA LEU B 460 49.08 -36.58 42.52
C LEU B 460 49.83 -37.12 41.31
N SER B 461 49.42 -36.71 40.12
CA SER B 461 50.07 -37.18 38.90
C SER B 461 51.39 -36.49 38.57
N GLY B 462 51.65 -35.36 39.23
CA GLY B 462 52.89 -34.64 38.99
C GLY B 462 52.98 -33.75 37.77
N SER B 463 51.86 -33.56 37.06
CA SER B 463 51.84 -32.69 35.89
C SER B 463 50.39 -32.51 35.50
N ASP B 464 50.13 -31.66 34.51
CA ASP B 464 48.77 -31.45 34.05
C ASP B 464 48.59 -32.08 32.67
N ASP B 465 49.39 -33.11 32.39
CA ASP B 465 49.29 -33.81 31.11
C ASP B 465 47.93 -34.47 31.00
N TRP B 466 47.35 -34.83 32.14
CA TRP B 466 46.05 -35.49 32.15
C TRP B 466 44.95 -34.64 31.51
N VAL B 467 45.12 -33.32 31.52
CA VAL B 467 44.13 -32.42 30.96
C VAL B 467 43.87 -32.67 29.48
N THR B 468 44.89 -33.09 28.74
CA THR B 468 44.73 -33.37 27.33
C THR B 468 44.99 -34.84 27.02
N ASP B 469 44.91 -35.69 28.04
CA ASP B 469 45.14 -37.12 27.91
C ASP B 469 44.56 -37.71 29.18
N LEU B 470 43.23 -37.68 29.26
CA LEU B 470 42.50 -38.13 30.45
C LEU B 470 42.75 -39.55 30.88
N ASP B 471 43.19 -40.41 29.97
CA ASP B 471 43.48 -41.80 30.30
C ASP B 471 44.59 -41.83 31.36
N GLU B 472 45.38 -40.76 31.43
CA GLU B 472 46.47 -40.66 32.41
C GLU B 472 45.99 -40.83 33.84
N LEU B 473 44.72 -40.51 34.08
CA LEU B 473 44.15 -40.64 35.41
C LEU B 473 43.99 -42.10 35.85
N LYS B 474 44.06 -43.04 34.91
CA LYS B 474 43.90 -44.45 35.25
C LYS B 474 44.94 -44.91 36.28
N LYS B 475 46.18 -44.48 36.10
CA LYS B 475 47.26 -44.86 36.99
C LYS B 475 47.09 -44.30 38.41
N LEU B 476 46.12 -43.42 38.60
CA LEU B 476 45.87 -42.85 39.92
C LEU B 476 44.82 -43.64 40.68
N ARG B 477 44.24 -44.64 40.03
CA ARG B 477 43.21 -45.46 40.66
C ARG B 477 43.68 -46.08 41.96
N SER B 478 44.97 -46.38 42.04
CA SER B 478 45.55 -47.00 43.24
C SER B 478 45.36 -46.18 44.52
N TYR B 479 45.21 -44.85 44.38
CA TYR B 479 45.04 -44.01 45.57
C TYR B 479 43.62 -44.15 46.14
N ALA B 480 42.83 -45.06 45.53
CA ALA B 480 41.45 -45.23 45.98
C ALA B 480 41.39 -45.66 47.45
N ASP B 481 42.54 -46.15 47.95
CA ASP B 481 42.60 -46.67 49.31
C ASP B 481 43.31 -45.71 50.28
N ASP B 482 43.75 -44.56 49.72
CA ASP B 482 44.47 -43.57 50.52
C ASP B 482 43.51 -42.55 51.15
N LYS B 483 43.27 -42.67 52.45
CA LYS B 483 42.36 -41.78 53.16
C LYS B 483 42.71 -40.31 53.06
N SER B 484 44.00 -40.00 52.97
CA SER B 484 44.42 -38.61 52.84
C SER B 484 43.85 -38.02 51.56
N VAL B 485 43.85 -38.83 50.49
CA VAL B 485 43.29 -38.39 49.22
C VAL B 485 41.75 -38.29 49.25
N LEU B 486 41.11 -39.31 49.88
CA LEU B 486 39.66 -39.28 49.98
C LEU B 486 39.18 -38.11 50.82
N GLU B 487 39.95 -37.83 51.87
CA GLU B 487 39.66 -36.64 52.67
C GLU B 487 39.65 -35.38 51.80
N GLU B 488 40.69 -35.28 50.93
CA GLU B 488 40.81 -34.11 50.07
C GLU B 488 39.64 -34.07 49.06
N LEU B 489 39.33 -35.27 48.54
CA LEU B 489 38.20 -35.40 47.62
C LEU B 489 36.89 -34.88 48.22
N ARG B 490 36.63 -35.28 49.50
CA ARG B 490 35.39 -34.86 50.11
C ARG B 490 35.36 -33.35 50.38
N ALA B 491 36.52 -32.80 50.75
CA ALA B 491 36.62 -31.37 51.02
C ALA B 491 36.39 -30.59 49.74
N ILE B 492 36.87 -31.13 48.62
CA ILE B 492 36.68 -30.48 47.33
C ILE B 492 35.19 -30.47 46.95
N LYS B 493 34.52 -31.61 47.09
CA LYS B 493 33.09 -31.70 46.78
C LYS B 493 32.31 -30.74 47.67
N ALA B 494 32.66 -30.72 48.95
CA ALA B 494 31.99 -29.85 49.90
C ALA B 494 32.14 -28.38 49.52
N ALA B 495 33.33 -27.98 49.07
CA ALA B 495 33.56 -26.59 48.66
C ALA B 495 32.76 -26.28 47.42
N ASN B 496 32.69 -27.25 46.50
CA ASN B 496 31.93 -27.09 45.27
C ASN B 496 30.45 -26.90 45.59
N LYS B 497 29.93 -27.68 46.53
CA LYS B 497 28.52 -27.59 46.89
C LYS B 497 28.20 -26.26 47.56
N GLN B 498 29.15 -25.75 48.33
CA GLN B 498 28.97 -24.48 49.00
C GLN B 498 28.91 -23.39 47.94
N ASP B 499 29.71 -23.54 46.88
CA ASP B 499 29.72 -22.57 45.78
C ASP B 499 28.38 -22.60 45.08
N PHE B 500 27.87 -23.80 44.84
CA PHE B 500 26.58 -23.92 44.17
C PHE B 500 25.48 -23.31 45.01
N ALA B 501 25.50 -23.60 46.31
CA ALA B 501 24.49 -23.08 47.20
C ALA B 501 24.45 -21.55 47.14
N GLU B 502 25.62 -20.94 47.00
CA GLU B 502 25.72 -19.49 46.92
C GLU B 502 25.18 -19.02 45.57
N TRP B 503 25.51 -19.78 44.53
CA TRP B 503 25.12 -19.48 43.16
C TRP B 503 23.60 -19.49 43.01
N ILE B 504 22.97 -20.57 43.50
CA ILE B 504 21.52 -20.68 43.38
C ILE B 504 20.78 -19.65 44.25
N LEU B 505 21.41 -19.30 45.38
CA LEU B 505 20.75 -18.37 46.28
C LEU B 505 20.65 -16.99 45.63
N GLU B 506 21.79 -16.60 45.04
CA GLU B 506 21.82 -15.36 44.29
C GLU B 506 20.97 -15.45 43.03
N ARG B 507 20.89 -16.61 42.39
CA ARG B 507 20.14 -16.75 41.15
C ARG B 507 18.63 -16.87 41.29
N GLN B 508 18.16 -17.60 42.29
CA GLN B 508 16.72 -17.79 42.46
C GLN B 508 16.22 -17.61 43.89
N GLY B 509 17.07 -17.08 44.76
CA GLY B 509 16.69 -16.83 46.14
C GLY B 509 16.38 -18.05 47.00
N ILE B 510 16.80 -19.23 46.54
CA ILE B 510 16.53 -20.42 47.31
C ILE B 510 17.71 -20.81 48.20
N GLU B 511 17.42 -21.10 49.45
CA GLU B 511 18.44 -21.48 50.42
C GLU B 511 18.48 -23.00 50.54
N ILE B 512 19.66 -23.58 50.38
CA ILE B 512 19.82 -25.03 50.48
C ILE B 512 20.96 -25.40 51.43
N ASP B 513 20.95 -26.65 51.90
CA ASP B 513 21.97 -27.13 52.82
C ASP B 513 23.15 -27.74 52.08
N PRO B 514 24.34 -27.11 52.18
CA PRO B 514 25.54 -27.60 51.50
C PRO B 514 26.00 -28.98 51.97
N GLU B 515 25.43 -29.46 53.07
CA GLU B 515 25.82 -30.76 53.61
C GLU B 515 24.95 -31.92 53.16
N SER B 516 23.83 -31.59 52.50
CA SER B 516 22.92 -32.61 52.01
C SER B 516 23.45 -33.24 50.73
N ILE B 517 22.90 -34.39 50.36
CA ILE B 517 23.29 -35.04 49.10
C ILE B 517 22.73 -34.25 47.96
N PHE B 518 23.61 -33.93 46.99
CA PHE B 518 23.11 -33.24 45.80
C PHE B 518 22.72 -34.24 44.71
N ASP B 519 21.41 -34.50 44.64
CA ASP B 519 20.90 -35.51 43.71
C ASP B 519 20.31 -34.82 42.47
N VAL B 520 21.02 -34.97 41.32
CA VAL B 520 20.74 -34.11 40.16
C VAL B 520 20.21 -34.90 38.95
N GLN B 521 19.19 -34.29 38.30
CA GLN B 521 18.76 -34.76 36.97
C GLN B 521 18.63 -33.57 36.00
N ILE B 522 19.60 -33.50 35.07
CA ILE B 522 19.59 -32.42 34.10
C ILE B 522 19.56 -33.00 32.69
N LYS B 523 18.35 -33.07 32.15
CA LYS B 523 18.10 -33.62 30.82
C LYS B 523 16.94 -32.82 30.23
N ARG B 524 16.76 -32.90 28.91
CA ARG B 524 15.63 -32.24 28.28
C ARG B 524 14.42 -32.99 28.82
N LEU B 525 13.29 -32.31 28.98
CA LEU B 525 12.08 -32.94 29.50
C LEU B 525 11.41 -33.81 28.44
N HIS B 526 11.47 -35.12 28.62
CA HIS B 526 10.84 -36.07 27.71
C HIS B 526 10.23 -37.13 28.61
N GLU B 527 9.16 -37.77 28.16
CA GLU B 527 8.58 -38.80 28.99
C GLU B 527 9.51 -40.00 29.11
N TYR B 528 10.30 -40.29 28.07
CA TYR B 528 11.21 -41.43 28.14
C TYR B 528 12.42 -41.16 29.04
N LYS B 529 12.63 -39.88 29.36
CA LYS B 529 13.70 -39.41 30.24
C LYS B 529 13.33 -39.70 31.69
N ARG B 530 12.01 -39.62 31.93
CA ARG B 530 11.44 -40.09 33.17
C ARG B 530 11.69 -39.16 34.38
N GLN B 531 11.76 -37.85 34.11
CA GLN B 531 11.75 -36.92 35.23
C GLN B 531 10.56 -37.22 36.16
N LEU B 532 9.49 -37.73 35.56
CA LEU B 532 8.26 -38.04 36.28
C LEU B 532 8.46 -39.11 37.36
N MET B 533 9.25 -40.12 37.05
CA MET B 533 9.52 -41.18 38.02
C MET B 533 10.32 -40.57 39.18
N ASN B 534 11.28 -39.71 38.84
CA ASN B 534 12.09 -39.01 39.85
C ASN B 534 11.14 -38.25 40.77
N ALA B 535 10.21 -37.50 40.18
CA ALA B 535 9.25 -36.71 40.96
C ALA B 535 8.34 -37.61 41.80
N LEU B 536 7.97 -38.77 41.26
CA LEU B 536 7.11 -39.69 42.00
C LEU B 536 7.86 -40.12 43.25
N TYR B 537 9.13 -40.47 43.08
CA TYR B 537 9.95 -40.89 44.21
C TYR B 537 10.01 -39.78 45.26
N VAL B 538 10.13 -38.54 44.79
CA VAL B 538 10.20 -37.39 45.70
C VAL B 538 8.90 -37.21 46.47
N LEU B 539 7.76 -37.37 45.78
CA LEU B 539 6.47 -37.21 46.42
C LEU B 539 6.28 -38.28 47.49
N ASP B 540 6.58 -39.52 47.13
CA ASP B 540 6.48 -40.63 48.08
C ASP B 540 7.35 -40.37 49.30
N LEU B 541 8.60 -40.01 49.07
CA LEU B 541 9.53 -39.75 50.16
C LEU B 541 8.93 -38.70 51.08
N TYR B 542 8.22 -37.76 50.49
CA TYR B 542 7.57 -36.68 51.23
C TYR B 542 6.60 -37.29 52.24
N PHE B 543 5.78 -38.23 51.80
CA PHE B 543 4.80 -38.86 52.68
C PHE B 543 5.46 -39.77 53.71
N ARG B 544 6.55 -40.41 53.32
CA ARG B 544 7.27 -41.29 54.23
C ARG B 544 7.81 -40.47 55.40
N ILE B 545 8.42 -39.34 55.09
CA ILE B 545 8.94 -38.47 56.14
C ILE B 545 7.80 -37.83 56.94
N LYS B 546 6.73 -37.42 56.21
CA LYS B 546 5.68 -36.65 56.86
C LYS B 546 4.79 -37.54 57.75
N GLU B 547 4.44 -38.72 57.18
CA GLU B 547 3.43 -39.59 57.79
C GLU B 547 4.02 -40.93 58.25
N ASP B 548 4.89 -41.55 57.42
CA ASP B 548 5.42 -42.86 57.84
C ASP B 548 6.63 -42.73 58.82
N GLY B 549 6.77 -41.56 59.46
CA GLY B 549 7.86 -41.38 60.42
C GLY B 549 9.29 -41.68 60.00
N LEU B 550 9.58 -41.67 58.68
CA LEU B 550 10.93 -41.96 58.22
C LEU B 550 11.89 -40.94 58.79
N THR B 551 13.02 -41.40 59.32
CA THR B 551 13.98 -40.51 59.92
C THR B 551 15.44 -40.97 59.81
N ASP B 552 15.67 -42.26 59.53
CA ASP B 552 17.04 -42.73 59.40
C ASP B 552 17.49 -42.53 57.94
N ILE B 553 17.69 -41.27 57.56
CA ILE B 553 18.09 -40.94 56.20
C ILE B 553 18.87 -39.62 56.20
N PRO B 554 19.77 -39.44 55.23
CA PRO B 554 20.54 -38.19 55.14
C PRO B 554 19.68 -37.13 54.47
N ALA B 555 20.00 -35.86 54.68
CA ALA B 555 19.24 -34.79 54.04
C ALA B 555 19.64 -34.79 52.56
N ARG B 556 18.74 -34.34 51.69
CA ARG B 556 19.08 -34.29 50.28
C ARG B 556 18.38 -33.15 49.57
N THR B 557 19.04 -32.66 48.53
CA THR B 557 18.51 -31.59 47.72
C THR B 557 18.38 -32.18 46.34
N VAL B 558 17.14 -32.36 45.88
CA VAL B 558 16.85 -32.92 44.56
C VAL B 558 16.82 -31.77 43.57
N ILE B 559 17.76 -31.81 42.63
CA ILE B 559 17.91 -30.77 41.64
C ILE B 559 17.51 -31.18 40.22
N PHE B 560 16.63 -30.38 39.62
CA PHE B 560 16.18 -30.63 38.26
C PHE B 560 16.62 -29.51 37.35
N GLY B 561 16.89 -29.87 36.11
CA GLY B 561 17.28 -28.91 35.09
C GLY B 561 16.63 -29.46 33.83
N ALA B 562 15.72 -28.71 33.22
CA ALA B 562 15.05 -29.23 32.03
C ALA B 562 14.13 -28.25 31.34
N LYS B 563 14.21 -28.20 30.02
CA LYS B 563 13.34 -27.36 29.20
C LYS B 563 12.39 -28.33 28.52
N ALA B 564 11.18 -27.88 28.21
CA ALA B 564 10.22 -28.73 27.52
C ALA B 564 9.91 -28.09 26.17
N ALA B 565 9.77 -28.90 25.14
CA ALA B 565 9.37 -28.39 23.84
C ALA B 565 8.03 -27.68 23.96
N PRO B 566 7.97 -26.47 23.41
CA PRO B 566 6.81 -25.59 23.51
C PRO B 566 5.45 -26.29 23.38
N GLY B 567 5.31 -27.22 22.43
CA GLY B 567 3.98 -27.80 22.19
C GLY B 567 3.78 -29.17 22.86
N TYR B 568 4.81 -29.61 23.59
CA TYR B 568 4.75 -30.91 24.26
C TYR B 568 3.96 -30.83 25.58
N VAL B 569 2.63 -31.08 25.49
CA VAL B 569 1.76 -30.91 26.66
C VAL B 569 2.14 -31.76 27.88
N ARG B 570 2.38 -33.05 27.72
CA ARG B 570 2.75 -33.87 28.88
C ARG B 570 4.03 -33.33 29.53
N ALA B 571 5.05 -33.03 28.73
CA ALA B 571 6.32 -32.51 29.27
C ALA B 571 6.12 -31.25 30.11
N LYS B 572 5.31 -30.34 29.60
CA LYS B 572 5.05 -29.11 30.32
C LYS B 572 4.23 -29.36 31.58
N ALA B 573 3.39 -30.40 31.56
CA ALA B 573 2.59 -30.72 32.74
C ALA B 573 3.53 -31.25 33.82
N ILE B 574 4.52 -32.03 33.40
CA ILE B 574 5.49 -32.60 34.33
C ILE B 574 6.31 -31.50 34.99
N ILE B 575 6.70 -30.49 34.20
CA ILE B 575 7.46 -29.40 34.78
C ILE B 575 6.60 -28.73 35.86
N LYS B 576 5.33 -28.49 35.56
CA LYS B 576 4.44 -27.87 36.53
C LYS B 576 4.34 -28.75 37.77
N LEU B 577 4.25 -30.07 37.56
CA LEU B 577 4.15 -31.00 38.68
C LEU B 577 5.38 -30.92 39.57
N ILE B 578 6.56 -30.85 38.95
CA ILE B 578 7.78 -30.76 39.72
C ILE B 578 7.77 -29.49 40.55
N ASN B 579 7.34 -28.37 39.96
CA ASN B 579 7.29 -27.13 40.71
C ASN B 579 6.27 -27.22 41.85
N SER B 580 5.18 -27.95 41.64
CA SER B 580 4.16 -28.11 42.67
C SER B 580 4.69 -28.90 43.85
N ILE B 581 5.27 -30.06 43.55
CA ILE B 581 5.85 -30.89 44.59
C ILE B 581 6.89 -30.09 45.37
N ALA B 582 7.73 -29.36 44.65
CA ALA B 582 8.77 -28.55 45.29
C ALA B 582 8.14 -27.59 46.29
N ASP B 583 7.01 -26.99 45.92
CA ASP B 583 6.34 -26.07 46.84
C ASP B 583 5.82 -26.83 48.04
N LEU B 584 5.18 -28.00 47.77
CA LEU B 584 4.65 -28.80 48.85
C LEU B 584 5.77 -29.18 49.84
N VAL B 585 6.89 -29.63 49.24
CA VAL B 585 8.01 -30.09 50.03
C VAL B 585 8.80 -28.95 50.71
N ASN B 586 9.21 -27.93 49.92
CA ASN B 586 10.10 -26.88 50.47
C ASN B 586 9.43 -26.06 51.59
N ASN B 587 8.09 -26.09 51.65
CA ASN B 587 7.38 -25.18 52.56
C ASN B 587 6.78 -25.89 53.78
N ASP B 588 7.16 -27.18 53.91
CA ASP B 588 6.74 -28.02 55.04
C ASP B 588 7.88 -28.20 56.02
N PRO B 589 7.77 -27.55 57.20
CA PRO B 589 8.77 -27.60 58.27
C PRO B 589 9.03 -28.98 58.84
N GLU B 590 8.22 -29.96 58.46
CA GLU B 590 8.40 -31.33 58.91
C GLU B 590 9.21 -32.14 57.91
N VAL B 591 9.36 -31.56 56.69
CA VAL B 591 10.06 -32.27 55.63
C VAL B 591 11.23 -31.48 55.02
N SER B 592 11.05 -30.16 54.86
CA SER B 592 12.11 -29.34 54.27
C SER B 592 13.52 -29.62 54.83
N PRO B 593 13.65 -29.76 56.18
CA PRO B 593 14.98 -29.97 56.79
C PRO B 593 15.68 -31.22 56.25
N LEU B 594 14.87 -32.19 55.75
CA LEU B 594 15.45 -33.43 55.20
C LEU B 594 15.43 -33.45 53.66
N LEU B 595 14.42 -32.77 53.12
CA LEU B 595 14.19 -32.85 51.68
C LEU B 595 13.82 -31.50 51.08
N LYS B 596 14.58 -31.14 50.02
CA LYS B 596 14.32 -29.91 49.29
C LYS B 596 14.44 -30.17 47.79
N VAL B 597 13.52 -29.56 47.04
CA VAL B 597 13.57 -29.70 45.60
C VAL B 597 13.98 -28.38 44.94
N VAL B 598 14.95 -28.48 44.01
CA VAL B 598 15.38 -27.28 43.30
C VAL B 598 15.23 -27.41 41.80
N PHE B 599 14.44 -26.49 41.21
CA PHE B 599 14.32 -26.52 39.78
C PHE B 599 15.12 -25.38 39.20
N VAL B 600 16.31 -25.74 38.65
CA VAL B 600 17.13 -24.71 38.06
C VAL B 600 16.52 -24.26 36.77
N GLU B 601 16.15 -22.98 36.76
CA GLU B 601 15.49 -22.33 35.64
C GLU B 601 16.42 -22.10 34.46
N ASN B 602 15.91 -22.28 33.25
CA ASN B 602 16.67 -22.05 32.02
C ASN B 602 17.99 -22.79 31.94
N TYR B 603 17.92 -24.09 32.17
CA TYR B 603 19.10 -24.95 32.12
C TYR B 603 19.83 -24.78 30.79
N ASN B 604 21.15 -24.68 30.86
CA ASN B 604 22.00 -24.52 29.68
C ASN B 604 23.44 -24.81 30.11
N VAL B 605 24.40 -24.56 29.24
CA VAL B 605 25.81 -24.82 29.51
C VAL B 605 26.31 -24.21 30.83
N SER B 606 26.09 -22.89 31.01
CA SER B 606 26.58 -22.27 32.24
C SER B 606 25.98 -22.89 33.50
N PRO B 607 24.67 -23.17 33.47
CA PRO B 607 24.10 -23.79 34.65
C PRO B 607 24.73 -25.16 34.91
N ALA B 608 24.92 -25.95 33.83
CA ALA B 608 25.58 -27.25 33.99
C ALA B 608 26.98 -27.11 34.60
N GLU B 609 27.72 -26.08 34.14
CA GLU B 609 29.08 -25.88 34.66
C GLU B 609 29.09 -25.62 36.19
N HIS B 610 28.00 -25.06 36.72
CA HIS B 610 27.91 -24.80 38.16
C HIS B 610 27.36 -25.99 38.92
N ILE B 611 26.54 -26.79 38.25
CA ILE B 611 25.92 -27.95 38.88
C ILE B 611 26.84 -29.16 39.01
N LEU B 612 27.42 -29.56 37.89
CA LEU B 612 28.30 -30.72 37.84
C LEU B 612 29.35 -30.87 38.94
N PRO B 613 30.18 -29.85 39.20
CA PRO B 613 31.19 -29.97 40.26
C PRO B 613 30.62 -30.25 41.65
N ALA B 614 29.38 -29.85 41.90
CA ALA B 614 28.76 -30.05 43.20
C ALA B 614 27.86 -31.27 43.31
N SER B 615 27.71 -32.00 42.21
CA SER B 615 26.83 -33.16 42.20
C SER B 615 27.32 -34.41 42.89
N ASP B 616 26.43 -35.08 43.61
CA ASP B 616 26.76 -36.32 44.27
C ASP B 616 26.12 -37.48 43.52
N VAL B 617 24.88 -37.29 43.11
CA VAL B 617 24.17 -38.35 42.39
C VAL B 617 23.80 -37.89 40.98
N SER B 618 24.10 -38.75 40.01
CA SER B 618 23.80 -38.47 38.62
C SER B 618 22.61 -39.32 38.18
N GLU B 619 21.44 -38.70 38.07
CA GLU B 619 20.24 -39.42 37.66
C GLU B 619 20.22 -39.60 36.14
N GLN B 620 20.41 -40.85 35.72
CA GLN B 620 20.41 -41.22 34.32
C GLN B 620 19.41 -42.36 34.27
N ILE B 621 18.14 -42.03 34.42
CA ILE B 621 17.07 -43.02 34.50
C ILE B 621 16.12 -43.20 33.33
N SER B 622 16.60 -43.01 32.11
CA SER B 622 15.75 -43.20 30.94
C SER B 622 15.42 -44.68 30.79
N THR B 623 14.26 -44.95 30.22
CA THR B 623 13.83 -46.33 29.98
C THR B 623 14.92 -47.07 29.24
N ALA B 624 15.26 -48.26 29.72
CA ALA B 624 16.25 -49.04 28.99
C ALA B 624 15.81 -49.28 27.54
N GLY B 625 16.75 -48.99 26.63
CA GLY B 625 16.47 -49.16 25.20
C GLY B 625 16.30 -47.83 24.46
N LYS B 626 16.21 -46.72 25.23
CA LYS B 626 15.85 -45.44 24.58
C LYS B 626 17.07 -44.55 24.26
N GLU B 627 18.08 -44.60 25.13
CA GLU B 627 19.28 -43.78 24.98
C GLU B 627 20.39 -44.51 24.19
N ALA B 628 20.84 -43.88 23.09
CA ALA B 628 21.98 -44.42 22.33
C ALA B 628 23.31 -44.00 22.95
N SER B 629 23.31 -42.76 23.48
CA SER B 629 24.50 -42.23 24.12
C SER B 629 24.18 -41.70 25.53
N GLY B 630 24.68 -40.49 25.82
CA GLY B 630 24.67 -40.03 27.22
C GLY B 630 25.89 -39.20 27.58
N THR B 631 26.09 -38.08 26.86
CA THR B 631 27.26 -37.29 27.15
C THR B 631 27.22 -36.65 28.54
N SER B 632 26.01 -36.24 29.00
CA SER B 632 25.96 -35.65 30.34
C SER B 632 26.38 -36.65 31.40
N ASN B 633 26.08 -37.92 31.14
CA ASN B 633 26.44 -39.01 32.03
C ASN B 633 27.95 -38.96 32.29
N MET B 634 28.70 -38.72 31.22
CA MET B 634 30.15 -38.67 31.27
C MET B 634 30.70 -37.48 32.07
N LYS B 635 30.05 -36.33 31.93
CA LYS B 635 30.46 -35.12 32.63
C LYS B 635 30.35 -35.36 34.14
N PHE B 636 29.26 -35.99 34.55
CA PHE B 636 29.04 -36.29 35.96
C PHE B 636 30.15 -37.22 36.48
N MET B 637 30.47 -38.25 35.71
CA MET B 637 31.52 -39.19 36.10
C MET B 637 32.85 -38.48 36.37
N MET B 638 33.27 -37.64 35.43
CA MET B 638 34.52 -36.90 35.55
C MET B 638 34.59 -35.99 36.77
N ASN B 639 33.43 -35.65 37.32
CA ASN B 639 33.35 -34.74 38.47
C ASN B 639 33.07 -35.37 39.82
N GLY B 640 33.11 -36.70 39.87
CA GLY B 640 32.91 -37.39 41.14
C GLY B 640 31.50 -37.66 41.61
N ALA B 641 30.51 -37.67 40.72
CA ALA B 641 29.14 -37.95 41.11
C ALA B 641 28.93 -39.42 40.75
N LEU B 642 28.17 -40.16 41.57
CA LEU B 642 27.92 -41.57 41.29
C LEU B 642 26.68 -41.73 40.43
N THR B 643 26.69 -42.72 39.54
CA THR B 643 25.61 -42.89 38.59
C THR B 643 24.48 -43.75 39.14
N LEU B 644 23.30 -43.11 39.20
CA LEU B 644 22.07 -43.84 39.43
C LEU B 644 21.29 -43.90 38.12
N GLY B 645 21.31 -45.06 37.45
CA GLY B 645 20.62 -45.11 36.17
C GLY B 645 20.30 -46.53 35.71
N THR B 646 19.67 -46.59 34.51
CA THR B 646 19.35 -47.87 33.88
C THR B 646 20.53 -48.41 33.07
N MET B 647 20.44 -49.71 32.76
CA MET B 647 21.42 -50.30 31.86
C MET B 647 21.10 -49.97 30.41
N ASP B 648 21.58 -48.82 29.95
CA ASP B 648 21.29 -48.38 28.59
C ASP B 648 22.19 -47.18 28.28
N GLY B 649 22.57 -47.00 27.03
CA GLY B 649 23.41 -45.88 26.66
C GLY B 649 24.80 -45.86 27.30
N ALA B 650 25.22 -44.67 27.76
CA ALA B 650 26.53 -44.51 28.38
C ALA B 650 26.69 -45.24 29.71
N ASN B 651 25.58 -45.48 30.41
CA ASN B 651 25.65 -46.18 31.69
C ASN B 651 26.26 -47.58 31.56
N VAL B 652 26.07 -48.20 30.40
CA VAL B 652 26.62 -49.53 30.16
C VAL B 652 28.14 -49.47 30.25
N GLU B 653 28.71 -48.58 29.45
CA GLU B 653 30.14 -48.41 29.41
C GLU B 653 30.67 -47.89 30.73
N ILE B 654 29.89 -47.06 31.41
CA ILE B 654 30.33 -46.54 32.70
C ILE B 654 30.48 -47.68 33.70
N VAL B 655 29.45 -48.51 33.82
CA VAL B 655 29.52 -49.63 34.75
C VAL B 655 30.57 -50.65 34.30
N ASP B 656 30.83 -50.70 33.00
CA ASP B 656 31.83 -51.63 32.48
C ASP B 656 33.23 -51.23 32.97
N SER B 657 33.46 -49.92 33.09
CA SER B 657 34.74 -49.37 33.51
C SER B 657 34.95 -49.32 35.03
N VAL B 658 33.88 -49.07 35.76
CA VAL B 658 33.99 -48.96 37.20
C VAL B 658 33.47 -50.17 37.99
N GLY B 659 32.74 -51.07 37.34
CA GLY B 659 32.21 -52.21 38.06
C GLY B 659 30.86 -51.90 38.69
N GLU B 660 30.03 -52.92 38.84
CA GLU B 660 28.69 -52.74 39.40
C GLU B 660 28.72 -52.26 40.85
N GLU B 661 29.86 -52.45 41.51
CA GLU B 661 30.00 -52.02 42.90
C GLU B 661 30.23 -50.52 43.06
N ASN B 662 30.60 -49.84 41.97
CA ASN B 662 30.85 -48.40 42.05
C ASN B 662 29.84 -47.56 41.27
N ALA B 663 28.64 -48.11 41.13
CA ALA B 663 27.53 -47.46 40.45
C ALA B 663 26.25 -48.08 40.98
N TYR B 664 25.13 -47.44 40.71
CA TYR B 664 23.85 -47.98 41.19
C TYR B 664 22.90 -48.13 40.01
N ILE B 665 23.02 -49.32 39.36
CA ILE B 665 22.17 -49.66 38.24
C ILE B 665 20.89 -50.33 38.73
N PHE B 666 19.78 -50.03 38.03
CA PHE B 666 18.51 -50.62 38.44
C PHE B 666 17.60 -50.84 37.23
N GLY B 667 16.38 -51.34 37.52
CA GLY B 667 15.32 -51.31 36.52
C GLY B 667 15.45 -52.47 35.54
N ALA B 668 14.43 -52.60 34.69
CA ALA B 668 14.37 -53.67 33.69
C ALA B 668 15.40 -53.46 32.57
N ARG B 669 16.13 -54.55 32.21
CA ARG B 669 17.06 -54.48 31.06
C ARG B 669 16.30 -54.49 29.75
N VAL B 670 16.97 -53.93 28.73
CA VAL B 670 16.33 -53.79 27.43
C VAL B 670 15.79 -55.11 26.88
N GLU B 671 16.40 -56.25 27.22
CA GLU B 671 15.93 -57.53 26.67
C GLU B 671 14.74 -58.15 27.41
N GLU B 672 14.38 -57.57 28.55
CA GLU B 672 13.28 -58.07 29.36
C GLU B 672 11.98 -57.32 29.08
N LEU B 673 12.09 -56.02 28.77
CA LEU B 673 10.93 -55.16 28.51
C LEU B 673 9.88 -55.65 27.50
N PRO B 674 10.30 -56.31 26.41
CA PRO B 674 9.29 -56.76 25.46
C PRO B 674 8.27 -57.73 26.08
N ALA B 675 8.74 -58.55 27.01
CA ALA B 675 7.87 -59.52 27.68
C ALA B 675 7.12 -58.84 28.81
N LEU B 676 7.81 -57.93 29.50
CA LEU B 676 7.20 -57.18 30.59
C LEU B 676 6.00 -56.35 30.12
N ARG B 677 6.19 -55.67 28.97
CA ARG B 677 5.12 -54.79 28.50
C ARG B 677 3.96 -55.60 27.91
N GLU B 678 4.31 -56.75 27.35
CA GLU B 678 3.30 -57.57 26.73
C GLU B 678 2.17 -57.88 27.72
N SER B 679 2.45 -57.87 29.02
CA SER B 679 1.43 -58.19 30.03
C SER B 679 1.42 -57.14 31.13
N TYR B 680 1.93 -55.95 30.78
CA TYR B 680 2.01 -54.83 31.71
C TYR B 680 0.65 -54.48 32.31
N LYS B 681 0.61 -54.39 33.64
CA LYS B 681 -0.62 -54.07 34.35
C LYS B 681 -0.37 -52.89 35.30
N PRO B 682 -0.18 -51.69 34.75
CA PRO B 682 0.06 -50.50 35.57
C PRO B 682 -0.98 -50.23 36.65
N TYR B 683 -2.22 -50.66 36.45
CA TYR B 683 -3.23 -50.40 37.46
C TYR B 683 -2.98 -51.21 38.74
N GLU B 684 -2.59 -52.48 38.56
CA GLU B 684 -2.30 -53.34 39.71
C GLU B 684 -1.17 -52.74 40.51
N LEU B 685 -0.11 -52.33 39.83
CA LEU B 685 1.03 -51.70 40.47
C LEU B 685 0.52 -50.50 41.26
N TYR B 686 -0.40 -49.77 40.66
CA TYR B 686 -0.96 -48.60 41.33
C TYR B 686 -1.53 -48.95 42.70
N GLU B 687 -2.25 -50.07 42.78
CA GLU B 687 -2.90 -50.50 44.02
C GLU B 687 -1.99 -51.33 44.96
N THR B 688 -0.91 -51.93 44.40
CA THR B 688 -0.13 -52.85 45.24
C THR B 688 1.23 -52.33 45.73
N VAL B 689 2.07 -51.72 44.84
CA VAL B 689 3.33 -51.21 45.36
C VAL B 689 3.10 -50.28 46.55
N PRO B 690 3.66 -50.62 47.71
CA PRO B 690 3.48 -49.80 48.93
C PRO B 690 3.78 -48.30 48.86
N GLY B 691 2.74 -47.51 49.12
CA GLY B 691 2.88 -46.07 49.12
C GLY B 691 2.59 -45.42 47.77
N LEU B 692 2.61 -46.23 46.72
CA LEU B 692 2.38 -45.72 45.38
C LEU B 692 0.99 -45.12 45.22
N LYS B 693 -0.04 -45.83 45.68
CA LYS B 693 -1.40 -45.33 45.57
C LYS B 693 -1.49 -43.95 46.19
N ARG B 694 -0.88 -43.77 47.36
CA ARG B 694 -0.91 -42.50 48.05
C ARG B 694 -0.23 -41.40 47.23
N ALA B 695 0.85 -41.76 46.57
CA ALA B 695 1.59 -40.79 45.77
C ALA B 695 0.77 -40.33 44.58
N LEU B 696 0.34 -41.28 43.77
CA LEU B 696 -0.44 -40.97 42.58
C LEU B 696 -1.74 -40.23 42.88
N ASP B 697 -2.39 -40.61 43.98
CA ASP B 697 -3.64 -39.97 44.37
C ASP B 697 -3.42 -38.51 44.72
N ALA B 698 -2.21 -38.18 45.19
CA ALA B 698 -1.90 -36.80 45.54
C ALA B 698 -2.00 -35.93 44.31
N LEU B 699 -1.94 -36.54 43.14
CA LEU B 699 -2.03 -35.78 41.90
C LEU B 699 -3.37 -35.13 41.63
N ASP B 700 -4.44 -35.64 42.22
CA ASP B 700 -5.75 -35.08 41.96
C ASP B 700 -6.71 -35.03 43.16
N ASN B 701 -6.19 -35.21 44.37
CA ASN B 701 -7.05 -35.16 45.56
C ASN B 701 -6.93 -33.82 46.26
N GLY B 702 -6.23 -32.87 45.63
CA GLY B 702 -6.10 -31.56 46.23
C GLY B 702 -4.77 -31.25 46.89
N THR B 703 -3.92 -32.26 47.01
CA THR B 703 -2.62 -32.06 47.63
C THR B 703 -1.75 -31.16 46.76
N LEU B 704 -1.74 -31.41 45.45
CA LEU B 704 -1.01 -30.59 44.50
C LEU B 704 -1.94 -29.75 43.63
N ASN B 705 -1.56 -28.47 43.40
CA ASN B 705 -2.48 -27.57 42.70
C ASN B 705 -2.23 -27.47 41.18
N ASP B 706 -3.29 -27.87 40.42
CA ASP B 706 -3.23 -27.89 38.95
C ASP B 706 -3.63 -26.52 38.37
N ASN B 707 -4.11 -25.64 39.26
CA ASN B 707 -4.77 -24.44 38.80
C ASN B 707 -5.95 -24.85 37.94
N ASN B 708 -6.58 -25.95 38.40
CA ASN B 708 -7.80 -26.40 37.80
C ASN B 708 -7.61 -26.69 36.30
N SER B 709 -6.39 -27.01 35.89
CA SER B 709 -6.08 -27.30 34.50
C SER B 709 -6.39 -28.75 34.12
N GLY B 710 -6.42 -29.64 35.11
CA GLY B 710 -6.67 -31.04 34.82
C GLY B 710 -5.44 -31.74 34.26
N LEU B 711 -4.30 -31.06 34.31
CA LEU B 711 -3.05 -31.60 33.82
C LEU B 711 -2.51 -32.74 34.69
N PHE B 712 -2.59 -32.60 36.01
CA PHE B 712 -2.09 -33.66 36.89
C PHE B 712 -2.95 -34.89 36.72
N TYR B 713 -4.25 -34.68 36.56
CA TYR B 713 -5.16 -35.80 36.38
C TYR B 713 -4.76 -36.56 35.12
N ASP B 714 -4.45 -35.82 34.05
CA ASP B 714 -4.07 -36.48 32.82
C ASP B 714 -2.78 -37.26 33.01
N LEU B 715 -1.84 -36.70 33.76
CA LEU B 715 -0.58 -37.38 34.01
C LEU B 715 -0.83 -38.67 34.78
N LYS B 716 -1.61 -38.56 35.85
CA LYS B 716 -1.95 -39.72 36.68
C LYS B 716 -2.55 -40.82 35.81
N HIS B 717 -3.45 -40.42 34.92
CA HIS B 717 -4.12 -41.37 34.02
C HIS B 717 -3.19 -41.93 32.96
N SER B 718 -2.20 -41.15 32.53
CA SER B 718 -1.25 -41.63 31.52
C SER B 718 -0.40 -42.77 32.10
N LEU B 719 -0.33 -42.82 33.43
CA LEU B 719 0.45 -43.85 34.11
C LEU B 719 -0.38 -45.10 34.45
N ILE B 720 -1.49 -44.93 35.17
CA ILE B 720 -2.31 -46.06 35.59
C ILE B 720 -3.36 -46.62 34.62
N HIS B 721 -3.39 -46.17 33.37
CA HIS B 721 -4.39 -46.68 32.41
C HIS B 721 -3.89 -47.70 31.38
N GLY B 722 -4.76 -48.62 30.98
CA GLY B 722 -4.40 -49.62 29.97
C GLY B 722 -3.73 -50.91 30.38
N TYR B 723 -3.48 -51.77 29.38
CA TYR B 723 -2.86 -53.07 29.60
C TYR B 723 -1.97 -53.48 28.43
N GLY B 724 -0.87 -54.17 28.75
CA GLY B 724 0.05 -54.65 27.75
C GLY B 724 0.62 -53.63 26.79
N LYS B 725 0.62 -53.99 25.50
CA LYS B 725 1.14 -53.13 24.45
C LYS B 725 0.34 -51.83 24.33
N ASP B 726 -0.85 -51.80 24.92
CA ASP B 726 -1.69 -50.61 24.84
C ASP B 726 -1.77 -49.81 26.13
N ALA B 727 -0.91 -50.11 27.09
CA ALA B 727 -0.90 -49.39 28.35
C ALA B 727 -0.50 -47.95 28.04
N SER B 728 -0.95 -47.00 28.86
CA SER B 728 -0.62 -45.60 28.65
C SER B 728 0.80 -45.28 29.13
N ASP B 729 1.26 -46.01 30.15
CA ASP B 729 2.60 -45.83 30.70
C ASP B 729 3.62 -46.40 29.72
N THR B 730 3.69 -45.79 28.55
CA THR B 730 4.58 -46.21 27.46
C THR B 730 6.04 -46.44 27.89
N TYR B 731 6.49 -45.76 28.94
CA TYR B 731 7.91 -45.87 29.22
C TYR B 731 8.22 -46.55 30.57
N TYR B 732 7.28 -47.44 30.97
CA TYR B 732 7.46 -48.32 32.13
C TYR B 732 7.82 -47.55 33.39
N VAL B 733 7.14 -46.43 33.63
CA VAL B 733 7.41 -45.63 34.82
C VAL B 733 6.98 -46.31 36.12
N LEU B 734 5.81 -46.96 36.10
CA LEU B 734 5.35 -47.63 37.31
C LEU B 734 6.08 -48.95 37.47
N GLY B 735 6.34 -49.62 36.34
CA GLY B 735 7.03 -50.90 36.40
C GLY B 735 8.41 -50.83 37.02
N ASP B 736 9.14 -49.74 36.78
CA ASP B 736 10.49 -49.59 37.34
C ASP B 736 10.53 -48.91 38.69
N PHE B 737 9.46 -48.18 39.05
CA PHE B 737 9.45 -47.44 40.30
C PHE B 737 9.89 -48.17 41.56
N ALA B 738 9.47 -49.42 41.73
CA ALA B 738 9.84 -50.17 42.93
C ALA B 738 11.36 -50.37 43.03
N ASP B 739 11.97 -50.84 41.94
CA ASP B 739 13.42 -51.07 41.94
C ASP B 739 14.15 -49.73 42.04
N TYR B 740 13.56 -48.70 41.44
CA TYR B 740 14.14 -47.36 41.45
C TYR B 740 14.22 -46.82 42.86
N ARG B 741 13.11 -46.89 43.60
CA ARG B 741 13.07 -46.39 44.98
C ARG B 741 14.01 -47.16 45.89
N GLU B 742 14.06 -48.47 45.71
CA GLU B 742 14.92 -49.31 46.53
C GLU B 742 16.39 -48.92 46.34
N THR B 743 16.80 -48.85 45.08
CA THR B 743 18.17 -48.50 44.73
C THR B 743 18.52 -47.09 45.17
N ARG B 744 17.63 -46.14 44.90
CA ARG B 744 17.87 -44.76 45.28
C ARG B 744 17.93 -44.65 46.80
N ASP B 745 17.13 -45.46 47.49
CA ASP B 745 17.12 -45.46 48.96
C ASP B 745 18.44 -46.05 49.49
N ARG B 746 18.91 -47.10 48.82
CA ARG B 746 20.15 -47.77 49.20
C ARG B 746 21.33 -46.82 49.05
N MET B 747 21.37 -46.15 47.90
CA MET B 747 22.43 -45.21 47.56
C MET B 747 22.54 -44.12 48.62
N ALA B 748 21.40 -43.59 49.06
CA ALA B 748 21.39 -42.54 50.08
C ALA B 748 21.95 -43.08 51.40
N ALA B 749 21.55 -44.31 51.72
CA ALA B 749 22.00 -44.97 52.94
C ALA B 749 23.52 -45.11 52.96
N ASP B 750 24.09 -45.48 51.83
CA ASP B 750 25.53 -45.66 51.72
C ASP B 750 26.24 -44.33 51.86
N TYR B 751 25.70 -43.31 51.22
CA TYR B 751 26.27 -41.98 51.29
C TYR B 751 26.48 -41.54 52.73
N ALA B 752 25.50 -41.80 53.59
CA ALA B 752 25.59 -41.38 54.98
C ALA B 752 26.27 -42.36 55.92
N SER B 753 26.21 -43.66 55.62
CA SER B 753 26.82 -44.65 56.49
C SER B 753 28.31 -44.90 56.21
N ASP B 754 28.75 -44.64 54.99
CA ASP B 754 30.16 -44.88 54.62
C ASP B 754 30.72 -43.74 53.77
N PRO B 755 30.84 -42.53 54.35
CA PRO B 755 31.36 -41.33 53.67
C PRO B 755 32.67 -41.56 52.91
N LEU B 756 33.59 -42.30 53.52
CA LEU B 756 34.87 -42.57 52.87
C LEU B 756 34.69 -43.62 51.78
N GLY B 757 33.76 -44.54 52.01
CA GLY B 757 33.49 -45.56 51.01
C GLY B 757 32.86 -44.86 49.82
N TRP B 758 32.05 -43.85 50.09
CA TRP B 758 31.41 -43.09 49.01
C TRP B 758 32.51 -42.40 48.23
N ALA B 759 33.39 -41.69 48.94
CA ALA B 759 34.49 -41.01 48.29
C ALA B 759 35.34 -41.96 47.45
N ARG B 760 35.49 -43.19 47.91
CA ARG B 760 36.29 -44.17 47.15
C ARG B 760 35.64 -44.46 45.80
N MET B 761 34.34 -44.72 45.83
CA MET B 761 33.60 -45.00 44.61
C MET B 761 33.73 -43.82 43.66
N ALA B 762 33.61 -42.62 44.21
CA ALA B 762 33.71 -41.40 43.41
C ALA B 762 35.07 -41.32 42.73
N TRP B 763 36.12 -41.65 43.52
CA TRP B 763 37.47 -41.64 42.98
C TRP B 763 37.66 -42.62 41.81
N ILE B 764 37.18 -43.88 41.97
CA ILE B 764 37.31 -44.82 40.86
C ILE B 764 36.61 -44.29 39.58
N ASN B 765 35.40 -43.70 39.76
CA ASN B 765 34.71 -43.09 38.61
C ASN B 765 35.58 -42.04 37.93
N ILE B 766 36.10 -41.11 38.75
CA ILE B 766 36.96 -40.05 38.23
C ILE B 766 38.17 -40.60 37.46
N CYS B 767 38.89 -41.54 38.05
CA CYS B 767 40.08 -42.10 37.39
C CYS B 767 39.78 -42.91 36.14
N GLU B 768 38.58 -43.45 36.03
CA GLU B 768 38.23 -44.25 34.86
C GLU B 768 37.49 -43.44 33.79
N SER B 769 37.29 -42.15 34.03
CA SER B 769 36.54 -41.30 33.10
C SER B 769 37.23 -40.99 31.78
N GLY B 770 38.54 -41.26 31.68
CA GLY B 770 39.27 -40.99 30.46
C GLY B 770 38.70 -41.69 29.25
N ARG B 771 37.98 -42.78 29.48
CA ARG B 771 37.38 -43.52 28.38
C ARG B 771 36.38 -42.65 27.60
N PHE B 772 35.79 -41.66 28.26
CA PHE B 772 34.80 -40.79 27.62
C PHE B 772 35.28 -39.43 27.13
N SER B 773 36.58 -39.30 26.94
CA SER B 773 37.14 -38.05 26.45
C SER B 773 36.91 -37.92 24.96
N SER B 774 36.43 -36.75 24.52
CA SER B 774 36.22 -36.57 23.09
C SER B 774 37.56 -36.48 22.35
N ASP B 775 38.68 -36.47 23.09
CA ASP B 775 39.97 -36.46 22.40
C ASP B 775 40.13 -37.81 21.70
N ARG B 776 39.63 -38.86 22.33
CA ARG B 776 39.71 -40.21 21.74
C ARG B 776 38.74 -40.32 20.56
N THR B 777 37.57 -39.72 20.73
CA THR B 777 36.55 -39.73 19.68
C THR B 777 37.11 -39.03 18.44
N ILE B 778 37.62 -37.81 18.63
CA ILE B 778 38.16 -37.03 17.51
C ILE B 778 39.37 -37.68 16.88
N ARG B 779 40.23 -38.30 17.69
CA ARG B 779 41.39 -38.99 17.15
C ARG B 779 40.96 -40.10 16.18
N ASP B 780 39.82 -40.72 16.52
CA ASP B 780 39.33 -41.81 15.69
C ASP B 780 38.64 -41.33 14.41
N TYR B 781 37.89 -40.21 14.52
CA TYR B 781 37.36 -39.60 13.29
C TYR B 781 38.49 -39.28 12.32
N ALA B 782 39.50 -38.61 12.92
CA ALA B 782 40.56 -38.02 12.14
C ALA B 782 41.43 -39.07 11.45
N THR B 783 41.67 -40.22 12.13
CA THR B 783 42.53 -41.23 11.49
C THR B 783 41.75 -42.26 10.65
N GLU B 784 40.50 -42.58 11.09
CA GLU B 784 39.72 -43.61 10.37
C GLU B 784 38.78 -43.03 9.30
N ILE B 785 38.30 -41.80 9.48
CA ILE B 785 37.36 -41.24 8.49
C ILE B 785 37.85 -40.02 7.71
N TRP B 786 38.27 -38.97 8.41
CA TRP B 786 38.71 -37.76 7.75
C TRP B 786 40.13 -37.89 7.17
N LYS B 787 40.90 -38.82 7.72
CA LYS B 787 42.28 -39.04 7.27
C LYS B 787 43.11 -37.77 7.40
N LEU B 788 43.16 -37.22 8.61
CA LEU B 788 43.95 -36.02 8.90
C LEU B 788 45.25 -36.39 9.60
N GLU B 789 46.21 -35.46 9.50
CA GLU B 789 47.39 -35.54 10.37
C GLU B 789 47.44 -34.29 11.23
N PRO B 790 47.89 -34.44 12.49
CA PRO B 790 48.15 -33.25 13.33
C PRO B 790 48.95 -32.16 12.59
N THR B 791 48.42 -30.92 12.61
CA THR B 791 49.11 -29.85 11.89
C THR B 791 49.37 -28.67 12.83
N PRO B 792 50.53 -28.66 13.49
CA PRO B 792 50.84 -27.56 14.41
C PRO B 792 51.07 -26.21 13.73
N ALA B 793 50.57 -25.14 14.34
CA ALA B 793 50.74 -23.81 13.79
C ALA B 793 52.18 -23.34 13.98
N VAL B 794 52.71 -23.58 15.17
CA VAL B 794 54.08 -23.18 15.51
C VAL B 794 55.00 -24.37 15.79
N LYS B 795 56.21 -24.27 15.51
N GLN C 6 -56.21 -5.72 -19.64
CA GLN C 6 -55.03 -6.52 -19.93
C GLN C 6 -53.88 -6.16 -18.99
N PRO C 7 -53.85 -6.91 -17.91
CA PRO C 7 -52.90 -6.63 -16.81
C PRO C 7 -51.45 -6.47 -17.31
N LEU C 8 -51.02 -7.36 -18.22
CA LEU C 8 -49.66 -7.28 -18.78
C LEU C 8 -49.53 -8.04 -20.11
N PRO C 9 -50.14 -7.50 -21.18
CA PRO C 9 -50.19 -8.08 -22.53
C PRO C 9 -48.86 -8.08 -23.30
N ALA C 10 -48.72 -9.04 -24.20
CA ALA C 10 -47.51 -9.17 -25.01
C ALA C 10 -47.26 -7.93 -25.85
N ALA C 11 -48.30 -7.19 -26.18
CA ALA C 11 -48.18 -5.97 -26.96
C ALA C 11 -47.42 -4.91 -26.16
N LEU C 12 -47.73 -4.83 -24.87
CA LEU C 12 -47.08 -3.86 -23.98
C LEU C 12 -45.63 -4.23 -23.76
N VAL C 13 -45.40 -5.47 -23.36
CA VAL C 13 -44.03 -5.92 -23.10
C VAL C 13 -43.15 -5.77 -24.36
N GLY C 14 -43.68 -6.16 -25.50
CA GLY C 14 -42.93 -6.05 -26.74
C GLY C 14 -42.45 -4.65 -27.07
N SER C 15 -43.32 -3.67 -26.83
CA SER C 15 -43.00 -2.27 -27.09
C SER C 15 -41.78 -1.83 -26.26
N HIS C 16 -41.81 -2.15 -24.96
CA HIS C 16 -40.71 -1.80 -24.07
C HIS C 16 -39.44 -2.56 -24.36
N VAL C 17 -39.57 -3.82 -24.75
CA VAL C 17 -38.41 -4.62 -25.09
C VAL C 17 -37.75 -4.05 -26.35
N ARG C 18 -38.55 -3.72 -27.36
CA ARG C 18 -38.01 -3.17 -28.60
C ARG C 18 -37.24 -1.86 -28.39
N ALA C 19 -37.79 -1.00 -27.55
CA ALA C 19 -37.16 0.29 -27.23
C ALA C 19 -35.81 0.05 -26.56
N ALA C 20 -35.70 -1.03 -25.80
CA ALA C 20 -34.46 -1.36 -25.10
C ALA C 20 -33.47 -2.14 -25.97
N ALA C 21 -33.98 -3.04 -26.80
CA ALA C 21 -33.13 -3.89 -27.63
C ALA C 21 -32.79 -3.35 -29.02
N GLY C 22 -33.64 -2.47 -29.54
CA GLY C 22 -33.37 -1.93 -30.86
C GLY C 22 -33.51 -3.03 -31.90
N THR C 23 -34.37 -4.00 -31.61
CA THR C 23 -34.62 -5.13 -32.49
C THR C 23 -35.98 -5.70 -32.05
N PRO C 24 -36.64 -6.53 -32.89
CA PRO C 24 -37.92 -7.06 -32.42
C PRO C 24 -37.80 -7.87 -31.12
N ALA C 25 -38.83 -7.81 -30.29
CA ALA C 25 -38.85 -8.50 -28.99
C ALA C 25 -38.44 -9.96 -29.03
N ASP C 26 -38.93 -10.70 -30.02
CA ASP C 26 -38.59 -12.11 -30.11
C ASP C 26 -37.13 -12.36 -30.42
N LEU C 27 -36.44 -11.31 -30.88
CA LEU C 27 -35.03 -11.43 -31.22
C LEU C 27 -34.10 -10.84 -30.16
N ALA C 28 -34.65 -10.23 -29.13
CA ALA C 28 -33.86 -9.62 -28.06
C ALA C 28 -33.16 -10.64 -27.14
N THR C 29 -32.01 -10.26 -26.62
CA THR C 29 -31.28 -11.13 -25.71
C THR C 29 -32.11 -11.21 -24.42
N ASP C 30 -31.79 -12.16 -23.55
CA ASP C 30 -32.52 -12.29 -22.29
C ASP C 30 -32.31 -11.02 -21.48
N ARG C 31 -31.12 -10.44 -21.58
CA ARG C 31 -30.82 -9.21 -20.87
C ARG C 31 -31.77 -8.07 -21.25
N LYS C 32 -31.84 -7.80 -22.55
CA LYS C 32 -32.72 -6.74 -23.04
C LYS C 32 -34.18 -7.05 -22.76
N PHE C 33 -34.55 -8.33 -22.80
CA PHE C 33 -35.94 -8.68 -22.53
C PHE C 33 -36.27 -8.40 -21.06
N TRP C 34 -35.34 -8.73 -20.15
CA TRP C 34 -35.55 -8.48 -18.73
C TRP C 34 -35.72 -6.97 -18.55
N THR C 35 -34.95 -6.18 -19.29
CA THR C 35 -35.03 -4.73 -19.19
C THR C 35 -36.39 -4.23 -19.67
N GLY C 36 -36.85 -4.72 -20.81
CA GLY C 36 -38.13 -4.32 -21.35
C GLY C 36 -39.30 -4.73 -20.46
N LEU C 37 -39.23 -5.95 -19.93
CA LEU C 37 -40.30 -6.46 -19.08
C LEU C 37 -40.37 -5.65 -17.79
N SER C 38 -39.20 -5.34 -17.22
CA SER C 38 -39.16 -4.55 -15.99
C SER C 38 -39.72 -3.16 -16.26
N ARG C 39 -39.43 -2.63 -17.45
CA ARG C 39 -39.93 -1.31 -17.83
C ARG C 39 -41.46 -1.36 -17.94
N ALA C 40 -41.98 -2.46 -18.46
CA ALA C 40 -43.43 -2.64 -18.60
C ALA C 40 -44.11 -2.57 -17.22
N VAL C 41 -43.48 -3.20 -16.22
CA VAL C 41 -44.02 -3.19 -14.87
C VAL C 41 -44.02 -1.76 -14.32
N GLN C 42 -42.93 -1.03 -14.55
CA GLN C 42 -42.83 0.34 -14.06
C GLN C 42 -43.93 1.19 -14.67
N GLU C 43 -44.15 1.01 -15.96
CA GLU C 43 -45.19 1.74 -16.68
C GLU C 43 -46.53 1.46 -16.01
N ARG C 44 -46.77 0.20 -15.69
CA ARG C 44 -48.04 -0.22 -15.07
C ARG C 44 -48.29 0.39 -13.68
N ILE C 45 -47.23 0.56 -12.86
CA ILE C 45 -47.47 1.07 -11.51
C ILE C 45 -47.28 2.58 -11.37
N ALA C 46 -46.79 3.23 -12.45
CA ALA C 46 -46.45 4.65 -12.32
C ALA C 46 -47.61 5.48 -11.70
N ASP C 47 -48.82 5.31 -12.24
CA ASP C 47 -49.95 6.09 -11.72
C ASP C 47 -50.22 5.81 -10.23
N ASP C 48 -50.24 4.54 -9.85
CA ASP C 48 -50.45 4.18 -8.44
C ASP C 48 -49.33 4.73 -7.58
N TRP C 49 -48.12 4.71 -8.12
CA TRP C 49 -46.97 5.19 -7.38
C TRP C 49 -47.17 6.67 -7.06
N GLU C 50 -47.54 7.45 -8.06
CA GLU C 50 -47.76 8.88 -7.85
C GLU C 50 -48.92 9.13 -6.87
N ARG C 51 -49.97 8.34 -6.99
CA ARG C 51 -51.11 8.50 -6.09
C ARG C 51 -50.72 8.16 -4.67
N THR C 52 -49.73 7.29 -4.50
CA THR C 52 -49.27 6.94 -3.16
C THR C 52 -48.44 8.11 -2.61
N ARG C 53 -47.63 8.72 -3.48
CA ARG C 53 -46.81 9.86 -3.09
C ARG C 53 -47.72 10.96 -2.58
N GLU C 54 -48.81 11.22 -3.29
CA GLU C 54 -49.75 12.26 -2.90
C GLU C 54 -50.40 11.98 -1.54
N ALA C 55 -50.79 10.73 -1.29
CA ALA C 55 -51.41 10.40 -0.01
C ALA C 55 -50.43 10.50 1.15
N TYR C 56 -49.25 9.90 1.01
CA TYR C 56 -48.27 9.93 2.07
C TYR C 56 -47.78 11.36 2.37
N GLY C 57 -47.56 12.13 1.32
CA GLY C 57 -47.07 13.49 1.48
C GLY C 57 -47.90 14.41 2.35
N ALA C 58 -49.21 14.19 2.37
CA ALA C 58 -50.11 15.04 3.15
C ALA C 58 -50.38 14.50 4.55
N ALA C 59 -49.89 13.30 4.85
CA ALA C 59 -50.15 12.74 6.17
C ALA C 59 -48.87 12.64 7.03
N ARG C 60 -49.09 12.30 8.32
CA ARG C 60 -47.95 12.00 9.17
C ARG C 60 -47.17 10.79 8.66
N GLN C 61 -45.83 10.94 8.63
CA GLN C 61 -45.01 9.97 7.94
C GLN C 61 -43.94 9.38 8.84
N GLN C 62 -43.44 8.22 8.42
CA GLN C 62 -42.21 7.72 8.98
C GLN C 62 -41.11 7.65 7.91
N HIS C 63 -39.89 7.98 8.31
CA HIS C 63 -38.75 7.98 7.39
C HIS C 63 -37.75 7.04 8.04
N TYR C 64 -37.60 5.86 7.44
CA TYR C 64 -36.73 4.80 7.99
C TYR C 64 -35.30 4.92 7.45
N PHE C 65 -34.37 5.28 8.35
CA PHE C 65 -32.95 5.46 7.99
C PHE C 65 -32.15 4.19 8.29
N SER C 66 -31.53 3.62 7.23
CA SER C 66 -30.67 2.45 7.40
C SER C 66 -29.45 2.51 6.49
N ALA C 67 -28.30 2.13 7.05
CA ALA C 67 -27.11 2.07 6.22
C ALA C 67 -27.11 0.84 5.30
N GLU C 68 -28.24 0.09 5.34
CA GLU C 68 -28.31 -1.07 4.44
C GLU C 68 -29.74 -1.59 4.28
N PHE C 69 -30.01 -2.04 3.06
CA PHE C 69 -31.28 -2.64 2.66
C PHE C 69 -30.92 -3.83 1.78
N LEU C 70 -31.16 -5.05 2.25
CA LEU C 70 -30.84 -6.24 1.45
C LEU C 70 -32.07 -6.53 0.63
N MET C 71 -32.21 -5.80 -0.47
CA MET C 71 -33.38 -5.90 -1.34
C MET C 71 -33.51 -7.11 -2.26
N GLY C 72 -32.42 -7.77 -2.59
CA GLY C 72 -32.52 -8.92 -3.50
C GLY C 72 -33.01 -8.49 -4.88
N ARG C 73 -33.60 -9.43 -5.63
CA ARG C 73 -34.16 -9.14 -6.96
C ARG C 73 -35.54 -8.50 -6.83
N ALA C 74 -35.89 -7.68 -7.86
CA ALA C 74 -37.15 -6.94 -7.77
C ALA C 74 -38.28 -7.53 -8.63
N LEU C 75 -37.92 -8.05 -9.83
CA LEU C 75 -38.94 -8.39 -10.82
C LEU C 75 -39.98 -9.43 -10.33
N LEU C 76 -39.50 -10.65 -9.97
CA LEU C 76 -40.47 -11.66 -9.53
C LEU C 76 -41.29 -11.17 -8.33
N ASN C 77 -40.64 -10.47 -7.41
CA ASN C 77 -41.33 -9.93 -6.25
C ASN C 77 -42.41 -8.95 -6.67
N ASN C 78 -42.10 -8.07 -7.62
CA ASN C 78 -43.10 -7.11 -8.08
C ASN C 78 -44.22 -7.78 -8.86
N LEU C 79 -43.87 -8.73 -9.72
CA LEU C 79 -44.90 -9.43 -10.49
C LEU C 79 -45.85 -10.15 -9.54
N THR C 80 -45.32 -10.72 -8.48
CA THR C 80 -46.12 -11.44 -7.51
C THR C 80 -47.04 -10.53 -6.70
N ASN C 81 -46.52 -9.41 -6.20
CA ASN C 81 -47.33 -8.49 -5.43
C ASN C 81 -48.41 -7.83 -6.30
N LEU C 82 -48.13 -7.73 -7.60
CA LEU C 82 -49.10 -7.13 -8.52
C LEU C 82 -50.02 -8.20 -9.13
N GLY C 83 -49.79 -9.46 -8.78
CA GLY C 83 -50.59 -10.55 -9.32
C GLY C 83 -50.47 -10.67 -10.83
N LEU C 84 -49.26 -10.50 -11.35
CA LEU C 84 -49.00 -10.55 -12.79
C LEU C 84 -48.06 -11.66 -13.28
N VAL C 85 -47.70 -12.60 -12.41
CA VAL C 85 -46.78 -13.65 -12.83
C VAL C 85 -47.30 -14.42 -14.04
N ASP C 86 -48.51 -14.96 -13.95
CA ASP C 86 -49.09 -15.72 -15.06
C ASP C 86 -49.11 -14.90 -16.35
N GLU C 87 -49.60 -13.66 -16.27
CA GLU C 87 -49.68 -12.79 -17.44
C GLU C 87 -48.29 -12.52 -18.02
N ALA C 88 -47.31 -12.31 -17.15
CA ALA C 88 -45.94 -12.06 -17.60
C ALA C 88 -45.36 -13.31 -18.25
N ALA C 89 -45.67 -14.48 -17.68
CA ALA C 89 -45.17 -15.73 -18.22
C ALA C 89 -45.71 -15.94 -19.62
N ALA C 90 -46.99 -15.68 -19.82
CA ALA C 90 -47.61 -15.86 -21.13
C ALA C 90 -47.07 -14.87 -22.15
N ALA C 91 -47.02 -13.61 -21.75
CA ALA C 91 -46.51 -12.58 -22.65
C ALA C 91 -45.08 -12.86 -23.07
N THR C 92 -44.31 -13.42 -22.11
CA THR C 92 -42.89 -13.67 -22.37
C THR C 92 -42.72 -14.83 -23.33
N ARG C 93 -43.52 -15.86 -23.08
CA ARG C 93 -43.40 -17.02 -23.94
C ARG C 93 -44.05 -16.78 -25.30
N GLU C 94 -45.05 -15.87 -25.33
CA GLU C 94 -45.66 -15.39 -26.60
C GLU C 94 -44.62 -14.65 -27.48
N LEU C 95 -43.65 -14.01 -26.83
CA LEU C 95 -42.61 -13.26 -27.52
C LEU C 95 -41.30 -14.03 -27.60
N GLY C 96 -41.42 -15.35 -27.65
CA GLY C 96 -40.26 -16.22 -27.79
C GLY C 96 -39.24 -16.35 -26.69
N HIS C 97 -39.60 -16.12 -25.42
CA HIS C 97 -38.64 -16.28 -24.32
C HIS C 97 -39.25 -17.09 -23.17
N GLU C 98 -38.46 -17.35 -22.14
CA GLU C 98 -38.93 -18.10 -21.00
C GLU C 98 -38.76 -17.23 -19.76
N LEU C 99 -39.84 -16.98 -19.03
CA LEU C 99 -39.78 -16.05 -17.91
C LEU C 99 -38.71 -16.45 -16.90
N THR C 100 -38.55 -17.78 -16.72
CA THR C 100 -37.59 -18.22 -15.73
C THR C 100 -36.13 -17.88 -16.11
N ASP C 101 -35.83 -17.99 -17.42
CA ASP C 101 -34.54 -17.53 -17.92
C ASP C 101 -34.36 -16.02 -17.72
N ILE C 102 -35.48 -15.29 -17.97
CA ILE C 102 -35.43 -13.83 -17.87
C ILE C 102 -35.20 -13.36 -16.43
N LEU C 103 -35.82 -14.02 -15.46
CA LEU C 103 -35.67 -13.61 -14.07
C LEU C 103 -34.22 -13.79 -13.59
N GLU C 104 -33.56 -14.84 -14.07
CA GLU C 104 -32.18 -15.14 -13.68
C GLU C 104 -31.16 -14.09 -14.12
N ILE C 105 -31.56 -13.23 -15.04
CA ILE C 105 -30.70 -12.17 -15.55
C ILE C 105 -30.35 -11.17 -14.45
N GLU C 106 -31.32 -10.87 -13.59
CA GLU C 106 -31.14 -9.88 -12.54
C GLU C 106 -30.25 -10.30 -11.38
N ASN C 107 -29.32 -9.42 -11.01
CA ASN C 107 -28.45 -9.70 -9.87
C ASN C 107 -29.13 -9.10 -8.64
N ASP C 108 -28.94 -9.71 -7.47
CA ASP C 108 -29.50 -9.17 -6.24
C ASP C 108 -28.99 -7.73 -6.13
N ALA C 109 -29.86 -6.78 -5.86
CA ALA C 109 -29.41 -5.39 -5.71
C ALA C 109 -28.51 -5.36 -4.48
N ALA C 110 -27.22 -5.11 -4.67
CA ALA C 110 -26.24 -5.11 -3.58
C ALA C 110 -26.26 -3.84 -2.73
N LEU C 111 -27.34 -3.68 -1.97
CA LEU C 111 -27.55 -2.51 -1.15
C LEU C 111 -27.50 -2.80 0.34
N GLY C 112 -27.17 -4.04 0.69
CA GLY C 112 -27.13 -4.40 2.09
C GLY C 112 -26.12 -5.49 2.36
N ASN C 113 -25.96 -5.83 3.63
CA ASN C 113 -25.00 -6.84 4.05
C ASN C 113 -25.68 -8.10 4.59
N GLY C 114 -26.30 -7.98 5.77
CA GLY C 114 -26.95 -9.15 6.36
C GLY C 114 -28.31 -8.92 6.99
N GLY C 115 -28.50 -9.48 8.18
CA GLY C 115 -29.77 -9.36 8.87
C GLY C 115 -30.30 -7.95 9.08
N LEU C 116 -29.41 -7.01 9.41
CA LEU C 116 -29.87 -5.63 9.66
C LEU C 116 -30.52 -5.06 8.39
N GLY C 117 -29.90 -5.31 7.24
CA GLY C 117 -30.43 -4.81 5.99
C GLY C 117 -31.62 -5.59 5.50
N ARG C 118 -31.69 -6.89 5.82
CA ARG C 118 -32.83 -7.67 5.36
C ARG C 118 -34.05 -7.31 6.18
N LEU C 119 -33.84 -6.99 7.45
CA LEU C 119 -34.94 -6.58 8.31
C LEU C 119 -35.53 -5.31 7.72
N ALA C 120 -34.66 -4.36 7.38
CA ALA C 120 -35.08 -3.09 6.78
C ALA C 120 -35.91 -3.34 5.52
N ALA C 121 -35.45 -4.28 4.70
CA ALA C 121 -36.14 -4.63 3.47
C ALA C 121 -37.51 -5.27 3.77
N CYS C 122 -37.56 -6.18 4.73
CA CYS C 122 -38.83 -6.82 5.06
C CYS C 122 -39.79 -5.78 5.62
N PHE C 123 -39.24 -4.82 6.35
CA PHE C 123 -40.06 -3.77 6.94
C PHE C 123 -40.75 -2.93 5.88
N LEU C 124 -40.03 -2.55 4.82
CA LEU C 124 -40.65 -1.75 3.77
C LEU C 124 -41.79 -2.50 3.13
N ASP C 125 -41.57 -3.79 2.85
CA ASP C 125 -42.62 -4.60 2.24
C ASP C 125 -43.86 -4.66 3.13
N SER C 126 -43.66 -4.87 4.43
CA SER C 126 -44.80 -4.94 5.35
C SER C 126 -45.49 -3.59 5.53
N ALA C 127 -44.75 -2.50 5.42
CA ALA C 127 -45.37 -1.18 5.59
C ALA C 127 -46.34 -0.90 4.47
N VAL C 128 -45.88 -1.09 3.22
CA VAL C 128 -46.73 -0.81 2.09
C VAL C 128 -47.93 -1.76 2.05
N THR C 129 -47.69 -3.03 2.40
CA THR C 129 -48.77 -4.01 2.40
C THR C 129 -49.93 -3.62 3.32
N GLN C 130 -49.63 -2.77 4.30
CA GLN C 130 -50.62 -2.28 5.25
C GLN C 130 -50.92 -0.80 5.05
N ASP C 131 -50.43 -0.24 3.95
CA ASP C 131 -50.62 1.15 3.59
C ASP C 131 -50.08 2.17 4.59
N TYR C 132 -49.06 1.81 5.36
CA TYR C 132 -48.49 2.76 6.31
C TYR C 132 -47.53 3.69 5.56
N PRO C 133 -47.66 5.01 5.77
CA PRO C 133 -46.79 6.00 5.11
C PRO C 133 -45.34 5.91 5.58
N VAL C 134 -44.61 4.92 5.07
CA VAL C 134 -43.22 4.68 5.42
C VAL C 134 -42.34 4.83 4.18
N THR C 135 -41.27 5.61 4.30
CA THR C 135 -40.32 5.81 3.20
C THR C 135 -38.94 5.40 3.71
N GLY C 136 -38.21 4.61 2.94
CA GLY C 136 -36.90 4.18 3.38
C GLY C 136 -35.85 5.09 2.78
N TYR C 137 -34.73 5.25 3.48
CA TYR C 137 -33.65 6.10 2.99
C TYR C 137 -32.31 5.44 3.22
N GLY C 138 -31.50 5.40 2.18
CA GLY C 138 -30.18 4.80 2.29
C GLY C 138 -29.22 5.26 1.22
N LEU C 139 -28.13 4.50 1.10
CA LEU C 139 -27.07 4.75 0.13
C LEU C 139 -27.21 3.89 -1.10
N LEU C 140 -26.96 4.47 -2.27
CA LEU C 140 -27.03 3.68 -3.50
C LEU C 140 -25.64 3.07 -3.69
N TYR C 141 -25.35 1.99 -2.98
CA TYR C 141 -24.05 1.34 -3.11
C TYR C 141 -23.89 0.76 -4.51
N ARG C 142 -22.77 1.06 -5.16
CA ARG C 142 -22.57 0.58 -6.51
C ARG C 142 -22.09 -0.87 -6.62
N PHE C 143 -21.20 -1.28 -5.72
CA PHE C 143 -20.67 -2.64 -5.79
C PHE C 143 -20.91 -3.48 -4.54
N GLY C 144 -21.92 -3.13 -3.75
CA GLY C 144 -22.30 -3.90 -2.57
C GLY C 144 -21.14 -4.10 -1.57
N LEU C 145 -21.21 -5.25 -0.87
CA LEU C 145 -20.18 -5.63 0.09
C LEU C 145 -18.99 -6.25 -0.63
N PHE C 146 -19.24 -7.44 -1.19
CA PHE C 146 -18.33 -8.03 -2.15
C PHE C 146 -18.90 -9.35 -2.68
N ARG C 147 -18.45 -9.69 -3.90
CA ARG C 147 -18.85 -10.96 -4.48
C ARG C 147 -17.92 -12.10 -4.04
N GLN C 148 -18.50 -13.19 -3.49
CA GLN C 148 -17.67 -14.29 -3.04
C GLN C 148 -17.45 -15.33 -4.14
N SER C 149 -16.19 -15.69 -4.35
CA SER C 149 -15.84 -16.72 -5.32
C SER C 149 -14.80 -17.57 -4.63
N PHE C 150 -14.43 -18.69 -5.22
CA PHE C 150 -13.45 -19.57 -4.60
C PHE C 150 -12.32 -19.91 -5.54
N ASN C 151 -11.14 -20.06 -4.96
CA ASN C 151 -9.97 -20.45 -5.73
C ASN C 151 -9.28 -21.47 -4.85
N GLU C 152 -9.18 -22.69 -5.35
CA GLU C 152 -8.55 -23.75 -4.61
C GLU C 152 -9.20 -23.88 -3.23
N GLY C 153 -10.50 -23.57 -3.16
CA GLY C 153 -11.20 -23.70 -1.89
C GLY C 153 -11.13 -22.51 -0.94
N PHE C 154 -10.36 -21.49 -1.29
CA PHE C 154 -10.24 -20.30 -0.45
C PHE C 154 -11.19 -19.21 -0.90
N GLN C 155 -11.76 -18.48 0.06
CA GLN C 155 -12.66 -17.40 -0.31
C GLN C 155 -11.89 -16.27 -1.01
N VAL C 156 -12.43 -15.84 -2.14
CA VAL C 156 -11.85 -14.76 -2.92
C VAL C 156 -12.88 -13.63 -2.93
N GLU C 157 -12.45 -12.39 -2.65
CA GLU C 157 -13.38 -11.27 -2.65
C GLU C 157 -13.20 -10.40 -3.89
N LYS C 158 -14.30 -10.01 -4.52
CA LYS C 158 -14.28 -9.16 -5.70
C LYS C 158 -15.47 -8.20 -5.67
N PRO C 159 -15.46 -7.17 -6.53
CA PRO C 159 -16.57 -6.20 -6.57
C PRO C 159 -17.89 -6.91 -6.87
N ASP C 160 -19.00 -6.37 -6.39
CA ASP C 160 -20.30 -7.00 -6.63
C ASP C 160 -21.24 -6.06 -7.40
N PRO C 161 -20.99 -5.85 -8.71
CA PRO C 161 -21.84 -4.95 -9.51
C PRO C 161 -23.28 -5.44 -9.74
N TRP C 162 -24.23 -4.52 -9.75
CA TRP C 162 -25.60 -4.94 -9.96
C TRP C 162 -26.38 -3.97 -10.82
N ARG C 163 -25.83 -2.77 -10.99
CA ARG C 163 -26.51 -1.78 -11.79
C ARG C 163 -25.62 -1.14 -12.86
N GLU C 164 -24.72 -1.93 -13.42
CA GLU C 164 -23.88 -1.41 -14.49
C GLU C 164 -24.65 -1.43 -15.80
N GLU C 165 -25.53 -2.45 -15.91
CA GLU C 165 -26.55 -2.42 -16.96
C GLU C 165 -27.78 -1.65 -16.51
N GLU C 166 -28.57 -1.20 -17.51
CA GLU C 166 -29.81 -0.51 -17.20
C GLU C 166 -30.57 -1.24 -16.09
N TYR C 167 -30.98 -0.46 -15.08
CA TYR C 167 -31.78 -1.03 -14.01
C TYR C 167 -33.03 -0.19 -13.80
N PRO C 168 -34.12 -0.60 -14.48
CA PRO C 168 -35.37 0.15 -14.40
C PRO C 168 -36.01 0.27 -13.03
N PHE C 169 -35.58 -0.51 -12.05
CA PHE C 169 -36.18 -0.41 -10.74
C PHE C 169 -35.60 0.65 -9.79
N THR C 170 -34.73 1.49 -10.32
CA THR C 170 -34.17 2.62 -9.58
C THR C 170 -34.25 3.78 -10.55
N ILE C 171 -35.02 4.81 -10.21
CA ILE C 171 -35.17 5.97 -11.08
C ILE C 171 -34.37 7.17 -10.60
N ARG C 172 -33.46 7.62 -11.44
CA ARG C 172 -32.61 8.78 -11.16
C ARG C 172 -33.41 10.09 -11.24
N ARG C 173 -33.25 10.93 -10.21
CA ARG C 173 -33.92 12.22 -10.18
C ARG C 173 -32.91 13.37 -10.05
N ALA C 174 -32.00 13.47 -11.04
CA ALA C 174 -30.88 14.39 -10.88
C ALA C 174 -31.34 15.86 -10.79
N SER C 175 -32.51 16.17 -11.40
CA SER C 175 -32.97 17.56 -11.28
C SER C 175 -33.33 17.92 -9.84
N ASP C 176 -33.47 16.90 -9.00
CA ASP C 176 -33.77 17.10 -7.58
C ASP C 176 -32.52 16.93 -6.73
N GLN C 177 -31.33 17.00 -7.33
CA GLN C 177 -30.12 16.83 -6.54
C GLN C 177 -29.90 17.93 -5.51
N LEU C 178 -29.17 17.57 -4.47
CA LEU C 178 -28.84 18.46 -3.37
C LEU C 178 -27.34 18.51 -3.22
N VAL C 179 -26.88 19.31 -2.26
CA VAL C 179 -25.45 19.42 -2.00
C VAL C 179 -25.17 18.97 -0.58
N VAL C 180 -24.14 18.13 -0.44
CA VAL C 180 -23.69 17.80 0.86
C VAL C 180 -22.26 18.22 0.86
N CYS C 181 -21.98 19.27 1.67
CA CYS C 181 -20.63 19.87 1.64
C CYS C 181 -19.85 19.55 2.91
N PHE C 182 -18.81 18.75 2.73
CA PHE C 182 -17.89 18.41 3.80
C PHE C 182 -16.87 19.55 3.79
N ASP C 183 -16.18 19.78 4.90
CA ASP C 183 -15.21 20.87 4.93
C ASP C 183 -14.12 20.71 3.88
N ASP C 184 -13.88 19.46 3.47
CA ASP C 184 -12.82 19.16 2.50
C ASP C 184 -13.35 18.61 1.17
N MET C 185 -14.66 18.52 1.02
CA MET C 185 -15.24 17.94 -0.19
C MET C 185 -16.67 18.37 -0.46
N LYS C 186 -16.90 19.02 -1.59
CA LYS C 186 -18.25 19.45 -1.96
C LYS C 186 -18.82 18.37 -2.87
N THR C 187 -19.91 17.72 -2.44
CA THR C 187 -20.47 16.65 -3.25
C THR C 187 -21.90 16.91 -3.69
N ARG C 188 -22.29 16.25 -4.78
CA ARG C 188 -23.65 16.34 -5.28
C ARG C 188 -24.36 15.13 -4.70
N ALA C 189 -25.60 15.32 -4.27
CA ALA C 189 -26.37 14.20 -3.74
C ALA C 189 -27.48 13.94 -4.74
N ILE C 190 -27.32 12.87 -5.53
CA ILE C 190 -28.30 12.51 -6.55
C ILE C 190 -29.29 11.51 -5.98
N PRO C 191 -30.58 11.87 -5.93
CA PRO C 191 -31.54 10.92 -5.39
C PRO C 191 -32.04 9.91 -6.42
N TYR C 192 -32.28 8.68 -5.97
CA TYR C 192 -32.81 7.61 -6.80
C TYR C 192 -34.03 7.06 -6.08
N ASP C 193 -35.08 6.73 -6.83
CA ASP C 193 -36.30 6.19 -6.25
C ASP C 193 -36.49 4.72 -6.66
N MET C 194 -36.73 3.85 -5.68
CA MET C 194 -36.99 2.44 -5.97
C MET C 194 -38.41 2.16 -5.50
N PRO C 195 -39.26 1.58 -6.38
CA PRO C 195 -40.63 1.31 -5.93
C PRO C 195 -40.73 0.05 -5.07
N ILE C 196 -41.60 0.14 -4.06
CA ILE C 196 -41.84 -0.97 -3.14
C ILE C 196 -43.30 -1.40 -3.30
N THR C 197 -43.54 -2.49 -4.04
CA THR C 197 -44.90 -2.95 -4.24
C THR C 197 -45.42 -3.68 -3.01
N GLY C 198 -46.77 -3.82 -2.99
CA GLY C 198 -47.49 -4.39 -1.86
C GLY C 198 -48.50 -5.42 -2.34
N TYR C 199 -48.45 -6.59 -1.69
CA TYR C 199 -49.42 -7.63 -1.97
C TYR C 199 -50.82 -7.23 -1.49
N GLY C 200 -51.78 -7.21 -2.42
CA GLY C 200 -53.17 -6.99 -2.04
C GLY C 200 -53.51 -5.50 -1.90
N THR C 201 -52.54 -4.65 -2.29
CA THR C 201 -52.81 -3.21 -2.27
C THR C 201 -52.22 -2.51 -3.50
N HIS C 202 -52.81 -1.37 -3.85
CA HIS C 202 -52.30 -0.58 -4.98
C HIS C 202 -51.24 0.40 -4.51
N ASN C 203 -51.09 0.58 -3.20
CA ASN C 203 -50.08 1.49 -2.69
C ASN C 203 -48.70 1.05 -3.16
N VAL C 204 -47.83 2.01 -3.47
CA VAL C 204 -46.47 1.69 -3.89
C VAL C 204 -45.58 2.58 -3.03
N GLY C 205 -44.72 1.94 -2.23
CA GLY C 205 -43.85 2.69 -1.34
C GLY C 205 -42.59 3.10 -2.08
N THR C 206 -41.73 3.81 -1.34
CA THR C 206 -40.49 4.25 -1.93
C THR C 206 -39.31 3.92 -1.04
N LEU C 207 -38.26 3.46 -1.68
CA LEU C 207 -36.99 3.44 -1.04
C LEU C 207 -36.07 4.44 -1.69
N ARG C 208 -35.72 5.52 -0.96
CA ARG C 208 -34.89 6.57 -1.54
C ARG C 208 -33.41 6.26 -1.32
N LEU C 209 -32.64 6.21 -2.41
CA LEU C 209 -31.22 5.89 -2.32
C LEU C 209 -30.40 7.05 -2.87
N TRP C 210 -29.37 7.44 -2.12
CA TRP C 210 -28.54 8.56 -2.56
C TRP C 210 -27.21 8.16 -3.19
N LYS C 211 -26.89 8.80 -4.31
CA LYS C 211 -25.64 8.54 -4.99
C LYS C 211 -24.78 9.81 -4.91
N ALA C 212 -23.52 9.65 -4.53
CA ALA C 212 -22.61 10.81 -4.43
C ALA C 212 -21.86 11.02 -5.74
N GLU C 213 -21.88 12.24 -6.25
CA GLU C 213 -21.17 12.56 -7.48
C GLU C 213 -20.35 13.81 -7.26
N PRO C 214 -19.19 13.91 -7.93
CA PRO C 214 -18.30 15.06 -7.80
C PRO C 214 -18.88 16.37 -8.35
N TRP C 215 -18.38 17.49 -7.83
CA TRP C 215 -18.88 18.77 -8.29
C TRP C 215 -18.50 18.87 -9.77
N GLU C 216 -17.24 18.55 -10.07
CA GLU C 216 -16.74 18.57 -11.44
C GLU C 216 -16.47 17.10 -11.81
N GLU C 217 -16.74 16.71 -13.05
CA GLU C 217 -16.52 15.33 -13.49
C GLU C 217 -15.09 14.85 -13.22
N PHE C 218 -14.12 15.69 -13.56
CA PHE C 218 -12.72 15.39 -13.31
C PHE C 218 -11.95 16.69 -13.51
N ASP C 219 -10.68 16.70 -13.13
CA ASP C 219 -9.84 17.89 -13.25
C ASP C 219 -9.28 18.01 -14.67
N TYR C 220 -9.94 18.79 -15.51
CA TYR C 220 -9.53 18.93 -16.90
C TYR C 220 -8.11 19.45 -17.10
N ASP C 221 -7.68 20.40 -16.28
CA ASP C 221 -6.33 20.94 -16.40
C ASP C 221 -5.28 19.87 -16.18
N ALA C 222 -5.47 19.05 -15.16
CA ALA C 222 -4.52 17.99 -14.86
C ALA C 222 -4.54 16.98 -15.99
N PHE C 223 -5.73 16.70 -16.52
CA PHE C 223 -5.86 15.74 -17.61
C PHE C 223 -5.17 16.27 -18.85
N ASN C 224 -5.36 17.56 -19.11
CA ASN C 224 -4.75 18.20 -20.27
C ASN C 224 -3.23 18.22 -20.11
N ALA C 225 -2.76 18.28 -18.87
CA ALA C 225 -1.33 18.27 -18.61
C ALA C 225 -0.83 16.84 -18.65
N GLN C 226 -1.75 15.91 -18.95
CA GLN C 226 -1.42 14.49 -19.05
C GLN C 226 -0.96 13.90 -17.71
N ARG C 227 -1.43 14.53 -16.62
CA ARG C 227 -1.37 13.88 -15.32
C ARG C 227 -2.64 13.09 -15.03
N PHE C 228 -2.74 11.91 -15.70
CA PHE C 228 -4.01 11.21 -15.83
C PHE C 228 -4.55 10.68 -14.48
N THR C 229 -3.64 10.18 -13.60
CA THR C 229 -4.15 9.76 -12.31
C THR C 229 -4.61 10.98 -11.49
N ASP C 230 -3.81 12.04 -11.50
CA ASP C 230 -4.16 13.27 -10.78
C ASP C 230 -5.53 13.78 -11.17
N ALA C 231 -5.84 13.72 -12.47
CA ALA C 231 -7.11 14.21 -12.97
C ALA C 231 -8.34 13.54 -12.38
N ILE C 232 -8.22 12.31 -11.90
CA ILE C 232 -9.40 11.63 -11.35
C ILE C 232 -9.35 11.28 -9.87
N ILE C 233 -8.29 11.68 -9.18
CA ILE C 233 -8.20 11.37 -7.76
C ILE C 233 -9.38 11.89 -6.96
N GLU C 234 -9.75 13.14 -7.19
CA GLU C 234 -10.87 13.72 -6.46
C GLU C 234 -12.21 13.09 -6.86
N ARG C 235 -12.40 12.89 -8.16
CA ARG C 235 -13.63 12.26 -8.65
C ARG C 235 -13.86 10.93 -7.94
N GLU C 236 -12.81 10.11 -7.84
CA GLU C 236 -12.91 8.81 -7.20
C GLU C 236 -13.01 8.87 -5.67
N ARG C 237 -12.52 9.94 -5.05
CA ARG C 237 -12.64 10.06 -3.60
C ARG C 237 -14.12 10.28 -3.26
N VAL C 238 -14.84 10.99 -4.15
CA VAL C 238 -16.26 11.21 -3.96
C VAL C 238 -16.99 9.91 -4.30
N SER C 239 -16.57 9.23 -5.36
CA SER C 239 -17.20 7.96 -5.74
C SER C 239 -17.09 6.93 -4.63
N ASP C 240 -16.00 7.00 -3.87
CA ASP C 240 -15.78 6.07 -2.77
C ASP C 240 -16.92 6.10 -1.77
N ILE C 241 -17.62 7.22 -1.67
CA ILE C 241 -18.71 7.31 -0.72
C ILE C 241 -19.79 6.23 -0.95
N CYS C 242 -20.09 5.94 -2.21
CA CYS C 242 -21.10 4.93 -2.56
C CYS C 242 -20.51 3.70 -3.25
N ARG C 243 -19.17 3.55 -3.23
CA ARG C 243 -18.60 2.43 -3.97
C ARG C 243 -18.91 1.09 -3.30
N VAL C 244 -18.59 1.02 -2.01
CA VAL C 244 -18.67 -0.26 -1.32
C VAL C 244 -19.33 -0.11 0.06
N LEU C 245 -20.12 -1.14 0.42
CA LEU C 245 -20.78 -1.13 1.73
C LEU C 245 -19.83 -1.61 2.84
N TYR C 246 -19.88 -0.97 4.00
CA TYR C 246 -19.00 -1.34 5.09
C TYR C 246 -17.53 -1.46 4.71
N PRO C 247 -16.96 -0.39 4.13
CA PRO C 247 -15.55 -0.50 3.76
C PRO C 247 -14.69 -0.71 5.00
N ASN C 248 -13.57 -1.41 4.83
CA ASN C 248 -12.68 -1.68 5.94
C ASN C 248 -12.16 -0.38 6.54
N ASP C 249 -12.16 -0.29 7.87
CA ASP C 249 -11.74 0.92 8.56
C ASP C 249 -10.70 0.73 9.66
N THR C 250 -9.67 -0.05 9.36
CA THR C 250 -8.60 -0.29 10.31
C THR C 250 -7.68 0.93 10.31
N THR C 251 -7.67 1.68 9.22
CA THR C 251 -6.83 2.88 9.15
C THR C 251 -7.69 4.11 9.43
N TYR C 252 -7.03 5.22 9.70
CA TYR C 252 -7.74 6.47 9.99
C TYR C 252 -8.59 6.88 8.79
N GLU C 253 -7.98 6.79 7.61
CA GLU C 253 -8.63 7.16 6.37
C GLU C 253 -9.85 6.29 6.11
N GLY C 254 -9.80 5.05 6.58
CA GLY C 254 -10.90 4.12 6.42
C GLY C 254 -12.07 4.52 7.30
N LYS C 255 -11.76 4.94 8.51
CA LYS C 255 -12.78 5.37 9.45
C LYS C 255 -13.42 6.65 8.92
N LYS C 256 -12.61 7.52 8.34
CA LYS C 256 -13.13 8.77 7.80
C LYS C 256 -14.10 8.49 6.64
N LEU C 257 -13.83 7.47 5.85
CA LEU C 257 -14.72 7.11 4.74
C LEU C 257 -16.08 6.66 5.29
N ARG C 258 -16.07 5.86 6.34
CA ARG C 258 -17.31 5.38 6.94
C ARG C 258 -18.15 6.54 7.43
N VAL C 259 -17.51 7.47 8.13
CA VAL C 259 -18.24 8.61 8.65
C VAL C 259 -18.82 9.43 7.50
N ARG C 260 -18.04 9.61 6.43
CA ARG C 260 -18.51 10.35 5.25
C ARG C 260 -19.81 9.75 4.74
N GLN C 261 -19.80 8.43 4.56
CA GLN C 261 -20.98 7.73 4.08
C GLN C 261 -22.20 8.02 4.95
N GLN C 262 -22.01 7.90 6.25
CA GLN C 262 -23.11 8.09 7.19
C GLN C 262 -23.68 9.49 7.17
N TYR C 263 -22.80 10.49 7.11
CA TYR C 263 -23.26 11.86 7.06
C TYR C 263 -23.90 12.15 5.71
N PHE C 264 -23.29 11.63 4.65
CA PHE C 264 -23.80 11.89 3.31
C PHE C 264 -25.29 11.59 3.15
N PHE C 265 -25.69 10.38 3.52
CA PHE C 265 -27.07 10.05 3.20
C PHE C 265 -28.05 10.53 4.27
N THR C 266 -27.58 10.71 5.52
CA THR C 266 -28.49 11.33 6.47
C THR C 266 -28.72 12.82 6.16
N SER C 267 -27.63 13.52 5.78
CA SER C 267 -27.81 14.94 5.44
C SER C 267 -28.69 15.14 4.22
N ALA C 268 -28.47 14.33 3.19
CA ALA C 268 -29.26 14.43 1.96
C ALA C 268 -30.71 14.13 2.27
N SER C 269 -30.95 13.08 3.04
CA SER C 269 -32.30 12.70 3.40
C SER C 269 -33.04 13.80 4.16
N LEU C 270 -32.41 14.34 5.21
CA LEU C 270 -33.03 15.40 6.00
C LEU C 270 -33.31 16.63 5.16
N GLN C 271 -32.38 16.98 4.28
CA GLN C 271 -32.59 18.15 3.44
C GLN C 271 -33.82 17.94 2.55
N ALA C 272 -33.92 16.74 1.97
CA ALA C 272 -35.05 16.43 1.10
C ALA C 272 -36.36 16.45 1.88
N MET C 273 -36.31 15.94 3.11
CA MET C 273 -37.48 15.90 3.98
C MET C 273 -37.96 17.30 4.31
N ILE C 274 -37.03 18.19 4.61
CA ILE C 274 -37.38 19.58 4.91
C ILE C 274 -38.00 20.25 3.69
N GLN C 275 -37.37 20.10 2.53
CA GLN C 275 -37.87 20.68 1.27
C GLN C 275 -39.33 20.27 1.12
N ASP C 276 -39.55 18.97 1.29
CA ASP C 276 -40.89 18.40 1.18
C ASP C 276 -41.88 18.98 2.15
N HIS C 277 -41.48 19.10 3.41
CA HIS C 277 -42.35 19.64 4.45
C HIS C 277 -42.78 21.04 4.08
N LEU C 278 -41.82 21.84 3.63
CA LEU C 278 -42.08 23.21 3.27
C LEU C 278 -42.89 23.36 1.98
N ALA C 279 -43.00 22.28 1.20
CA ALA C 279 -43.79 22.31 -0.02
C ALA C 279 -45.26 22.10 0.33
N HIS C 280 -45.48 21.53 1.50
CA HIS C 280 -46.83 21.23 2.00
C HIS C 280 -47.26 22.16 3.13
N HIS C 281 -46.31 22.59 3.96
CA HIS C 281 -46.60 23.40 5.14
C HIS C 281 -45.95 24.78 5.19
N LYS C 282 -46.49 25.66 6.03
CA LYS C 282 -45.99 27.02 6.18
C LYS C 282 -44.53 26.99 6.62
N ASP C 283 -44.25 26.37 7.77
CA ASP C 283 -42.89 26.28 8.25
C ASP C 283 -42.59 24.98 8.97
N LEU C 284 -41.39 24.89 9.53
CA LEU C 284 -40.94 23.69 10.23
C LEU C 284 -41.31 23.59 11.70
N SER C 285 -42.07 24.55 12.22
CA SER C 285 -42.46 24.50 13.63
C SER C 285 -43.21 23.22 13.97
N ASN C 286 -44.00 22.71 13.03
CA ASN C 286 -44.78 21.50 13.26
C ASN C 286 -44.17 20.27 12.58
N PHE C 287 -42.85 20.30 12.38
CA PHE C 287 -42.15 19.19 11.73
C PHE C 287 -42.36 17.85 12.43
N ALA C 288 -42.19 17.81 13.74
CA ALA C 288 -42.34 16.58 14.50
C ALA C 288 -43.76 16.01 14.49
N GLU C 289 -44.74 16.88 14.26
CA GLU C 289 -46.14 16.43 14.21
C GLU C 289 -46.42 15.66 12.92
N PHE C 290 -45.64 15.91 11.88
CA PHE C 290 -45.89 15.23 10.60
C PHE C 290 -44.80 14.22 10.21
N HIS C 291 -43.67 14.21 10.97
CA HIS C 291 -42.57 13.31 10.62
C HIS C 291 -41.98 12.61 11.84
N SER C 292 -41.57 11.35 11.59
CA SER C 292 -40.72 10.62 12.54
C SER C 292 -39.63 9.92 11.77
N VAL C 293 -38.50 9.75 12.44
CA VAL C 293 -37.40 9.09 11.80
C VAL C 293 -36.95 7.92 12.66
N GLN C 294 -36.92 6.73 12.03
CA GLN C 294 -36.38 5.58 12.74
C GLN C 294 -34.89 5.40 12.43
N LEU C 295 -34.10 5.26 13.48
CA LEU C 295 -32.66 4.99 13.35
C LEU C 295 -32.36 3.51 13.57
N ASN C 296 -32.12 2.82 12.46
CA ASN C 296 -31.81 1.40 12.52
C ASN C 296 -30.34 1.18 12.90
N ASP C 297 -30.11 0.90 14.21
CA ASP C 297 -28.75 0.92 14.77
C ASP C 297 -28.16 2.34 14.76
N THR C 298 -26.83 2.41 15.01
CA THR C 298 -26.22 3.72 15.24
C THR C 298 -25.65 4.34 13.95
N HIS C 299 -25.68 3.65 12.82
CA HIS C 299 -25.10 4.17 11.58
C HIS C 299 -25.67 5.55 11.15
N PRO C 300 -26.98 5.80 11.39
CA PRO C 300 -27.56 7.05 10.95
C PRO C 300 -27.67 8.11 12.05
N VAL C 301 -26.94 7.91 13.18
CA VAL C 301 -27.12 8.85 14.30
C VAL C 301 -26.71 10.29 13.97
N LEU C 302 -25.84 10.48 12.96
CA LEU C 302 -25.44 11.83 12.60
C LEU C 302 -26.63 12.67 12.18
N ALA C 303 -27.74 12.00 11.88
CA ALA C 303 -28.96 12.68 11.49
C ALA C 303 -29.39 13.64 12.60
N ILE C 304 -29.10 13.29 13.85
CA ILE C 304 -29.52 14.11 14.97
C ILE C 304 -28.84 15.48 14.98
N PRO C 305 -27.50 15.54 15.03
CA PRO C 305 -26.89 16.87 15.02
C PRO C 305 -27.10 17.57 13.67
N GLU C 306 -27.24 16.79 12.60
CA GLU C 306 -27.46 17.40 11.29
C GLU C 306 -28.82 18.10 11.22
N LEU C 307 -29.84 17.52 11.84
CA LEU C 307 -31.16 18.17 11.81
C LEU C 307 -31.10 19.44 12.65
N MET C 308 -30.31 19.41 13.73
CA MET C 308 -30.16 20.58 14.58
C MET C 308 -29.55 21.70 13.75
N ARG C 309 -28.53 21.36 12.95
CA ARG C 309 -27.85 22.33 12.10
C ARG C 309 -28.78 22.96 11.08
N LEU C 310 -29.55 22.12 10.39
CA LEU C 310 -30.47 22.61 9.37
C LEU C 310 -31.52 23.52 9.97
N LEU C 311 -32.06 23.15 11.13
CA LEU C 311 -33.09 23.95 11.79
C LEU C 311 -32.57 25.30 12.31
N MET C 312 -31.34 25.31 12.81
CA MET C 312 -30.74 26.53 13.35
C MET C 312 -30.03 27.40 12.32
N ASP C 313 -29.22 26.78 11.47
CA ASP C 313 -28.46 27.52 10.47
C ASP C 313 -29.24 27.88 9.21
N GLU C 314 -30.19 27.04 8.82
CA GLU C 314 -30.97 27.32 7.62
C GLU C 314 -32.39 27.79 7.85
N HIS C 315 -32.91 27.64 9.07
CA HIS C 315 -34.27 28.07 9.30
C HIS C 315 -34.47 28.89 10.57
N ASP C 316 -33.40 29.53 11.00
CA ASP C 316 -33.38 30.42 12.16
C ASP C 316 -34.02 30.00 13.47
N MET C 317 -34.09 28.70 13.74
CA MET C 317 -34.66 28.25 14.99
C MET C 317 -33.60 28.25 16.08
N GLY C 318 -34.02 28.47 17.32
CA GLY C 318 -33.07 28.45 18.42
C GLY C 318 -32.78 27.01 18.82
N TRP C 319 -31.82 26.82 19.71
CA TRP C 319 -31.47 25.47 20.15
C TRP C 319 -32.64 24.77 20.85
N GLU C 320 -33.34 25.49 21.73
CA GLU C 320 -34.45 24.88 22.45
C GLU C 320 -35.55 24.36 21.53
N GLU C 321 -35.99 25.18 20.59
CA GLU C 321 -37.05 24.78 19.67
C GLU C 321 -36.56 23.64 18.77
N SER C 322 -35.30 23.72 18.37
CA SER C 322 -34.69 22.72 17.51
C SER C 322 -34.58 21.37 18.20
N TRP C 323 -34.03 21.38 19.41
CA TRP C 323 -33.87 20.15 20.17
C TRP C 323 -35.22 19.53 20.52
N ALA C 324 -36.25 20.34 20.70
CA ALA C 324 -37.56 19.82 21.03
C ALA C 324 -38.11 19.04 19.82
N ILE C 325 -37.87 19.56 18.62
CA ILE C 325 -38.31 18.89 17.41
C ILE C 325 -37.53 17.59 17.27
N VAL C 326 -36.22 17.68 17.47
CA VAL C 326 -35.34 16.53 17.37
C VAL C 326 -35.75 15.42 18.34
N SER C 327 -36.06 15.75 19.59
CA SER C 327 -36.43 14.69 20.51
C SER C 327 -37.85 14.15 20.35
N LYS C 328 -38.65 14.75 19.46
CA LYS C 328 -40.00 14.25 19.18
C LYS C 328 -40.02 13.55 17.82
N THR C 329 -38.89 13.65 17.13
CA THR C 329 -38.68 13.12 15.78
C THR C 329 -38.05 11.72 15.77
N PHE C 330 -36.87 11.58 16.44
CA PHE C 330 -36.08 10.35 16.31
C PHE C 330 -36.50 9.27 17.31
N ALA C 331 -36.56 8.04 16.76
CA ALA C 331 -36.59 6.86 17.59
C ALA C 331 -35.40 5.96 17.26
N TYR C 332 -34.88 5.22 18.27
CA TYR C 332 -33.66 4.43 18.01
C TYR C 332 -33.91 2.94 18.29
N THR C 333 -33.36 2.10 17.41
CA THR C 333 -33.47 0.65 17.57
C THR C 333 -32.08 0.05 17.84
N ASN C 334 -31.94 -0.62 18.97
CA ASN C 334 -30.69 -1.28 19.37
C ASN C 334 -30.79 -2.77 18.99
N HIS C 335 -29.75 -3.33 18.37
CA HIS C 335 -29.83 -4.73 17.88
C HIS C 335 -28.97 -5.75 18.69
N THR C 336 -27.99 -5.31 19.50
CA THR C 336 -27.23 -6.34 20.22
C THR C 336 -27.38 -6.36 21.71
N VAL C 337 -27.06 -7.56 22.21
CA VAL C 337 -26.86 -7.76 23.62
C VAL C 337 -25.62 -7.01 24.10
N LEU C 338 -24.51 -7.19 23.41
CA LEU C 338 -23.27 -6.58 23.85
C LEU C 338 -23.18 -5.08 23.66
N THR C 339 -22.01 -4.53 23.99
CA THR C 339 -21.80 -3.07 23.98
C THR C 339 -20.61 -2.57 23.13
N GLU C 340 -19.62 -3.46 22.87
CA GLU C 340 -18.43 -3.03 22.13
C GLU C 340 -18.72 -2.92 20.63
N ALA C 341 -20.00 -3.12 20.31
CA ALA C 341 -20.46 -2.93 18.94
C ALA C 341 -21.01 -1.52 18.76
N LEU C 342 -21.33 -0.91 19.92
CA LEU C 342 -21.81 0.45 19.90
C LEU C 342 -20.78 1.38 19.25
N GLU C 343 -21.22 2.04 18.17
CA GLU C 343 -20.32 2.88 17.39
C GLU C 343 -19.70 4.01 18.21
N GLN C 344 -18.37 4.12 18.11
CA GLN C 344 -17.58 5.17 18.77
C GLN C 344 -16.65 5.72 17.70
N TRP C 345 -16.52 7.04 17.63
CA TRP C 345 -15.64 7.65 16.64
C TRP C 345 -14.76 8.70 17.29
N ASP C 346 -13.52 8.81 16.84
CA ASP C 346 -12.65 9.85 17.40
C ASP C 346 -13.26 11.19 17.01
N GLU C 347 -13.43 12.07 17.99
CA GLU C 347 -14.01 13.36 17.67
C GLU C 347 -13.29 14.11 16.54
N GLN C 348 -12.01 13.78 16.33
CA GLN C 348 -11.27 14.52 15.31
C GLN C 348 -11.88 14.34 13.92
N ILE C 349 -12.37 13.12 13.66
CA ILE C 349 -12.97 12.88 12.36
C ILE C 349 -14.08 13.89 12.06
N PHE C 350 -14.91 14.14 13.06
CA PHE C 350 -16.02 15.08 12.93
C PHE C 350 -15.49 16.51 12.77
N GLN C 351 -14.46 16.86 13.53
CA GLN C 351 -13.87 18.19 13.45
C GLN C 351 -13.33 18.48 12.06
N GLN C 352 -12.80 17.46 11.41
CA GLN C 352 -12.24 17.60 10.07
C GLN C 352 -13.26 17.53 8.91
N LEU C 353 -14.25 16.65 9.01
CA LEU C 353 -15.26 16.53 7.93
C LEU C 353 -16.34 17.60 7.97
N PHE C 354 -16.73 18.00 9.17
CA PHE C 354 -17.79 19.00 9.33
C PHE C 354 -17.73 19.69 10.67
N TRP C 355 -16.87 20.69 10.76
CA TRP C 355 -16.68 21.44 11.99
C TRP C 355 -17.98 21.95 12.62
N ARG C 356 -18.88 22.50 11.79
CA ARG C 356 -20.14 23.03 12.30
C ARG C 356 -20.96 21.93 13.00
N VAL C 357 -21.02 20.77 12.37
CA VAL C 357 -21.75 19.65 12.97
C VAL C 357 -21.06 19.24 14.27
N TRP C 358 -19.73 19.33 14.28
CA TRP C 358 -18.95 19.01 15.47
C TRP C 358 -19.34 19.95 16.62
N GLU C 359 -19.44 21.25 16.34
CA GLU C 359 -19.80 22.23 17.36
C GLU C 359 -21.14 21.85 17.97
N ILE C 360 -22.06 21.43 17.12
CA ILE C 360 -23.39 21.04 17.56
C ILE C 360 -23.32 19.79 18.44
N ILE C 361 -22.45 18.84 18.09
CA ILE C 361 -22.30 17.63 18.87
C ILE C 361 -21.74 17.99 20.25
N ALA C 362 -20.77 18.90 20.27
CA ALA C 362 -20.16 19.34 21.51
C ALA C 362 -21.21 20.01 22.41
N GLU C 363 -22.11 20.78 21.80
CA GLU C 363 -23.16 21.45 22.56
C GLU C 363 -24.16 20.42 23.10
N ILE C 364 -24.40 19.37 22.31
CA ILE C 364 -25.30 18.31 22.75
C ILE C 364 -24.69 17.69 24.01
N ASP C 365 -23.38 17.49 23.98
CA ASP C 365 -22.68 16.91 25.11
C ASP C 365 -22.79 17.86 26.30
N ARG C 366 -22.45 19.14 26.08
CA ARG C 366 -22.52 20.15 27.13
C ARG C 366 -23.92 20.19 27.76
N ARG C 367 -24.94 20.29 26.91
CA ARG C 367 -26.32 20.34 27.36
C ARG C 367 -26.68 19.11 28.20
N PHE C 368 -26.32 17.94 27.68
CA PHE C 368 -26.58 16.68 28.37
C PHE C 368 -26.06 16.75 29.80
N ARG C 369 -24.78 17.08 29.94
CA ARG C 369 -24.12 17.16 31.24
C ARG C 369 -24.75 18.12 32.23
N LEU C 370 -25.20 19.29 31.79
CA LEU C 370 -25.79 20.24 32.72
C LEU C 370 -27.22 19.87 33.08
N GLU C 371 -27.95 19.30 32.12
CA GLU C 371 -29.34 18.89 32.34
C GLU C 371 -29.33 17.70 33.30
N ARG C 372 -28.28 16.90 33.23
CA ARG C 372 -28.12 15.72 34.08
C ARG C 372 -27.71 16.13 35.51
N ALA C 373 -26.94 17.21 35.63
CA ALA C 373 -26.49 17.69 36.93
C ALA C 373 -27.69 18.27 37.64
N ALA C 374 -28.49 19.01 36.88
CA ALA C 374 -29.70 19.62 37.41
C ALA C 374 -30.66 18.54 37.89
N ASP C 375 -30.56 17.34 37.31
CA ASP C 375 -31.42 16.24 37.68
C ASP C 375 -31.02 15.70 39.06
N GLY C 376 -29.78 16.02 39.48
CA GLY C 376 -29.29 15.46 40.73
C GLY C 376 -28.50 14.18 40.48
N LEU C 377 -28.25 13.93 39.19
CA LEU C 377 -27.36 12.84 38.83
C LEU C 377 -25.92 13.16 39.20
N ASP C 378 -25.17 12.05 39.40
CA ASP C 378 -23.81 12.20 39.94
C ASP C 378 -22.74 12.01 38.86
N GLU C 379 -21.60 12.72 39.08
CA GLU C 379 -20.58 12.88 38.04
C GLU C 379 -20.17 11.55 37.38
N GLU C 380 -19.91 10.53 38.23
CA GLU C 380 -19.40 9.28 37.66
C GLU C 380 -20.38 8.71 36.64
N THR C 381 -21.66 8.69 37.03
CA THR C 381 -22.69 8.21 36.11
C THR C 381 -22.81 9.12 34.88
N ILE C 382 -22.85 10.43 35.09
CA ILE C 382 -22.95 11.36 33.98
C ILE C 382 -21.82 11.13 32.98
N ASN C 383 -20.60 11.02 33.49
CA ASN C 383 -19.45 10.83 32.61
C ASN C 383 -19.52 9.57 31.75
N ARG C 384 -20.12 8.51 32.27
CA ARG C 384 -20.20 7.29 31.48
C ARG C 384 -21.41 7.29 30.54
N MET C 385 -22.30 8.27 30.69
CA MET C 385 -23.47 8.38 29.84
C MET C 385 -23.26 9.45 28.78
N ALA C 386 -22.29 10.33 29.02
CA ALA C 386 -21.99 11.44 28.13
C ALA C 386 -21.63 11.05 26.70
N PRO C 387 -22.20 11.76 25.71
CA PRO C 387 -21.95 11.52 24.28
C PRO C 387 -20.45 11.60 23.92
N ILE C 388 -19.71 12.45 24.61
CA ILE C 388 -18.28 12.62 24.31
C ILE C 388 -17.48 12.30 25.57
N GLN C 389 -16.64 11.28 25.50
CA GLN C 389 -15.82 10.90 26.65
C GLN C 389 -14.42 10.56 26.23
N HIS C 390 -13.42 11.23 26.81
CA HIS C 390 -12.05 10.82 26.48
C HIS C 390 -11.77 11.03 24.98
N GLY C 391 -12.25 12.14 24.42
CA GLY C 391 -12.03 12.41 23.00
C GLY C 391 -12.73 11.46 22.03
N THR C 392 -13.69 10.70 22.55
CA THR C 392 -14.43 9.73 21.74
C THR C 392 -15.92 10.02 21.77
N VAL C 393 -16.57 9.97 20.61
CA VAL C 393 -18.01 10.23 20.55
C VAL C 393 -18.75 8.90 20.51
N HIS C 394 -19.64 8.72 21.49
CA HIS C 394 -20.44 7.51 21.59
C HIS C 394 -21.77 7.78 20.90
N MET C 395 -21.91 7.29 19.67
CA MET C 395 -23.10 7.51 18.88
C MET C 395 -24.39 7.00 19.54
N ALA C 396 -24.28 5.90 20.27
CA ALA C 396 -25.44 5.30 20.94
C ALA C 396 -25.96 6.19 22.08
N TRP C 397 -25.07 6.96 22.70
CA TRP C 397 -25.49 7.85 23.79
C TRP C 397 -26.22 9.05 23.20
N ILE C 398 -25.79 9.50 22.02
CA ILE C 398 -26.47 10.61 21.35
C ILE C 398 -27.88 10.13 21.01
N ALA C 399 -27.96 8.90 20.52
CA ALA C 399 -29.24 8.30 20.15
C ALA C 399 -30.18 8.16 21.35
N CYS C 400 -29.70 7.55 22.43
CA CYS C 400 -30.52 7.35 23.61
C CYS C 400 -30.97 8.65 24.27
N TYR C 401 -30.17 9.70 24.10
CA TYR C 401 -30.48 10.99 24.67
C TYR C 401 -31.59 11.69 23.88
N ALA C 402 -31.44 11.73 22.57
CA ALA C 402 -32.42 12.38 21.71
C ALA C 402 -33.71 11.60 21.43
N ALA C 403 -33.59 10.29 21.23
CA ALA C 403 -34.74 9.45 20.91
C ALA C 403 -35.90 9.41 21.91
N TYR C 404 -37.13 9.43 21.41
CA TYR C 404 -38.30 9.37 22.28
C TYR C 404 -38.69 7.90 22.49
N SER C 405 -38.08 7.03 21.69
CA SER C 405 -38.30 5.59 21.77
C SER C 405 -37.01 4.82 21.55
N ILE C 406 -36.72 3.90 22.45
CA ILE C 406 -35.54 3.05 22.36
C ILE C 406 -36.08 1.63 22.42
N ASN C 407 -35.93 0.87 21.35
CA ASN C 407 -36.51 -0.48 21.37
C ASN C 407 -35.48 -1.58 21.06
N GLY C 408 -35.73 -2.77 21.66
CA GLY C 408 -34.97 -3.96 21.28
C GLY C 408 -35.72 -4.80 20.25
N VAL C 409 -35.10 -5.94 19.85
CA VAL C 409 -35.66 -6.70 18.73
C VAL C 409 -36.16 -8.09 19.15
N ALA C 410 -36.13 -8.32 20.48
CA ALA C 410 -36.71 -9.56 20.99
C ALA C 410 -37.01 -9.42 22.48
N ALA C 411 -37.97 -10.16 23.02
CA ALA C 411 -38.33 -10.01 24.43
C ALA C 411 -37.12 -10.10 25.36
N LEU C 412 -36.35 -11.18 25.23
CA LEU C 412 -35.18 -11.37 26.08
C LEU C 412 -34.10 -10.31 25.86
N HIS C 413 -33.93 -9.91 24.60
CA HIS C 413 -32.94 -8.90 24.23
C HIS C 413 -33.31 -7.55 24.86
N THR C 414 -34.57 -7.17 24.74
CA THR C 414 -35.01 -5.90 25.30
C THR C 414 -34.83 -5.86 26.82
N GLU C 415 -35.09 -6.97 27.50
CA GLU C 415 -34.90 -6.99 28.95
C GLU C 415 -33.43 -6.87 29.29
N ILE C 416 -32.56 -7.45 28.47
CA ILE C 416 -31.13 -7.36 28.73
C ILE C 416 -30.58 -5.95 28.56
N ILE C 417 -31.00 -5.22 27.51
CA ILE C 417 -30.47 -3.88 27.33
C ILE C 417 -31.03 -2.94 28.41
N LYS C 418 -32.15 -3.32 29.01
CA LYS C 418 -32.76 -2.54 30.09
C LYS C 418 -32.00 -2.74 31.40
N ALA C 419 -31.56 -3.98 31.62
CA ALA C 419 -30.86 -4.32 32.85
C ALA C 419 -29.35 -4.13 32.79
N GLU C 420 -28.77 -4.23 31.60
CA GLU C 420 -27.33 -4.10 31.46
C GLU C 420 -26.81 -3.05 30.49
N THR C 421 -26.83 -3.42 29.21
CA THR C 421 -26.35 -2.58 28.11
C THR C 421 -26.73 -1.10 28.19
N LEU C 422 -28.01 -0.81 28.39
CA LEU C 422 -28.49 0.57 28.47
C LEU C 422 -29.09 0.86 29.84
N ALA C 423 -28.58 0.17 30.86
CA ALA C 423 -29.06 0.31 32.23
C ALA C 423 -29.21 1.77 32.70
N ASP C 424 -28.16 2.58 32.53
CA ASP C 424 -28.23 3.96 32.98
C ASP C 424 -29.36 4.71 32.32
N TRP C 425 -29.57 4.46 31.04
CA TRP C 425 -30.63 5.14 30.31
C TRP C 425 -32.02 4.68 30.78
N TYR C 426 -32.14 3.39 31.07
CA TYR C 426 -33.40 2.83 31.54
C TYR C 426 -33.76 3.35 32.94
N ALA C 427 -32.74 3.65 33.74
CA ALA C 427 -32.97 4.15 35.08
C ALA C 427 -33.47 5.57 34.99
N LEU C 428 -32.91 6.31 34.03
CA LEU C 428 -33.26 7.70 33.79
C LEU C 428 -34.62 7.88 33.11
N TRP C 429 -34.83 7.22 31.97
CA TRP C 429 -36.07 7.34 31.22
C TRP C 429 -36.64 5.97 30.85
N PRO C 430 -37.22 5.26 31.83
CA PRO C 430 -37.80 3.93 31.64
C PRO C 430 -38.83 3.90 30.49
N GLU C 431 -39.65 4.95 30.42
CA GLU C 431 -40.72 5.02 29.44
C GLU C 431 -40.31 5.02 27.97
N LYS C 432 -39.03 5.29 27.69
CA LYS C 432 -38.57 5.28 26.31
C LYS C 432 -38.46 3.85 25.77
N PHE C 433 -38.15 2.93 26.67
CA PHE C 433 -37.95 1.53 26.31
C PHE C 433 -39.17 0.68 26.05
N ASN C 434 -39.09 -0.08 24.96
CA ASN C 434 -40.14 -0.99 24.56
C ASN C 434 -39.49 -2.09 23.72
N ASN C 435 -40.29 -3.07 23.32
CA ASN C 435 -39.79 -4.17 22.53
C ASN C 435 -40.54 -4.32 21.21
N LYS C 436 -39.81 -4.62 20.14
CA LYS C 436 -40.40 -4.82 18.82
C LYS C 436 -39.71 -6.03 18.19
N THR C 437 -40.30 -7.22 18.40
CA THR C 437 -39.73 -8.45 17.88
C THR C 437 -39.59 -8.52 16.37
N ASN C 438 -38.38 -8.79 15.89
CA ASN C 438 -38.09 -8.89 14.46
C ASN C 438 -39.01 -9.90 13.76
N GLY C 439 -39.18 -9.71 12.47
CA GLY C 439 -40.01 -10.60 11.69
C GLY C 439 -39.51 -10.59 10.26
N VAL C 440 -40.16 -11.38 9.39
CA VAL C 440 -39.76 -11.43 7.99
C VAL C 440 -41.06 -11.42 7.17
N THR C 441 -40.99 -10.98 5.92
CA THR C 441 -42.19 -10.90 5.12
C THR C 441 -42.60 -12.24 4.50
N PRO C 442 -43.86 -12.64 4.75
CA PRO C 442 -44.40 -13.89 4.22
C PRO C 442 -44.56 -13.88 2.71
N ARG C 443 -44.38 -12.72 2.09
CA ARG C 443 -44.49 -12.66 0.64
C ARG C 443 -43.22 -13.24 0.01
N ARG C 444 -42.12 -12.48 0.09
CA ARG C 444 -40.89 -12.96 -0.50
C ARG C 444 -40.44 -14.29 0.08
N TRP C 445 -40.62 -14.48 1.39
CA TRP C 445 -40.16 -15.69 2.06
C TRP C 445 -41.05 -16.92 2.13
N LEU C 446 -42.23 -16.86 1.52
CA LEU C 446 -43.13 -18.02 1.51
C LEU C 446 -43.99 -18.04 0.25
N ARG C 447 -44.89 -17.08 0.13
CA ARG C 447 -45.76 -17.05 -1.03
C ARG C 447 -44.97 -16.96 -2.33
N MET C 448 -43.91 -16.15 -2.36
CA MET C 448 -43.13 -16.00 -3.57
C MET C 448 -42.23 -17.18 -3.94
N ILE C 449 -41.58 -17.77 -2.96
CA ILE C 449 -40.62 -18.84 -3.24
C ILE C 449 -41.09 -20.28 -3.09
N ASN C 450 -42.24 -20.48 -2.45
CA ASN C 450 -42.76 -21.82 -2.22
C ASN C 450 -44.20 -21.93 -2.71
N PRO C 451 -44.40 -21.86 -4.04
CA PRO C 451 -45.76 -21.97 -4.58
C PRO C 451 -46.43 -23.28 -4.21
N GLY C 452 -45.63 -24.34 -4.09
CA GLY C 452 -46.17 -25.64 -3.74
C GLY C 452 -46.89 -25.58 -2.41
N LEU C 453 -46.22 -25.04 -1.40
CA LEU C 453 -46.81 -24.93 -0.07
C LEU C 453 -47.91 -23.88 -0.08
N SER C 454 -47.70 -22.80 -0.82
CA SER C 454 -48.69 -21.72 -0.89
C SER C 454 -50.04 -22.23 -1.40
N ASP C 455 -50.01 -23.11 -2.40
CA ASP C 455 -51.24 -23.66 -2.95
C ASP C 455 -52.01 -24.47 -1.90
N LEU C 456 -51.27 -25.29 -1.16
CA LEU C 456 -51.87 -26.11 -0.12
C LEU C 456 -52.48 -25.23 0.97
N LEU C 457 -51.74 -24.22 1.40
CA LEU C 457 -52.26 -23.33 2.45
C LEU C 457 -53.52 -22.58 2.02
N THR C 458 -53.56 -22.17 0.75
CA THR C 458 -54.71 -21.45 0.23
C THR C 458 -55.91 -22.39 0.06
N ARG C 459 -55.64 -23.61 -0.37
CA ARG C 459 -56.72 -24.59 -0.55
C ARG C 459 -57.36 -24.88 0.79
N LEU C 460 -56.54 -25.15 1.81
CA LEU C 460 -57.03 -25.46 3.14
C LEU C 460 -57.73 -24.33 3.87
N SER C 461 -57.23 -23.11 3.71
CA SER C 461 -57.84 -21.97 4.38
C SER C 461 -58.97 -21.35 3.58
N GLY C 462 -59.07 -21.72 2.31
CA GLY C 462 -60.15 -21.18 1.48
C GLY C 462 -59.89 -19.89 0.73
N SER C 463 -58.69 -19.34 0.87
CA SER C 463 -58.31 -18.11 0.18
C SER C 463 -56.85 -17.85 0.49
N ASP C 464 -56.32 -16.76 -0.04
CA ASP C 464 -54.94 -16.40 0.24
C ASP C 464 -54.85 -15.20 1.18
N ASP C 465 -55.79 -15.13 2.13
CA ASP C 465 -55.81 -14.05 3.12
C ASP C 465 -54.56 -14.18 3.97
N TRP C 466 -54.09 -15.41 4.11
CA TRP C 466 -52.91 -15.68 4.92
C TRP C 466 -51.67 -14.96 4.41
N VAL C 467 -51.58 -14.75 3.10
CA VAL C 467 -50.41 -14.09 2.55
C VAL C 467 -50.13 -12.74 3.21
N THR C 468 -51.19 -12.04 3.63
CA THR C 468 -51.01 -10.75 4.27
C THR C 468 -51.48 -10.78 5.73
N ASP C 469 -51.63 -11.98 6.26
CA ASP C 469 -52.06 -12.18 7.64
C ASP C 469 -51.70 -13.60 8.01
N LEU C 470 -50.40 -13.85 8.19
CA LEU C 470 -49.91 -15.19 8.47
C LEU C 470 -50.50 -15.88 9.69
N ASP C 471 -51.01 -15.12 10.66
CA ASP C 471 -51.60 -15.76 11.85
C ASP C 471 -52.79 -16.63 11.46
N GLU C 472 -53.31 -16.40 10.26
CA GLU C 472 -54.44 -17.19 9.77
C GLU C 472 -54.08 -18.67 9.67
N LEU C 473 -52.79 -18.97 9.55
CA LEU C 473 -52.35 -20.36 9.42
C LEU C 473 -52.52 -21.17 10.69
N LYS C 474 -52.70 -20.49 11.82
CA LYS C 474 -52.88 -21.18 13.11
C LYS C 474 -54.14 -22.04 13.08
N LYS C 475 -55.11 -21.63 12.27
CA LYS C 475 -56.38 -22.34 12.14
C LYS C 475 -56.19 -23.66 11.39
N LEU C 476 -55.03 -23.86 10.78
CA LEU C 476 -54.78 -25.08 10.03
C LEU C 476 -53.98 -26.11 10.79
N ARG C 477 -53.66 -25.80 12.04
CA ARG C 477 -52.88 -26.71 12.88
C ARG C 477 -53.62 -28.01 13.13
N SER C 478 -54.94 -27.98 13.02
CA SER C 478 -55.72 -29.18 13.28
C SER C 478 -55.46 -30.27 12.23
N TYR C 479 -54.95 -29.89 11.06
CA TYR C 479 -54.69 -30.86 9.99
C TYR C 479 -53.37 -31.63 10.19
N ALA C 480 -52.66 -31.36 11.28
CA ALA C 480 -51.46 -32.15 11.56
C ALA C 480 -51.81 -33.63 11.70
N ASP C 481 -53.08 -33.84 12.10
CA ASP C 481 -53.67 -35.20 12.14
C ASP C 481 -54.03 -35.83 10.77
N ASP C 482 -54.01 -35.01 9.68
CA ASP C 482 -54.47 -35.56 8.38
C ASP C 482 -53.34 -36.20 7.56
N LYS C 483 -53.30 -37.52 7.50
CA LYS C 483 -52.28 -38.25 6.77
C LYS C 483 -52.21 -37.75 5.33
N SER C 484 -53.36 -37.46 4.75
CA SER C 484 -53.39 -36.98 3.36
C SER C 484 -52.72 -35.62 3.22
N VAL C 485 -52.89 -34.76 4.23
CA VAL C 485 -52.27 -33.44 4.21
C VAL C 485 -50.77 -33.58 4.43
N LEU C 486 -50.39 -34.44 5.36
CA LEU C 486 -48.98 -34.66 5.65
C LEU C 486 -48.28 -35.22 4.41
N GLU C 487 -48.93 -36.15 3.71
CA GLU C 487 -48.34 -36.72 2.51
C GLU C 487 -48.13 -35.63 1.48
N GLU C 488 -49.12 -34.74 1.37
CA GLU C 488 -49.01 -33.66 0.41
C GLU C 488 -47.85 -32.75 0.76
N LEU C 489 -47.67 -32.50 2.05
CA LEU C 489 -46.57 -31.67 2.52
C LEU C 489 -45.25 -32.33 2.13
N ARG C 490 -45.17 -33.65 2.29
CA ARG C 490 -43.96 -34.39 1.94
C ARG C 490 -43.68 -34.29 0.44
N ALA C 491 -44.73 -34.36 -0.37
CA ALA C 491 -44.57 -34.26 -1.82
C ALA C 491 -44.10 -32.87 -2.21
N ILE C 492 -44.57 -31.86 -1.49
CA ILE C 492 -44.17 -30.47 -1.75
C ILE C 492 -42.70 -30.30 -1.46
N LYS C 493 -42.26 -30.79 -0.30
CA LYS C 493 -40.87 -30.71 0.09
C LYS C 493 -40.00 -31.48 -0.89
N ALA C 494 -40.46 -32.67 -1.29
CA ALA C 494 -39.70 -33.49 -2.22
C ALA C 494 -39.53 -32.81 -3.58
N ALA C 495 -40.59 -32.15 -4.05
CA ALA C 495 -40.52 -31.45 -5.33
C ALA C 495 -39.55 -30.27 -5.20
N ASN C 496 -39.58 -29.57 -4.07
CA ASN C 496 -38.70 -28.43 -3.83
C ASN C 496 -37.24 -28.88 -3.86
N LYS C 497 -36.95 -30.02 -3.24
CA LYS C 497 -35.61 -30.54 -3.20
C LYS C 497 -35.17 -30.97 -4.60
N GLN C 498 -36.13 -31.41 -5.40
CA GLN C 498 -35.84 -31.83 -6.77
C GLN C 498 -35.41 -30.58 -7.55
N ASP C 499 -36.11 -29.48 -7.33
CA ASP C 499 -35.79 -28.23 -7.99
C ASP C 499 -34.41 -27.74 -7.55
N PHE C 500 -34.14 -27.85 -6.26
CA PHE C 500 -32.85 -27.41 -5.74
C PHE C 500 -31.70 -28.22 -6.36
N ALA C 501 -31.90 -29.52 -6.48
CA ALA C 501 -30.88 -30.41 -7.04
C ALA C 501 -30.51 -29.96 -8.46
N GLU C 502 -31.50 -29.58 -9.24
CA GLU C 502 -31.29 -29.14 -10.61
C GLU C 502 -30.63 -27.77 -10.61
N TRP C 503 -31.00 -26.93 -9.64
CA TRP C 503 -30.45 -25.60 -9.52
C TRP C 503 -28.96 -25.66 -9.16
N ILE C 504 -28.64 -26.47 -8.15
CA ILE C 504 -27.27 -26.63 -7.70
C ILE C 504 -26.40 -27.32 -8.76
N LEU C 505 -27.00 -28.21 -9.55
CA LEU C 505 -26.26 -28.91 -10.59
C LEU C 505 -25.82 -27.92 -11.67
N GLU C 506 -26.77 -27.09 -12.10
CA GLU C 506 -26.49 -26.11 -13.14
C GLU C 506 -25.61 -24.97 -12.62
N ARG C 507 -25.66 -24.71 -11.31
CA ARG C 507 -24.87 -23.64 -10.72
C ARG C 507 -23.41 -23.97 -10.47
N GLN C 508 -23.18 -25.09 -9.79
CA GLN C 508 -21.82 -25.48 -9.46
C GLN C 508 -21.41 -26.87 -9.94
N GLY C 509 -22.29 -27.51 -10.70
CA GLY C 509 -21.99 -28.83 -11.23
C GLY C 509 -21.96 -29.98 -10.25
N ILE C 510 -22.59 -29.83 -9.09
CA ILE C 510 -22.58 -30.94 -8.15
C ILE C 510 -23.88 -31.74 -8.17
N GLU C 511 -23.74 -33.06 -8.10
CA GLU C 511 -24.89 -33.94 -8.09
C GLU C 511 -25.24 -34.40 -6.68
N ILE C 512 -26.47 -34.16 -6.26
CA ILE C 512 -26.90 -34.56 -4.93
C ILE C 512 -28.14 -35.46 -4.96
N ASP C 513 -28.35 -36.18 -3.86
CA ASP C 513 -29.48 -37.09 -3.72
C ASP C 513 -30.70 -36.28 -3.27
N PRO C 514 -31.69 -36.10 -4.17
CA PRO C 514 -32.91 -35.34 -3.85
C PRO C 514 -33.73 -35.95 -2.73
N GLU C 515 -33.43 -37.19 -2.38
CA GLU C 515 -34.16 -37.88 -1.33
C GLU C 515 -33.45 -37.87 0.01
N SER C 516 -32.23 -37.32 0.02
CA SER C 516 -31.45 -37.24 1.24
C SER C 516 -31.97 -36.10 2.10
N ILE C 517 -31.57 -36.06 3.36
CA ILE C 517 -31.97 -34.99 4.24
C ILE C 517 -31.17 -33.74 3.88
N PHE C 518 -31.84 -32.62 3.69
CA PHE C 518 -31.15 -31.37 3.39
C PHE C 518 -30.88 -30.66 4.71
N ASP C 519 -29.65 -30.79 5.20
CA ASP C 519 -29.24 -30.20 6.47
C ASP C 519 -28.62 -28.84 6.08
N VAL C 520 -29.26 -27.75 6.49
CA VAL C 520 -28.82 -26.41 6.09
C VAL C 520 -28.34 -25.39 7.14
N GLN C 521 -27.20 -24.74 6.85
CA GLN C 521 -26.71 -23.65 7.69
C GLN C 521 -26.26 -22.49 6.83
N ILE C 522 -27.11 -21.48 6.82
CA ILE C 522 -26.83 -20.31 6.00
C ILE C 522 -26.82 -19.05 6.86
N LYS C 523 -25.61 -18.68 7.28
CA LYS C 523 -25.42 -17.39 7.93
C LYS C 523 -24.00 -16.87 7.76
N ARG C 524 -23.78 -15.65 8.26
CA ARG C 524 -22.45 -15.08 8.22
C ARG C 524 -21.45 -15.98 8.93
N LEU C 525 -20.29 -16.15 8.30
CA LEU C 525 -19.24 -16.94 8.94
C LEU C 525 -18.62 -16.22 10.14
N HIS C 526 -19.10 -16.62 11.33
CA HIS C 526 -18.53 -16.14 12.61
C HIS C 526 -18.20 -17.33 13.50
N GLU C 527 -17.09 -17.23 14.26
CA GLU C 527 -16.77 -18.37 15.13
C GLU C 527 -17.89 -18.63 16.14
N TYR C 528 -18.59 -17.58 16.59
CA TYR C 528 -19.68 -17.76 17.54
C TYR C 528 -20.92 -18.37 16.87
N LYS C 529 -20.94 -18.38 15.54
CA LYS C 529 -22.03 -18.95 14.76
C LYS C 529 -21.81 -20.46 14.70
N ARG C 530 -20.58 -20.86 14.99
CA ARG C 530 -20.18 -22.27 15.02
C ARG C 530 -20.34 -23.15 13.79
N GLN C 531 -20.08 -22.62 12.60
CA GLN C 531 -20.14 -23.45 11.41
C GLN C 531 -19.06 -24.53 11.59
N LEU C 532 -18.04 -24.16 12.37
CA LEU C 532 -16.93 -25.05 12.68
C LEU C 532 -17.42 -26.31 13.38
N MET C 533 -18.32 -26.16 14.35
CA MET C 533 -18.85 -27.30 15.08
C MET C 533 -19.62 -28.21 14.11
N ASN C 534 -20.35 -27.57 13.19
CA ASN C 534 -21.10 -28.30 12.18
C ASN C 534 -20.09 -29.12 11.38
N ALA C 535 -19.01 -28.47 10.96
CA ALA C 535 -17.97 -29.15 10.19
C ALA C 535 -17.33 -30.28 11.00
N LEU C 536 -17.12 -30.05 12.29
CA LEU C 536 -16.54 -31.10 13.12
C LEU C 536 -17.44 -32.33 13.12
N TYR C 537 -18.74 -32.09 13.12
CA TYR C 537 -19.68 -33.21 13.13
C TYR C 537 -19.65 -33.98 11.81
N VAL C 538 -19.48 -33.26 10.71
CA VAL C 538 -19.44 -33.89 9.39
C VAL C 538 -18.19 -34.75 9.21
N LEU C 539 -17.07 -34.25 9.72
CA LEU C 539 -15.80 -34.97 9.65
C LEU C 539 -15.92 -36.24 10.48
N ASP C 540 -16.47 -36.12 11.69
CA ASP C 540 -16.66 -37.26 12.56
C ASP C 540 -17.58 -38.27 11.89
N LEU C 541 -18.69 -37.80 11.33
CA LEU C 541 -19.61 -38.70 10.67
C LEU C 541 -18.90 -39.43 9.53
N TYR C 542 -18.00 -38.73 8.86
CA TYR C 542 -17.24 -39.31 7.76
C TYR C 542 -16.49 -40.55 8.24
N PHE C 543 -15.88 -40.43 9.41
CA PHE C 543 -15.12 -41.53 9.99
C PHE C 543 -16.01 -42.62 10.55
N ARG C 544 -17.11 -42.23 11.20
CA ARG C 544 -18.01 -43.23 11.75
C ARG C 544 -18.53 -44.10 10.62
N ILE C 545 -18.68 -43.51 9.45
CA ILE C 545 -19.17 -44.24 8.28
C ILE C 545 -18.07 -45.04 7.58
N LYS C 546 -16.94 -44.39 7.34
CA LYS C 546 -15.84 -45.04 6.65
C LYS C 546 -15.15 -46.13 7.47
N GLU C 547 -14.89 -45.87 8.75
CA GLU C 547 -14.18 -46.85 9.57
C GLU C 547 -14.94 -47.55 10.70
N ASP C 548 -15.95 -46.91 11.28
CA ASP C 548 -16.67 -47.52 12.39
C ASP C 548 -17.88 -48.40 12.03
N GLY C 549 -18.20 -48.45 10.74
CA GLY C 549 -19.30 -49.28 10.27
C GLY C 549 -20.71 -48.69 10.36
N LEU C 550 -20.82 -47.40 10.67
CA LEU C 550 -22.14 -46.77 10.76
C LEU C 550 -22.86 -46.96 9.43
N THR C 551 -24.05 -47.57 9.46
CA THR C 551 -24.77 -47.81 8.22
C THR C 551 -26.27 -47.55 8.35
N ASP C 552 -26.81 -47.78 9.54
CA ASP C 552 -28.24 -47.57 9.78
C ASP C 552 -28.59 -46.08 9.88
N ILE C 553 -28.40 -45.37 8.78
CA ILE C 553 -28.69 -43.93 8.75
C ILE C 553 -29.18 -43.46 7.39
N PRO C 554 -30.02 -42.41 7.37
CA PRO C 554 -30.52 -41.90 6.10
C PRO C 554 -29.43 -41.12 5.37
N ALA C 555 -29.59 -40.93 4.07
CA ALA C 555 -28.62 -40.18 3.28
C ALA C 555 -28.85 -38.69 3.57
N ARG C 556 -27.77 -37.93 3.73
CA ARG C 556 -27.92 -36.51 4.00
C ARG C 556 -27.00 -35.64 3.16
N THR C 557 -27.44 -34.41 2.93
CA THR C 557 -26.67 -33.45 2.15
C THR C 557 -26.53 -32.21 3.02
N VAL C 558 -25.32 -31.98 3.53
CA VAL C 558 -25.07 -30.84 4.39
C VAL C 558 -24.80 -29.63 3.49
N ILE C 559 -25.62 -28.61 3.64
CA ILE C 559 -25.50 -27.41 2.82
C ILE C 559 -25.08 -26.19 3.61
N PHE C 560 -24.03 -25.52 3.13
CA PHE C 560 -23.53 -24.31 3.78
C PHE C 560 -23.67 -23.10 2.86
N GLY C 561 -23.85 -21.94 3.47
CA GLY C 561 -23.96 -20.69 2.73
C GLY C 561 -23.38 -19.67 3.67
N ALA C 562 -22.29 -19.01 3.29
CA ALA C 562 -21.69 -18.05 4.19
C ALA C 562 -20.54 -17.26 3.60
N LYS C 563 -20.49 -15.98 3.96
CA LYS C 563 -19.42 -15.09 3.55
C LYS C 563 -18.63 -14.80 4.83
N ALA C 564 -17.33 -14.62 4.69
CA ALA C 564 -16.49 -14.30 5.83
C ALA C 564 -15.93 -12.91 5.54
N ALA C 565 -15.87 -12.08 6.56
CA ALA C 565 -15.34 -10.74 6.37
C ALA C 565 -13.89 -10.90 5.89
N PRO C 566 -13.48 -10.10 4.90
CA PRO C 566 -12.13 -10.12 4.31
C PRO C 566 -10.96 -10.30 5.28
N GLY C 567 -10.99 -9.60 6.42
CA GLY C 567 -9.85 -9.65 7.35
C GLY C 567 -9.99 -10.70 8.47
N TYR C 568 -11.14 -11.41 8.49
CA TYR C 568 -11.36 -12.43 9.53
C TYR C 568 -10.66 -13.76 9.16
N VAL C 569 -9.40 -13.91 9.64
CA VAL C 569 -8.55 -15.02 9.20
C VAL C 569 -9.17 -16.39 9.54
N ARG C 570 -9.57 -16.63 10.78
CA ARG C 570 -10.15 -17.92 11.14
C ARG C 570 -11.48 -18.18 10.45
N ALA C 571 -12.28 -17.14 10.22
CA ALA C 571 -13.55 -17.32 9.54
C ALA C 571 -13.24 -17.84 8.14
N LYS C 572 -12.27 -17.23 7.48
CA LYS C 572 -11.91 -17.67 6.13
C LYS C 572 -11.30 -19.07 6.15
N ALA C 573 -10.58 -19.38 7.22
CA ALA C 573 -9.97 -20.70 7.37
C ALA C 573 -11.09 -21.74 7.52
N ILE C 574 -12.13 -21.38 8.27
CA ILE C 574 -13.26 -22.30 8.48
C ILE C 574 -13.96 -22.55 7.16
N ILE C 575 -14.00 -21.55 6.29
CA ILE C 575 -14.62 -21.72 4.98
C ILE C 575 -13.78 -22.68 4.15
N LYS C 576 -12.47 -22.55 4.26
CA LYS C 576 -11.55 -23.43 3.53
C LYS C 576 -11.71 -24.86 4.04
N LEU C 577 -11.82 -25.01 5.37
CA LEU C 577 -11.99 -26.33 5.98
C LEU C 577 -13.25 -27.01 5.47
N ILE C 578 -14.34 -26.24 5.38
CA ILE C 578 -15.59 -26.81 4.91
C ILE C 578 -15.41 -27.34 3.48
N ASN C 579 -14.74 -26.56 2.63
CA ASN C 579 -14.50 -26.99 1.25
C ASN C 579 -13.61 -28.24 1.19
N SER C 580 -12.64 -28.32 2.09
CA SER C 580 -11.75 -29.47 2.13
C SER C 580 -12.48 -30.70 2.64
N ILE C 581 -13.36 -30.50 3.62
CA ILE C 581 -14.14 -31.61 4.14
C ILE C 581 -15.05 -32.07 3.01
N ALA C 582 -15.57 -31.12 2.23
CA ALA C 582 -16.43 -31.43 1.10
C ALA C 582 -15.67 -32.25 0.07
N ASP C 583 -14.42 -31.90 -0.19
CA ASP C 583 -13.65 -32.67 -1.17
C ASP C 583 -13.46 -34.10 -0.67
N LEU C 584 -13.14 -34.24 0.64
CA LEU C 584 -12.86 -35.56 1.21
C LEU C 584 -14.09 -36.47 1.10
N VAL C 585 -15.19 -35.90 1.57
CA VAL C 585 -16.43 -36.63 1.71
C VAL C 585 -17.12 -36.94 0.36
N ASN C 586 -17.20 -35.89 -0.51
CA ASN C 586 -17.87 -36.04 -1.82
C ASN C 586 -17.10 -36.94 -2.81
N ASN C 587 -15.79 -37.06 -2.64
CA ASN C 587 -14.99 -37.86 -3.55
C ASN C 587 -14.70 -39.28 -3.05
N ASP C 588 -15.27 -39.65 -1.92
CA ASP C 588 -15.05 -40.98 -1.39
C ASP C 588 -16.29 -41.85 -1.63
N PRO C 589 -16.18 -42.85 -2.51
CA PRO C 589 -17.24 -43.80 -2.89
C PRO C 589 -17.87 -44.56 -1.75
N GLU C 590 -17.15 -44.68 -0.64
CA GLU C 590 -17.66 -45.40 0.52
C GLU C 590 -18.46 -44.50 1.46
N VAL C 591 -18.47 -43.21 1.18
CA VAL C 591 -19.20 -42.26 2.02
C VAL C 591 -20.17 -41.36 1.28
N SER C 592 -19.82 -40.98 0.05
CA SER C 592 -20.68 -40.10 -0.75
C SER C 592 -22.14 -40.53 -0.85
N PRO C 593 -22.41 -41.84 -0.95
CA PRO C 593 -23.82 -42.30 -1.05
C PRO C 593 -24.67 -41.95 0.19
N LEU C 594 -24.02 -41.78 1.34
CA LEU C 594 -24.71 -41.49 2.58
C LEU C 594 -24.47 -40.05 3.06
N LEU C 595 -23.39 -39.44 2.56
CA LEU C 595 -23.03 -38.10 2.98
C LEU C 595 -22.41 -37.27 1.87
N LYS C 596 -22.94 -36.06 1.68
CA LYS C 596 -22.42 -35.14 0.67
C LYS C 596 -22.44 -33.74 1.30
N VAL C 597 -21.51 -32.90 0.85
CA VAL C 597 -21.42 -31.53 1.36
C VAL C 597 -21.47 -30.54 0.22
N VAL C 598 -22.30 -29.52 0.37
CA VAL C 598 -22.48 -28.46 -0.64
C VAL C 598 -22.26 -27.09 -0.02
N PHE C 599 -21.29 -26.38 -0.60
CA PHE C 599 -21.11 -25.00 -0.20
C PHE C 599 -21.65 -24.10 -1.27
N VAL C 600 -22.81 -23.49 -0.99
CA VAL C 600 -23.36 -22.63 -2.01
C VAL C 600 -22.56 -21.36 -2.06
N GLU C 601 -21.95 -21.13 -3.21
CA GLU C 601 -21.10 -19.98 -3.44
C GLU C 601 -21.85 -18.65 -3.43
N ASN C 602 -21.23 -17.64 -2.84
CA ASN C 602 -21.79 -16.29 -2.79
C ASN C 602 -23.23 -16.22 -2.29
N TYR C 603 -23.46 -16.76 -1.09
CA TYR C 603 -24.78 -16.76 -0.46
C TYR C 603 -25.33 -15.34 -0.39
N ASN C 604 -26.57 -15.18 -0.83
CA ASN C 604 -27.25 -13.88 -0.83
C ASN C 604 -28.75 -14.15 -0.84
N VAL C 605 -29.56 -13.14 -1.13
CA VAL C 605 -31.00 -13.31 -1.13
C VAL C 605 -31.52 -14.37 -2.13
N SER C 606 -31.07 -14.32 -3.38
CA SER C 606 -31.52 -15.28 -4.40
C SER C 606 -31.19 -16.70 -3.98
N PRO C 607 -29.94 -16.94 -3.57
CA PRO C 607 -29.58 -18.30 -3.13
C PRO C 607 -30.47 -18.74 -1.97
N ALA C 608 -30.76 -17.82 -1.06
CA ALA C 608 -31.62 -18.11 0.07
C ALA C 608 -33.00 -18.53 -0.43
N GLU C 609 -33.51 -17.81 -1.42
CA GLU C 609 -34.82 -18.11 -2.00
C GLU C 609 -34.89 -19.52 -2.60
N HIS C 610 -33.76 -20.05 -3.05
CA HIS C 610 -33.72 -21.40 -3.64
C HIS C 610 -33.48 -22.47 -2.59
N ILE C 611 -32.76 -22.10 -1.54
CA ILE C 611 -32.44 -23.02 -0.46
C ILE C 611 -33.57 -23.30 0.53
N LEU C 612 -34.20 -22.23 1.05
CA LEU C 612 -35.26 -22.36 2.05
C LEU C 612 -36.38 -23.35 1.78
N PRO C 613 -37.01 -23.31 0.59
CA PRO C 613 -38.10 -24.25 0.29
C PRO C 613 -37.68 -25.71 0.34
N ALA C 614 -36.43 -25.97 0.01
CA ALA C 614 -35.92 -27.35 -0.02
C ALA C 614 -35.29 -27.82 1.29
N SER C 615 -35.30 -26.96 2.30
CA SER C 615 -34.68 -27.29 3.58
C SER C 615 -35.49 -28.19 4.52
N ASP C 616 -34.80 -29.15 5.14
CA ASP C 616 -35.39 -30.08 6.11
C ASP C 616 -34.94 -29.72 7.52
N VAL C 617 -33.65 -29.43 7.64
CA VAL C 617 -33.07 -29.10 8.94
C VAL C 617 -32.49 -27.71 8.91
N SER C 618 -32.87 -26.91 9.90
CA SER C 618 -32.40 -25.55 10.03
C SER C 618 -31.37 -25.51 11.14
N GLU C 619 -30.10 -25.30 10.77
CA GLU C 619 -29.04 -25.24 11.78
C GLU C 619 -28.91 -23.84 12.37
N GLN C 620 -29.27 -23.71 13.64
CA GLN C 620 -29.20 -22.44 14.36
C GLN C 620 -28.44 -22.78 15.63
N ILE C 621 -27.13 -22.99 15.48
CA ILE C 621 -26.28 -23.44 16.57
C ILE C 621 -25.32 -22.48 17.26
N SER C 622 -25.57 -21.18 17.18
CA SER C 622 -24.70 -20.21 17.83
C SER C 622 -24.61 -20.49 19.33
N THR C 623 -23.50 -20.11 19.95
CA THR C 623 -23.33 -20.32 21.39
C THR C 623 -24.45 -19.57 22.11
N ALA C 624 -25.07 -20.23 23.10
CA ALA C 624 -26.17 -19.63 23.84
C ALA C 624 -25.82 -18.26 24.40
N GLY C 625 -26.70 -17.30 24.15
CA GLY C 625 -26.47 -15.95 24.65
C GLY C 625 -25.78 -15.04 23.67
N LYS C 626 -25.48 -15.55 22.47
CA LYS C 626 -24.80 -14.73 21.46
C LYS C 626 -25.73 -14.13 20.42
N GLU C 627 -26.95 -14.66 20.32
CA GLU C 627 -27.92 -14.16 19.33
C GLU C 627 -29.07 -13.44 20.03
N ALA C 628 -29.39 -12.24 19.53
CA ALA C 628 -30.54 -11.54 20.06
C ALA C 628 -31.79 -11.87 19.26
N SER C 629 -31.57 -12.09 17.95
CA SER C 629 -32.68 -12.39 17.07
C SER C 629 -32.43 -13.67 16.29
N GLY C 630 -32.67 -13.58 14.97
CA GLY C 630 -32.50 -14.76 14.12
C GLY C 630 -33.61 -14.85 13.08
N THR C 631 -33.54 -13.96 12.07
CA THR C 631 -34.62 -13.91 11.10
C THR C 631 -34.55 -15.08 10.10
N SER C 632 -33.36 -15.61 9.82
CA SER C 632 -33.29 -16.74 8.89
C SER C 632 -34.03 -17.92 9.53
N ASN C 633 -33.92 -18.04 10.85
CA ASN C 633 -34.57 -19.08 11.65
C ASN C 633 -36.05 -19.10 11.32
N MET C 634 -36.61 -17.90 11.27
CA MET C 634 -38.02 -17.69 10.98
C MET C 634 -38.37 -18.10 9.57
N LYS C 635 -37.48 -17.81 8.62
CA LYS C 635 -37.72 -18.17 7.24
C LYS C 635 -37.78 -19.68 7.07
N PHE C 636 -36.89 -20.40 7.76
CA PHE C 636 -36.89 -21.85 7.67
C PHE C 636 -38.21 -22.38 8.23
N MET C 637 -38.63 -21.83 9.36
CA MET C 637 -39.87 -22.26 10.00
C MET C 637 -41.08 -22.14 9.06
N MET C 638 -41.17 -21.03 8.35
CA MET C 638 -42.29 -20.82 7.42
C MET C 638 -42.25 -21.80 6.26
N ASN C 639 -41.10 -22.41 5.99
CA ASN C 639 -40.98 -23.33 4.86
C ASN C 639 -40.96 -24.84 5.13
N GLY C 640 -41.29 -25.23 6.35
CA GLY C 640 -41.34 -26.65 6.64
C GLY C 640 -40.05 -27.33 7.05
N ALA C 641 -39.10 -26.54 7.56
CA ALA C 641 -37.81 -27.08 8.02
C ALA C 641 -37.83 -27.11 9.54
N LEU C 642 -37.23 -28.13 10.15
CA LEU C 642 -37.20 -28.22 11.60
C LEU C 642 -35.93 -27.61 12.17
N THR C 643 -36.06 -26.96 13.32
CA THR C 643 -34.94 -26.29 13.95
C THR C 643 -34.06 -27.15 14.85
N LEU C 644 -32.76 -27.11 14.57
CA LEU C 644 -31.75 -27.75 15.37
C LEU C 644 -30.91 -26.65 15.90
N GLY C 645 -30.95 -26.40 17.22
CA GLY C 645 -30.13 -25.28 17.70
C GLY C 645 -30.17 -25.09 19.21
N THR C 646 -29.41 -24.06 19.63
CA THR C 646 -29.31 -23.67 21.05
C THR C 646 -30.56 -22.95 21.52
N MET C 647 -30.71 -22.92 22.86
CA MET C 647 -31.76 -22.10 23.45
C MET C 647 -31.34 -20.64 23.55
N ASP C 648 -31.56 -19.93 22.44
CA ASP C 648 -30.97 -18.61 22.26
C ASP C 648 -31.64 -17.90 21.08
N GLY C 649 -31.79 -16.57 21.17
CA GLY C 649 -32.32 -15.83 20.02
C GLY C 649 -33.74 -16.27 19.64
N ALA C 650 -33.99 -16.33 18.33
CA ALA C 650 -35.31 -16.71 17.82
C ALA C 650 -35.75 -18.13 18.20
N ASN C 651 -34.78 -19.02 18.43
CA ASN C 651 -35.11 -20.40 18.79
C ASN C 651 -35.96 -20.49 20.04
N VAL C 652 -35.74 -19.55 20.96
CA VAL C 652 -36.51 -19.52 22.21
C VAL C 652 -37.99 -19.34 21.91
N GLU C 653 -38.27 -18.43 20.98
CA GLU C 653 -39.64 -18.15 20.59
C GLU C 653 -40.21 -19.23 19.69
N ILE C 654 -39.35 -19.87 18.89
CA ILE C 654 -39.82 -20.93 18.02
C ILE C 654 -40.31 -22.08 18.93
N VAL C 655 -39.48 -22.47 19.90
CA VAL C 655 -39.86 -23.56 20.80
C VAL C 655 -41.08 -23.18 21.64
N ASP C 656 -41.14 -21.92 22.06
CA ASP C 656 -42.26 -21.42 22.85
C ASP C 656 -43.57 -21.52 22.05
N SER C 657 -43.47 -21.44 20.73
CA SER C 657 -44.64 -21.53 19.86
C SER C 657 -45.01 -22.96 19.45
N VAL C 658 -43.98 -23.77 19.18
CA VAL C 658 -44.22 -25.15 18.75
C VAL C 658 -44.00 -26.22 19.82
N GLY C 659 -43.26 -25.91 20.87
CA GLY C 659 -43.01 -26.89 21.92
C GLY C 659 -41.72 -27.66 21.69
N GLU C 660 -41.04 -28.02 22.77
CA GLU C 660 -39.77 -28.76 22.66
C GLU C 660 -39.91 -30.06 21.87
N GLU C 661 -41.12 -30.62 21.83
CA GLU C 661 -41.34 -31.86 21.09
C GLU C 661 -41.36 -31.66 19.58
N ASN C 662 -41.38 -30.41 19.12
CA ASN C 662 -41.37 -30.12 17.69
C ASN C 662 -40.15 -29.32 17.25
N ALA C 663 -39.08 -29.42 18.03
CA ALA C 663 -37.80 -28.74 17.73
C ALA C 663 -36.71 -29.55 18.40
N TYR C 664 -35.49 -29.44 17.89
CA TYR C 664 -34.36 -30.15 18.45
C TYR C 664 -33.40 -29.15 19.06
N ILE C 665 -33.63 -28.86 20.33
CA ILE C 665 -32.81 -27.92 21.08
C ILE C 665 -31.73 -28.73 21.80
N PHE C 666 -30.52 -28.16 21.91
CA PHE C 666 -29.41 -28.84 22.58
C PHE C 666 -28.44 -27.84 23.18
N GLY C 667 -27.35 -28.37 23.75
CA GLY C 667 -26.30 -27.53 24.31
C GLY C 667 -26.52 -26.83 25.63
N ALA C 668 -25.46 -26.18 26.08
CA ALA C 668 -25.45 -25.43 27.32
C ALA C 668 -26.39 -24.24 27.23
N ARG C 669 -27.04 -23.93 28.35
CA ARG C 669 -27.95 -22.80 28.41
C ARG C 669 -27.15 -21.57 28.83
N VAL C 670 -27.57 -20.39 28.37
CA VAL C 670 -26.86 -19.16 28.68
C VAL C 670 -26.47 -19.00 30.16
N GLU C 671 -27.36 -19.40 31.07
CA GLU C 671 -27.08 -19.28 32.50
C GLU C 671 -26.12 -20.33 33.06
N GLU C 672 -25.88 -21.40 32.29
CA GLU C 672 -24.97 -22.46 32.72
C GLU C 672 -23.52 -22.24 32.28
N LEU C 673 -23.33 -21.68 31.08
CA LEU C 673 -21.98 -21.45 30.55
C LEU C 673 -20.97 -20.80 31.49
N PRO C 674 -21.36 -19.75 32.24
CA PRO C 674 -20.37 -19.14 33.14
C PRO C 674 -19.64 -20.12 34.07
N ALA C 675 -20.35 -21.09 34.61
CA ALA C 675 -19.73 -22.09 35.49
C ALA C 675 -18.97 -23.13 34.68
N LEU C 676 -19.56 -23.58 33.58
CA LEU C 676 -18.95 -24.59 32.72
C LEU C 676 -17.63 -24.11 32.13
N ARG C 677 -17.53 -22.81 31.85
CA ARG C 677 -16.31 -22.27 31.28
C ARG C 677 -15.24 -22.02 32.35
N GLU C 678 -15.71 -21.80 33.60
CA GLU C 678 -14.78 -21.56 34.71
C GLU C 678 -13.85 -22.77 34.86
N SER C 679 -14.46 -23.97 34.74
CA SER C 679 -13.71 -25.22 34.86
C SER C 679 -13.56 -25.93 33.50
N TYR C 680 -13.70 -25.17 32.42
CA TYR C 680 -13.59 -25.71 31.08
C TYR C 680 -12.25 -26.40 30.84
N LYS C 681 -12.30 -27.60 30.25
CA LYS C 681 -11.10 -28.38 29.95
C LYS C 681 -11.21 -29.00 28.56
N PRO C 682 -11.17 -28.17 27.52
CA PRO C 682 -11.26 -28.59 26.12
C PRO C 682 -10.24 -29.64 25.70
N TYR C 683 -9.02 -29.53 26.22
CA TYR C 683 -7.99 -30.51 25.87
C TYR C 683 -8.41 -31.87 26.41
N GLU C 684 -9.01 -31.85 27.60
CA GLU C 684 -9.50 -33.07 28.23
C GLU C 684 -10.59 -33.67 27.33
N LEU C 685 -11.45 -32.80 26.79
CA LEU C 685 -12.52 -33.25 25.90
C LEU C 685 -11.92 -33.85 24.64
N TYR C 686 -10.92 -33.16 24.09
CA TYR C 686 -10.22 -33.58 22.88
C TYR C 686 -9.73 -35.02 23.00
N GLU C 687 -9.16 -35.36 24.15
CA GLU C 687 -8.65 -36.71 24.36
C GLU C 687 -9.71 -37.74 24.78
N THR C 688 -10.71 -37.29 25.53
CA THR C 688 -11.73 -38.21 26.02
C THR C 688 -13.00 -38.41 25.19
N VAL C 689 -13.65 -37.34 24.75
CA VAL C 689 -14.88 -37.51 23.95
C VAL C 689 -14.63 -38.43 22.74
N PRO C 690 -15.39 -39.53 22.65
CA PRO C 690 -15.27 -40.51 21.55
C PRO C 690 -15.26 -39.96 20.13
N GLY C 691 -14.22 -40.28 19.38
CA GLY C 691 -14.12 -39.82 18.00
C GLY C 691 -13.60 -38.41 17.83
N LEU C 692 -13.66 -37.61 18.89
CA LEU C 692 -13.19 -36.22 18.81
C LEU C 692 -11.70 -36.07 18.54
N LYS C 693 -10.87 -36.94 19.12
CA LYS C 693 -9.43 -36.83 18.89
C LYS C 693 -9.11 -37.19 17.44
N ARG C 694 -9.80 -38.20 16.91
CA ARG C 694 -9.58 -38.60 15.53
C ARG C 694 -10.04 -37.49 14.60
N ALA C 695 -11.17 -36.88 14.94
CA ALA C 695 -11.73 -35.79 14.13
C ALA C 695 -10.78 -34.58 14.07
N LEU C 696 -10.30 -34.13 15.23
CA LEU C 696 -9.41 -32.98 15.28
C LEU C 696 -7.99 -33.25 14.76
N ASP C 697 -7.53 -34.50 14.82
CA ASP C 697 -6.18 -34.82 14.32
C ASP C 697 -6.22 -34.89 12.79
N ALA C 698 -7.41 -35.09 12.25
CA ALA C 698 -7.59 -35.17 10.81
C ALA C 698 -7.31 -33.79 10.21
N LEU C 699 -7.37 -32.76 11.04
CA LEU C 699 -7.12 -31.40 10.60
C LEU C 699 -5.68 -31.17 10.18
N ASP C 700 -4.74 -31.90 10.78
CA ASP C 700 -3.34 -31.71 10.44
C ASP C 700 -2.48 -32.97 10.27
N ASN C 701 -3.11 -34.12 10.03
CA ASN C 701 -2.33 -35.35 9.84
C ASN C 701 -2.34 -35.78 8.38
N GLY C 702 -2.78 -34.89 7.50
CA GLY C 702 -2.82 -35.20 6.09
C GLY C 702 -4.16 -35.64 5.54
N THR C 703 -5.15 -35.83 6.41
CA THR C 703 -6.46 -36.26 5.96
C THR C 703 -7.09 -35.21 5.04
N LEU C 704 -7.02 -33.95 5.47
CA LEU C 704 -7.58 -32.84 4.71
C LEU C 704 -6.50 -31.95 4.11
N ASN C 705 -6.79 -31.39 2.92
CA ASN C 705 -5.83 -30.54 2.23
C ASN C 705 -6.06 -29.06 2.53
N ASP C 706 -5.05 -28.44 3.14
CA ASP C 706 -5.09 -27.03 3.51
C ASP C 706 -4.31 -26.25 2.45
N ASN C 707 -3.79 -26.97 1.47
CA ASN C 707 -3.03 -26.37 0.40
C ASN C 707 -1.82 -25.59 0.91
N ASN C 708 -1.15 -26.15 1.91
CA ASN C 708 0.05 -25.57 2.49
C ASN C 708 -0.14 -24.24 3.21
N SER C 709 -1.37 -23.95 3.63
CA SER C 709 -1.63 -22.69 4.31
C SER C 709 -1.40 -22.73 5.81
N GLY C 710 -1.40 -23.94 6.40
CA GLY C 710 -1.22 -24.07 7.83
C GLY C 710 -2.45 -23.59 8.61
N LEU C 711 -3.52 -23.30 7.88
CA LEU C 711 -4.75 -22.81 8.47
C LEU C 711 -5.48 -23.81 9.36
N PHE C 712 -5.48 -25.08 8.97
CA PHE C 712 -6.17 -26.11 9.74
C PHE C 712 -5.47 -26.35 11.06
N TYR C 713 -4.14 -26.35 11.03
CA TYR C 713 -3.37 -26.55 12.25
C TYR C 713 -3.79 -25.46 13.23
N ASP C 714 -3.94 -24.25 12.73
CA ASP C 714 -4.36 -23.10 13.56
C ASP C 714 -5.75 -23.29 14.15
N LEU C 715 -6.70 -23.76 13.32
CA LEU C 715 -8.05 -23.95 13.84
C LEU C 715 -8.05 -25.00 14.94
N LYS C 716 -7.22 -26.04 14.72
CA LYS C 716 -7.18 -27.13 15.68
C LYS C 716 -6.92 -26.60 17.07
N HIS C 717 -6.04 -25.59 17.12
CA HIS C 717 -5.59 -25.19 18.43
C HIS C 717 -6.48 -24.10 19.00
N SER C 718 -7.23 -23.42 18.12
CA SER C 718 -8.22 -22.47 18.65
C SER C 718 -9.26 -23.17 19.55
N LEU C 719 -9.28 -24.52 19.43
CA LEU C 719 -10.25 -25.38 20.07
C LEU C 719 -9.63 -26.14 21.27
N ILE C 720 -8.42 -26.71 21.11
CA ILE C 720 -7.91 -27.57 22.19
C ILE C 720 -6.85 -26.91 23.09
N HIS C 721 -6.47 -25.66 22.83
CA HIS C 721 -5.47 -24.99 23.66
C HIS C 721 -6.05 -24.27 24.87
N GLY C 722 -5.33 -24.32 25.98
CA GLY C 722 -5.78 -23.65 27.18
C GLY C 722 -6.85 -24.37 27.97
N TYR C 723 -7.28 -23.73 29.06
CA TYR C 723 -8.28 -24.26 29.97
C TYR C 723 -8.92 -23.13 30.75
N GLY C 724 -10.03 -23.51 31.42
CA GLY C 724 -10.73 -22.59 32.29
C GLY C 724 -11.28 -21.41 31.50
N LYS C 725 -11.44 -20.31 32.20
CA LYS C 725 -12.21 -19.25 31.59
C LYS C 725 -11.39 -18.60 30.48
N ASP C 726 -10.08 -18.95 30.35
CA ASP C 726 -9.24 -18.34 29.28
C ASP C 726 -8.81 -19.34 28.20
N ALA C 727 -9.59 -20.42 28.02
CA ALA C 727 -9.24 -21.37 26.97
C ALA C 727 -9.48 -20.74 25.61
N SER C 728 -8.70 -21.15 24.62
CA SER C 728 -8.83 -20.59 23.28
C SER C 728 -10.20 -20.84 22.67
N ASP C 729 -10.81 -21.99 23.01
CA ASP C 729 -12.12 -22.33 22.49
C ASP C 729 -13.20 -21.43 23.12
N THR C 730 -13.12 -20.15 22.78
CA THR C 730 -14.02 -19.12 23.28
C THR C 730 -15.51 -19.42 23.23
N TYR C 731 -15.95 -20.03 22.14
CA TYR C 731 -17.37 -20.29 21.98
C TYR C 731 -17.90 -21.66 22.32
N TYR C 732 -17.14 -22.39 23.14
CA TYR C 732 -17.59 -23.69 23.63
C TYR C 732 -17.95 -24.68 22.54
N VAL C 733 -17.18 -24.69 21.47
CA VAL C 733 -17.40 -25.61 20.36
C VAL C 733 -17.24 -27.07 20.79
N LEU C 734 -16.14 -27.39 21.47
CA LEU C 734 -15.93 -28.76 21.92
C LEU C 734 -16.86 -29.06 23.08
N GLY C 735 -17.06 -28.07 23.93
CA GLY C 735 -17.94 -28.22 25.09
C GLY C 735 -19.37 -28.65 24.78
N ASP C 736 -19.94 -28.14 23.68
CA ASP C 736 -21.32 -28.51 23.31
C ASP C 736 -21.34 -29.68 22.30
N PHE C 737 -20.16 -29.99 21.70
CA PHE C 737 -20.11 -31.00 20.63
C PHE C 737 -20.85 -32.31 20.96
N ALA C 738 -20.62 -32.91 22.13
CA ALA C 738 -21.26 -34.17 22.47
C ALA C 738 -22.79 -34.11 22.42
N ASP C 739 -23.36 -33.09 23.09
CA ASP C 739 -24.83 -32.95 23.07
C ASP C 739 -25.36 -32.66 21.66
N TYR C 740 -24.54 -31.86 20.95
CA TYR C 740 -24.83 -31.47 19.56
C TYR C 740 -24.87 -32.68 18.63
N ARG C 741 -23.87 -33.57 18.82
CA ARG C 741 -23.84 -34.78 17.98
C ARG C 741 -24.99 -35.74 18.26
N GLU C 742 -25.29 -35.98 19.54
CA GLU C 742 -26.38 -36.90 19.89
C GLU C 742 -27.71 -36.34 19.37
N THR C 743 -27.95 -35.04 19.54
CA THR C 743 -29.20 -34.45 19.06
C THR C 743 -29.34 -34.55 17.55
N ARG C 744 -28.30 -34.14 16.83
CA ARG C 744 -28.31 -34.20 15.37
C ARG C 744 -28.47 -35.66 14.91
N ASP C 745 -27.92 -36.60 15.68
CA ASP C 745 -28.03 -38.02 15.36
C ASP C 745 -29.47 -38.51 15.54
N ARG C 746 -30.09 -38.07 16.64
CA ARG C 746 -31.46 -38.46 16.96
C ARG C 746 -32.44 -37.87 15.95
N MET C 747 -32.13 -36.66 15.52
CA MET C 747 -32.93 -35.94 14.55
C MET C 747 -32.94 -36.66 13.22
N ALA C 748 -31.78 -37.16 12.80
CA ALA C 748 -31.67 -37.87 11.54
C ALA C 748 -32.39 -39.21 11.62
N ALA C 749 -32.25 -39.86 12.77
CA ALA C 749 -32.89 -41.16 13.00
C ALA C 749 -34.40 -41.02 12.94
N ASP C 750 -34.93 -39.90 13.45
CA ASP C 750 -36.37 -39.68 13.45
C ASP C 750 -36.85 -39.46 12.03
N TYR C 751 -36.10 -38.66 11.28
CA TYR C 751 -36.44 -38.39 9.89
C TYR C 751 -36.68 -39.70 9.12
N ALA C 752 -35.80 -40.67 9.37
CA ALA C 752 -35.90 -41.97 8.68
C ALA C 752 -36.93 -42.95 9.25
N SER C 753 -37.03 -43.02 10.57
CA SER C 753 -37.97 -43.96 11.19
C SER C 753 -39.41 -43.50 11.30
N ASP C 754 -39.67 -42.19 11.27
CA ASP C 754 -41.03 -41.72 11.35
C ASP C 754 -41.30 -40.55 10.39
N PRO C 755 -41.39 -40.84 9.08
CA PRO C 755 -41.63 -39.89 8.00
C PRO C 755 -42.85 -38.99 8.26
N LEU C 756 -43.95 -39.60 8.70
CA LEU C 756 -45.16 -38.84 9.00
C LEU C 756 -45.03 -38.01 10.26
N GLY C 757 -44.29 -38.52 11.24
CA GLY C 757 -44.08 -37.78 12.46
C GLY C 757 -43.27 -36.54 12.16
N TRP C 758 -42.36 -36.67 11.17
CA TRP C 758 -41.53 -35.54 10.81
C TRP C 758 -42.37 -34.47 10.11
N ALA C 759 -43.06 -34.96 9.08
CA ALA C 759 -43.95 -34.10 8.33
C ALA C 759 -44.97 -33.39 9.26
N ARG C 760 -45.34 -34.08 10.36
CA ARG C 760 -46.22 -33.48 11.37
C ARG C 760 -45.57 -32.32 12.11
N MET C 761 -44.31 -32.53 12.58
CA MET C 761 -43.66 -31.43 13.28
C MET C 761 -43.49 -30.23 12.36
N ALA C 762 -43.25 -30.54 11.09
CA ALA C 762 -43.06 -29.55 10.04
C ALA C 762 -44.33 -28.73 9.87
N TRP C 763 -45.48 -29.41 9.85
CA TRP C 763 -46.76 -28.73 9.67
C TRP C 763 -47.04 -27.79 10.86
N ILE C 764 -46.70 -28.25 12.06
CA ILE C 764 -46.92 -27.45 13.25
C ILE C 764 -46.05 -26.20 13.21
N ASN C 765 -44.83 -26.35 12.70
CA ASN C 765 -43.95 -25.20 12.58
C ASN C 765 -44.52 -24.18 11.60
N ILE C 766 -45.03 -24.65 10.46
CA ILE C 766 -45.59 -23.77 9.45
C ILE C 766 -46.78 -22.98 9.98
N CYS C 767 -47.71 -23.69 10.62
CA CYS C 767 -48.91 -23.10 11.19
C CYS C 767 -48.66 -22.12 12.33
N GLU C 768 -47.57 -22.28 13.07
CA GLU C 768 -47.29 -21.32 14.15
C GLU C 768 -46.34 -20.22 13.72
N SER C 769 -45.92 -20.24 12.46
CA SER C 769 -44.95 -19.26 11.97
C SER C 769 -45.47 -17.82 11.85
N GLY C 770 -46.79 -17.64 11.88
CA GLY C 770 -47.39 -16.32 11.75
C GLY C 770 -46.83 -15.34 12.78
N ARG C 771 -46.42 -15.89 13.93
CA ARG C 771 -45.90 -15.08 15.00
C ARG C 771 -44.68 -14.25 14.54
N PHE C 772 -44.05 -14.73 13.45
CA PHE C 772 -42.79 -14.14 13.00
C PHE C 772 -42.96 -13.28 11.75
N SER C 773 -44.22 -12.97 11.38
CA SER C 773 -44.42 -12.13 10.21
C SER C 773 -44.02 -10.68 10.50
N SER C 774 -43.29 -10.07 9.55
CA SER C 774 -42.91 -8.69 9.80
C SER C 774 -44.12 -7.76 9.75
N ASP C 775 -45.27 -8.29 9.32
CA ASP C 775 -46.47 -7.45 9.28
C ASP C 775 -46.86 -7.08 10.71
N ARG C 776 -46.66 -8.02 11.64
CA ARG C 776 -46.97 -7.78 13.05
C ARG C 776 -45.97 -6.78 13.64
N THR C 777 -44.70 -6.95 13.29
CA THR C 777 -43.65 -6.04 13.78
C THR C 777 -43.94 -4.61 13.33
N ILE C 778 -44.23 -4.44 12.04
CA ILE C 778 -44.50 -3.11 11.50
C ILE C 778 -45.77 -2.51 12.05
N ARG C 779 -46.80 -3.32 12.26
CA ARG C 779 -48.04 -2.80 12.83
C ARG C 779 -47.71 -2.21 14.20
N ASP C 780 -46.86 -2.91 14.97
CA ASP C 780 -46.47 -2.47 16.30
C ASP C 780 -45.63 -1.19 16.27
N TYR C 781 -44.68 -1.11 15.34
CA TYR C 781 -43.86 0.09 15.21
C TYR C 781 -44.77 1.27 14.84
N ALA C 782 -45.64 1.06 13.86
CA ALA C 782 -46.54 2.11 13.38
C ALA C 782 -47.53 2.67 14.40
N THR C 783 -48.13 1.79 15.18
CA THR C 783 -49.12 2.23 16.16
C THR C 783 -48.54 2.66 17.51
N GLU C 784 -47.45 2.04 17.91
CA GLU C 784 -46.87 2.35 19.20
C GLU C 784 -45.73 3.36 19.18
N ILE C 785 -44.93 3.36 18.11
CA ILE C 785 -43.82 4.30 18.05
C ILE C 785 -44.04 5.45 17.05
N TRP C 786 -44.26 5.10 15.79
CA TRP C 786 -44.43 6.13 14.77
C TRP C 786 -45.76 6.86 14.79
N LYS C 787 -46.79 6.22 15.34
CA LYS C 787 -48.13 6.78 15.42
C LYS C 787 -48.70 7.08 14.05
N LEU C 788 -48.70 6.07 13.18
CA LEU C 788 -49.22 6.22 11.84
C LEU C 788 -50.57 5.52 11.73
N GLU C 789 -51.26 5.79 10.63
CA GLU C 789 -52.54 5.15 10.34
C GLU C 789 -52.47 4.74 8.89
N PRO C 790 -53.12 3.62 8.54
CA PRO C 790 -53.09 3.18 7.14
C PRO C 790 -53.54 4.35 6.26
N THR C 791 -52.81 4.55 5.17
CA THR C 791 -53.08 5.65 4.26
C THR C 791 -53.07 5.19 2.80
N PRO C 792 -54.23 4.74 2.29
CA PRO C 792 -54.30 4.28 0.91
C PRO C 792 -54.01 5.42 -0.07
N ALA C 793 -53.56 5.05 -1.26
CA ALA C 793 -53.22 6.03 -2.28
C ALA C 793 -54.47 6.82 -2.66
N VAL C 794 -54.32 8.08 -3.05
CA VAL C 794 -55.49 8.88 -3.43
C VAL C 794 -56.25 8.25 -4.60
N LYS C 795 -57.58 8.36 -4.58
CA LYS C 795 -58.45 7.78 -5.61
C LYS C 795 -58.40 8.51 -6.96
N LYS C 796 -58.41 9.76 -6.98
N GLN D 6 -51.82 6.14 -35.35
CA GLN D 6 -50.96 4.98 -35.25
C GLN D 6 -49.47 5.36 -35.28
N PRO D 7 -49.11 6.25 -36.24
CA PRO D 7 -47.70 6.64 -36.43
C PRO D 7 -46.96 6.98 -35.11
N LEU D 8 -47.51 7.83 -34.21
CA LEU D 8 -46.79 8.05 -32.94
C LEU D 8 -47.64 8.63 -31.81
N PRO D 9 -48.67 7.86 -31.39
CA PRO D 9 -49.75 8.36 -30.55
C PRO D 9 -49.30 8.69 -29.12
N ALA D 10 -50.04 9.55 -28.44
CA ALA D 10 -49.75 9.91 -27.05
C ALA D 10 -49.77 8.64 -26.20
N ALA D 11 -50.63 7.70 -26.56
CA ALA D 11 -50.73 6.44 -25.83
C ALA D 11 -49.36 5.76 -25.77
N LEU D 12 -48.69 5.68 -26.91
CA LEU D 12 -47.38 5.06 -27.00
C LEU D 12 -46.35 5.86 -26.22
N VAL D 13 -46.22 7.13 -26.58
CA VAL D 13 -45.26 8.02 -25.92
C VAL D 13 -45.49 7.98 -24.42
N GLY D 14 -46.75 8.06 -24.02
CA GLY D 14 -47.09 8.05 -22.60
C GLY D 14 -46.57 6.83 -21.86
N SER D 15 -46.69 5.65 -22.48
CA SER D 15 -46.25 4.41 -21.86
C SER D 15 -44.74 4.42 -21.58
N HIS D 16 -43.96 4.84 -22.58
CA HIS D 16 -42.51 4.88 -22.41
C HIS D 16 -42.09 5.95 -21.40
N VAL D 17 -42.80 7.07 -21.38
CA VAL D 17 -42.46 8.11 -20.43
C VAL D 17 -42.74 7.63 -19.01
N ARG D 18 -43.87 6.95 -18.80
CA ARG D 18 -44.21 6.46 -17.47
C ARG D 18 -43.18 5.45 -16.96
N ALA D 19 -42.65 4.62 -17.88
CA ALA D 19 -41.65 3.66 -17.45
C ALA D 19 -40.33 4.34 -17.03
N ALA D 20 -40.05 5.53 -17.63
CA ALA D 20 -38.82 6.25 -17.31
C ALA D 20 -38.97 7.12 -16.06
N ALA D 21 -40.17 7.68 -15.90
CA ALA D 21 -40.35 8.66 -14.85
C ALA D 21 -40.96 8.02 -13.59
N GLY D 22 -41.61 6.87 -13.67
CA GLY D 22 -42.20 6.32 -12.47
C GLY D 22 -43.30 7.27 -12.01
N THR D 23 -43.96 7.91 -12.97
CA THR D 23 -45.03 8.85 -12.63
C THR D 23 -45.82 9.08 -13.92
N PRO D 24 -47.07 9.58 -13.81
CA PRO D 24 -47.85 9.82 -15.04
C PRO D 24 -47.11 10.75 -16.00
N ALA D 25 -47.29 10.53 -17.29
CA ALA D 25 -46.62 11.31 -18.35
C ALA D 25 -46.71 12.83 -18.22
N ASP D 26 -47.90 13.33 -17.89
CA ASP D 26 -48.11 14.77 -17.75
C ASP D 26 -47.36 15.37 -16.56
N LEU D 27 -46.91 14.52 -15.64
CA LEU D 27 -46.19 15.00 -14.46
C LEU D 27 -44.68 14.78 -14.55
N ALA D 28 -44.26 14.02 -15.55
CA ALA D 28 -42.84 13.76 -15.74
C ALA D 28 -42.06 15.05 -16.04
N THR D 29 -40.78 15.05 -15.67
CA THR D 29 -39.90 16.18 -15.93
C THR D 29 -39.62 16.21 -17.43
N ASP D 30 -39.14 17.35 -17.93
CA ASP D 30 -38.82 17.45 -19.36
C ASP D 30 -37.76 16.40 -19.69
N ARG D 31 -36.87 16.17 -18.74
CA ARG D 31 -35.80 15.19 -18.90
C ARG D 31 -36.37 13.79 -19.15
N LYS D 32 -37.22 13.34 -18.25
CA LYS D 32 -37.80 12.01 -18.38
C LYS D 32 -38.68 11.91 -19.62
N PHE D 33 -39.38 12.99 -19.96
CA PHE D 33 -40.24 12.97 -21.14
C PHE D 33 -39.37 12.82 -22.39
N TRP D 34 -38.22 13.47 -22.39
CA TRP D 34 -37.31 13.35 -23.51
C TRP D 34 -36.85 11.89 -23.59
N THR D 35 -36.55 11.29 -22.45
CA THR D 35 -36.13 9.91 -22.43
C THR D 35 -37.24 9.00 -22.97
N GLY D 36 -38.46 9.23 -22.51
CA GLY D 36 -39.61 8.42 -22.95
C GLY D 36 -39.92 8.58 -24.43
N LEU D 37 -39.90 9.81 -24.91
CA LEU D 37 -40.17 10.06 -26.32
C LEU D 37 -39.11 9.37 -27.19
N SER D 38 -37.84 9.45 -26.79
CA SER D 38 -36.77 8.82 -27.53
C SER D 38 -36.93 7.30 -27.53
N ARG D 39 -37.41 6.77 -26.41
CA ARG D 39 -37.63 5.33 -26.29
C ARG D 39 -38.75 4.95 -27.27
N ALA D 40 -39.75 5.80 -27.40
CA ALA D 40 -40.85 5.55 -28.31
C ALA D 40 -40.37 5.49 -29.76
N VAL D 41 -39.43 6.38 -30.10
CA VAL D 41 -38.87 6.39 -31.45
C VAL D 41 -38.08 5.10 -31.71
N GLN D 42 -37.33 4.65 -30.71
CA GLN D 42 -36.54 3.42 -30.82
C GLN D 42 -37.44 2.20 -31.01
N GLU D 43 -38.56 2.19 -30.30
CA GLU D 43 -39.49 1.08 -30.41
C GLU D 43 -40.03 1.04 -31.85
N ARG D 44 -40.34 2.21 -32.39
CA ARG D 44 -40.90 2.32 -33.73
C ARG D 44 -39.97 1.99 -34.90
N ILE D 45 -38.66 2.04 -34.68
CA ILE D 45 -37.73 1.72 -35.77
C ILE D 45 -37.00 0.41 -35.53
N ALA D 46 -37.29 -0.25 -34.41
CA ALA D 46 -36.62 -1.50 -34.09
C ALA D 46 -36.73 -2.56 -35.19
N ASP D 47 -37.92 -2.71 -35.78
CA ASP D 47 -38.12 -3.70 -36.84
C ASP D 47 -37.33 -3.39 -38.10
N ASP D 48 -37.43 -2.14 -38.58
CA ASP D 48 -36.71 -1.74 -39.78
C ASP D 48 -35.21 -1.87 -39.56
N TRP D 49 -34.77 -1.50 -38.36
CA TRP D 49 -33.35 -1.57 -38.03
C TRP D 49 -32.83 -2.99 -38.20
N GLU D 50 -33.57 -3.97 -37.68
CA GLU D 50 -33.17 -5.36 -37.80
C GLU D 50 -33.19 -5.81 -39.26
N ARG D 51 -34.22 -5.41 -39.99
CA ARG D 51 -34.34 -5.80 -41.39
C ARG D 51 -33.19 -5.19 -42.20
N THR D 52 -32.68 -4.04 -41.76
CA THR D 52 -31.58 -3.39 -42.45
C THR D 52 -30.30 -4.20 -42.16
N ARG D 53 -30.21 -4.71 -40.94
CA ARG D 53 -29.05 -5.51 -40.54
C ARG D 53 -28.95 -6.80 -41.34
N GLU D 54 -30.08 -7.48 -41.52
CA GLU D 54 -30.11 -8.74 -42.25
C GLU D 54 -29.76 -8.52 -43.72
N ALA D 55 -30.15 -7.38 -44.25
CA ALA D 55 -29.89 -7.02 -45.64
C ALA D 55 -28.42 -6.64 -45.85
N TYR D 56 -27.92 -5.68 -45.07
CA TYR D 56 -26.53 -5.27 -45.19
C TYR D 56 -25.60 -6.45 -44.91
N GLY D 57 -26.00 -7.31 -43.98
CA GLY D 57 -25.18 -8.45 -43.61
C GLY D 57 -24.91 -9.43 -44.73
N ALA D 58 -25.86 -9.57 -45.64
CA ALA D 58 -25.71 -10.51 -46.75
C ALA D 58 -25.08 -9.88 -47.99
N ALA D 59 -24.81 -8.58 -47.91
CA ALA D 59 -24.23 -7.84 -49.03
C ALA D 59 -22.78 -7.44 -48.82
N ARG D 60 -22.20 -6.80 -49.84
CA ARG D 60 -20.82 -6.31 -49.76
C ARG D 60 -20.96 -4.99 -49.02
N GLN D 61 -20.14 -4.76 -48.00
CA GLN D 61 -20.25 -3.55 -47.21
C GLN D 61 -19.01 -2.66 -47.13
N GLN D 62 -19.24 -1.47 -46.57
CA GLN D 62 -18.21 -0.48 -46.32
C GLN D 62 -18.23 -0.31 -44.81
N HIS D 63 -17.05 -0.25 -44.21
CA HIS D 63 -16.91 -0.10 -42.77
C HIS D 63 -16.05 1.15 -42.62
N TYR D 64 -16.71 2.26 -42.29
CA TYR D 64 -16.06 3.55 -42.17
C TYR D 64 -15.41 3.78 -40.80
N PHE D 65 -14.08 3.75 -40.75
CA PHE D 65 -13.34 3.96 -39.50
C PHE D 65 -12.98 5.44 -39.29
N SER D 66 -13.40 5.99 -38.15
CA SER D 66 -13.08 7.38 -37.86
C SER D 66 -12.91 7.60 -36.36
N ALA D 67 -11.88 8.34 -35.99
CA ALA D 67 -11.61 8.63 -34.58
C ALA D 67 -12.56 9.71 -34.06
N GLU D 68 -13.50 10.13 -34.90
CA GLU D 68 -14.48 11.13 -34.50
C GLU D 68 -15.72 11.21 -35.41
N PHE D 69 -16.88 11.41 -34.79
CA PHE D 69 -18.15 11.54 -35.46
C PHE D 69 -18.86 12.66 -34.72
N LEU D 70 -19.04 13.80 -35.36
CA LEU D 70 -19.72 14.92 -34.71
C LEU D 70 -21.21 14.77 -34.97
N MET D 71 -21.84 13.90 -34.19
CA MET D 71 -23.26 13.54 -34.32
C MET D 71 -24.33 14.53 -33.92
N GLY D 72 -24.00 15.47 -33.02
CA GLY D 72 -25.00 16.43 -32.57
C GLY D 72 -26.15 15.77 -31.81
N ARG D 73 -27.32 16.40 -31.79
CA ARG D 73 -28.49 15.83 -31.12
C ARG D 73 -29.16 14.84 -32.06
N ALA D 74 -29.83 13.84 -31.48
CA ALA D 74 -30.48 12.82 -32.29
C ALA D 74 -32.00 12.90 -32.45
N LEU D 75 -32.73 13.29 -31.42
CA LEU D 75 -34.19 13.31 -31.50
C LEU D 75 -34.85 14.04 -32.68
N LEU D 76 -34.63 15.35 -32.80
CA LEU D 76 -35.25 16.10 -33.90
C LEU D 76 -34.86 15.54 -35.26
N ASN D 77 -33.61 15.17 -35.41
CA ASN D 77 -33.13 14.61 -36.67
C ASN D 77 -33.88 13.31 -36.96
N ASN D 78 -34.03 12.45 -35.95
CA ASN D 78 -34.74 11.20 -36.15
C ASN D 78 -36.22 11.40 -36.44
N LEU D 79 -36.86 12.34 -35.72
CA LEU D 79 -38.26 12.61 -35.95
C LEU D 79 -38.46 13.18 -37.36
N THR D 80 -37.50 13.99 -37.81
CA THR D 80 -37.60 14.58 -39.13
C THR D 80 -37.40 13.56 -40.23
N ASN D 81 -36.47 12.64 -40.04
CA ASN D 81 -36.22 11.61 -41.05
C ASN D 81 -37.32 10.56 -41.07
N LEU D 82 -38.03 10.40 -39.96
CA LEU D 82 -39.10 9.41 -39.87
C LEU D 82 -40.45 10.02 -40.22
N GLY D 83 -40.46 11.33 -40.43
CA GLY D 83 -41.69 12.03 -40.74
C GLY D 83 -42.65 12.03 -39.56
N LEU D 84 -42.11 12.22 -38.36
CA LEU D 84 -42.93 12.20 -37.15
C LEU D 84 -42.95 13.50 -36.33
N VAL D 85 -42.32 14.56 -36.81
CA VAL D 85 -42.29 15.81 -36.06
C VAL D 85 -43.68 16.28 -35.65
N ASP D 86 -44.64 16.20 -36.56
CA ASP D 86 -45.99 16.62 -36.25
C ASP D 86 -46.68 15.72 -35.22
N GLU D 87 -46.58 14.41 -35.39
CA GLU D 87 -47.19 13.49 -34.44
C GLU D 87 -46.56 13.63 -33.07
N ALA D 88 -45.25 13.86 -33.06
CA ALA D 88 -44.51 14.01 -31.82
C ALA D 88 -44.94 15.27 -31.09
N ALA D 89 -45.08 16.36 -31.82
CA ALA D 89 -45.48 17.63 -31.23
C ALA D 89 -46.89 17.53 -30.63
N ALA D 90 -47.78 16.83 -31.32
CA ALA D 90 -49.14 16.66 -30.86
C ALA D 90 -49.19 15.80 -29.61
N ALA D 91 -48.53 14.65 -29.66
CA ALA D 91 -48.52 13.75 -28.51
C ALA D 91 -47.96 14.45 -27.28
N THR D 92 -46.89 15.24 -27.52
CA THR D 92 -46.24 15.95 -26.42
C THR D 92 -47.16 16.96 -25.78
N ARG D 93 -47.88 17.68 -26.66
CA ARG D 93 -48.88 18.63 -26.18
C ARG D 93 -50.03 17.96 -25.42
N GLU D 94 -50.51 16.80 -25.94
CA GLU D 94 -51.61 16.12 -25.24
C GLU D 94 -51.17 15.61 -23.87
N LEU D 95 -49.86 15.33 -23.75
CA LEU D 95 -49.34 14.84 -22.48
C LEU D 95 -48.75 15.98 -21.64
N GLY D 96 -49.28 17.18 -21.84
CA GLY D 96 -48.87 18.34 -21.08
C GLY D 96 -47.49 18.96 -21.23
N HIS D 97 -46.77 18.68 -22.31
CA HIS D 97 -45.45 19.26 -22.49
C HIS D 97 -45.35 19.97 -23.84
N GLU D 98 -44.23 20.66 -24.07
CA GLU D 98 -43.99 21.37 -25.34
C GLU D 98 -42.72 20.80 -25.97
N LEU D 99 -42.84 20.20 -27.14
CA LEU D 99 -41.70 19.59 -27.82
C LEU D 99 -40.42 20.41 -27.86
N THR D 100 -40.52 21.73 -28.06
CA THR D 100 -39.31 22.56 -28.12
C THR D 100 -38.51 22.43 -26.83
N ASP D 101 -39.21 22.44 -25.69
CA ASP D 101 -38.56 22.31 -24.38
C ASP D 101 -37.96 20.91 -24.22
N ILE D 102 -38.63 19.91 -24.76
CA ILE D 102 -38.16 18.54 -24.67
C ILE D 102 -36.89 18.34 -25.48
N LEU D 103 -36.86 18.96 -26.67
CA LEU D 103 -35.68 18.82 -27.53
C LEU D 103 -34.45 19.44 -26.91
N GLU D 104 -34.62 20.56 -26.22
CA GLU D 104 -33.49 21.26 -25.60
C GLU D 104 -32.76 20.46 -24.54
N ILE D 105 -33.46 19.50 -23.93
CA ILE D 105 -32.90 18.64 -22.88
C ILE D 105 -31.65 17.91 -23.37
N GLU D 106 -31.63 17.60 -24.66
CA GLU D 106 -30.51 16.89 -25.24
C GLU D 106 -29.23 17.66 -25.48
N ASN D 107 -28.14 17.06 -25.04
CA ASN D 107 -26.82 17.64 -25.24
C ASN D 107 -26.32 17.01 -26.54
N ASP D 108 -25.51 17.73 -27.29
CA ASP D 108 -24.94 17.21 -28.52
C ASP D 108 -24.07 16.02 -28.13
N ALA D 109 -24.24 14.89 -28.80
CA ALA D 109 -23.42 13.72 -28.49
C ALA D 109 -21.97 14.17 -28.72
N ALA D 110 -21.17 14.21 -27.66
CA ALA D 110 -19.76 14.63 -27.75
C ALA D 110 -18.87 13.50 -28.23
N LEU D 111 -19.02 13.15 -29.50
CA LEU D 111 -18.27 12.06 -30.10
C LEU D 111 -17.31 12.54 -31.18
N GLY D 112 -17.26 13.84 -31.39
CA GLY D 112 -16.41 14.39 -32.41
C GLY D 112 -15.75 15.71 -32.03
N ASN D 113 -14.85 16.16 -32.89
CA ASN D 113 -14.09 17.39 -32.69
C ASN D 113 -14.61 18.51 -33.59
N GLY D 114 -14.33 18.39 -34.90
CA GLY D 114 -14.74 19.41 -35.84
C GLY D 114 -15.08 18.88 -37.21
N GLY D 115 -14.60 19.59 -38.23
CA GLY D 115 -14.87 19.24 -39.62
C GLY D 115 -14.78 17.79 -40.04
N LEU D 116 -13.70 17.13 -39.66
CA LEU D 116 -13.48 15.74 -39.99
C LEU D 116 -14.58 14.87 -39.38
N GLY D 117 -14.91 15.13 -38.11
CA GLY D 117 -15.94 14.35 -37.48
C GLY D 117 -17.30 14.62 -38.07
N ARG D 118 -17.56 15.86 -38.44
CA ARG D 118 -18.85 16.21 -39.02
C ARG D 118 -19.03 15.57 -40.40
N LEU D 119 -17.94 15.45 -41.15
CA LEU D 119 -17.98 14.84 -42.46
C LEU D 119 -18.38 13.36 -42.30
N ALA D 120 -17.79 12.69 -41.31
CA ALA D 120 -18.12 11.30 -41.08
C ALA D 120 -19.61 11.19 -40.72
N ALA D 121 -20.12 12.21 -40.03
CA ALA D 121 -21.52 12.25 -39.62
C ALA D 121 -22.46 12.43 -40.82
N CYS D 122 -22.14 13.40 -41.67
CA CYS D 122 -22.95 13.64 -42.87
C CYS D 122 -22.90 12.40 -43.75
N PHE D 123 -21.74 11.76 -43.84
CA PHE D 123 -21.59 10.57 -44.67
C PHE D 123 -22.50 9.43 -44.28
N LEU D 124 -22.67 9.21 -42.97
CA LEU D 124 -23.54 8.13 -42.53
C LEU D 124 -24.99 8.44 -42.90
N ASP D 125 -25.38 9.70 -42.79
CA ASP D 125 -26.75 10.09 -43.12
C ASP D 125 -27.02 9.93 -44.61
N SER D 126 -26.04 10.32 -45.43
CA SER D 126 -26.19 10.22 -46.89
C SER D 126 -26.14 8.76 -47.32
N ALA D 127 -25.37 7.97 -46.57
CA ALA D 127 -25.27 6.55 -46.86
C ALA D 127 -26.64 5.84 -46.70
N VAL D 128 -27.27 5.96 -45.49
CA VAL D 128 -28.58 5.30 -45.30
C VAL D 128 -29.62 5.87 -46.24
N THR D 129 -29.59 7.20 -46.46
CA THR D 129 -30.61 7.82 -47.32
C THR D 129 -30.62 7.22 -48.72
N GLN D 130 -29.48 6.60 -49.11
CA GLN D 130 -29.43 5.98 -50.43
C GLN D 130 -29.32 4.46 -50.33
N ASP D 131 -29.57 3.96 -49.12
CA ASP D 131 -29.54 2.52 -48.85
C ASP D 131 -28.22 1.81 -49.03
N TYR D 132 -27.11 2.54 -48.93
CA TYR D 132 -25.78 1.93 -49.07
C TYR D 132 -25.37 1.22 -47.78
N PRO D 133 -24.94 -0.05 -47.89
CA PRO D 133 -24.52 -0.85 -46.73
C PRO D 133 -23.24 -0.31 -46.11
N VAL D 134 -23.37 0.84 -45.45
CA VAL D 134 -22.25 1.49 -44.80
C VAL D 134 -22.48 1.47 -43.29
N THR D 135 -21.43 1.15 -42.54
CA THR D 135 -21.49 1.12 -41.08
C THR D 135 -20.30 1.93 -40.57
N GLY D 136 -20.55 2.80 -39.59
CA GLY D 136 -19.50 3.62 -39.04
C GLY D 136 -18.92 2.96 -37.80
N TYR D 137 -17.64 3.20 -37.53
CA TYR D 137 -16.96 2.65 -36.36
C TYR D 137 -16.09 3.69 -35.68
N GLY D 138 -16.30 3.84 -34.37
CA GLY D 138 -15.53 4.79 -33.60
C GLY D 138 -15.55 4.49 -32.12
N LEU D 139 -15.08 5.47 -31.33
CA LEU D 139 -15.02 5.35 -29.88
C LEU D 139 -16.20 6.03 -29.22
N LEU D 140 -16.69 5.44 -28.12
CA LEU D 140 -17.79 6.04 -27.38
C LEU D 140 -17.16 6.98 -26.35
N TYR D 141 -16.73 8.15 -26.81
CA TYR D 141 -16.12 9.16 -25.93
C TYR D 141 -17.15 9.60 -24.91
N ARG D 142 -16.75 9.61 -23.65
CA ARG D 142 -17.65 9.99 -22.56
C ARG D 142 -17.76 11.50 -22.28
N PHE D 143 -16.66 12.23 -22.37
CA PHE D 143 -16.71 13.65 -22.09
C PHE D 143 -16.27 14.59 -23.21
N GLY D 144 -16.39 14.11 -24.46
CA GLY D 144 -16.04 14.92 -25.62
C GLY D 144 -14.65 15.52 -25.69
N LEU D 145 -14.57 16.69 -26.31
CA LEU D 145 -13.32 17.42 -26.43
C LEU D 145 -13.09 18.23 -25.18
N PHE D 146 -14.01 19.19 -25.00
CA PHE D 146 -14.07 20.01 -23.80
C PHE D 146 -15.18 21.02 -23.93
N ARG D 147 -15.82 21.37 -22.81
CA ARG D 147 -16.85 22.38 -22.89
C ARG D 147 -16.26 23.73 -22.61
N GLN D 148 -16.63 24.72 -23.43
CA GLN D 148 -16.10 26.06 -23.29
C GLN D 148 -17.03 27.01 -22.53
N SER D 149 -16.47 27.71 -21.56
CA SER D 149 -17.17 28.71 -20.81
C SER D 149 -16.22 29.86 -20.66
N PHE D 150 -16.72 30.99 -20.17
CA PHE D 150 -15.82 32.13 -20.06
C PHE D 150 -15.76 32.63 -18.61
N ASN D 151 -14.57 33.05 -18.21
CA ASN D 151 -14.48 33.78 -16.96
C ASN D 151 -13.62 35.04 -17.10
N GLU D 152 -14.26 36.18 -16.83
CA GLU D 152 -13.60 37.44 -17.07
C GLU D 152 -13.12 37.56 -18.52
N GLY D 153 -13.88 36.92 -19.43
CA GLY D 153 -13.59 37.07 -20.86
C GLY D 153 -12.57 36.02 -21.39
N PHE D 154 -11.92 35.24 -20.53
CA PHE D 154 -10.96 34.24 -21.00
C PHE D 154 -11.63 32.88 -21.12
N GLN D 155 -11.20 32.10 -22.11
CA GLN D 155 -11.74 30.77 -22.31
C GLN D 155 -11.35 29.83 -21.16
N VAL D 156 -12.34 29.08 -20.69
CA VAL D 156 -12.13 28.10 -19.62
C VAL D 156 -12.56 26.75 -20.22
N GLU D 157 -11.82 25.69 -19.91
CA GLU D 157 -12.10 24.35 -20.43
C GLU D 157 -12.50 23.35 -19.34
N LYS D 158 -13.67 22.73 -19.51
CA LYS D 158 -14.18 21.73 -18.55
C LYS D 158 -14.66 20.48 -19.29
N PRO D 159 -14.94 19.39 -18.54
CA PRO D 159 -15.41 18.17 -19.19
C PRO D 159 -16.72 18.42 -19.96
N ASP D 160 -16.99 17.64 -21.00
CA ASP D 160 -18.22 17.82 -21.78
C ASP D 160 -19.08 16.54 -21.78
N PRO D 161 -19.73 16.23 -20.65
CA PRO D 161 -20.58 15.03 -20.54
C PRO D 161 -21.83 15.11 -21.39
N TRP D 162 -22.32 13.97 -21.85
CA TRP D 162 -23.52 13.97 -22.70
C TRP D 162 -24.37 12.73 -22.48
N ARG D 163 -23.76 11.67 -21.94
CA ARG D 163 -24.50 10.43 -21.72
C ARG D 163 -24.46 9.95 -20.25
N GLU D 164 -24.45 10.92 -19.32
CA GLU D 164 -24.48 10.54 -17.91
C GLU D 164 -25.90 10.17 -17.46
N GLU D 165 -26.87 10.85 -18.09
CA GLU D 165 -28.25 10.40 -17.99
C GLU D 165 -28.54 9.35 -19.05
N GLU D 166 -29.62 8.58 -18.82
CA GLU D 166 -30.00 7.57 -19.79
C GLU D 166 -30.08 8.15 -21.20
N TYR D 167 -29.39 7.48 -22.13
CA TYR D 167 -29.39 7.90 -23.52
C TYR D 167 -29.87 6.79 -24.44
N PRO D 168 -31.17 6.77 -24.75
CA PRO D 168 -31.74 5.72 -25.59
C PRO D 168 -31.24 5.54 -27.01
N PHE D 169 -30.53 6.54 -27.56
CA PHE D 169 -30.02 6.42 -28.91
C PHE D 169 -28.70 5.70 -29.08
N THR D 170 -28.21 5.11 -27.99
CA THR D 170 -27.00 4.29 -28.01
C THR D 170 -27.41 3.04 -27.23
N ILE D 171 -27.30 1.88 -27.87
CA ILE D 171 -27.68 0.64 -27.22
C ILE D 171 -26.46 -0.21 -26.88
N ARG D 172 -26.32 -0.53 -25.61
CA ARG D 172 -25.20 -1.34 -25.13
C ARG D 172 -25.43 -2.83 -25.45
N ARG D 173 -24.36 -3.46 -25.97
CA ARG D 173 -24.43 -4.88 -26.27
C ARG D 173 -23.34 -5.66 -25.54
N ALA D 174 -23.36 -5.62 -24.19
CA ALA D 174 -22.22 -6.17 -23.47
C ALA D 174 -22.05 -7.67 -23.68
N SER D 175 -23.14 -8.36 -24.07
CA SER D 175 -22.99 -9.79 -24.29
C SER D 175 -22.19 -10.09 -25.57
N ASP D 176 -21.99 -9.03 -26.39
CA ASP D 176 -21.18 -9.17 -27.62
C ASP D 176 -19.76 -8.61 -27.43
N GLN D 177 -19.38 -8.30 -26.15
CA GLN D 177 -18.08 -7.64 -25.92
C GLN D 177 -16.89 -8.48 -26.43
N LEU D 178 -15.81 -7.80 -26.74
CA LEU D 178 -14.59 -8.44 -27.22
C LEU D 178 -13.46 -8.07 -26.27
N VAL D 179 -12.28 -8.61 -26.53
CA VAL D 179 -11.11 -8.32 -25.72
C VAL D 179 -10.06 -7.63 -26.59
N VAL D 180 -9.49 -6.53 -26.09
CA VAL D 180 -8.42 -5.82 -26.78
C VAL D 180 -7.31 -5.87 -25.74
N CYS D 181 -6.33 -6.74 -25.98
CA CYS D 181 -5.25 -6.92 -25.02
C CYS D 181 -3.97 -6.16 -25.43
N PHE D 182 -3.59 -5.21 -24.60
CA PHE D 182 -2.37 -4.44 -24.81
C PHE D 182 -1.36 -5.22 -23.99
N ASP D 183 -0.09 -5.02 -24.29
CA ASP D 183 0.95 -5.72 -23.56
C ASP D 183 0.96 -5.33 -22.10
N ASP D 184 0.43 -4.15 -21.80
CA ASP D 184 0.40 -3.64 -20.43
C ASP D 184 -1.01 -3.46 -19.88
N MET D 185 -2.02 -3.91 -20.63
CA MET D 185 -3.40 -3.70 -20.20
C MET D 185 -4.44 -4.56 -20.93
N LYS D 186 -5.18 -5.37 -20.18
CA LYS D 186 -6.24 -6.20 -20.76
C LYS D 186 -7.55 -5.46 -20.65
N THR D 187 -8.20 -5.20 -21.79
CA THR D 187 -9.44 -4.45 -21.76
C THR D 187 -10.64 -5.11 -22.42
N ARG D 188 -11.82 -4.76 -21.93
CA ARG D 188 -13.07 -5.21 -22.48
C ARG D 188 -13.51 -4.17 -23.49
N ALA D 189 -13.86 -4.58 -24.69
CA ALA D 189 -14.35 -3.63 -25.68
C ALA D 189 -15.86 -3.89 -25.76
N ILE D 190 -16.66 -2.96 -25.24
CA ILE D 190 -18.11 -3.10 -25.23
C ILE D 190 -18.77 -2.40 -26.40
N PRO D 191 -19.48 -3.16 -27.27
CA PRO D 191 -20.12 -2.48 -28.39
C PRO D 191 -21.42 -1.74 -28.10
N TYR D 192 -21.56 -0.57 -28.68
CA TYR D 192 -22.77 0.23 -28.51
C TYR D 192 -23.31 0.48 -29.92
N ASP D 193 -24.63 0.46 -30.10
CA ASP D 193 -25.20 0.70 -31.42
C ASP D 193 -26.01 1.99 -31.44
N MET D 194 -25.73 2.84 -32.42
CA MET D 194 -26.47 4.08 -32.58
C MET D 194 -27.19 4.00 -33.93
N PRO D 195 -28.52 4.18 -33.94
CA PRO D 195 -29.28 4.12 -35.19
C PRO D 195 -29.11 5.37 -36.03
N ILE D 196 -28.94 5.18 -37.34
CA ILE D 196 -28.79 6.29 -38.26
C ILE D 196 -30.03 6.24 -39.18
N THR D 197 -30.98 7.13 -38.94
CA THR D 197 -32.18 7.14 -39.78
C THR D 197 -31.94 7.90 -41.07
N GLY D 198 -32.78 7.64 -42.06
CA GLY D 198 -32.66 8.32 -43.34
C GLY D 198 -34.00 8.84 -43.82
N TYR D 199 -33.98 10.08 -44.31
CA TYR D 199 -35.19 10.70 -44.84
C TYR D 199 -35.61 9.95 -46.09
N GLY D 200 -36.87 9.55 -46.19
CA GLY D 200 -37.34 8.87 -47.39
C GLY D 200 -37.14 7.36 -47.50
N THR D 201 -36.48 6.75 -46.54
CA THR D 201 -36.27 5.31 -46.60
C THR D 201 -36.57 4.66 -45.26
N HIS D 202 -36.75 3.34 -45.29
CA HIS D 202 -37.00 2.59 -44.08
C HIS D 202 -35.70 2.02 -43.56
N ASN D 203 -34.62 2.16 -44.33
CA ASN D 203 -33.32 1.67 -43.89
C ASN D 203 -32.89 2.45 -42.65
N VAL D 204 -32.20 1.76 -41.75
CA VAL D 204 -31.69 2.39 -40.54
C VAL D 204 -30.26 1.89 -40.44
N GLY D 205 -29.31 2.81 -40.60
CA GLY D 205 -27.91 2.44 -40.54
C GLY D 205 -27.43 2.34 -39.09
N THR D 206 -26.16 1.90 -38.96
CA THR D 206 -25.56 1.78 -37.61
C THR D 206 -24.23 2.53 -37.51
N LEU D 207 -24.07 3.19 -36.38
CA LEU D 207 -22.76 3.66 -36.00
C LEU D 207 -22.31 2.86 -34.77
N ARG D 208 -21.32 2.01 -34.95
CA ARG D 208 -20.85 1.17 -33.87
C ARG D 208 -19.80 1.96 -33.07
N LEU D 209 -20.08 2.16 -31.78
CA LEU D 209 -19.16 2.91 -30.93
C LEU D 209 -18.67 1.99 -29.84
N TRP D 210 -17.36 2.00 -29.62
CA TRP D 210 -16.79 1.11 -28.62
C TRP D 210 -16.44 1.77 -27.29
N LYS D 211 -16.71 1.04 -26.21
CA LYS D 211 -16.42 1.52 -24.88
C LYS D 211 -15.45 0.57 -24.18
N ALA D 212 -14.33 1.11 -23.69
CA ALA D 212 -13.34 0.30 -23.00
C ALA D 212 -13.68 0.22 -21.53
N GLU D 213 -13.68 -0.99 -20.99
CA GLU D 213 -13.95 -1.19 -19.57
C GLU D 213 -12.86 -2.14 -19.09
N PRO D 214 -12.49 -2.04 -17.81
CA PRO D 214 -11.44 -2.87 -17.21
C PRO D 214 -11.84 -4.34 -17.07
N TRP D 215 -10.85 -5.20 -16.85
CA TRP D 215 -11.16 -6.61 -16.71
C TRP D 215 -11.86 -6.81 -15.36
N GLU D 216 -11.36 -6.10 -14.34
CA GLU D 216 -11.95 -6.14 -12.99
C GLU D 216 -12.46 -4.72 -12.73
N GLU D 217 -13.60 -4.59 -12.07
CA GLU D 217 -14.17 -3.27 -11.82
C GLU D 217 -13.19 -2.36 -11.08
N PHE D 218 -12.66 -2.89 -9.97
CA PHE D 218 -11.53 -2.23 -9.32
C PHE D 218 -10.71 -3.24 -8.48
N ASP D 219 -9.57 -2.77 -7.93
CA ASP D 219 -8.78 -3.69 -7.12
C ASP D 219 -9.38 -3.86 -5.71
N TYR D 220 -10.20 -4.91 -5.52
CA TYR D 220 -10.87 -5.01 -4.23
C TYR D 220 -9.86 -5.18 -3.08
N ASP D 221 -8.75 -5.92 -3.33
CA ASP D 221 -7.75 -6.12 -2.27
C ASP D 221 -7.21 -4.79 -1.79
N ALA D 222 -6.87 -3.93 -2.78
CA ALA D 222 -6.29 -2.63 -2.44
C ALA D 222 -7.30 -1.73 -1.74
N PHE D 223 -8.55 -1.79 -2.22
CA PHE D 223 -9.60 -1.02 -1.55
C PHE D 223 -9.76 -1.48 -0.10
N ASN D 224 -9.70 -2.80 0.10
CA ASN D 224 -9.85 -3.37 1.43
C ASN D 224 -8.68 -3.01 2.31
N ALA D 225 -7.54 -2.69 1.70
CA ALA D 225 -6.36 -2.29 2.48
C ALA D 225 -6.44 -0.77 2.70
N GLN D 226 -7.50 -0.17 2.17
CA GLN D 226 -7.75 1.27 2.26
C GLN D 226 -6.77 2.14 1.48
N ARG D 227 -6.22 1.57 0.42
CA ARG D 227 -5.40 2.28 -0.48
C ARG D 227 -6.31 2.63 -1.60
N PHE D 228 -7.20 3.62 -1.30
CA PHE D 228 -8.33 3.96 -2.17
C PHE D 228 -7.92 4.46 -3.57
N THR D 229 -6.80 5.20 -3.66
CA THR D 229 -6.39 5.64 -4.98
C THR D 229 -5.78 4.49 -5.77
N ASP D 230 -4.97 3.67 -5.10
CA ASP D 230 -4.36 2.50 -5.75
C ASP D 230 -5.44 1.59 -6.35
N ALA D 231 -6.49 1.38 -5.58
CA ALA D 231 -7.60 0.52 -5.97
C ALA D 231 -8.26 0.87 -7.31
N ILE D 232 -8.18 2.13 -7.72
CA ILE D 232 -8.81 2.54 -8.97
C ILE D 232 -7.90 3.03 -10.10
N ILE D 233 -6.59 2.96 -9.92
CA ILE D 233 -5.68 3.44 -10.97
C ILE D 233 -5.81 2.67 -12.29
N GLU D 234 -5.91 1.34 -12.21
CA GLU D 234 -6.04 0.58 -13.44
C GLU D 234 -7.41 0.85 -14.08
N ARG D 235 -8.47 0.85 -13.26
CA ARG D 235 -9.80 1.12 -13.76
C ARG D 235 -9.82 2.46 -14.53
N GLU D 236 -9.17 3.48 -13.97
CA GLU D 236 -9.18 4.78 -14.63
C GLU D 236 -8.21 4.88 -15.82
N ARG D 237 -7.14 4.10 -15.79
CA ARG D 237 -6.23 4.10 -16.93
C ARG D 237 -6.97 3.51 -18.12
N VAL D 238 -7.80 2.49 -17.88
CA VAL D 238 -8.59 1.89 -18.96
C VAL D 238 -9.65 2.88 -19.42
N SER D 239 -10.33 3.51 -18.46
CA SER D 239 -11.37 4.47 -18.76
C SER D 239 -10.82 5.67 -19.53
N ASP D 240 -9.52 5.92 -19.40
CA ASP D 240 -8.89 7.03 -20.12
C ASP D 240 -8.99 6.84 -21.62
N ILE D 241 -9.12 5.59 -22.06
CA ILE D 241 -9.23 5.32 -23.49
C ILE D 241 -10.42 6.02 -24.13
N CYS D 242 -11.55 6.10 -23.42
CA CYS D 242 -12.74 6.75 -23.97
C CYS D 242 -13.13 8.01 -23.21
N ARG D 243 -12.26 8.49 -22.35
CA ARG D 243 -12.61 9.66 -21.56
C ARG D 243 -12.81 10.91 -22.40
N VAL D 244 -11.77 11.32 -23.14
CA VAL D 244 -11.90 12.50 -23.98
C VAL D 244 -11.29 12.28 -25.35
N LEU D 245 -11.80 13.01 -26.34
CA LEU D 245 -11.30 12.88 -27.70
C LEU D 245 -10.12 13.82 -27.88
N TYR D 246 -9.18 13.41 -28.73
CA TYR D 246 -8.00 14.20 -29.00
C TYR D 246 -7.37 14.64 -27.69
N PRO D 247 -6.98 13.67 -26.85
CA PRO D 247 -6.37 14.06 -25.58
C PRO D 247 -5.04 14.75 -25.88
N ASN D 248 -4.75 15.85 -25.19
CA ASN D 248 -3.51 16.58 -25.42
C ASN D 248 -2.30 15.63 -25.40
N ASP D 249 -1.43 15.76 -26.40
CA ASP D 249 -0.29 14.86 -26.47
C ASP D 249 1.07 15.53 -26.55
N THR D 250 1.32 16.47 -25.64
CA THR D 250 2.61 17.15 -25.63
C THR D 250 3.71 16.26 -25.02
N THR D 251 3.31 15.27 -24.23
CA THR D 251 4.28 14.38 -23.60
C THR D 251 4.15 12.95 -24.14
N TYR D 252 5.15 12.13 -23.85
CA TYR D 252 5.17 10.75 -24.29
C TYR D 252 3.90 10.00 -23.87
N GLU D 253 3.49 10.19 -22.63
CA GLU D 253 2.28 9.53 -22.11
C GLU D 253 1.01 10.00 -22.82
N GLY D 254 1.00 11.24 -23.26
CA GLY D 254 -0.16 11.74 -23.97
C GLY D 254 -0.21 11.06 -25.34
N LYS D 255 0.95 10.91 -25.96
CA LYS D 255 1.02 10.26 -27.27
C LYS D 255 0.65 8.79 -27.14
N LYS D 256 1.15 8.13 -26.11
CA LYS D 256 0.82 6.72 -25.93
C LYS D 256 -0.70 6.55 -25.77
N LEU D 257 -1.37 7.46 -25.07
CA LEU D 257 -2.81 7.35 -24.90
C LEU D 257 -3.51 7.41 -26.27
N ARG D 258 -3.13 8.38 -27.11
CA ARG D 258 -3.74 8.49 -28.44
C ARG D 258 -3.58 7.21 -29.23
N VAL D 259 -2.38 6.66 -29.21
CA VAL D 259 -2.12 5.41 -29.93
C VAL D 259 -2.99 4.32 -29.34
N ARG D 260 -3.13 4.32 -28.02
CA ARG D 260 -3.94 3.33 -27.33
C ARG D 260 -5.38 3.43 -27.83
N GLN D 261 -5.91 4.65 -27.91
CA GLN D 261 -7.28 4.87 -28.37
C GLN D 261 -7.49 4.31 -29.78
N GLN D 262 -6.57 4.67 -30.68
CA GLN D 262 -6.64 4.26 -32.08
C GLN D 262 -6.57 2.76 -32.28
N TYR D 263 -5.73 2.09 -31.51
CA TYR D 263 -5.61 0.65 -31.63
C TYR D 263 -6.85 -0.01 -31.03
N PHE D 264 -7.33 0.53 -29.91
CA PHE D 264 -8.53 -0.05 -29.24
C PHE D 264 -9.73 -0.19 -30.17
N PHE D 265 -10.13 0.93 -30.81
CA PHE D 265 -11.34 0.86 -31.63
C PHE D 265 -11.15 0.16 -32.98
N THR D 266 -9.91 0.22 -33.53
CA THR D 266 -9.69 -0.48 -34.80
C THR D 266 -9.64 -1.98 -34.58
N SER D 267 -9.03 -2.39 -33.48
CA SER D 267 -8.91 -3.81 -33.17
C SER D 267 -10.30 -4.41 -32.89
N ALA D 268 -11.08 -3.72 -32.08
CA ALA D 268 -12.43 -4.19 -31.74
C ALA D 268 -13.29 -4.29 -32.99
N SER D 269 -13.27 -3.23 -33.80
CA SER D 269 -14.05 -3.19 -35.03
C SER D 269 -13.68 -4.34 -35.96
N LEU D 270 -12.38 -4.50 -36.22
CA LEU D 270 -11.92 -5.57 -37.11
C LEU D 270 -12.30 -6.95 -36.59
N GLN D 271 -12.23 -7.13 -35.28
CA GLN D 271 -12.59 -8.41 -34.69
C GLN D 271 -14.08 -8.70 -34.91
N ALA D 272 -14.91 -7.68 -34.73
CA ALA D 272 -16.35 -7.82 -34.91
C ALA D 272 -16.68 -8.12 -36.37
N MET D 273 -15.98 -7.44 -37.27
CA MET D 273 -16.18 -7.62 -38.72
C MET D 273 -15.84 -9.04 -39.16
N ILE D 274 -14.71 -9.55 -38.70
CA ILE D 274 -14.27 -10.90 -39.03
C ILE D 274 -15.27 -11.88 -38.46
N GLN D 275 -15.72 -11.64 -37.23
CA GLN D 275 -16.72 -12.50 -36.58
C GLN D 275 -17.97 -12.58 -37.46
N ASP D 276 -18.48 -11.44 -37.86
CA ASP D 276 -19.68 -11.44 -38.68
C ASP D 276 -19.43 -12.04 -40.06
N HIS D 277 -18.23 -11.86 -40.61
CA HIS D 277 -17.93 -12.37 -41.95
C HIS D 277 -18.08 -13.86 -41.90
N LEU D 278 -17.55 -14.46 -40.83
CA LEU D 278 -17.60 -15.90 -40.64
C LEU D 278 -18.98 -16.50 -40.35
N ALA D 279 -19.98 -15.66 -40.07
CA ALA D 279 -21.34 -16.15 -39.81
C ALA D 279 -22.18 -16.02 -41.06
N HIS D 280 -21.56 -15.52 -42.12
CA HIS D 280 -22.21 -15.33 -43.40
C HIS D 280 -21.47 -16.06 -44.51
N HIS D 281 -20.21 -16.41 -44.27
CA HIS D 281 -19.40 -17.09 -45.27
C HIS D 281 -18.58 -18.22 -44.67
N LYS D 282 -18.08 -19.10 -45.53
CA LYS D 282 -17.29 -20.24 -45.11
C LYS D 282 -16.01 -19.83 -44.39
N ASP D 283 -15.16 -19.07 -45.07
CA ASP D 283 -13.91 -18.61 -44.48
C ASP D 283 -13.59 -17.16 -44.85
N LEU D 284 -12.42 -16.69 -44.43
CA LEU D 284 -12.01 -15.31 -44.70
C LEU D 284 -11.29 -15.12 -46.03
N SER D 285 -11.16 -16.19 -46.81
CA SER D 285 -10.48 -16.10 -48.09
C SER D 285 -11.07 -14.99 -48.97
N ASN D 286 -12.40 -14.85 -48.94
CA ASN D 286 -13.06 -13.83 -49.74
C ASN D 286 -13.48 -12.61 -48.93
N PHE D 287 -12.67 -12.26 -47.94
CA PHE D 287 -12.96 -11.11 -47.08
C PHE D 287 -13.07 -9.80 -47.84
N ALA D 288 -12.07 -9.52 -48.67
CA ALA D 288 -12.05 -8.28 -49.45
C ALA D 288 -13.19 -8.21 -50.46
N GLU D 289 -13.69 -9.37 -50.86
CA GLU D 289 -14.79 -9.44 -51.82
C GLU D 289 -16.08 -8.83 -51.26
N PHE D 290 -16.27 -8.99 -49.96
CA PHE D 290 -17.50 -8.51 -49.30
C PHE D 290 -17.28 -7.37 -48.29
N HIS D 291 -16.03 -6.84 -48.17
CA HIS D 291 -15.78 -5.77 -47.19
C HIS D 291 -14.76 -4.75 -47.71
N SER D 292 -15.11 -3.46 -47.50
CA SER D 292 -14.12 -2.39 -47.61
C SER D 292 -14.05 -1.58 -46.32
N VAL D 293 -12.88 -1.00 -46.11
CA VAL D 293 -12.73 -0.10 -44.99
C VAL D 293 -12.16 1.24 -45.42
N GLN D 294 -12.89 2.32 -45.09
CA GLN D 294 -12.35 3.63 -45.39
C GLN D 294 -11.62 4.19 -44.20
N LEU D 295 -10.42 4.69 -44.46
CA LEU D 295 -9.60 5.27 -43.41
C LEU D 295 -9.72 6.78 -43.47
N ASN D 296 -10.52 7.34 -42.57
CA ASN D 296 -10.69 8.79 -42.52
C ASN D 296 -9.49 9.40 -41.79
N ASP D 297 -8.50 9.86 -42.56
CA ASP D 297 -7.26 10.41 -42.01
C ASP D 297 -6.38 9.27 -41.52
N THR D 298 -5.29 9.59 -40.81
CA THR D 298 -4.36 8.51 -40.43
C THR D 298 -4.67 7.89 -39.05
N HIS D 299 -5.70 8.42 -38.35
CA HIS D 299 -5.97 7.93 -36.99
C HIS D 299 -6.20 6.39 -36.90
N PRO D 300 -6.97 5.80 -37.88
CA PRO D 300 -7.29 4.37 -37.85
C PRO D 300 -6.28 3.52 -38.65
N VAL D 301 -5.12 4.08 -38.99
CA VAL D 301 -4.17 3.30 -39.81
C VAL D 301 -3.70 2.02 -39.10
N LEU D 302 -3.77 1.98 -37.76
CA LEU D 302 -3.34 0.77 -37.06
C LEU D 302 -4.15 -0.45 -37.46
N ALA D 303 -5.29 -0.19 -38.08
CA ALA D 303 -6.18 -1.24 -38.54
C ALA D 303 -5.48 -2.14 -39.55
N ILE D 304 -4.57 -1.56 -40.32
CA ILE D 304 -3.84 -2.31 -41.33
C ILE D 304 -2.96 -3.40 -40.73
N PRO D 305 -2.02 -3.05 -39.85
CA PRO D 305 -1.21 -4.10 -39.25
C PRO D 305 -2.04 -5.06 -38.41
N GLU D 306 -3.09 -4.52 -37.78
CA GLU D 306 -3.94 -5.32 -36.90
C GLU D 306 -4.71 -6.39 -37.66
N LEU D 307 -5.20 -6.05 -38.86
CA LEU D 307 -5.93 -7.01 -39.67
C LEU D 307 -4.96 -8.13 -40.05
N MET D 308 -3.72 -7.74 -40.34
CA MET D 308 -2.69 -8.70 -40.70
C MET D 308 -2.48 -9.67 -39.55
N ARG D 309 -2.45 -9.15 -38.33
CA ARG D 309 -2.25 -9.99 -37.15
C ARG D 309 -3.41 -10.96 -36.99
N LEU D 310 -4.63 -10.44 -37.11
CA LEU D 310 -5.82 -11.26 -36.95
C LEU D 310 -5.85 -12.40 -37.96
N LEU D 311 -5.59 -12.08 -39.22
CA LEU D 311 -5.59 -13.06 -40.30
C LEU D 311 -4.53 -14.15 -40.18
N MET D 312 -3.32 -13.78 -39.80
CA MET D 312 -2.23 -14.75 -39.65
C MET D 312 -2.20 -15.48 -38.31
N ASP D 313 -2.30 -14.73 -37.22
CA ASP D 313 -2.24 -15.33 -35.89
C ASP D 313 -3.50 -16.06 -35.43
N GLU D 314 -4.67 -15.63 -35.92
CA GLU D 314 -5.91 -16.27 -35.53
C GLU D 314 -6.58 -17.05 -36.63
N HIS D 315 -6.07 -16.95 -37.85
CA HIS D 315 -6.69 -17.67 -38.95
C HIS D 315 -5.75 -18.40 -39.88
N ASP D 316 -4.56 -18.74 -39.38
CA ASP D 316 -3.57 -19.46 -40.16
C ASP D 316 -3.24 -18.93 -41.56
N MET D 317 -3.33 -17.63 -41.78
CA MET D 317 -3.01 -17.12 -43.10
C MET D 317 -1.53 -16.75 -43.24
N GLY D 318 -0.99 -16.97 -44.44
CA GLY D 318 0.40 -16.63 -44.70
C GLY D 318 0.42 -15.13 -44.96
N TRP D 319 1.61 -14.55 -44.93
CA TRP D 319 1.75 -13.11 -45.16
C TRP D 319 1.26 -12.65 -46.53
N GLU D 320 1.55 -13.42 -47.58
CA GLU D 320 1.15 -13.04 -48.93
C GLU D 320 -0.37 -12.93 -49.08
N GLU D 321 -1.09 -13.94 -48.60
CA GLU D 321 -2.55 -13.93 -48.72
C GLU D 321 -3.16 -12.87 -47.82
N SER D 322 -2.55 -12.64 -46.66
CA SER D 322 -3.03 -11.64 -45.73
C SER D 322 -2.86 -10.24 -46.28
N TRP D 323 -1.68 -9.97 -46.83
CA TRP D 323 -1.42 -8.65 -47.38
C TRP D 323 -2.26 -8.43 -48.63
N ALA D 324 -2.52 -9.52 -49.33
CA ALA D 324 -3.34 -9.48 -50.55
C ALA D 324 -4.75 -9.02 -50.16
N ILE D 325 -5.21 -9.44 -49.00
CA ILE D 325 -6.54 -9.08 -48.52
C ILE D 325 -6.54 -7.62 -48.05
N VAL D 326 -5.53 -7.27 -47.27
CA VAL D 326 -5.40 -5.92 -46.73
C VAL D 326 -5.28 -4.87 -47.85
N SER D 327 -4.48 -5.17 -48.87
CA SER D 327 -4.29 -4.23 -49.97
C SER D 327 -5.53 -4.08 -50.85
N LYS D 328 -6.54 -4.92 -50.62
CA LYS D 328 -7.78 -4.85 -51.37
C LYS D 328 -8.95 -4.40 -50.48
N THR D 329 -8.71 -4.32 -49.17
CA THR D 329 -9.72 -3.92 -48.22
C THR D 329 -9.72 -2.45 -47.84
N PHE D 330 -8.54 -1.91 -47.53
CA PHE D 330 -8.43 -0.51 -47.10
C PHE D 330 -8.30 0.56 -48.17
N ALA D 331 -8.97 1.67 -47.92
CA ALA D 331 -8.95 2.84 -48.78
C ALA D 331 -8.59 3.98 -47.85
N TYR D 332 -7.82 4.95 -48.33
CA TYR D 332 -7.39 6.05 -47.47
C TYR D 332 -7.78 7.44 -47.99
N THR D 333 -8.19 8.31 -47.06
CA THR D 333 -8.60 9.66 -47.42
C THR D 333 -7.68 10.71 -46.79
N ASN D 334 -7.10 11.57 -47.63
CA ASN D 334 -6.23 12.64 -47.16
C ASN D 334 -6.99 13.94 -47.16
N HIS D 335 -6.70 14.81 -46.17
CA HIS D 335 -7.52 16.01 -46.00
C HIS D 335 -6.75 17.34 -46.20
N THR D 336 -5.39 17.28 -46.18
CA THR D 336 -4.64 18.56 -46.07
C THR D 336 -3.43 18.68 -47.03
N VAL D 337 -3.05 19.93 -47.33
CA VAL D 337 -1.99 20.13 -48.32
C VAL D 337 -0.62 19.83 -47.73
N LEU D 338 -0.46 20.30 -46.48
CA LEU D 338 0.80 20.11 -45.78
C LEU D 338 0.85 18.74 -45.13
N THR D 339 2.00 18.41 -44.53
CA THR D 339 2.14 17.05 -43.95
C THR D 339 2.22 16.97 -42.40
N GLU D 340 1.59 17.92 -41.68
CA GLU D 340 1.74 17.90 -40.20
C GLU D 340 0.56 17.19 -39.48
N ALA D 341 -0.60 17.18 -40.15
CA ALA D 341 -1.71 16.41 -39.63
C ALA D 341 -1.48 14.91 -39.88
N LEU D 342 -0.22 14.60 -40.23
CA LEU D 342 0.12 13.28 -40.71
C LEU D 342 0.97 12.58 -39.65
N GLU D 343 0.27 11.75 -38.86
CA GLU D 343 0.82 11.17 -37.63
C GLU D 343 2.11 10.37 -37.87
N GLN D 344 3.06 10.65 -36.98
CA GLN D 344 4.36 9.99 -36.91
C GLN D 344 4.49 9.60 -35.42
N TRP D 345 4.87 8.37 -35.15
CA TRP D 345 4.98 7.90 -33.78
C TRP D 345 6.32 7.24 -33.50
N ASP D 346 6.82 7.45 -32.28
CA ASP D 346 8.08 6.84 -31.86
C ASP D 346 7.76 5.34 -31.85
N GLU D 347 8.57 4.54 -32.55
CA GLU D 347 8.29 3.11 -32.61
C GLU D 347 8.22 2.44 -31.23
N GLN D 348 8.87 3.05 -30.25
CA GLN D 348 8.89 2.50 -28.90
C GLN D 348 7.49 2.47 -28.27
N ILE D 349 6.63 3.41 -28.67
CA ILE D 349 5.27 3.43 -28.14
C ILE D 349 4.61 2.12 -28.56
N PHE D 350 4.86 1.71 -29.80
CA PHE D 350 4.29 0.48 -30.35
C PHE D 350 4.92 -0.75 -29.70
N GLN D 351 6.20 -0.67 -29.41
CA GLN D 351 6.93 -1.78 -28.80
C GLN D 351 6.42 -2.07 -27.39
N GLN D 352 5.96 -1.03 -26.71
CA GLN D 352 5.45 -1.17 -25.35
C GLN D 352 3.98 -1.53 -25.29
N LEU D 353 3.18 -0.99 -26.21
CA LEU D 353 1.74 -1.26 -26.23
C LEU D 353 1.37 -2.61 -26.83
N PHE D 354 2.05 -3.01 -27.89
CA PHE D 354 1.76 -4.27 -28.56
C PHE D 354 2.93 -4.74 -29.40
N TRP D 355 3.83 -5.51 -28.79
CA TRP D 355 5.01 -6.01 -29.48
C TRP D 355 4.68 -6.77 -30.77
N ARG D 356 3.68 -7.65 -30.70
CA ARG D 356 3.30 -8.44 -31.87
C ARG D 356 2.90 -7.55 -33.05
N VAL D 357 2.13 -6.51 -32.76
CA VAL D 357 1.71 -5.58 -33.81
C VAL D 357 2.93 -4.83 -34.34
N TRP D 358 3.92 -4.63 -33.47
CA TRP D 358 5.13 -3.94 -33.87
C TRP D 358 5.95 -4.75 -34.85
N GLU D 359 6.05 -6.05 -34.58
CA GLU D 359 6.81 -6.94 -35.45
C GLU D 359 6.21 -6.88 -36.85
N ILE D 360 4.89 -6.95 -36.91
CA ILE D 360 4.18 -6.91 -38.17
C ILE D 360 4.40 -5.58 -38.90
N ILE D 361 4.50 -4.50 -38.14
CA ILE D 361 4.74 -3.17 -38.71
C ILE D 361 6.15 -3.11 -39.27
N ALA D 362 7.10 -3.70 -38.55
CA ALA D 362 8.50 -3.74 -38.99
C ALA D 362 8.57 -4.55 -40.28
N GLU D 363 7.87 -5.69 -40.30
CA GLU D 363 7.85 -6.54 -41.49
C GLU D 363 7.27 -5.78 -42.69
N ILE D 364 6.26 -4.96 -42.42
CA ILE D 364 5.64 -4.17 -43.47
C ILE D 364 6.73 -3.22 -44.02
N ASP D 365 7.56 -2.72 -43.12
CA ASP D 365 8.64 -1.82 -43.50
C ASP D 365 9.69 -2.53 -44.35
N ARG D 366 10.08 -3.73 -43.93
CA ARG D 366 11.08 -4.48 -44.67
C ARG D 366 10.55 -4.89 -46.04
N ARG D 367 9.32 -5.41 -46.06
CA ARG D 367 8.69 -5.83 -47.31
C ARG D 367 8.65 -4.65 -48.28
N PHE D 368 8.24 -3.49 -47.80
CA PHE D 368 8.15 -2.30 -48.65
C PHE D 368 9.51 -1.95 -49.23
N ARG D 369 10.53 -2.01 -48.41
CA ARG D 369 11.89 -1.68 -48.84
C ARG D 369 12.39 -2.66 -49.90
N LEU D 370 11.95 -3.91 -49.83
CA LEU D 370 12.38 -4.91 -50.81
C LEU D 370 11.64 -4.72 -52.12
N GLU D 371 10.36 -4.39 -52.01
CA GLU D 371 9.52 -4.19 -53.19
C GLU D 371 9.97 -2.99 -54.03
N ARG D 372 10.38 -1.91 -53.38
CA ARG D 372 10.85 -0.76 -54.12
C ARG D 372 12.23 -1.05 -54.69
N ALA D 373 13.01 -1.86 -53.98
CA ALA D 373 14.33 -2.19 -54.48
C ALA D 373 14.20 -2.94 -55.78
N ALA D 374 13.25 -3.88 -55.81
CA ALA D 374 13.03 -4.69 -56.99
C ALA D 374 12.45 -3.82 -58.11
N ASP D 375 11.71 -2.79 -57.72
CA ASP D 375 11.12 -1.86 -58.67
C ASP D 375 12.21 -1.01 -59.32
N GLY D 376 13.40 -1.04 -58.73
CA GLY D 376 14.49 -0.25 -59.28
C GLY D 376 14.46 1.18 -58.78
N LEU D 377 13.66 1.43 -57.75
CA LEU D 377 13.56 2.76 -57.16
C LEU D 377 14.87 3.04 -56.40
N ASP D 378 15.40 4.25 -56.53
CA ASP D 378 16.66 4.57 -55.86
C ASP D 378 16.52 4.67 -54.34
N GLU D 379 17.56 4.22 -53.65
CA GLU D 379 17.62 4.20 -52.19
C GLU D 379 17.15 5.49 -51.51
N GLU D 380 17.44 6.65 -52.10
CA GLU D 380 17.03 7.90 -51.48
C GLU D 380 15.52 8.04 -51.42
N THR D 381 14.84 7.63 -52.49
CA THR D 381 13.39 7.73 -52.52
C THR D 381 12.75 6.70 -51.61
N ILE D 382 13.31 5.49 -51.59
CA ILE D 382 12.79 4.44 -50.75
C ILE D 382 12.83 4.82 -49.27
N ASN D 383 13.97 5.37 -48.83
CA ASN D 383 14.11 5.75 -47.43
C ASN D 383 13.12 6.82 -46.97
N ARG D 384 12.79 7.77 -47.85
CA ARG D 384 11.86 8.82 -47.47
C ARG D 384 10.39 8.41 -47.64
N MET D 385 10.16 7.28 -48.29
CA MET D 385 8.80 6.78 -48.48
C MET D 385 8.53 5.65 -47.48
N ALA D 386 9.60 5.13 -46.90
CA ALA D 386 9.51 4.03 -45.96
C ALA D 386 8.61 4.30 -44.76
N PRO D 387 7.85 3.28 -44.33
CA PRO D 387 6.95 3.44 -43.18
C PRO D 387 7.71 3.74 -41.89
N ILE D 388 8.89 3.13 -41.72
CA ILE D 388 9.72 3.35 -40.55
C ILE D 388 11.02 4.06 -40.94
N GLN D 389 11.31 5.18 -40.29
CA GLN D 389 12.51 5.94 -40.57
C GLN D 389 13.07 6.55 -39.29
N HIS D 390 14.35 6.29 -39.02
CA HIS D 390 15.01 6.82 -37.84
C HIS D 390 14.21 6.62 -36.55
N GLY D 391 13.71 5.41 -36.37
CA GLY D 391 13.00 5.05 -35.14
C GLY D 391 11.56 5.61 -35.02
N THR D 392 11.04 6.28 -36.09
CA THR D 392 9.66 6.76 -36.00
C THR D 392 8.80 6.25 -37.15
N VAL D 393 7.59 5.80 -36.79
CA VAL D 393 6.70 5.22 -37.81
C VAL D 393 5.80 6.30 -38.45
N HIS D 394 5.87 6.39 -39.80
CA HIS D 394 4.99 7.31 -40.54
C HIS D 394 3.66 6.65 -40.90
N MET D 395 2.57 7.02 -40.21
CA MET D 395 1.31 6.32 -40.48
C MET D 395 0.76 6.57 -41.90
N ALA D 396 0.96 7.78 -42.44
CA ALA D 396 0.46 8.11 -43.76
C ALA D 396 1.10 7.24 -44.85
N TRP D 397 2.35 6.83 -44.62
CA TRP D 397 3.08 6.00 -45.58
C TRP D 397 2.58 4.56 -45.56
N ILE D 398 2.19 4.08 -44.38
CA ILE D 398 1.66 2.72 -44.26
C ILE D 398 0.32 2.71 -45.00
N ALA D 399 -0.41 3.80 -44.86
CA ALA D 399 -1.71 3.94 -45.51
C ALA D 399 -1.59 3.92 -47.02
N CYS D 400 -0.72 4.76 -47.56
CA CYS D 400 -0.56 4.86 -49.00
C CYS D 400 -0.05 3.55 -49.62
N TYR D 401 0.80 2.85 -48.88
CA TYR D 401 1.36 1.59 -49.33
C TYR D 401 0.28 0.51 -49.42
N ALA D 402 -0.58 0.39 -48.40
CA ALA D 402 -1.62 -0.61 -48.37
C ALA D 402 -2.92 -0.28 -49.11
N ALA D 403 -3.35 0.98 -49.02
CA ALA D 403 -4.59 1.41 -49.64
C ALA D 403 -4.71 1.20 -51.15
N TYR D 404 -5.87 0.70 -51.59
CA TYR D 404 -6.11 0.47 -53.01
C TYR D 404 -6.70 1.76 -53.60
N SER D 405 -6.97 2.72 -52.73
CA SER D 405 -7.51 4.01 -53.14
C SER D 405 -7.06 5.11 -52.20
N ILE D 406 -6.61 6.22 -52.78
CA ILE D 406 -6.16 7.37 -52.00
C ILE D 406 -6.88 8.56 -52.59
N ASN D 407 -7.65 9.27 -51.78
CA ASN D 407 -8.40 10.41 -52.30
C ASN D 407 -8.26 11.72 -51.55
N GLY D 408 -8.49 12.81 -52.28
CA GLY D 408 -8.44 14.15 -51.72
C GLY D 408 -9.87 14.59 -51.49
N VAL D 409 -10.06 15.77 -50.92
CA VAL D 409 -11.41 16.23 -50.62
C VAL D 409 -11.91 17.40 -51.46
N ALA D 410 -11.12 17.81 -52.44
CA ALA D 410 -11.49 18.90 -53.33
C ALA D 410 -10.63 18.79 -54.59
N ALA D 411 -11.14 19.28 -55.71
CA ALA D 411 -10.38 19.21 -56.97
C ALA D 411 -8.95 19.73 -56.79
N LEU D 412 -8.82 20.97 -56.33
CA LEU D 412 -7.52 21.60 -56.12
C LEU D 412 -6.67 20.86 -55.10
N HIS D 413 -7.30 20.35 -54.05
CA HIS D 413 -6.58 19.61 -53.00
C HIS D 413 -5.97 18.34 -53.58
N THR D 414 -6.77 17.61 -54.35
CA THR D 414 -6.30 16.36 -54.93
C THR D 414 -5.14 16.55 -55.91
N GLU D 415 -5.18 17.63 -56.69
CA GLU D 415 -4.10 17.91 -57.64
C GLU D 415 -2.81 18.16 -56.89
N ILE D 416 -2.91 18.94 -55.82
CA ILE D 416 -1.75 19.28 -55.01
C ILE D 416 -1.08 18.07 -54.34
N ILE D 417 -1.86 17.16 -53.78
CA ILE D 417 -1.24 16.01 -53.13
C ILE D 417 -0.59 15.10 -54.19
N LYS D 418 -1.11 15.12 -55.42
CA LYS D 418 -0.54 14.32 -56.51
C LYS D 418 0.82 14.90 -56.87
N ALA D 419 0.89 16.22 -56.93
CA ALA D 419 2.11 16.93 -57.30
C ALA D 419 3.07 17.24 -56.16
N GLU D 420 2.57 17.31 -54.93
CA GLU D 420 3.42 17.63 -53.79
C GLU D 420 3.37 16.66 -52.61
N THR D 421 2.37 16.86 -51.75
CA THR D 421 2.16 16.06 -50.56
C THR D 421 2.48 14.57 -50.69
N LEU D 422 1.91 13.90 -51.70
CA LEU D 422 2.14 12.48 -51.90
C LEU D 422 2.74 12.17 -53.27
N ALA D 423 3.48 13.13 -53.81
CA ALA D 423 4.11 13.01 -55.11
C ALA D 423 4.77 11.67 -55.38
N ASP D 424 5.59 11.18 -54.45
CA ASP D 424 6.27 9.91 -54.65
C ASP D 424 5.32 8.72 -54.76
N TRP D 425 4.14 8.84 -54.16
CA TRP D 425 3.17 7.77 -54.20
C TRP D 425 2.42 7.81 -55.53
N TYR D 426 2.13 9.02 -56.00
CA TYR D 426 1.42 9.21 -57.26
C TYR D 426 2.34 8.77 -58.41
N ALA D 427 3.63 9.02 -58.25
CA ALA D 427 4.63 8.66 -59.26
C ALA D 427 4.82 7.14 -59.33
N LEU D 428 4.47 6.44 -58.25
CA LEU D 428 4.62 4.99 -58.22
C LEU D 428 3.32 4.27 -58.56
N TRP D 429 2.21 4.74 -57.98
CA TRP D 429 0.91 4.13 -58.21
C TRP D 429 -0.15 5.19 -58.55
N PRO D 430 -0.11 5.75 -59.77
CA PRO D 430 -1.03 6.80 -60.24
C PRO D 430 -2.52 6.37 -60.22
N GLU D 431 -2.77 5.06 -60.31
CA GLU D 431 -4.12 4.53 -60.31
C GLU D 431 -4.88 4.68 -58.99
N LYS D 432 -4.13 4.73 -57.90
CA LYS D 432 -4.75 4.85 -56.58
C LYS D 432 -5.42 6.19 -56.34
N PHE D 433 -4.84 7.26 -56.90
CA PHE D 433 -5.35 8.61 -56.71
C PHE D 433 -6.60 9.03 -57.46
N ASN D 434 -7.56 9.56 -56.71
CA ASN D 434 -8.82 10.06 -57.25
C ASN D 434 -9.28 11.21 -56.35
N ASN D 435 -10.40 11.84 -56.69
CA ASN D 435 -10.93 12.94 -55.88
C ASN D 435 -12.39 12.80 -55.49
N LYS D 436 -12.70 13.19 -54.26
CA LYS D 436 -14.06 13.14 -53.74
C LYS D 436 -14.31 14.44 -52.97
N THR D 437 -14.99 15.39 -53.60
CA THR D 437 -15.25 16.67 -52.96
C THR D 437 -16.21 16.56 -51.77
N ASN D 438 -15.79 17.11 -50.63
CA ASN D 438 -16.61 17.10 -49.42
C ASN D 438 -17.98 17.72 -49.63
N GLY D 439 -18.90 17.38 -48.73
CA GLY D 439 -20.25 17.88 -48.79
C GLY D 439 -20.90 17.77 -47.42
N VAL D 440 -22.13 18.25 -47.28
CA VAL D 440 -22.82 18.17 -46.00
C VAL D 440 -24.22 17.64 -46.30
N THR D 441 -24.92 17.18 -45.28
CA THR D 441 -26.27 16.65 -45.50
C THR D 441 -27.33 17.74 -45.48
N PRO D 442 -28.17 17.81 -46.54
CA PRO D 442 -29.22 18.81 -46.62
C PRO D 442 -30.38 18.51 -45.67
N ARG D 443 -30.35 17.35 -45.02
CA ARG D 443 -31.38 17.02 -44.05
C ARG D 443 -31.12 17.88 -42.82
N ARG D 444 -30.10 17.53 -42.05
CA ARG D 444 -29.79 18.28 -40.84
C ARG D 444 -29.54 19.75 -41.07
N TRP D 445 -28.78 20.08 -42.11
CA TRP D 445 -28.41 21.46 -42.37
C TRP D 445 -29.34 22.36 -43.19
N LEU D 446 -30.48 21.84 -43.59
CA LEU D 446 -31.43 22.66 -44.34
C LEU D 446 -32.87 22.26 -44.01
N ARG D 447 -33.25 21.04 -44.39
CA ARG D 447 -34.60 20.58 -44.15
C ARG D 447 -34.98 20.60 -42.67
N MET D 448 -34.13 20.03 -41.82
CA MET D 448 -34.42 19.97 -40.39
C MET D 448 -34.38 21.32 -39.66
N ILE D 449 -33.36 22.12 -39.93
CA ILE D 449 -33.21 23.39 -39.22
C ILE D 449 -33.86 24.63 -39.84
N ASN D 450 -34.20 24.59 -41.12
CA ASN D 450 -34.80 25.75 -41.76
C ASN D 450 -36.14 25.34 -42.38
N PRO D 451 -37.14 25.05 -41.53
CA PRO D 451 -38.46 24.64 -42.01
C PRO D 451 -39.14 25.71 -42.87
N GLY D 452 -38.84 26.97 -42.57
CA GLY D 452 -39.42 28.05 -43.34
C GLY D 452 -38.97 27.96 -44.78
N LEU D 453 -37.66 27.91 -44.98
CA LEU D 453 -37.10 27.83 -46.32
C LEU D 453 -37.50 26.50 -47.00
N SER D 454 -37.51 25.44 -46.22
CA SER D 454 -37.87 24.12 -46.74
C SER D 454 -39.28 24.14 -47.34
N ASP D 455 -40.18 24.89 -46.72
CA ASP D 455 -41.54 24.97 -47.21
C ASP D 455 -41.63 25.72 -48.52
N LEU D 456 -40.77 26.72 -48.72
CA LEU D 456 -40.80 27.46 -49.97
C LEU D 456 -40.28 26.58 -51.10
N LEU D 457 -39.19 25.88 -50.82
CA LEU D 457 -38.58 24.98 -51.79
C LEU D 457 -39.52 23.86 -52.19
N THR D 458 -40.23 23.30 -51.21
CA THR D 458 -41.16 22.21 -51.47
C THR D 458 -42.40 22.70 -52.23
N ARG D 459 -42.79 23.94 -51.98
CA ARG D 459 -43.95 24.53 -52.63
C ARG D 459 -43.68 24.85 -54.10
N LEU D 460 -42.54 25.47 -54.37
CA LEU D 460 -42.17 25.84 -55.74
C LEU D 460 -41.76 24.65 -56.59
N SER D 461 -41.26 23.61 -55.94
CA SER D 461 -40.84 22.42 -56.67
C SER D 461 -41.96 21.39 -56.83
N GLY D 462 -43.02 21.53 -56.04
CA GLY D 462 -44.12 20.59 -56.15
C GLY D 462 -44.06 19.38 -55.22
N SER D 463 -42.87 19.14 -54.66
CA SER D 463 -42.68 18.01 -53.73
C SER D 463 -41.43 18.25 -52.89
N ASP D 464 -41.13 17.29 -52.02
CA ASP D 464 -39.93 17.41 -51.19
C ASP D 464 -38.87 16.42 -51.66
N ASP D 465 -38.82 16.21 -52.97
CA ASP D 465 -37.85 15.30 -53.58
C ASP D 465 -36.46 15.89 -53.43
N TRP D 466 -36.38 17.21 -53.40
CA TRP D 466 -35.11 17.88 -53.29
C TRP D 466 -34.39 17.52 -51.99
N VAL D 467 -35.14 17.19 -50.93
CA VAL D 467 -34.52 16.87 -49.65
C VAL D 467 -33.49 15.73 -49.77
N THR D 468 -33.71 14.82 -50.70
CA THR D 468 -32.79 13.72 -50.92
C THR D 468 -32.12 13.75 -52.31
N ASP D 469 -32.20 14.90 -52.97
CA ASP D 469 -31.63 15.10 -54.30
C ASP D 469 -31.53 16.62 -54.45
N LEU D 470 -30.66 17.23 -53.66
CA LEU D 470 -30.51 18.67 -53.65
C LEU D 470 -30.31 19.36 -55.01
N ASP D 471 -29.79 18.64 -56.00
CA ASP D 471 -29.59 19.24 -57.32
C ASP D 471 -30.92 19.73 -57.89
N GLU D 472 -32.01 19.13 -57.46
CA GLU D 472 -33.35 19.51 -57.92
C GLU D 472 -33.62 21.00 -57.72
N LEU D 473 -32.82 21.65 -56.84
CA LEU D 473 -33.05 23.06 -56.57
C LEU D 473 -32.58 23.97 -57.72
N LYS D 474 -31.79 23.41 -58.65
CA LYS D 474 -31.37 24.23 -59.77
C LYS D 474 -32.56 24.71 -60.61
N LYS D 475 -33.56 23.80 -60.76
CA LYS D 475 -34.78 24.14 -61.49
C LYS D 475 -35.49 25.37 -60.92
N LEU D 476 -35.11 25.74 -59.69
CA LEU D 476 -35.78 26.86 -59.05
C LEU D 476 -35.01 28.17 -59.27
N ARG D 477 -33.79 28.06 -59.84
CA ARG D 477 -33.04 29.28 -60.05
C ARG D 477 -33.82 30.25 -60.93
N SER D 478 -34.74 29.71 -61.72
CA SER D 478 -35.51 30.54 -62.63
C SER D 478 -36.47 31.51 -61.95
N TYR D 479 -36.72 31.33 -60.64
CA TYR D 479 -37.58 32.24 -59.88
C TYR D 479 -36.74 33.35 -59.26
N ALA D 480 -35.48 33.40 -59.64
CA ALA D 480 -34.55 34.39 -59.12
C ALA D 480 -34.99 35.84 -59.30
N ASP D 481 -35.88 36.09 -60.27
CA ASP D 481 -36.34 37.45 -60.53
C ASP D 481 -37.77 37.70 -60.08
N ASP D 482 -38.44 36.68 -59.56
CA ASP D 482 -39.82 36.88 -59.11
C ASP D 482 -39.81 37.57 -57.75
N LYS D 483 -40.21 38.84 -57.76
CA LYS D 483 -40.26 39.66 -56.56
C LYS D 483 -41.04 39.01 -55.42
N SER D 484 -42.12 38.33 -55.78
CA SER D 484 -42.95 37.67 -54.78
C SER D 484 -42.11 36.63 -54.03
N VAL D 485 -41.35 35.84 -54.76
CA VAL D 485 -40.52 34.80 -54.16
C VAL D 485 -39.37 35.41 -53.36
N LEU D 486 -38.73 36.44 -53.91
CA LEU D 486 -37.63 37.07 -53.21
C LEU D 486 -38.11 37.65 -51.90
N GLU D 487 -39.27 38.27 -51.92
CA GLU D 487 -39.84 38.87 -50.71
C GLU D 487 -40.20 37.78 -49.70
N GLU D 488 -40.48 36.58 -50.20
CA GLU D 488 -40.80 35.45 -49.34
C GLU D 488 -39.52 34.98 -48.64
N LEU D 489 -38.42 35.01 -49.37
CA LEU D 489 -37.13 34.59 -48.84
C LEU D 489 -36.72 35.57 -47.74
N ARG D 490 -37.01 36.84 -47.97
CA ARG D 490 -36.69 37.88 -47.00
C ARG D 490 -37.45 37.66 -45.71
N ALA D 491 -38.73 37.32 -45.83
CA ALA D 491 -39.56 37.08 -44.66
C ALA D 491 -39.10 35.83 -43.91
N ILE D 492 -38.61 34.84 -44.65
CA ILE D 492 -38.12 33.61 -44.03
C ILE D 492 -36.87 33.91 -43.20
N LYS D 493 -35.94 34.68 -43.77
CA LYS D 493 -34.70 35.04 -43.07
C LYS D 493 -35.02 35.90 -41.85
N ALA D 494 -35.95 36.85 -42.01
CA ALA D 494 -36.33 37.72 -40.91
C ALA D 494 -36.88 36.92 -39.73
N ALA D 495 -37.79 35.98 -40.02
CA ALA D 495 -38.35 35.17 -38.95
C ALA D 495 -37.26 34.32 -38.31
N ASN D 496 -36.33 33.81 -39.11
CA ASN D 496 -35.23 33.01 -38.59
C ASN D 496 -34.35 33.86 -37.67
N LYS D 497 -34.10 35.10 -38.08
CA LYS D 497 -33.27 36.00 -37.28
C LYS D 497 -34.00 36.39 -36.01
N GLN D 498 -35.33 36.46 -36.09
CA GLN D 498 -36.14 36.81 -34.95
C GLN D 498 -36.03 35.69 -33.93
N ASP D 499 -36.01 34.45 -34.42
CA ASP D 499 -35.88 33.28 -33.56
C ASP D 499 -34.53 33.29 -32.88
N PHE D 500 -33.48 33.60 -33.64
CA PHE D 500 -32.13 33.63 -33.09
C PHE D 500 -32.00 34.69 -32.00
N ALA D 501 -32.69 35.81 -32.19
CA ALA D 501 -32.64 36.89 -31.22
C ALA D 501 -33.22 36.41 -29.89
N GLU D 502 -34.29 35.62 -29.94
CA GLU D 502 -34.89 35.11 -28.70
C GLU D 502 -33.94 34.04 -28.11
N TRP D 503 -33.37 33.22 -28.98
CA TRP D 503 -32.46 32.15 -28.55
C TRP D 503 -31.23 32.67 -27.81
N ILE D 504 -30.56 33.67 -28.40
CA ILE D 504 -29.37 34.22 -27.79
C ILE D 504 -29.72 35.03 -26.54
N LEU D 505 -30.89 35.66 -26.53
CA LEU D 505 -31.32 36.42 -25.37
C LEU D 505 -31.47 35.50 -24.15
N GLU D 506 -32.10 34.35 -24.38
CA GLU D 506 -32.29 33.36 -23.33
C GLU D 506 -30.97 32.71 -22.93
N ARG D 507 -30.17 32.35 -23.93
CA ARG D 507 -28.90 31.68 -23.67
C ARG D 507 -27.83 32.52 -22.96
N GLN D 508 -27.72 33.81 -23.32
CA GLN D 508 -26.71 34.65 -22.69
C GLN D 508 -27.18 36.05 -22.26
N GLY D 509 -28.48 36.27 -22.31
CA GLY D 509 -29.03 37.55 -21.88
C GLY D 509 -28.60 38.77 -22.67
N ILE D 510 -28.22 38.58 -23.92
CA ILE D 510 -27.82 39.71 -24.76
C ILE D 510 -28.95 40.07 -25.73
N GLU D 511 -29.28 41.36 -25.82
CA GLU D 511 -30.35 41.84 -26.70
C GLU D 511 -29.74 42.31 -28.03
N ILE D 512 -30.21 41.77 -29.15
CA ILE D 512 -29.68 42.19 -30.44
C ILE D 512 -30.81 42.68 -31.34
N ASP D 513 -30.47 43.37 -32.43
CA ASP D 513 -31.46 43.89 -33.36
C ASP D 513 -31.75 42.86 -34.45
N PRO D 514 -32.98 42.29 -34.44
CA PRO D 514 -33.44 41.28 -35.40
C PRO D 514 -33.41 41.74 -36.86
N GLU D 515 -33.29 43.04 -37.06
CA GLU D 515 -33.25 43.62 -38.40
C GLU D 515 -31.85 43.88 -38.95
N SER D 516 -30.87 43.92 -38.05
CA SER D 516 -29.50 44.16 -38.46
C SER D 516 -28.96 43.00 -39.27
N ILE D 517 -27.78 43.22 -39.88
CA ILE D 517 -27.13 42.19 -40.67
C ILE D 517 -26.48 41.20 -39.71
N PHE D 518 -26.76 39.92 -39.88
CA PHE D 518 -26.14 38.90 -39.03
C PHE D 518 -24.88 38.44 -39.76
N ASP D 519 -23.75 39.02 -39.32
CA ASP D 519 -22.40 38.76 -39.80
C ASP D 519 -21.71 37.65 -39.00
N VAL D 520 -21.50 36.47 -39.65
CA VAL D 520 -21.11 35.29 -38.84
C VAL D 520 -19.78 34.65 -39.26
N GLN D 521 -18.92 34.46 -38.22
CA GLN D 521 -17.74 33.60 -38.37
C GLN D 521 -17.72 32.48 -37.31
N ILE D 522 -17.89 31.24 -37.77
CA ILE D 522 -17.89 30.08 -36.89
C ILE D 522 -16.90 29.02 -37.39
N LYS D 523 -15.68 29.10 -36.86
CA LYS D 523 -14.60 28.18 -37.20
C LYS D 523 -13.78 28.01 -35.93
N ARG D 524 -12.97 26.95 -35.88
CA ARG D 524 -12.09 26.72 -34.74
C ARG D 524 -11.17 27.96 -34.74
N LEU D 525 -10.65 28.37 -33.58
CA LEU D 525 -9.79 29.53 -33.59
C LEU D 525 -8.35 29.21 -33.89
N HIS D 526 -7.88 29.71 -35.03
CA HIS D 526 -6.52 29.55 -35.50
C HIS D 526 -6.14 30.92 -36.05
N GLU D 527 -4.87 31.27 -35.95
CA GLU D 527 -4.44 32.57 -36.49
C GLU D 527 -4.65 32.60 -38.00
N TYR D 528 -4.51 31.46 -38.68
CA TYR D 528 -4.67 31.42 -40.14
C TYR D 528 -6.14 31.47 -40.57
N LYS D 529 -7.04 31.33 -39.62
CA LYS D 529 -8.47 31.47 -39.88
C LYS D 529 -8.86 32.94 -39.80
N ARG D 530 -7.96 33.71 -39.13
CA ARG D 530 -8.01 35.18 -39.13
C ARG D 530 -9.26 35.75 -38.47
N GLN D 531 -9.66 35.17 -37.32
CA GLN D 531 -10.68 35.84 -36.52
C GLN D 531 -10.22 37.22 -36.04
N LEU D 532 -8.90 37.34 -35.95
CA LEU D 532 -8.25 38.58 -35.51
C LEU D 532 -8.52 39.70 -36.53
N MET D 533 -8.47 39.37 -37.81
CA MET D 533 -8.71 40.37 -38.86
C MET D 533 -10.14 40.85 -38.74
N ASN D 534 -11.04 39.91 -38.49
CA ASN D 534 -12.46 40.23 -38.33
C ASN D 534 -12.60 41.20 -37.15
N ALA D 535 -11.92 40.90 -36.06
CA ALA D 535 -11.99 41.74 -34.86
C ALA D 535 -11.41 43.13 -35.10
N LEU D 536 -10.34 43.21 -35.88
CA LEU D 536 -9.74 44.51 -36.17
C LEU D 536 -10.76 45.36 -36.91
N TYR D 537 -11.43 44.76 -37.88
CA TYR D 537 -12.45 45.47 -38.64
C TYR D 537 -13.52 46.02 -37.72
N VAL D 538 -13.96 45.19 -36.76
CA VAL D 538 -14.97 45.61 -35.81
C VAL D 538 -14.46 46.76 -34.94
N LEU D 539 -13.22 46.64 -34.47
CA LEU D 539 -12.62 47.67 -33.64
C LEU D 539 -12.53 48.97 -34.45
N ASP D 540 -12.07 48.89 -35.69
CA ASP D 540 -11.96 50.07 -36.55
C ASP D 540 -13.34 50.70 -36.75
N LEU D 541 -14.30 49.86 -37.14
CA LEU D 541 -15.67 50.32 -37.38
C LEU D 541 -16.18 51.01 -36.13
N TYR D 542 -15.76 50.53 -34.96
CA TYR D 542 -16.18 51.13 -33.71
C TYR D 542 -15.71 52.58 -33.65
N PHE D 543 -14.49 52.83 -34.13
CA PHE D 543 -13.94 54.18 -34.11
C PHE D 543 -14.55 55.08 -35.18
N ARG D 544 -14.78 54.54 -36.36
CA ARG D 544 -15.37 55.32 -37.44
C ARG D 544 -16.72 55.87 -36.96
N ILE D 545 -17.52 55.00 -36.37
CA ILE D 545 -18.82 55.40 -35.85
C ILE D 545 -18.66 56.30 -34.63
N LYS D 546 -17.68 55.93 -33.77
CA LYS D 546 -17.57 56.65 -32.52
C LYS D 546 -17.02 58.07 -32.69
N GLU D 547 -16.03 58.20 -33.62
CA GLU D 547 -15.27 59.45 -33.75
C GLU D 547 -15.35 60.05 -35.18
N ASP D 548 -15.40 59.15 -36.18
CA ASP D 548 -15.35 59.59 -37.57
C ASP D 548 -16.75 59.94 -38.12
N GLY D 549 -17.77 59.75 -37.25
CA GLY D 549 -19.13 60.17 -37.63
C GLY D 549 -19.75 59.24 -38.66
N LEU D 550 -19.26 58.01 -38.84
CA LEU D 550 -19.87 57.10 -39.82
C LEU D 550 -21.33 56.80 -39.41
N THR D 551 -22.29 57.19 -40.26
CA THR D 551 -23.71 56.99 -39.96
C THR D 551 -24.53 56.23 -40.99
N ASP D 552 -24.27 56.50 -42.26
CA ASP D 552 -25.07 55.85 -43.25
C ASP D 552 -24.68 54.42 -43.58
N ILE D 553 -25.03 53.52 -42.67
CA ILE D 553 -24.72 52.11 -42.81
C ILE D 553 -25.81 51.39 -42.05
N PRO D 554 -26.09 50.13 -42.43
CA PRO D 554 -27.10 49.31 -41.77
C PRO D 554 -26.51 48.86 -40.45
N ALA D 555 -27.38 48.57 -39.49
CA ALA D 555 -26.94 48.10 -38.19
C ALA D 555 -26.49 46.65 -38.40
N ARG D 556 -25.49 46.20 -37.64
CA ARG D 556 -25.05 44.84 -37.81
C ARG D 556 -24.68 44.19 -36.50
N THR D 557 -24.81 42.87 -36.45
CA THR D 557 -24.48 42.11 -35.26
C THR D 557 -23.42 41.11 -35.71
N VAL D 558 -22.21 41.28 -35.20
CA VAL D 558 -21.13 40.37 -35.57
C VAL D 558 -21.17 39.22 -34.60
N ILE D 559 -21.28 38.01 -35.14
CA ILE D 559 -21.38 36.80 -34.33
C ILE D 559 -20.15 35.89 -34.51
N PHE D 560 -19.51 35.60 -33.35
CA PHE D 560 -18.41 34.66 -33.25
C PHE D 560 -18.85 33.32 -32.64
N GLY D 561 -18.30 32.23 -33.20
CA GLY D 561 -18.32 30.98 -32.50
C GLY D 561 -17.02 30.22 -32.72
N ALA D 562 -16.36 29.87 -31.61
CA ALA D 562 -15.04 29.27 -31.78
C ALA D 562 -14.44 28.84 -30.44
N LYS D 563 -13.92 27.60 -30.47
CA LYS D 563 -13.06 27.13 -29.40
C LYS D 563 -11.59 27.26 -29.78
N ALA D 564 -10.73 27.38 -28.78
CA ALA D 564 -9.29 27.49 -29.00
C ALA D 564 -8.63 26.32 -28.29
N ALA D 565 -7.64 25.70 -28.93
CA ALA D 565 -6.93 24.59 -28.31
C ALA D 565 -6.42 25.12 -26.98
N PRO D 566 -6.58 24.33 -25.91
CA PRO D 566 -6.14 24.69 -24.55
C PRO D 566 -4.79 25.39 -24.40
N GLY D 567 -3.76 24.88 -25.07
CA GLY D 567 -2.44 25.49 -24.93
C GLY D 567 -2.05 26.50 -25.98
N TYR D 568 -2.96 26.78 -26.91
CA TYR D 568 -2.71 27.74 -27.97
C TYR D 568 -2.84 29.16 -27.41
N VAL D 569 -1.72 29.70 -26.91
CA VAL D 569 -1.70 31.03 -26.30
C VAL D 569 -2.31 32.17 -27.12
N ARG D 570 -1.86 32.36 -28.35
CA ARG D 570 -2.40 33.45 -29.18
C ARG D 570 -3.88 33.30 -29.47
N ALA D 571 -4.31 32.07 -29.70
CA ALA D 571 -5.71 31.82 -29.97
C ALA D 571 -6.57 32.24 -28.76
N LYS D 572 -6.12 31.89 -27.57
CA LYS D 572 -6.89 32.25 -26.39
C LYS D 572 -6.84 33.75 -26.14
N ALA D 573 -5.76 34.38 -26.59
CA ALA D 573 -5.60 35.81 -26.44
C ALA D 573 -6.58 36.50 -27.40
N ILE D 574 -6.77 35.90 -28.57
CA ILE D 574 -7.68 36.44 -29.57
C ILE D 574 -9.13 36.36 -29.09
N ILE D 575 -9.44 35.27 -28.38
CA ILE D 575 -10.79 35.08 -27.83
C ILE D 575 -11.01 36.15 -26.76
N LYS D 576 -9.99 36.37 -25.94
CA LYS D 576 -10.08 37.39 -24.91
C LYS D 576 -10.27 38.77 -25.56
N LEU D 577 -9.59 38.99 -26.68
CA LEU D 577 -9.69 40.25 -27.40
C LEU D 577 -11.10 40.44 -27.96
N ILE D 578 -11.62 39.41 -28.61
CA ILE D 578 -12.96 39.49 -29.17
C ILE D 578 -13.93 39.87 -28.05
N ASN D 579 -13.78 39.23 -26.90
CA ASN D 579 -14.64 39.52 -25.75
C ASN D 579 -14.45 40.93 -25.23
N SER D 580 -13.22 41.44 -25.29
CA SER D 580 -12.94 42.80 -24.82
C SER D 580 -13.55 43.84 -25.76
N ILE D 581 -13.43 43.59 -27.05
CA ILE D 581 -13.99 44.49 -28.05
C ILE D 581 -15.51 44.48 -27.90
N ALA D 582 -16.07 43.29 -27.68
CA ALA D 582 -17.51 43.14 -27.50
C ALA D 582 -18.01 44.01 -26.34
N ASP D 583 -17.32 43.95 -25.21
CA ASP D 583 -17.70 44.75 -24.05
C ASP D 583 -17.63 46.24 -24.43
N LEU D 584 -16.52 46.63 -25.04
CA LEU D 584 -16.31 48.01 -25.45
C LEU D 584 -17.40 48.50 -26.40
N VAL D 585 -17.71 47.70 -27.41
CA VAL D 585 -18.73 48.07 -28.39
C VAL D 585 -20.18 47.98 -27.87
N ASN D 586 -20.52 46.86 -27.23
CA ASN D 586 -21.87 46.67 -26.72
C ASN D 586 -22.34 47.66 -25.66
N ASN D 587 -21.42 48.13 -24.84
CA ASN D 587 -21.80 49.06 -23.78
C ASN D 587 -21.72 50.54 -24.14
N ASP D 588 -21.30 50.84 -25.36
CA ASP D 588 -21.19 52.23 -25.79
C ASP D 588 -22.46 52.69 -26.49
N PRO D 589 -23.28 53.52 -25.81
CA PRO D 589 -24.54 54.05 -26.34
C PRO D 589 -24.42 54.70 -27.71
N GLU D 590 -23.23 55.16 -28.04
CA GLU D 590 -22.99 55.82 -29.33
C GLU D 590 -22.64 54.84 -30.44
N VAL D 591 -22.51 53.56 -30.11
CA VAL D 591 -22.16 52.56 -31.12
C VAL D 591 -23.10 51.35 -31.15
N SER D 592 -23.53 50.91 -29.98
CA SER D 592 -24.41 49.76 -29.88
C SER D 592 -25.56 49.72 -30.88
N PRO D 593 -26.28 50.85 -31.05
CA PRO D 593 -27.40 50.86 -32.00
C PRO D 593 -27.04 50.51 -33.44
N LEU D 594 -25.75 50.58 -33.79
CA LEU D 594 -25.32 50.25 -35.15
C LEU D 594 -24.40 49.04 -35.21
N LEU D 595 -23.86 48.67 -34.05
CA LEU D 595 -22.93 47.55 -34.01
C LEU D 595 -22.90 46.87 -32.66
N LYS D 596 -23.03 45.54 -32.67
CA LYS D 596 -22.97 44.77 -31.45
C LYS D 596 -22.23 43.50 -31.79
N VAL D 597 -21.54 42.96 -30.81
CA VAL D 597 -20.78 41.74 -31.02
C VAL D 597 -21.37 40.69 -30.11
N VAL D 598 -21.47 39.49 -30.64
CA VAL D 598 -22.01 38.37 -29.90
C VAL D 598 -21.03 37.21 -30.00
N PHE D 599 -20.54 36.75 -28.86
CA PHE D 599 -19.64 35.62 -28.88
C PHE D 599 -20.45 34.44 -28.36
N VAL D 600 -20.82 33.55 -29.25
CA VAL D 600 -21.59 32.38 -28.87
C VAL D 600 -20.68 31.40 -28.13
N GLU D 601 -20.99 31.17 -26.87
CA GLU D 601 -20.22 30.30 -26.00
C GLU D 601 -20.36 28.82 -26.39
N ASN D 602 -19.28 28.07 -26.20
CA ASN D 602 -19.26 26.64 -26.50
C ASN D 602 -19.94 26.28 -27.82
N TYR D 603 -19.42 26.86 -28.90
CA TYR D 603 -19.94 26.61 -30.24
C TYR D 603 -19.85 25.12 -30.55
N ASN D 604 -20.96 24.56 -31.03
CA ASN D 604 -21.05 23.14 -31.39
C ASN D 604 -22.17 22.94 -32.40
N VAL D 605 -22.51 21.66 -32.65
CA VAL D 605 -23.48 21.38 -33.71
C VAL D 605 -24.79 22.13 -33.49
N SER D 606 -25.31 22.02 -32.25
CA SER D 606 -26.65 22.52 -32.02
C SER D 606 -26.75 24.06 -32.10
N PRO D 607 -25.73 24.77 -31.55
CA PRO D 607 -25.58 26.21 -31.78
C PRO D 607 -25.47 26.58 -33.27
N ALA D 608 -24.69 25.77 -34.03
CA ALA D 608 -24.64 25.98 -35.47
C ALA D 608 -26.02 25.88 -36.13
N GLU D 609 -26.82 24.92 -35.61
CA GLU D 609 -28.17 24.74 -36.14
C GLU D 609 -29.07 25.96 -35.90
N HIS D 610 -28.79 26.73 -34.84
CA HIS D 610 -29.58 27.93 -34.54
C HIS D 610 -29.04 29.18 -35.23
N ILE D 611 -27.76 29.15 -35.56
CA ILE D 611 -27.09 30.27 -36.20
C ILE D 611 -27.29 30.29 -37.72
N LEU D 612 -26.98 29.18 -38.38
CA LEU D 612 -27.08 29.10 -39.83
C LEU D 612 -28.33 29.66 -40.53
N PRO D 613 -29.53 29.21 -40.11
CA PRO D 613 -30.75 29.72 -40.77
C PRO D 613 -30.97 31.21 -40.64
N ALA D 614 -30.33 31.83 -39.65
CA ALA D 614 -30.50 33.27 -39.46
C ALA D 614 -29.33 34.11 -39.95
N SER D 615 -28.34 33.48 -40.57
CA SER D 615 -27.18 34.22 -41.02
C SER D 615 -27.33 34.90 -42.38
N ASP D 616 -26.80 36.12 -42.47
CA ASP D 616 -26.82 36.91 -43.71
C ASP D 616 -25.46 36.85 -44.40
N VAL D 617 -24.42 36.94 -43.57
CA VAL D 617 -23.06 36.92 -44.04
C VAL D 617 -22.23 35.77 -43.49
N SER D 618 -21.62 35.02 -44.40
CA SER D 618 -20.77 33.89 -44.06
C SER D 618 -19.31 34.32 -44.20
N GLU D 619 -18.62 34.45 -43.07
CA GLU D 619 -17.22 34.85 -43.08
C GLU D 619 -16.29 33.66 -43.25
N GLN D 620 -15.63 33.58 -44.41
CA GLN D 620 -14.69 32.51 -44.72
C GLN D 620 -13.45 33.27 -45.19
N ILE D 621 -12.73 33.86 -44.23
CA ILE D 621 -11.58 34.74 -44.56
C ILE D 621 -10.18 34.16 -44.28
N SER D 622 -10.06 32.82 -44.24
CA SER D 622 -8.73 32.25 -44.02
C SER D 622 -7.75 32.75 -45.07
N THR D 623 -6.47 32.80 -44.67
CA THR D 623 -5.44 33.22 -45.60
C THR D 623 -5.43 32.30 -46.84
N ALA D 624 -5.44 32.93 -48.05
CA ALA D 624 -5.54 32.15 -49.30
C ALA D 624 -4.49 31.03 -49.39
N GLY D 625 -4.96 29.81 -49.73
CA GLY D 625 -4.02 28.71 -49.84
C GLY D 625 -3.95 27.86 -48.56
N LYS D 626 -4.68 28.26 -47.52
CA LYS D 626 -4.67 27.54 -46.25
C LYS D 626 -5.81 26.55 -46.04
N GLU D 627 -6.90 26.70 -46.80
CA GLU D 627 -8.06 25.81 -46.67
C GLU D 627 -8.22 24.86 -47.85
N ALA D 628 -8.25 23.56 -47.57
CA ALA D 628 -8.42 22.57 -48.63
C ALA D 628 -9.90 22.40 -48.94
N SER D 629 -10.73 22.60 -47.92
CA SER D 629 -12.18 22.47 -48.05
C SER D 629 -12.90 23.61 -47.32
N GLY D 630 -13.96 23.25 -46.59
CA GLY D 630 -14.72 24.23 -45.86
C GLY D 630 -16.21 23.89 -45.91
N THR D 631 -16.59 22.84 -45.15
CA THR D 631 -17.97 22.39 -45.17
C THR D 631 -18.94 23.36 -44.48
N SER D 632 -18.45 24.13 -43.47
CA SER D 632 -19.36 25.14 -42.92
C SER D 632 -19.76 26.17 -43.98
N ASN D 633 -18.78 26.45 -44.88
CA ASN D 633 -19.05 27.30 -46.03
C ASN D 633 -20.33 26.87 -46.72
N MET D 634 -20.38 25.56 -46.98
CA MET D 634 -21.46 24.95 -47.73
C MET D 634 -22.80 25.05 -47.01
N LYS D 635 -22.76 24.89 -45.69
CA LYS D 635 -23.95 24.97 -44.85
C LYS D 635 -24.56 26.36 -44.90
N PHE D 636 -23.70 27.39 -44.92
CA PHE D 636 -24.16 28.77 -45.00
C PHE D 636 -24.85 29.02 -46.34
N MET D 637 -24.29 28.42 -47.39
CA MET D 637 -24.82 28.58 -48.75
C MET D 637 -26.25 28.05 -48.84
N MET D 638 -26.47 26.87 -48.27
CA MET D 638 -27.77 26.23 -48.28
C MET D 638 -28.87 27.00 -47.56
N ASN D 639 -28.47 27.90 -46.68
CA ASN D 639 -29.41 28.68 -45.88
C ASN D 639 -29.59 30.15 -46.24
N GLY D 640 -29.09 30.53 -47.40
CA GLY D 640 -29.26 31.91 -47.84
C GLY D 640 -28.32 32.95 -47.29
N ALA D 641 -27.10 32.54 -46.92
CA ALA D 641 -26.11 33.47 -46.41
C ALA D 641 -25.13 33.70 -47.54
N LEU D 642 -24.71 34.96 -47.73
CA LEU D 642 -23.76 35.29 -48.79
C LEU D 642 -22.32 35.15 -48.27
N THR D 643 -21.48 34.49 -49.06
CA THR D 643 -20.09 34.27 -48.70
C THR D 643 -19.16 35.47 -48.85
N LEU D 644 -18.53 35.85 -47.76
CA LEU D 644 -17.56 36.93 -47.77
C LEU D 644 -16.26 36.22 -47.47
N GLY D 645 -15.42 36.05 -48.49
CA GLY D 645 -14.18 35.34 -48.23
C GLY D 645 -13.09 35.44 -49.27
N THR D 646 -12.03 34.69 -49.03
CA THR D 646 -10.89 34.64 -49.94
C THR D 646 -11.04 33.53 -50.97
N MET D 647 -10.09 33.54 -51.94
CA MET D 647 -10.14 32.61 -53.07
C MET D 647 -9.50 31.29 -52.73
N ASP D 648 -10.21 30.53 -51.90
CA ASP D 648 -9.55 29.44 -51.25
C ASP D 648 -10.55 28.43 -50.67
N GLY D 649 -10.19 27.14 -50.78
CA GLY D 649 -11.06 26.08 -50.25
C GLY D 649 -12.45 26.06 -50.94
N ALA D 650 -13.49 25.76 -50.14
CA ALA D 650 -14.85 25.66 -50.70
C ALA D 650 -15.30 26.95 -51.40
N ASN D 651 -14.71 28.09 -51.07
CA ASN D 651 -15.11 29.35 -51.71
C ASN D 651 -14.86 29.32 -53.21
N VAL D 652 -13.81 28.62 -53.63
CA VAL D 652 -13.51 28.53 -55.05
C VAL D 652 -14.68 27.89 -55.78
N GLU D 653 -15.13 26.76 -55.23
CA GLU D 653 -16.25 26.07 -55.85
C GLU D 653 -17.59 26.80 -55.68
N ILE D 654 -17.71 27.63 -54.62
CA ILE D 654 -18.93 28.43 -54.50
C ILE D 654 -19.04 29.50 -55.59
N VAL D 655 -17.94 30.27 -55.80
CA VAL D 655 -17.94 31.19 -56.92
C VAL D 655 -18.10 30.48 -58.27
N ASP D 656 -17.39 29.34 -58.44
CA ASP D 656 -17.55 28.61 -59.71
C ASP D 656 -19.03 28.32 -60.01
N SER D 657 -19.83 28.25 -58.92
CA SER D 657 -21.23 27.86 -59.09
C SER D 657 -22.20 29.07 -59.14
N VAL D 658 -21.91 30.12 -58.34
CA VAL D 658 -22.84 31.26 -58.34
C VAL D 658 -22.28 32.47 -59.07
N GLY D 659 -21.04 32.42 -59.55
CA GLY D 659 -20.50 33.57 -60.23
C GLY D 659 -19.98 34.61 -59.26
N GLU D 660 -18.97 35.35 -59.70
CA GLU D 660 -18.31 36.37 -58.89
C GLU D 660 -19.25 37.49 -58.46
N GLU D 661 -20.38 37.62 -59.12
CA GLU D 661 -21.34 38.67 -58.77
C GLU D 661 -22.33 38.28 -57.67
N ASN D 662 -22.30 37.01 -57.28
CA ASN D 662 -23.19 36.51 -56.23
C ASN D 662 -22.44 36.06 -55.00
N ALA D 663 -21.26 36.63 -54.82
CA ALA D 663 -20.40 36.33 -53.68
C ALA D 663 -19.49 37.55 -53.54
N TYR D 664 -18.79 37.66 -52.43
CA TYR D 664 -17.89 38.79 -52.20
C TYR D 664 -16.50 38.25 -51.93
N ILE D 665 -15.74 38.03 -53.00
CA ILE D 665 -14.38 37.52 -52.89
C ILE D 665 -13.38 38.67 -52.78
N PHE D 666 -12.45 38.54 -51.80
CA PHE D 666 -11.44 39.58 -51.60
C PHE D 666 -10.06 38.99 -51.32
N GLY D 667 -9.06 39.88 -51.21
CA GLY D 667 -7.77 39.45 -50.69
C GLY D 667 -6.80 38.97 -51.77
N ALA D 668 -5.54 38.80 -51.35
CA ALA D 668 -4.55 38.26 -52.25
C ALA D 668 -4.84 36.80 -52.59
N ARG D 669 -4.46 36.41 -53.82
CA ARG D 669 -4.65 35.02 -54.22
C ARG D 669 -3.43 34.15 -53.87
N VAL D 670 -3.64 32.82 -53.82
CA VAL D 670 -2.51 31.99 -53.44
C VAL D 670 -1.26 32.17 -54.32
N GLU D 671 -1.43 32.64 -55.55
CA GLU D 671 -0.20 32.75 -56.33
C GLU D 671 0.45 34.15 -56.20
N GLU D 672 -0.29 35.09 -55.54
CA GLU D 672 0.25 36.45 -55.39
C GLU D 672 1.04 36.60 -54.09
N LEU D 673 0.64 35.85 -53.07
CA LEU D 673 1.26 35.91 -51.76
C LEU D 673 2.77 35.68 -51.72
N PRO D 674 3.30 34.66 -52.43
CA PRO D 674 4.75 34.51 -52.34
C PRO D 674 5.53 35.72 -52.81
N ALA D 675 4.94 36.48 -53.71
CA ALA D 675 5.60 37.69 -54.22
C ALA D 675 5.36 38.81 -53.22
N LEU D 676 4.14 38.88 -52.68
CA LEU D 676 3.75 39.90 -51.71
C LEU D 676 4.47 39.76 -50.36
N ARG D 677 4.78 38.52 -49.97
CA ARG D 677 5.45 38.28 -48.69
C ARG D 677 6.91 38.74 -48.74
N GLU D 678 7.52 38.57 -49.91
CA GLU D 678 8.92 38.94 -50.13
C GLU D 678 9.25 40.38 -49.71
N SER D 679 8.35 41.31 -50.02
CA SER D 679 8.56 42.73 -49.69
C SER D 679 7.51 43.27 -48.73
N TYR D 680 6.95 42.38 -47.92
CA TYR D 680 5.92 42.74 -46.95
C TYR D 680 6.39 43.73 -45.89
N LYS D 681 5.71 44.87 -45.81
CA LYS D 681 6.06 45.91 -44.83
C LYS D 681 4.89 46.22 -43.88
N PRO D 682 4.55 45.27 -42.99
CA PRO D 682 3.46 45.44 -42.04
C PRO D 682 3.53 46.68 -41.18
N TYR D 683 4.73 47.11 -40.79
CA TYR D 683 4.85 48.31 -39.97
C TYR D 683 4.41 49.51 -40.80
N GLU D 684 4.63 49.42 -42.10
CA GLU D 684 4.22 50.48 -43.01
C GLU D 684 2.72 50.57 -43.00
N LEU D 685 2.06 49.41 -43.19
CA LEU D 685 0.60 49.39 -43.19
C LEU D 685 0.02 49.99 -41.91
N TYR D 686 0.73 49.68 -40.82
CA TYR D 686 0.27 50.07 -39.51
C TYR D 686 0.18 51.60 -39.37
N GLU D 687 1.18 52.27 -39.98
CA GLU D 687 1.25 53.72 -39.91
C GLU D 687 0.53 54.43 -41.08
N THR D 688 0.42 53.75 -42.24
CA THR D 688 -0.19 54.44 -43.38
C THR D 688 -1.67 54.07 -43.61
N VAL D 689 -2.02 52.76 -43.58
CA VAL D 689 -3.41 52.36 -43.88
C VAL D 689 -4.45 53.10 -42.97
N PRO D 690 -5.36 53.89 -43.62
CA PRO D 690 -6.28 54.79 -42.90
C PRO D 690 -7.05 54.14 -41.70
N GLY D 691 -6.72 54.63 -40.48
CA GLY D 691 -7.45 54.20 -39.30
C GLY D 691 -6.74 53.02 -38.63
N LEU D 692 -5.89 52.29 -39.35
CA LEU D 692 -5.24 51.14 -38.75
C LEU D 692 -4.46 51.42 -37.47
N LYS D 693 -3.57 52.41 -37.50
CA LYS D 693 -2.78 52.75 -36.32
C LYS D 693 -3.69 52.96 -35.13
N ARG D 694 -4.85 53.56 -35.39
CA ARG D 694 -5.81 53.80 -34.32
C ARG D 694 -6.34 52.49 -33.74
N ALA D 695 -6.66 51.55 -34.63
CA ALA D 695 -7.19 50.26 -34.22
C ALA D 695 -6.18 49.40 -33.45
N LEU D 696 -4.99 49.22 -34.02
CA LEU D 696 -3.94 48.43 -33.38
C LEU D 696 -3.40 49.04 -32.10
N ASP D 697 -3.46 50.36 -31.95
CA ASP D 697 -2.95 51.00 -30.73
C ASP D 697 -3.94 50.81 -29.58
N ALA D 698 -5.22 50.67 -29.94
CA ALA D 698 -6.26 50.48 -28.94
C ALA D 698 -5.94 49.20 -28.16
N LEU D 699 -5.20 48.30 -28.77
CA LEU D 699 -4.81 47.06 -28.13
C LEU D 699 -3.97 47.26 -26.87
N ASP D 700 -2.97 48.15 -26.96
CA ASP D 700 -2.09 48.39 -25.82
C ASP D 700 -2.05 49.79 -25.22
N ASN D 701 -3.04 50.63 -25.53
CA ASN D 701 -3.04 51.97 -24.97
C ASN D 701 -4.06 52.18 -23.87
N GLY D 702 -4.70 51.09 -23.44
CA GLY D 702 -5.67 51.20 -22.37
C GLY D 702 -7.14 51.18 -22.77
N THR D 703 -7.42 51.18 -24.06
CA THR D 703 -8.79 51.15 -24.52
C THR D 703 -9.42 49.79 -24.23
N LEU D 704 -8.65 48.73 -24.49
CA LEU D 704 -9.12 47.36 -24.27
C LEU D 704 -8.39 46.76 -23.07
N ASN D 705 -9.11 46.03 -22.24
CA ASN D 705 -8.53 45.44 -21.03
C ASN D 705 -8.15 43.96 -21.11
N ASP D 706 -6.86 43.63 -21.02
CA ASP D 706 -6.44 42.23 -21.07
C ASP D 706 -6.00 41.78 -19.68
N ASN D 707 -6.45 42.51 -18.68
CA ASN D 707 -6.15 42.22 -17.28
C ASN D 707 -4.65 42.31 -17.00
N ASN D 708 -3.99 43.33 -17.54
CA ASN D 708 -2.55 43.52 -17.35
C ASN D 708 -1.78 42.21 -17.59
N SER D 709 -2.19 41.46 -18.61
CA SER D 709 -1.53 40.20 -18.93
C SER D 709 -0.50 40.38 -20.03
N GLY D 710 -0.64 41.46 -20.81
CA GLY D 710 0.30 41.67 -21.88
C GLY D 710 -0.03 40.86 -23.13
N LEU D 711 -1.21 40.25 -23.13
CA LEU D 711 -1.67 39.46 -24.26
C LEU D 711 -1.99 40.32 -25.49
N PHE D 712 -2.67 41.45 -25.28
CA PHE D 712 -3.01 42.33 -26.40
C PHE D 712 -1.77 42.95 -27.02
N TYR D 713 -0.82 43.32 -26.17
CA TYR D 713 0.44 43.89 -26.63
C TYR D 713 1.13 42.84 -27.50
N ASP D 714 1.06 41.60 -27.06
CA ASP D 714 1.67 40.48 -27.79
C ASP D 714 1.03 40.31 -29.16
N LEU D 715 -0.29 40.35 -29.21
CA LEU D 715 -1.01 40.21 -30.47
C LEU D 715 -0.65 41.36 -31.38
N LYS D 716 -0.69 42.58 -30.84
CA LYS D 716 -0.36 43.76 -31.62
C LYS D 716 0.99 43.60 -32.33
N HIS D 717 2.01 43.16 -31.60
CA HIS D 717 3.32 42.99 -32.21
C HIS D 717 3.46 41.75 -33.08
N SER D 718 2.57 40.77 -32.93
CA SER D 718 2.65 39.59 -33.77
C SER D 718 2.21 39.97 -35.18
N LEU D 719 1.70 41.19 -35.32
CA LEU D 719 1.22 41.67 -36.62
C LEU D 719 2.10 42.80 -37.19
N ILE D 720 2.47 43.77 -36.36
CA ILE D 720 3.28 44.90 -36.84
C ILE D 720 4.78 44.69 -36.77
N HIS D 721 5.23 43.59 -36.20
CA HIS D 721 6.66 43.34 -36.09
C HIS D 721 7.30 42.65 -37.28
N GLY D 722 8.52 43.08 -37.61
CA GLY D 722 9.24 42.46 -38.71
C GLY D 722 8.96 43.03 -40.07
N TYR D 723 9.43 42.30 -41.07
CA TYR D 723 9.30 42.67 -42.47
C TYR D 723 9.79 41.47 -43.28
N GLY D 724 9.49 41.51 -44.56
CA GLY D 724 9.95 40.45 -45.46
C GLY D 724 9.27 39.10 -45.20
N LYS D 725 9.88 38.05 -45.81
CA LYS D 725 9.35 36.69 -45.71
C LYS D 725 9.27 36.19 -44.26
N ASP D 726 9.90 36.90 -43.33
CA ASP D 726 9.88 36.41 -41.96
C ASP D 726 9.23 37.37 -40.99
N ALA D 727 8.38 38.23 -41.53
CA ALA D 727 7.63 39.10 -40.66
C ALA D 727 6.72 38.29 -39.74
N SER D 728 6.42 38.82 -38.57
CA SER D 728 5.58 38.13 -37.59
C SER D 728 4.15 37.86 -38.08
N ASP D 729 3.63 38.76 -38.92
CA ASP D 729 2.29 38.60 -39.46
C ASP D 729 2.28 37.49 -40.52
N THR D 730 2.48 36.27 -40.05
CA THR D 730 2.54 35.06 -40.89
C THR D 730 1.37 34.94 -41.90
N TYR D 731 0.15 35.31 -41.45
CA TYR D 731 -1.03 35.01 -42.28
C TYR D 731 -1.60 36.24 -42.99
N TYR D 732 -0.71 37.24 -43.23
CA TYR D 732 -1.08 38.42 -44.04
C TYR D 732 -2.35 39.11 -43.53
N VAL D 733 -2.46 39.28 -42.21
CA VAL D 733 -3.63 39.94 -41.64
C VAL D 733 -3.64 41.42 -42.02
N LEU D 734 -2.51 42.09 -41.88
CA LEU D 734 -2.44 43.50 -42.23
C LEU D 734 -2.45 43.69 -43.75
N GLY D 735 -1.91 42.71 -44.45
CA GLY D 735 -1.86 42.78 -45.91
C GLY D 735 -3.24 42.78 -46.59
N ASP D 736 -4.12 41.87 -46.15
CA ASP D 736 -5.46 41.75 -46.72
C ASP D 736 -6.47 42.69 -46.07
N PHE D 737 -6.10 43.27 -44.93
CA PHE D 737 -7.02 44.12 -44.21
C PHE D 737 -7.69 45.23 -45.02
N ALA D 738 -6.94 45.87 -45.91
CA ALA D 738 -7.50 46.97 -46.70
C ALA D 738 -8.58 46.50 -47.67
N ASP D 739 -8.29 45.41 -48.38
CA ASP D 739 -9.24 44.85 -49.35
C ASP D 739 -10.40 44.20 -48.59
N TYR D 740 -10.10 43.70 -47.40
CA TYR D 740 -11.13 43.05 -46.58
C TYR D 740 -12.16 44.07 -46.13
N ARG D 741 -11.70 45.18 -45.57
CA ARG D 741 -12.61 46.21 -45.10
C ARG D 741 -13.42 46.76 -46.26
N GLU D 742 -12.73 47.06 -47.36
CA GLU D 742 -13.36 47.59 -48.56
C GLU D 742 -14.56 46.70 -48.93
N THR D 743 -14.28 45.43 -49.19
CA THR D 743 -15.30 44.45 -49.55
C THR D 743 -16.41 44.29 -48.53
N ARG D 744 -16.04 44.21 -47.25
CA ARG D 744 -17.03 44.05 -46.20
C ARG D 744 -17.97 45.26 -46.16
N ASP D 745 -17.41 46.46 -46.31
CA ASP D 745 -18.20 47.69 -46.31
C ASP D 745 -19.21 47.71 -47.46
N ARG D 746 -18.80 47.28 -48.64
CA ARG D 746 -19.69 47.22 -49.79
C ARG D 746 -20.85 46.30 -49.46
N MET D 747 -20.47 45.07 -49.14
CA MET D 747 -21.42 44.02 -48.79
C MET D 747 -22.51 44.56 -47.89
N ALA D 748 -22.13 45.40 -46.95
CA ALA D 748 -23.10 46.00 -46.06
C ALA D 748 -23.94 47.03 -46.79
N ALA D 749 -23.27 47.98 -47.44
CA ALA D 749 -23.97 49.02 -48.16
C ALA D 749 -25.02 48.43 -49.13
N ASP D 750 -24.58 47.39 -49.87
CA ASP D 750 -25.48 46.72 -50.79
C ASP D 750 -26.71 46.20 -50.06
N TYR D 751 -26.43 45.46 -48.94
CA TYR D 751 -27.49 44.87 -48.12
C TYR D 751 -28.62 45.86 -47.87
N ALA D 752 -28.25 47.10 -47.51
CA ALA D 752 -29.25 48.10 -47.16
C ALA D 752 -29.81 48.86 -48.38
N SER D 753 -29.03 49.00 -49.46
CA SER D 753 -29.48 49.74 -50.64
C SER D 753 -30.21 48.89 -51.66
N ASP D 754 -30.04 47.57 -51.60
CA ASP D 754 -30.69 46.70 -52.56
C ASP D 754 -31.22 45.41 -51.91
N PRO D 755 -32.23 45.54 -51.04
CA PRO D 755 -32.82 44.39 -50.34
C PRO D 755 -33.22 43.25 -51.28
N LEU D 756 -33.88 43.59 -52.39
CA LEU D 756 -34.29 42.58 -53.35
C LEU D 756 -33.10 42.01 -54.10
N GLY D 757 -32.10 42.86 -54.35
CA GLY D 757 -30.92 42.40 -55.04
C GLY D 757 -30.18 41.42 -54.15
N TRP D 758 -30.14 41.73 -52.86
CA TRP D 758 -29.48 40.85 -51.91
C TRP D 758 -30.22 39.52 -51.91
N ALA D 759 -31.53 39.58 -51.71
CA ALA D 759 -32.37 38.39 -51.70
C ALA D 759 -32.10 37.54 -52.94
N ARG D 760 -31.94 38.19 -54.09
CA ARG D 760 -31.69 37.47 -55.33
C ARG D 760 -30.39 36.68 -55.26
N MET D 761 -29.33 37.33 -54.78
CA MET D 761 -28.03 36.65 -54.66
C MET D 761 -28.17 35.44 -53.74
N ALA D 762 -28.87 35.62 -52.63
CA ALA D 762 -29.08 34.55 -51.69
C ALA D 762 -29.82 33.38 -52.36
N TRP D 763 -30.85 33.70 -53.14
CA TRP D 763 -31.61 32.67 -53.84
C TRP D 763 -30.73 31.85 -54.75
N ILE D 764 -29.84 32.51 -55.48
CA ILE D 764 -28.93 31.84 -56.39
C ILE D 764 -28.01 30.88 -55.63
N ASN D 765 -27.51 31.35 -54.49
CA ASN D 765 -26.63 30.48 -53.68
C ASN D 765 -27.39 29.23 -53.23
N ILE D 766 -28.62 29.42 -52.74
CA ILE D 766 -29.43 28.29 -52.30
C ILE D 766 -29.67 27.30 -53.43
N CYS D 767 -30.08 27.80 -54.58
CA CYS D 767 -30.36 26.96 -55.73
C CYS D 767 -29.16 26.21 -56.30
N GLU D 768 -27.98 26.77 -56.17
CA GLU D 768 -26.77 26.13 -56.68
C GLU D 768 -26.06 25.29 -55.61
N SER D 769 -26.59 25.30 -54.39
CA SER D 769 -25.96 24.56 -53.28
C SER D 769 -26.03 23.04 -53.40
N GLY D 770 -26.90 22.53 -54.27
CA GLY D 770 -27.02 21.10 -54.45
C GLY D 770 -25.70 20.41 -54.71
N ARG D 771 -24.76 21.17 -55.26
CA ARG D 771 -23.43 20.67 -55.59
C ARG D 771 -22.65 20.25 -54.34
N PHE D 772 -23.03 20.81 -53.19
CA PHE D 772 -22.33 20.50 -51.94
C PHE D 772 -23.01 19.49 -51.03
N SER D 773 -23.99 18.77 -51.57
CA SER D 773 -24.69 17.75 -50.81
C SER D 773 -23.79 16.52 -50.66
N SER D 774 -23.74 15.99 -49.45
CA SER D 774 -22.92 14.81 -49.19
C SER D 774 -23.49 13.58 -49.86
N ASP D 775 -24.71 13.68 -50.41
CA ASP D 775 -25.31 12.56 -51.11
C ASP D 775 -24.50 12.25 -52.36
N ARG D 776 -24.02 13.30 -53.03
CA ARG D 776 -23.21 13.13 -54.22
C ARG D 776 -21.87 12.51 -53.84
N THR D 777 -21.27 13.04 -52.76
CA THR D 777 -20.00 12.53 -52.29
C THR D 777 -20.06 11.03 -51.99
N ILE D 778 -21.08 10.62 -51.24
CA ILE D 778 -21.23 9.21 -50.89
C ILE D 778 -21.53 8.32 -52.08
N ARG D 779 -22.29 8.85 -53.06
CA ARG D 779 -22.59 8.08 -54.25
C ARG D 779 -21.30 7.76 -54.98
N ASP D 780 -20.43 8.79 -55.03
CA ASP D 780 -19.13 8.63 -55.69
C ASP D 780 -18.23 7.65 -54.95
N TYR D 781 -17.99 7.91 -53.67
CA TYR D 781 -17.33 6.89 -52.85
C TYR D 781 -17.86 5.48 -53.18
N ALA D 782 -19.18 5.30 -52.94
CA ALA D 782 -19.80 3.97 -52.98
C ALA D 782 -19.70 3.31 -54.39
N THR D 783 -19.76 4.10 -55.45
CA THR D 783 -19.69 3.56 -56.80
C THR D 783 -18.27 3.44 -57.36
N GLU D 784 -17.38 4.33 -56.93
CA GLU D 784 -15.99 4.32 -57.42
C GLU D 784 -14.95 3.65 -56.54
N ILE D 785 -15.07 3.79 -55.23
CA ILE D 785 -14.12 3.20 -54.31
C ILE D 785 -14.62 1.96 -53.57
N TRP D 786 -15.77 2.07 -52.91
CA TRP D 786 -16.32 0.94 -52.14
C TRP D 786 -16.99 -0.11 -53.02
N LYS D 787 -17.48 0.30 -54.18
CA LYS D 787 -18.14 -0.62 -55.11
C LYS D 787 -19.35 -1.28 -54.44
N LEU D 788 -20.28 -0.46 -53.96
CA LEU D 788 -21.48 -0.96 -53.29
C LEU D 788 -22.71 -0.84 -54.15
N GLU D 789 -23.79 -1.45 -53.69
CA GLU D 789 -25.07 -1.41 -54.39
C GLU D 789 -26.13 -0.98 -53.40
N PRO D 790 -27.06 -0.10 -53.81
CA PRO D 790 -28.07 0.29 -52.83
C PRO D 790 -28.82 -0.97 -52.39
N THR D 791 -28.91 -1.17 -51.07
CA THR D 791 -29.55 -2.36 -50.51
C THR D 791 -30.70 -2.02 -49.57
N PRO D 792 -31.93 -1.96 -50.10
CA PRO D 792 -33.08 -1.64 -49.23
C PRO D 792 -33.35 -2.79 -48.27
N ALA D 793 -33.89 -2.46 -47.09
CA ALA D 793 -34.19 -3.48 -46.10
C ALA D 793 -35.43 -4.27 -46.51
N VAL D 794 -35.57 -5.43 -46.06
N1 PLP E . 24.38 20.26 4.36
C2 PLP E . 25.74 20.05 4.49
C2A PLP E . 26.34 18.84 3.95
C3 PLP E . 26.55 21.11 5.01
O3 PLP E . 27.87 20.83 5.32
C4 PLP E . 25.96 22.32 5.34
C4A PLP E . 26.86 23.38 5.84
C5 PLP E . 24.59 22.53 5.18
C6 PLP E . 23.77 21.45 4.69
C5A PLP E . 23.84 23.85 5.33
O4P PLP E . 23.63 24.42 4.01
P PLP E . 22.63 25.48 3.67
O1P PLP E . 22.00 25.01 2.29
O2P PLP E . 21.41 25.64 4.70
O3P PLP E . 23.47 26.82 3.52
P PO4 F . 18.96 23.18 4.44
O1 PO4 F . 20.07 22.34 3.72
O2 PO4 F . 19.50 24.30 5.28
O3 PO4 F . 18.12 22.18 5.29
O4 PO4 F . 18.04 23.74 3.35
C FMT G . 22.01 12.89 30.63
O1 FMT G . 23.13 13.17 29.64
O2 FMT G . 21.51 14.17 31.33
C FMT H . 29.40 7.53 31.70
O1 FMT H . 28.25 6.53 31.61
O2 FMT H . 30.76 6.84 31.89
C FMT I . 3.23 8.69 29.15
O1 FMT I . 2.02 9.58 28.90
O2 FMT I . 2.97 7.65 30.27
C FMT J . 30.30 15.64 29.37
O1 FMT J . 31.21 15.06 28.30
O2 FMT J . 28.80 15.62 28.95
C FMT K . 20.03 26.53 10.02
O1 FMT K . 20.89 26.88 8.82
O2 FMT K . 19.38 27.77 10.67
C FMT L . 32.21 43.14 -8.20
O1 FMT L . 31.49 43.88 -7.10
O2 FMT L . 33.74 43.03 -7.94
C FMT M . 0.56 32.47 -20.74
O1 FMT M . 0.22 33.94 -20.61
O2 FMT M . -0.31 31.57 -19.82
C FMT N . 45.84 20.85 19.33
O1 FMT N . 44.83 20.82 20.45
O2 FMT N . 45.18 20.92 17.93
C FMT O . -3.13 18.34 34.88
O1 FMT O . -2.32 17.72 36.01
O2 FMT O . -4.59 17.81 34.83
N1 PLP P . 22.85 -29.75 27.19
C2 PLP P . 23.83 -29.21 28.02
C2A PLP P . 23.63 -27.84 28.60
C3 PLP P . 24.99 -29.98 28.26
O3 PLP P . 26.06 -29.38 28.84
C4 PLP P . 25.07 -31.26 27.74
C4A PLP P . 26.30 -32.00 28.08
C5 PLP P . 24.04 -31.83 26.99
C6 PLP P . 22.90 -31.03 26.66
C5A PLP P . 23.96 -33.25 26.45
O4P PLP P . 23.40 -34.11 27.46
P PLP P . 22.30 -35.11 27.30
O1P PLP P . 20.92 -34.44 27.73
O2P PLP P . 22.20 -35.71 25.82
O3P PLP P . 22.74 -36.30 28.30
P PO4 Q . 35.75 -6.58 6.60
O1 PO4 Q . 36.33 -5.92 5.30
O2 PO4 Q . 36.72 -6.54 7.76
O3 PO4 Q . 35.35 -8.06 6.26
O4 PO4 Q . 34.46 -5.82 6.93
P PO4 R . 26.60 -1.27 30.23
O1 PO4 R . 25.94 -2.21 29.18
O2 PO4 R . 28.05 -0.95 29.98
O3 PO4 R . 26.43 -1.94 31.63
O4 PO4 R . 25.76 0.06 30.21
P PO4 S . 16.18 -5.86 12.89
O1 PO4 S . 15.80 -6.88 11.77
O2 PO4 S . 16.89 -4.63 12.38
O3 PO4 S . 17.05 -6.62 13.91
O4 PO4 S . 14.88 -5.46 13.59
P PO4 T . 19.73 -33.94 24.04
O1 PO4 T . 18.25 -34.37 24.31
O2 PO4 T . 19.92 -33.14 22.79
O3 PO4 T . 20.57 -35.26 24.01
O4 PO4 T . 20.19 -33.13 25.27
C FMT U . 20.68 -32.20 -13.59
O1 FMT U . 21.89 -31.38 -13.99
O2 FMT U . 19.37 -31.67 -14.22
C FMT V . 47.60 -24.29 29.41
O1 FMT V . 47.83 -24.13 27.93
O2 FMT V . 48.87 -23.99 30.25
C1 EDO W . 20.06 -21.27 -6.30
O1 EDO W . 19.98 -20.98 -7.69
C2 EDO W . 19.19 -22.47 -5.98
O2 EDO W . 18.66 -23.02 -7.18
C1 EDO X . 42.12 -21.97 11.92
O1 EDO X . 41.45 -21.12 12.86
C2 EDO X . 41.36 -21.95 10.59
O2 EDO X . 40.40 -23.00 10.57
N1 PLP Y . -28.85 -12.73 4.76
C2 PLP Y . -29.76 -13.18 3.84
C2A PLP Y . -29.34 -13.45 2.46
C3 PLP Y . -31.11 -13.43 4.30
O3 PLP Y . -32.04 -13.70 3.32
C4 PLP Y . -31.42 -13.28 5.64
C4A PLP Y . -32.78 -13.66 6.08
C5 PLP Y . -30.45 -12.89 6.57
C6 PLP Y . -29.13 -12.58 6.11
C5A PLP Y . -30.59 -12.75 8.05
O4P PLP Y . -30.38 -14.01 8.70
P PLP Y . -29.51 -14.31 9.90
O1P PLP Y . -30.38 -15.31 10.76
O2P PLP Y . -28.22 -15.11 9.29
O3P PLP Y . -29.12 -13.05 10.80
P PO4 Z . -26.90 -7.91 -23.97
O1 PO4 Z . -27.16 -9.47 -23.92
O2 PO4 Z . -26.33 -7.38 -22.69
O3 PO4 Z . -28.26 -7.25 -24.34
O4 PO4 Z . -25.91 -7.64 -25.13
P PO4 AA . -16.05 6.02 -12.95
O1 PO4 AA . -15.77 6.88 -11.69
O2 PO4 AA . -14.79 5.51 -13.61
O3 PO4 AA . -16.87 6.89 -13.92
O4 PO4 AA . -16.93 4.84 -12.51
P PO4 BA . -25.91 -11.32 10.52
O1 PO4 BA . -26.85 -11.19 9.30
O2 PO4 BA . -24.97 -10.16 10.68
O3 PO4 BA . -25.13 -12.65 10.36
O4 PO4 BA . -26.81 -11.45 11.77
C FMT CA . -52.00 -9.81 -5.49
O1 FMT CA . -52.23 -8.41 -4.94
O2 FMT CA . -53.21 -10.33 -6.31
C FMT DA . -21.25 21.14 7.19
O1 FMT DA . -21.50 22.43 6.45
O2 FMT DA . -20.90 21.37 8.68
C FMT EA . -44.29 -17.06 -7.82
O1 FMT EA . -45.20 -18.27 -7.71
O2 FMT EA . -44.99 -15.75 -7.38
C FMT FA . -57.12 -38.74 7.65
O1 FMT FA . -57.05 -38.01 6.32
O2 FMT FA . -55.73 -39.24 8.13
C1 EDO GA . -44.04 7.86 -1.43
O1 EDO GA . -42.99 7.48 -0.55
C2 EDO GA . -44.90 6.64 -1.75
O2 EDO GA . -44.20 5.77 -2.65
N1 PLP HA . -17.96 22.00 -36.47
C2 PLP HA . -19.33 22.12 -36.47
C2A PLP HA . -20.03 22.45 -35.23
C3 PLP HA . -20.01 22.14 -37.74
O3 PLP HA . -21.37 21.97 -37.69
C4 PLP HA . -19.26 22.06 -38.91
C4A PLP HA . -20.02 22.03 -40.18
C5 PLP HA . -17.87 21.98 -38.91
C6 PLP HA . -17.19 21.94 -37.64
C5A PLP HA . -16.95 21.99 -40.11
O4P PLP HA . -16.60 23.36 -40.24
P PLP HA . -15.43 24.07 -40.82
O1P PLP HA . -15.83 24.41 -42.34
O2P PLP HA . -15.50 25.39 -39.89
O3P PLP HA . -13.96 23.47 -40.71
P PO4 IA . -34.83 14.60 -13.83
O1 PO4 IA . -35.05 14.60 -12.26
O2 PO4 IA . -33.43 14.23 -14.22
O3 PO4 IA . -35.23 16.02 -14.34
O4 PO4 IA . -35.86 13.61 -14.42
C FMT JA . -27.42 -1.88 -40.24
O1 FMT JA . -25.95 -2.03 -39.88
O2 FMT JA . -28.06 -0.61 -39.59
C FMT KA . -7.12 11.37 -32.62
O1 FMT KA . -7.20 9.86 -32.79
O2 FMT KA . -6.36 11.79 -31.35
C FMT LA . -1.41 -7.51 -29.65
O1 FMT LA . 0.09 -7.48 -29.89
O2 FMT LA . -1.86 -8.81 -28.93
C FMT MA . 5.73 -10.87 -39.27
O1 FMT MA . 6.68 -11.39 -38.22
O2 FMT MA . 4.77 -11.97 -39.81
#